data_7M32
#
_entry.id   7M32
#
_cell.length_a   81.870
_cell.length_b   158.730
_cell.length_c   162.700
_cell.angle_alpha   90.000
_cell.angle_beta   95.890
_cell.angle_gamma   90.000
#
_symmetry.space_group_name_H-M   'P 1 21 1'
#
loop_
_entity.id
_entity.type
_entity.pdbx_description
1 polymer 'Dihydropyrimidine dehydrogenase [NADP(+)]'
2 non-polymer 'IRON/SULFUR CLUSTER'
3 non-polymer 'FLAVIN-ADENINE DINUCLEOTIDE'
4 non-polymer URACIL
5 non-polymer 1-DEOXY-1-(7,8-DIMETHYL-2,4-DIOXO-3,4-DIHYDRO-2H-BENZO[G]PTERIDIN-1-ID-10(5H)-YL)-5-O-PHOSPHONATO-D-RIBITOL
6 non-polymer ALANINE
7 non-polymer LEUCINE
8 non-polymer PROLINE
9 water water
#
_entity_poly.entity_id   1
_entity_poly.type   'polypeptide(L)'
_entity_poly.pdbx_seq_one_letter_code
;MAPVLSKDVADIESILALNPRTQSHAALHSTLAKKLDKKHWKRNPDKNCFHCEKLENNFDDIKHTTLGERGALREAMRCL
KCADAPCQKSCPTHLDIKSFITSISNKNYYGAAKMIFSDNPLGLTCGMVCPTSDLCVGGCNLYATEEGSINIGGLQQFAS
EVFKAMNIPQIRNPCLPSQEKMPEAYSAKIALLGAGPASISCASFLARLGYSDITIFEKQEYVGGLSTSEIPQFRLPYDV
VNFEIELMKDLGVKIICGKSLSENEITLNTLKEEGYKAAFIGIGLPEPKTDDIFQGLTQDQGFYTSKDFLPLVAKSSKAG
MCACHSPLPSIRGAVIVLGAGDTAFDCATSALRCGARRVFLVFRKGFVNIRAVPEEVELAKEEKCEFLPFLSPRKVIVKG
GRIVAVQFVRTEQDETGKWNEDEDQIVHLKADVVISAFGSVLRDPKVKEALSPIKFNRWDLPEVDPETMQTSEPWVFAGG
DIVGMANTTVESVNDGKQASWYIHKYIQAQYGASVSAKPELPLFYTPVDLVDISVEMAGLKFINPFGLASAAPTTSSSMI
RRAFEAGWGFALTKTFSLDKDIVTNVSPRIVRGTTSGPMYGPGQSSFLNIELISEKTAAYWCQSVTELKADFPDNIVIAS
IMCSYNKNDWMELSRKAEASGADALELNLSAPHGMGERGMGLACGQDPELVRNICRWVRQAVQIPFFAKLTPNVTDIVSI
ARAAKEGGADGVTATNTVSGLMGLKADGTPWPAVGAGKRTTYGGVSGTAIRPIALRAVTTIARALPGFPILATGGIDSAE
SGLQFLHSGASVLQVCSAVQNQDFTVIQDYCTGLKALLYLKSIEELQGWDGQSPGTESHQKGKPVPRIAELMGKKLPNFG
PYLEQRKKIIAEEKMRLKEQNAAFPPLERKPFIPKKPIPAIKDVIGKALQYLGTFGELSNIEQVVAVIDEEMCINCGKCY
MTCNDSGYQAIQFDPETHLPTVTDTCTGCTLCLSVCPIIDCIRMVSRTTPYEPKRGLPLAVNPVC
;
_entity_poly.pdbx_strand_id   A,B,C,D
#
# COMPACT_ATOMS: atom_id res chain seq x y z
N PRO A 3 -49.01 8.55 25.80
CA PRO A 3 -49.93 7.70 25.04
C PRO A 3 -49.51 6.24 25.07
N VAL A 4 -50.13 5.40 24.23
CA VAL A 4 -49.77 4.00 24.13
C VAL A 4 -48.62 3.89 23.13
N LEU A 5 -47.41 3.70 23.65
CA LEU A 5 -46.22 3.73 22.81
C LEU A 5 -46.17 2.57 21.82
N SER A 6 -46.73 1.42 22.20
CA SER A 6 -46.67 0.21 21.39
C SER A 6 -47.85 0.05 20.42
N LYS A 7 -48.60 1.12 20.17
CA LYS A 7 -49.61 1.12 19.12
C LYS A 7 -49.24 2.14 18.04
N ASP A 8 -49.61 1.80 16.80
CA ASP A 8 -49.38 2.70 15.67
C ASP A 8 -50.40 3.83 15.72
N VAL A 9 -49.94 5.05 15.49
CA VAL A 9 -50.86 6.18 15.39
C VAL A 9 -51.59 6.09 14.06
N ALA A 10 -52.63 6.91 13.88
CA ALA A 10 -53.49 6.79 12.72
C ALA A 10 -52.71 6.94 11.41
N ASP A 11 -51.73 7.85 11.38
CA ASP A 11 -50.97 8.07 10.14
C ASP A 11 -50.14 6.85 9.77
N ILE A 12 -49.59 6.14 10.76
CA ILE A 12 -48.87 4.91 10.48
C ILE A 12 -49.82 3.79 10.11
N GLU A 13 -50.96 3.70 10.82
CA GLU A 13 -51.97 2.70 10.46
C GLU A 13 -52.36 2.80 9.00
N SER A 14 -52.50 4.03 8.48
CA SER A 14 -52.83 4.17 7.07
C SER A 14 -51.63 3.84 6.17
N ILE A 15 -50.40 4.13 6.63
CA ILE A 15 -49.22 3.68 5.89
C ILE A 15 -49.25 2.17 5.70
N LEU A 16 -49.60 1.45 6.75
CA LEU A 16 -49.61 -0.01 6.81
C LEU A 16 -50.80 -0.64 6.09
N ALA A 17 -51.61 0.15 5.39
CA ALA A 17 -52.91 -0.33 4.91
C ALA A 17 -52.78 -1.59 4.04
N LEU A 18 -51.74 -1.65 3.20
CA LEU A 18 -51.55 -2.79 2.31
C LEU A 18 -50.53 -3.81 2.83
N ASN A 19 -50.08 -3.67 4.07
CA ASN A 19 -49.11 -4.60 4.65
C ASN A 19 -49.76 -5.97 4.84
N PRO A 20 -49.05 -7.05 4.53
CA PRO A 20 -49.63 -8.39 4.66
C PRO A 20 -50.05 -8.70 6.09
N ARG A 21 -51.19 -9.38 6.22
CA ARG A 21 -51.69 -9.76 7.53
C ARG A 21 -52.16 -11.20 7.47
N THR A 22 -52.01 -11.90 8.59
CA THR A 22 -52.50 -13.26 8.66
C THR A 22 -54.02 -13.29 8.59
N GLN A 23 -54.54 -14.41 8.12
CA GLN A 23 -55.92 -14.47 7.66
C GLN A 23 -56.67 -15.58 8.39
N SER A 24 -57.85 -15.24 8.90
CA SER A 24 -58.64 -16.14 9.72
C SER A 24 -59.90 -16.63 9.03
N HIS A 25 -60.21 -16.12 7.84
CA HIS A 25 -61.42 -16.49 7.13
C HIS A 25 -61.14 -16.49 5.63
N ALA A 26 -61.98 -17.22 4.89
CA ALA A 26 -61.93 -17.16 3.43
C ALA A 26 -62.64 -15.90 2.94
N ALA A 27 -62.07 -15.29 1.90
CA ALA A 27 -62.55 -14.00 1.41
C ALA A 27 -63.72 -14.17 0.46
N LEU A 28 -64.62 -13.19 0.46
CA LEU A 28 -65.79 -13.22 -0.43
C LEU A 28 -65.64 -12.14 -1.48
N HIS A 29 -65.57 -12.55 -2.76
CA HIS A 29 -65.47 -11.63 -3.88
C HIS A 29 -66.26 -12.21 -5.04
N SER A 30 -67.28 -11.49 -5.50
CA SER A 30 -68.16 -12.03 -6.52
C SER A 30 -67.44 -12.21 -7.85
N THR A 31 -67.94 -13.14 -8.66
CA THR A 31 -67.33 -13.40 -9.96
C THR A 31 -67.38 -12.18 -10.86
N LEU A 32 -68.47 -11.41 -10.78
CA LEU A 32 -68.56 -10.20 -11.59
C LEU A 32 -67.53 -9.16 -11.15
N ALA A 33 -67.42 -8.93 -9.83
CA ALA A 33 -66.40 -8.01 -9.32
C ALA A 33 -65.01 -8.44 -9.74
N LYS A 34 -64.75 -9.75 -9.75
CA LYS A 34 -63.43 -10.23 -10.15
C LYS A 34 -63.16 -9.95 -11.63
N LYS A 35 -64.18 -10.16 -12.48
CA LYS A 35 -64.02 -9.87 -13.90
C LYS A 35 -63.68 -8.40 -14.13
N LEU A 36 -64.29 -7.51 -13.34
CA LEU A 36 -64.03 -6.08 -13.53
C LEU A 36 -62.67 -5.68 -12.98
N ASP A 37 -62.19 -6.35 -11.94
CA ASP A 37 -60.93 -5.96 -11.32
C ASP A 37 -59.72 -6.45 -12.11
N LYS A 38 -59.88 -7.55 -12.84
CA LYS A 38 -58.77 -8.15 -13.59
C LYS A 38 -58.10 -7.16 -14.53
N LYS A 39 -58.89 -6.32 -15.19
CA LYS A 39 -58.37 -5.30 -16.12
C LYS A 39 -57.28 -4.46 -15.49
N HIS A 40 -57.45 -4.10 -14.23
CA HIS A 40 -56.60 -3.08 -13.64
C HIS A 40 -55.15 -3.55 -13.49
N TRP A 41 -54.92 -4.85 -13.35
CA TRP A 41 -53.59 -5.36 -13.03
C TRP A 41 -52.90 -6.05 -14.20
N LYS A 42 -53.56 -6.13 -15.34
CA LYS A 42 -53.15 -6.99 -16.44
C LYS A 42 -51.77 -6.57 -16.99
N ARG A 43 -50.83 -7.52 -16.98
CA ARG A 43 -49.48 -7.30 -17.48
C ARG A 43 -49.29 -7.76 -18.92
N ASN A 44 -49.88 -8.89 -19.28
CA ASN A 44 -49.55 -9.61 -20.50
C ASN A 44 -50.60 -9.32 -21.57
N PRO A 45 -50.43 -9.81 -22.80
CA PRO A 45 -51.46 -9.60 -23.82
C PRO A 45 -52.82 -10.12 -23.37
N ASP A 46 -53.86 -9.38 -23.74
CA ASP A 46 -55.23 -9.78 -23.45
C ASP A 46 -55.73 -10.60 -24.62
N LYS A 47 -56.14 -11.85 -24.35
CA LYS A 47 -56.60 -12.72 -25.42
C LYS A 47 -57.80 -12.13 -26.14
N ASN A 48 -58.59 -11.29 -25.46
CA ASN A 48 -59.78 -10.67 -26.03
C ASN A 48 -59.47 -9.44 -26.87
N CYS A 49 -58.19 -9.08 -27.05
CA CYS A 49 -57.81 -7.92 -27.85
C CYS A 49 -57.54 -8.37 -29.28
N PHE A 50 -58.52 -8.11 -30.15
CA PHE A 50 -58.42 -8.27 -31.59
C PHE A 50 -57.60 -7.16 -32.22
N HIS A 51 -57.11 -6.24 -31.38
CA HIS A 51 -56.73 -4.89 -31.77
C HIS A 51 -55.23 -4.71 -31.54
N CYS A 52 -54.50 -4.58 -32.63
CA CYS A 52 -53.07 -4.34 -32.57
C CYS A 52 -52.80 -2.87 -32.28
N GLU A 53 -51.94 -2.59 -31.30
CA GLU A 53 -51.61 -1.20 -31.01
C GLU A 53 -50.77 -0.61 -32.15
N LYS A 54 -50.63 0.70 -32.15
CA LYS A 54 -50.01 1.41 -33.27
C LYS A 54 -48.49 1.29 -33.20
N LEU A 55 -47.89 0.93 -34.33
CA LEU A 55 -46.45 0.71 -34.45
C LEU A 55 -45.80 1.60 -35.50
N GLU A 56 -46.54 2.55 -36.06
CA GLU A 56 -46.02 3.33 -37.18
C GLU A 56 -44.78 4.09 -36.78
N ASN A 57 -43.70 3.93 -37.55
CA ASN A 57 -42.40 4.53 -37.29
C ASN A 57 -41.77 4.08 -35.96
N ASN A 58 -42.21 2.96 -35.39
CA ASN A 58 -41.70 2.48 -34.11
C ASN A 58 -40.70 1.38 -34.41
N PHE A 59 -39.41 1.72 -34.32
CA PHE A 59 -38.36 0.75 -34.62
C PHE A 59 -37.62 0.29 -33.36
N ASP A 60 -38.25 0.40 -32.20
CA ASP A 60 -37.62 -0.08 -30.98
C ASP A 60 -37.54 -1.61 -30.96
N ASP A 61 -36.59 -2.11 -30.17
CA ASP A 61 -36.32 -3.54 -30.04
C ASP A 61 -37.57 -4.32 -29.63
N ILE A 62 -37.89 -5.37 -30.37
CA ILE A 62 -39.01 -6.24 -30.04
C ILE A 62 -38.56 -7.65 -29.67
N LYS A 63 -37.26 -7.92 -29.64
CA LYS A 63 -36.80 -9.27 -29.36
C LYS A 63 -37.20 -9.70 -27.96
N HIS A 64 -37.74 -10.92 -27.85
CA HIS A 64 -38.04 -11.47 -26.53
C HIS A 64 -36.78 -11.86 -25.77
N THR A 65 -35.64 -11.97 -26.46
CA THR A 65 -34.46 -12.56 -25.85
C THR A 65 -33.49 -11.53 -25.27
N THR A 66 -33.73 -10.23 -25.48
CA THR A 66 -32.82 -9.20 -24.98
C THR A 66 -32.76 -9.23 -23.45
N LEU A 67 -31.56 -9.14 -22.91
CA LEU A 67 -31.32 -9.23 -21.47
C LEU A 67 -30.60 -7.99 -20.97
N GLY A 68 -30.98 -7.52 -19.79
CA GLY A 68 -30.16 -6.59 -19.03
C GLY A 68 -29.22 -7.34 -18.09
N GLU A 69 -28.41 -6.58 -17.35
CA GLU A 69 -27.40 -7.22 -16.51
C GLU A 69 -28.05 -8.08 -15.44
N ARG A 70 -29.05 -7.53 -14.74
CA ARG A 70 -29.78 -8.31 -13.75
C ARG A 70 -30.27 -9.63 -14.34
N GLY A 71 -30.97 -9.55 -15.47
CA GLY A 71 -31.48 -10.76 -16.09
C GLY A 71 -30.39 -11.69 -16.61
N ALA A 72 -29.29 -11.11 -17.13
CA ALA A 72 -28.21 -11.94 -17.67
C ALA A 72 -27.52 -12.71 -16.55
N LEU A 73 -27.29 -12.07 -15.41
CA LEU A 73 -26.64 -12.75 -14.30
C LEU A 73 -27.48 -13.92 -13.80
N ARG A 74 -28.79 -13.72 -13.67
CA ARG A 74 -29.65 -14.80 -13.22
C ARG A 74 -29.59 -15.99 -14.18
N GLU A 75 -29.63 -15.71 -15.49
CA GLU A 75 -29.71 -16.78 -16.47
C GLU A 75 -28.37 -17.49 -16.64
N ALA A 76 -27.26 -16.75 -16.54
CA ALA A 76 -25.96 -17.41 -16.62
C ALA A 76 -25.72 -18.29 -15.40
N MET A 77 -26.21 -17.89 -14.23
CA MET A 77 -26.03 -18.73 -13.06
C MET A 77 -26.86 -20.00 -13.17
N ARG A 78 -27.98 -19.94 -13.91
CA ARG A 78 -28.85 -21.11 -14.07
C ARG A 78 -28.19 -22.19 -14.94
N CYS A 79 -27.42 -21.78 -15.95
CA CYS A 79 -26.81 -22.72 -16.89
C CYS A 79 -25.93 -23.72 -16.15
N LEU A 80 -26.05 -24.99 -16.53
CA LEU A 80 -25.33 -26.07 -15.89
C LEU A 80 -23.86 -26.12 -16.28
N LYS A 81 -23.47 -25.39 -17.33
CA LYS A 81 -22.07 -25.32 -17.76
C LYS A 81 -21.52 -26.73 -18.01
N CYS A 82 -22.16 -27.39 -18.97
CA CYS A 82 -22.06 -28.84 -19.16
C CYS A 82 -20.74 -29.27 -19.81
N ALA A 83 -20.33 -30.49 -19.49
CA ALA A 83 -19.20 -31.09 -20.19
C ALA A 83 -19.61 -31.46 -21.60
N ASP A 84 -18.68 -31.30 -22.56
CA ASP A 84 -18.93 -31.72 -23.95
C ASP A 84 -20.29 -31.20 -24.43
N ALA A 85 -20.55 -29.91 -24.18
CA ALA A 85 -21.94 -29.42 -24.13
C ALA A 85 -22.66 -29.61 -25.46
N PRO A 86 -23.92 -30.04 -25.44
CA PRO A 86 -24.67 -30.24 -26.70
C PRO A 86 -25.08 -28.95 -27.38
N CYS A 87 -25.17 -27.83 -26.64
CA CYS A 87 -25.45 -26.55 -27.28
C CYS A 87 -24.32 -26.16 -28.24
N GLN A 88 -23.06 -26.33 -27.80
CA GLN A 88 -21.91 -26.06 -28.66
C GLN A 88 -21.89 -26.98 -29.87
N LYS A 89 -22.17 -28.27 -29.66
CA LYS A 89 -22.30 -29.21 -30.78
C LYS A 89 -23.29 -28.68 -31.82
N SER A 90 -24.35 -28.02 -31.34
CA SER A 90 -25.45 -27.57 -32.20
C SER A 90 -25.26 -26.14 -32.69
N CYS A 91 -24.17 -25.49 -32.31
CA CYS A 91 -23.84 -24.16 -32.84
C CYS A 91 -23.01 -24.32 -34.10
N PRO A 92 -23.41 -23.76 -35.24
CA PRO A 92 -22.60 -23.92 -36.46
C PRO A 92 -21.21 -23.32 -36.38
N THR A 93 -20.94 -22.33 -35.52
CA THR A 93 -19.60 -21.80 -35.35
C THR A 93 -18.88 -22.42 -34.14
N HIS A 94 -19.49 -23.41 -33.48
CA HIS A 94 -18.84 -24.16 -32.40
C HIS A 94 -18.44 -23.27 -31.22
N LEU A 95 -19.22 -22.23 -30.90
CA LEU A 95 -18.94 -21.39 -29.73
C LEU A 95 -18.82 -22.20 -28.45
N ASP A 96 -17.77 -21.93 -27.67
CA ASP A 96 -17.65 -22.53 -26.34
C ASP A 96 -18.65 -21.84 -25.41
N ILE A 97 -19.90 -22.28 -25.51
CA ILE A 97 -21.01 -21.68 -24.77
C ILE A 97 -20.81 -21.85 -23.27
N LYS A 98 -20.39 -23.04 -22.84
CA LYS A 98 -20.11 -23.28 -21.43
C LYS A 98 -19.13 -22.26 -20.87
N SER A 99 -18.05 -21.98 -21.61
CA SER A 99 -17.06 -21.03 -21.11
C SER A 99 -17.59 -19.60 -21.11
N PHE A 100 -18.28 -19.19 -22.18
CA PHE A 100 -18.69 -17.78 -22.18
C PHE A 100 -19.81 -17.53 -21.17
N ILE A 101 -20.69 -18.51 -20.95
CA ILE A 101 -21.74 -18.32 -19.95
C ILE A 101 -21.15 -18.37 -18.55
N THR A 102 -20.15 -19.23 -18.32
CA THR A 102 -19.43 -19.22 -17.05
C THR A 102 -18.87 -17.82 -16.79
N SER A 103 -18.22 -17.23 -17.80
CA SER A 103 -17.68 -15.88 -17.64
C SER A 103 -18.76 -14.89 -17.28
N ILE A 104 -19.92 -14.96 -17.94
CA ILE A 104 -20.99 -14.02 -17.61
C ILE A 104 -21.41 -14.21 -16.15
N SER A 105 -21.54 -15.46 -15.71
CA SER A 105 -21.96 -15.72 -14.34
C SER A 105 -20.98 -15.15 -13.32
N ASN A 106 -19.71 -15.06 -13.69
CA ASN A 106 -18.67 -14.49 -12.84
C ASN A 106 -18.47 -12.99 -13.08
N LYS A 107 -19.39 -12.34 -13.79
CA LYS A 107 -19.36 -10.92 -14.14
C LYS A 107 -18.17 -10.53 -14.99
N ASN A 108 -17.61 -11.49 -15.74
CA ASN A 108 -16.47 -11.23 -16.60
C ASN A 108 -16.97 -11.12 -18.04
N TYR A 109 -17.57 -9.96 -18.34
CA TYR A 109 -18.20 -9.81 -19.65
C TYR A 109 -17.15 -9.71 -20.76
N TYR A 110 -15.97 -9.16 -20.47
CA TYR A 110 -14.90 -9.16 -21.46
C TYR A 110 -14.51 -10.57 -21.87
N GLY A 111 -14.21 -11.43 -20.89
CA GLY A 111 -13.82 -12.80 -21.23
C GLY A 111 -14.90 -13.55 -21.99
N ALA A 112 -16.17 -13.30 -21.64
CA ALA A 112 -17.26 -13.91 -22.40
C ALA A 112 -17.24 -13.44 -23.85
N ALA A 113 -17.17 -12.11 -24.06
CA ALA A 113 -17.18 -11.58 -25.42
C ALA A 113 -15.96 -12.06 -26.21
N LYS A 114 -14.81 -12.15 -25.55
CA LYS A 114 -13.60 -12.66 -26.20
C LYS A 114 -13.81 -14.09 -26.69
N MET A 115 -14.38 -14.95 -25.83
CA MET A 115 -14.75 -16.31 -26.23
C MET A 115 -15.67 -16.30 -27.44
N ILE A 116 -16.71 -15.45 -27.39
CA ILE A 116 -17.70 -15.40 -28.45
C ILE A 116 -17.05 -14.99 -29.78
N PHE A 117 -16.29 -13.89 -29.77
CA PHE A 117 -15.74 -13.38 -31.02
C PHE A 117 -14.56 -14.20 -31.53
N SER A 118 -13.90 -14.98 -30.67
CA SER A 118 -12.85 -15.86 -31.17
C SER A 118 -13.41 -16.84 -32.20
N ASP A 119 -14.62 -17.33 -31.99
CA ASP A 119 -15.16 -18.32 -32.92
C ASP A 119 -16.19 -17.72 -33.87
N ASN A 120 -16.67 -16.49 -33.61
CA ASN A 120 -17.72 -15.88 -34.44
C ASN A 120 -17.47 -14.38 -34.49
N PRO A 121 -16.84 -13.86 -35.55
CA PRO A 121 -16.57 -12.41 -35.64
C PRO A 121 -17.83 -11.56 -35.77
N LEU A 122 -19.00 -12.16 -35.98
CA LEU A 122 -20.28 -11.46 -35.94
C LEU A 122 -21.07 -11.87 -34.71
N GLY A 123 -20.39 -11.96 -33.57
CA GLY A 123 -20.99 -12.54 -32.39
C GLY A 123 -22.20 -11.76 -31.88
N LEU A 124 -22.16 -10.43 -32.00
CA LEU A 124 -23.30 -9.64 -31.53
C LEU A 124 -24.49 -9.78 -32.47
N THR A 125 -24.25 -9.66 -33.78
CA THR A 125 -25.33 -9.89 -34.74
C THR A 125 -25.99 -11.24 -34.51
N CYS A 126 -25.17 -12.29 -34.33
CA CYS A 126 -25.73 -13.63 -34.21
C CYS A 126 -26.51 -13.79 -32.91
N GLY A 127 -26.01 -13.24 -31.81
CA GLY A 127 -26.77 -13.26 -30.57
C GLY A 127 -28.16 -12.68 -30.73
N MET A 128 -28.31 -11.64 -31.55
CA MET A 128 -29.64 -11.06 -31.73
C MET A 128 -30.52 -11.83 -32.70
N VAL A 129 -29.96 -12.43 -33.76
CA VAL A 129 -30.80 -12.94 -34.85
C VAL A 129 -30.75 -14.45 -35.04
N CYS A 130 -29.84 -15.17 -34.38
CA CYS A 130 -29.77 -16.62 -34.58
C CYS A 130 -31.12 -17.27 -34.27
N PRO A 131 -31.60 -18.18 -35.12
CA PRO A 131 -32.81 -18.96 -34.77
C PRO A 131 -32.42 -20.10 -33.84
N THR A 132 -32.20 -19.74 -32.56
CA THR A 132 -31.54 -20.64 -31.63
C THR A 132 -32.32 -21.92 -31.38
N SER A 133 -33.66 -21.87 -31.46
CA SER A 133 -34.44 -23.08 -31.22
C SER A 133 -34.13 -24.17 -32.24
N ASP A 134 -33.67 -23.79 -33.42
CA ASP A 134 -33.21 -24.75 -34.42
C ASP A 134 -31.70 -24.96 -34.38
N LEU A 135 -31.01 -24.31 -33.45
CA LEU A 135 -29.55 -24.40 -33.36
C LEU A 135 -29.13 -24.77 -31.95
N CYS A 136 -28.39 -23.87 -31.29
CA CYS A 136 -27.78 -24.20 -30.00
C CYS A 136 -28.82 -24.54 -28.93
N VAL A 137 -29.84 -23.69 -28.77
CA VAL A 137 -30.84 -23.89 -27.72
C VAL A 137 -31.60 -25.19 -27.95
N GLY A 138 -31.71 -25.62 -29.21
CA GLY A 138 -32.38 -26.88 -29.50
C GLY A 138 -31.71 -28.09 -28.89
N GLY A 139 -30.42 -27.99 -28.59
CA GLY A 139 -29.69 -29.06 -27.95
C GLY A 139 -29.48 -28.91 -26.46
N CYS A 140 -30.01 -27.85 -25.84
CA CYS A 140 -29.68 -27.55 -24.45
C CYS A 140 -30.21 -28.62 -23.49
N ASN A 141 -29.34 -29.10 -22.59
CA ASN A 141 -29.76 -30.14 -21.63
C ASN A 141 -30.90 -29.66 -20.73
N LEU A 142 -30.94 -28.36 -20.43
CA LEU A 142 -31.96 -27.86 -19.50
C LEU A 142 -33.36 -27.86 -20.12
N TYR A 143 -33.48 -28.15 -21.41
CA TYR A 143 -34.80 -28.47 -21.96
C TYR A 143 -35.48 -29.59 -21.18
N ALA A 144 -34.70 -30.47 -20.55
CA ALA A 144 -35.24 -31.58 -19.77
C ALA A 144 -35.75 -31.15 -18.41
N THR A 145 -35.74 -29.87 -18.10
CA THR A 145 -36.33 -29.37 -16.87
C THR A 145 -37.57 -28.54 -17.18
N GLU A 146 -38.43 -28.41 -16.17
CA GLU A 146 -39.67 -27.66 -16.35
C GLU A 146 -39.37 -26.19 -16.70
N GLU A 147 -38.32 -25.62 -16.11
CA GLU A 147 -38.02 -24.22 -16.37
C GLU A 147 -37.41 -23.99 -17.75
N GLY A 148 -36.86 -25.01 -18.39
CA GLY A 148 -36.56 -24.94 -19.80
C GLY A 148 -35.11 -24.57 -20.12
N SER A 149 -34.84 -24.55 -21.41
CA SER A 149 -33.51 -24.31 -21.95
C SER A 149 -33.02 -22.90 -21.63
N ILE A 150 -31.70 -22.73 -21.74
CA ILE A 150 -31.04 -21.46 -21.49
C ILE A 150 -31.27 -20.51 -22.66
N ASN A 151 -31.42 -19.21 -22.35
CA ASN A 151 -31.49 -18.15 -23.36
C ASN A 151 -30.07 -17.81 -23.80
N ILE A 152 -29.53 -18.65 -24.68
CA ILE A 152 -28.12 -18.54 -25.08
C ILE A 152 -27.90 -17.29 -25.91
N GLY A 153 -28.85 -16.98 -26.81
CA GLY A 153 -28.67 -15.84 -27.69
C GLY A 153 -28.71 -14.53 -26.94
N GLY A 154 -29.64 -14.41 -25.99
CA GLY A 154 -29.69 -13.20 -25.18
C GLY A 154 -28.47 -13.02 -24.32
N LEU A 155 -27.91 -14.12 -23.82
CA LEU A 155 -26.66 -14.05 -23.07
C LEU A 155 -25.49 -13.63 -23.97
N GLN A 156 -25.42 -14.22 -25.15
CA GLN A 156 -24.40 -13.82 -26.12
C GLN A 156 -24.52 -12.34 -26.48
N GLN A 157 -25.75 -11.89 -26.73
CA GLN A 157 -25.99 -10.48 -27.04
C GLN A 157 -25.53 -9.59 -25.90
N PHE A 158 -25.85 -9.96 -24.66
CA PHE A 158 -25.53 -9.08 -23.53
C PHE A 158 -24.01 -8.90 -23.38
N ALA A 159 -23.26 -10.00 -23.33
CA ALA A 159 -21.81 -9.88 -23.18
C ALA A 159 -21.20 -9.08 -24.33
N SER A 160 -21.68 -9.31 -25.54
CA SER A 160 -21.16 -8.59 -26.70
C SER A 160 -21.52 -7.12 -26.66
N GLU A 161 -22.71 -6.79 -26.13
CA GLU A 161 -23.10 -5.39 -26.00
C GLU A 161 -22.26 -4.67 -24.97
N VAL A 162 -21.95 -5.33 -23.85
CA VAL A 162 -21.09 -4.71 -22.85
C VAL A 162 -19.72 -4.45 -23.45
N PHE A 163 -19.18 -5.44 -24.17
CA PHE A 163 -17.87 -5.27 -24.81
C PHE A 163 -17.91 -4.12 -25.81
N LYS A 164 -18.97 -4.06 -26.63
CA LYS A 164 -19.13 -2.94 -27.54
C LYS A 164 -19.05 -1.62 -26.80
N ALA A 165 -19.72 -1.52 -25.65
CA ALA A 165 -19.70 -0.29 -24.88
C ALA A 165 -18.32 0.00 -24.29
N MET A 166 -17.45 -0.99 -24.10
CA MET A 166 -16.13 -0.61 -23.61
C MET A 166 -15.27 0.05 -24.68
N ASN A 167 -15.63 -0.07 -25.96
CA ASN A 167 -14.94 0.64 -27.03
C ASN A 167 -13.45 0.29 -27.04
N ILE A 168 -13.18 -1.01 -27.04
CA ILE A 168 -11.83 -1.57 -27.10
C ILE A 168 -11.63 -2.13 -28.49
N PRO A 169 -10.50 -1.84 -29.15
CA PRO A 169 -10.29 -2.36 -30.50
C PRO A 169 -9.77 -3.79 -30.50
N GLN A 170 -9.96 -4.44 -31.64
CA GLN A 170 -9.26 -5.69 -31.92
C GLN A 170 -7.82 -5.38 -32.30
N ILE A 171 -6.91 -6.25 -31.91
CA ILE A 171 -5.52 -6.05 -32.29
C ILE A 171 -5.06 -7.19 -33.18
N ARG A 172 -4.00 -6.92 -33.90
CA ARG A 172 -3.30 -7.96 -34.65
C ARG A 172 -2.90 -9.08 -33.71
N ASN A 173 -2.97 -10.30 -34.21
CA ASN A 173 -2.65 -11.52 -33.48
C ASN A 173 -1.28 -11.36 -32.82
N PRO A 174 -1.21 -11.31 -31.50
CA PRO A 174 0.07 -11.02 -30.84
C PRO A 174 1.05 -12.18 -30.84
N CYS A 175 0.67 -13.33 -31.39
CA CYS A 175 1.60 -14.44 -31.55
C CYS A 175 2.43 -14.30 -32.81
N LEU A 176 1.99 -13.46 -33.75
CA LEU A 176 2.67 -13.30 -35.03
C LEU A 176 3.97 -12.54 -34.85
N PRO A 177 4.94 -12.75 -35.74
CA PRO A 177 6.09 -11.84 -35.83
C PRO A 177 5.62 -10.45 -36.24
N SER A 178 6.50 -9.47 -36.02
CA SER A 178 6.26 -8.15 -36.60
C SER A 178 6.14 -8.31 -38.11
N GLN A 179 5.24 -7.54 -38.73
CA GLN A 179 4.91 -7.94 -40.09
C GLN A 179 6.04 -7.65 -41.07
N GLU A 180 7.04 -6.88 -40.68
CA GLU A 180 8.24 -6.77 -41.51
C GLU A 180 8.89 -8.12 -41.72
N LYS A 181 8.83 -9.00 -40.71
CA LYS A 181 9.45 -10.32 -40.79
C LYS A 181 8.46 -11.42 -41.14
N MET A 182 7.30 -11.07 -41.70
CA MET A 182 6.41 -12.14 -42.16
C MET A 182 6.88 -12.65 -43.52
N PRO A 183 6.72 -13.95 -43.78
CA PRO A 183 7.07 -14.48 -45.10
C PRO A 183 6.30 -13.78 -46.20
N GLU A 184 6.92 -13.72 -47.39
CA GLU A 184 6.34 -13.01 -48.52
C GLU A 184 4.93 -13.52 -48.84
N ALA A 185 4.65 -14.79 -48.52
CA ALA A 185 3.35 -15.38 -48.84
C ALA A 185 2.20 -14.60 -48.23
N TYR A 186 2.41 -13.97 -47.08
CA TYR A 186 1.32 -13.29 -46.40
C TYR A 186 0.99 -11.93 -47.01
N SER A 187 1.77 -11.47 -47.98
CA SER A 187 1.46 -10.28 -48.77
C SER A 187 0.66 -10.59 -50.03
N ALA A 188 0.32 -11.85 -50.28
CA ALA A 188 -0.49 -12.22 -51.42
C ALA A 188 -1.76 -11.37 -51.47
N LYS A 189 -2.08 -10.84 -52.65
CA LYS A 189 -3.30 -10.06 -52.81
C LYS A 189 -4.50 -10.99 -52.81
N ILE A 190 -5.45 -10.69 -51.93
CA ILE A 190 -6.62 -11.53 -51.68
C ILE A 190 -7.85 -10.67 -51.93
N ALA A 191 -8.78 -11.18 -52.74
CA ALA A 191 -10.02 -10.49 -53.05
C ALA A 191 -11.20 -11.26 -52.49
N LEU A 192 -12.13 -10.55 -51.86
CA LEU A 192 -13.42 -11.13 -51.51
C LEU A 192 -14.52 -10.30 -52.14
N LEU A 193 -15.58 -10.97 -52.58
CA LEU A 193 -16.65 -10.33 -53.33
C LEU A 193 -17.91 -10.35 -52.48
N GLY A 194 -18.42 -9.16 -52.17
CA GLY A 194 -19.60 -9.00 -51.34
C GLY A 194 -19.21 -8.76 -49.90
N ALA A 195 -19.72 -7.70 -49.29
CA ALA A 195 -19.42 -7.37 -47.89
C ALA A 195 -20.53 -7.81 -46.96
N GLY A 196 -20.94 -9.08 -47.00
CA GLY A 196 -21.90 -9.59 -46.04
C GLY A 196 -21.21 -10.44 -44.99
N PRO A 197 -21.99 -11.14 -44.17
CA PRO A 197 -21.41 -11.97 -43.10
C PRO A 197 -20.36 -12.97 -43.54
N ALA A 198 -20.55 -13.63 -44.68
CA ALA A 198 -19.60 -14.64 -45.12
C ALA A 198 -18.23 -14.04 -45.42
N SER A 199 -18.18 -12.97 -46.21
CA SER A 199 -16.89 -12.38 -46.54
C SER A 199 -16.27 -11.68 -45.34
N ILE A 200 -17.09 -11.04 -44.50
CA ILE A 200 -16.55 -10.39 -43.30
C ILE A 200 -15.87 -11.42 -42.40
N SER A 201 -16.52 -12.56 -42.18
CA SER A 201 -15.91 -13.63 -41.41
C SER A 201 -14.64 -14.16 -42.08
N CYS A 202 -14.71 -14.46 -43.37
CA CYS A 202 -13.54 -14.99 -44.07
C CYS A 202 -12.38 -13.99 -43.99
N ALA A 203 -12.64 -12.72 -44.28
CA ALA A 203 -11.56 -11.72 -44.26
C ALA A 203 -10.98 -11.56 -42.86
N SER A 204 -11.85 -11.60 -41.84
CA SER A 204 -11.39 -11.52 -40.45
C SER A 204 -10.41 -12.65 -40.12
N PHE A 205 -10.80 -13.90 -40.40
CA PHE A 205 -9.93 -15.01 -40.04
C PHE A 205 -8.64 -15.00 -40.85
N LEU A 206 -8.70 -14.58 -42.11
CA LEU A 206 -7.47 -14.46 -42.90
C LEU A 206 -6.54 -13.41 -42.32
N ALA A 207 -7.09 -12.27 -41.92
CA ALA A 207 -6.26 -11.24 -41.30
C ALA A 207 -5.67 -11.75 -39.98
N ARG A 208 -6.46 -12.48 -39.19
CA ARG A 208 -5.92 -13.10 -37.98
C ARG A 208 -4.71 -13.95 -38.27
N LEU A 209 -4.73 -14.68 -39.39
CA LEU A 209 -3.62 -15.53 -39.78
C LEU A 209 -2.40 -14.72 -40.19
N GLY A 210 -2.56 -13.43 -40.50
CA GLY A 210 -1.43 -12.58 -40.82
C GLY A 210 -1.42 -12.01 -42.22
N TYR A 211 -2.42 -12.30 -43.06
CA TYR A 211 -2.45 -11.72 -44.40
C TYR A 211 -2.70 -10.22 -44.34
N SER A 212 -1.91 -9.46 -45.09
CA SER A 212 -1.87 -8.01 -44.97
C SER A 212 -2.46 -7.27 -46.16
N ASP A 213 -2.91 -7.97 -47.20
CA ASP A 213 -3.45 -7.33 -48.41
C ASP A 213 -4.76 -8.02 -48.77
N ILE A 214 -5.80 -7.71 -47.98
CA ILE A 214 -7.12 -8.31 -48.13
C ILE A 214 -8.09 -7.21 -48.51
N THR A 215 -8.81 -7.40 -49.61
CA THR A 215 -9.80 -6.41 -50.07
C THR A 215 -11.16 -7.06 -50.31
N ILE A 216 -12.20 -6.47 -49.71
CA ILE A 216 -13.58 -6.81 -50.01
C ILE A 216 -14.12 -5.82 -51.03
N PHE A 217 -14.57 -6.34 -52.18
CA PHE A 217 -15.25 -5.54 -53.19
C PHE A 217 -16.75 -5.71 -53.01
N GLU A 218 -17.43 -4.61 -52.70
CA GLU A 218 -18.86 -4.61 -52.44
C GLU A 218 -19.57 -3.84 -53.53
N LYS A 219 -20.68 -4.41 -54.02
CA LYS A 219 -21.48 -3.79 -55.07
C LYS A 219 -22.10 -2.48 -54.60
N GLN A 220 -22.71 -2.48 -53.42
CA GLN A 220 -23.51 -1.35 -52.97
C GLN A 220 -22.63 -0.28 -52.33
N GLU A 221 -23.27 0.82 -51.94
CA GLU A 221 -22.62 1.91 -51.22
C GLU A 221 -22.51 1.64 -49.72
N TYR A 222 -23.33 0.72 -49.19
CA TYR A 222 -23.35 0.33 -47.79
C TYR A 222 -22.74 -1.07 -47.64
N VAL A 223 -22.32 -1.39 -46.41
CA VAL A 223 -21.70 -2.68 -46.14
C VAL A 223 -22.52 -3.40 -45.08
N GLY A 224 -22.31 -4.72 -45.03
CA GLY A 224 -22.99 -5.57 -44.06
C GLY A 224 -23.94 -6.57 -44.69
N GLY A 225 -24.20 -6.46 -45.98
CA GLY A 225 -25.08 -7.42 -46.63
C GLY A 225 -26.51 -7.30 -46.12
N LEU A 226 -27.17 -8.45 -46.00
CA LEU A 226 -28.57 -8.46 -45.60
C LEU A 226 -28.77 -7.94 -44.18
N SER A 227 -27.75 -8.10 -43.32
CA SER A 227 -27.82 -7.54 -41.98
C SER A 227 -28.10 -6.05 -42.01
N THR A 228 -27.67 -5.38 -43.08
CA THR A 228 -27.89 -3.95 -43.29
C THR A 228 -29.12 -3.67 -44.14
N SER A 229 -29.26 -4.36 -45.27
CA SER A 229 -30.25 -3.96 -46.26
C SER A 229 -31.64 -4.50 -46.00
N GLU A 230 -31.80 -5.55 -45.19
CA GLU A 230 -33.13 -6.13 -45.09
C GLU A 230 -33.57 -6.50 -43.68
N ILE A 231 -32.67 -7.02 -42.84
CA ILE A 231 -33.11 -7.38 -41.50
C ILE A 231 -33.55 -6.12 -40.76
N PRO A 232 -34.74 -6.06 -40.17
CA PRO A 232 -35.25 -4.79 -39.68
C PRO A 232 -34.47 -4.26 -38.49
N GLN A 233 -34.47 -2.92 -38.38
CA GLN A 233 -33.82 -2.24 -37.27
C GLN A 233 -34.36 -2.70 -35.92
N PHE A 234 -35.64 -3.07 -35.85
CA PHE A 234 -36.22 -3.42 -34.56
C PHE A 234 -35.83 -4.82 -34.10
N ARG A 235 -35.11 -5.58 -34.92
CA ARG A 235 -34.44 -6.81 -34.49
C ARG A 235 -32.93 -6.70 -34.47
N LEU A 236 -32.33 -6.01 -35.44
CA LEU A 236 -30.87 -5.87 -35.52
C LEU A 236 -30.51 -4.41 -35.76
N PRO A 237 -30.16 -3.67 -34.71
CA PRO A 237 -29.78 -2.26 -34.89
C PRO A 237 -28.54 -2.11 -35.77
N TYR A 238 -28.56 -1.09 -36.64
CA TYR A 238 -27.47 -0.93 -37.60
C TYR A 238 -26.13 -0.71 -36.91
N ASP A 239 -26.11 -0.08 -35.73
CA ASP A 239 -24.85 0.17 -35.05
C ASP A 239 -24.15 -1.11 -34.63
N VAL A 240 -24.88 -2.23 -34.55
CA VAL A 240 -24.23 -3.53 -34.31
C VAL A 240 -23.38 -3.92 -35.51
N VAL A 241 -23.96 -3.84 -36.71
CA VAL A 241 -23.23 -4.15 -37.94
C VAL A 241 -21.99 -3.28 -38.05
N ASN A 242 -22.14 -1.97 -37.81
CA ASN A 242 -21.01 -1.06 -37.88
C ASN A 242 -19.91 -1.45 -36.89
N PHE A 243 -20.31 -1.89 -35.69
CA PHE A 243 -19.33 -2.24 -34.67
C PHE A 243 -18.50 -3.44 -35.10
N GLU A 244 -19.16 -4.46 -35.66
CA GLU A 244 -18.45 -5.64 -36.15
C GLU A 244 -17.60 -5.36 -37.37
N ILE A 245 -18.04 -4.45 -38.24
CA ILE A 245 -17.23 -4.05 -39.40
C ILE A 245 -15.98 -3.33 -38.94
N GLU A 246 -16.10 -2.41 -37.98
CA GLU A 246 -14.94 -1.70 -37.47
C GLU A 246 -13.96 -2.61 -36.78
N LEU A 247 -14.44 -3.67 -36.11
CA LEU A 247 -13.52 -4.65 -35.54
C LEU A 247 -12.70 -5.35 -36.62
N MET A 248 -13.34 -5.76 -37.72
CA MET A 248 -12.60 -6.23 -38.89
C MET A 248 -11.54 -5.25 -39.32
N LYS A 249 -11.94 -3.99 -39.52
CA LYS A 249 -11.01 -3.05 -40.13
C LYS A 249 -9.84 -2.76 -39.21
N ASP A 250 -9.99 -3.02 -37.90
CA ASP A 250 -8.85 -2.94 -36.98
C ASP A 250 -7.72 -3.87 -37.42
N LEU A 251 -8.04 -4.93 -38.16
CA LEU A 251 -7.04 -5.88 -38.62
C LEU A 251 -6.46 -5.50 -39.98
N GLY A 252 -6.88 -4.38 -40.55
CA GLY A 252 -6.33 -3.91 -41.80
C GLY A 252 -7.11 -4.30 -43.05
N VAL A 253 -8.24 -5.01 -42.91
CA VAL A 253 -9.02 -5.38 -44.08
C VAL A 253 -9.54 -4.12 -44.76
N LYS A 254 -9.41 -4.06 -46.08
CA LYS A 254 -9.90 -2.93 -46.86
C LYS A 254 -11.22 -3.27 -47.54
N ILE A 255 -12.11 -2.28 -47.64
CA ILE A 255 -13.41 -2.46 -48.27
C ILE A 255 -13.57 -1.41 -49.34
N ILE A 256 -13.88 -1.84 -50.55
CA ILE A 256 -14.08 -0.94 -51.69
C ILE A 256 -15.50 -1.11 -52.19
N CYS A 257 -16.30 -0.04 -52.07
CA CYS A 257 -17.68 -0.06 -52.52
C CYS A 257 -17.79 0.45 -53.95
N GLY A 258 -18.85 0.04 -54.63
CA GLY A 258 -19.14 0.52 -55.96
C GLY A 258 -18.68 -0.39 -57.08
N LYS A 259 -18.00 -1.48 -56.78
CA LYS A 259 -17.38 -2.32 -57.78
C LYS A 259 -17.98 -3.72 -57.67
N SER A 260 -18.52 -4.23 -58.77
CA SER A 260 -19.30 -5.45 -58.75
C SER A 260 -18.55 -6.59 -59.41
N LEU A 261 -18.84 -7.81 -58.94
CA LEU A 261 -18.51 -9.02 -59.68
C LEU A 261 -19.50 -9.16 -60.81
N SER A 262 -19.06 -8.88 -62.04
CA SER A 262 -19.97 -8.81 -63.18
C SER A 262 -19.14 -8.63 -64.44
N GLU A 263 -19.63 -9.17 -65.56
CA GLU A 263 -19.01 -8.90 -66.85
C GLU A 263 -18.86 -7.39 -67.03
N ASN A 264 -17.77 -6.99 -67.67
CA ASN A 264 -17.40 -5.59 -67.87
C ASN A 264 -17.08 -4.87 -66.57
N GLU A 265 -17.06 -5.57 -65.43
CA GLU A 265 -16.53 -5.01 -64.20
C GLU A 265 -15.49 -5.97 -63.63
N ILE A 266 -15.68 -6.47 -62.41
CA ILE A 266 -14.76 -7.44 -61.84
C ILE A 266 -15.16 -8.84 -62.30
N THR A 267 -14.19 -9.57 -62.84
CA THR A 267 -14.36 -10.98 -63.18
C THR A 267 -13.17 -11.75 -62.63
N LEU A 268 -13.30 -13.08 -62.57
CA LEU A 268 -12.15 -13.89 -62.16
C LEU A 268 -10.94 -13.62 -63.05
N ASN A 269 -11.18 -13.41 -64.35
CA ASN A 269 -10.10 -13.07 -65.27
C ASN A 269 -9.40 -11.78 -64.87
N THR A 270 -10.16 -10.70 -64.69
CA THR A 270 -9.54 -9.43 -64.33
C THR A 270 -8.79 -9.55 -63.01
N LEU A 271 -9.35 -10.29 -62.04
CA LEU A 271 -8.66 -10.49 -60.77
C LEU A 271 -7.32 -11.20 -60.99
N LYS A 272 -7.33 -12.29 -61.74
CA LYS A 272 -6.09 -13.02 -62.01
C LYS A 272 -5.09 -12.14 -62.74
N GLU A 273 -5.54 -11.43 -63.78
CA GLU A 273 -4.64 -10.56 -64.52
C GLU A 273 -4.11 -9.40 -63.68
N GLU A 274 -4.82 -9.01 -62.61
CA GLU A 274 -4.34 -7.95 -61.75
C GLU A 274 -3.48 -8.44 -60.59
N GLY A 275 -3.19 -9.73 -60.53
CA GLY A 275 -2.28 -10.24 -59.52
C GLY A 275 -2.92 -10.75 -58.25
N TYR A 276 -4.25 -10.89 -58.23
CA TYR A 276 -4.89 -11.49 -57.06
C TYR A 276 -4.59 -12.99 -57.05
N LYS A 277 -4.21 -13.50 -55.88
CA LYS A 277 -3.82 -14.91 -55.75
C LYS A 277 -4.95 -15.80 -55.27
N ALA A 278 -5.95 -15.25 -54.58
CA ALA A 278 -7.10 -16.03 -54.14
C ALA A 278 -8.32 -15.13 -54.14
N ALA A 279 -9.49 -15.76 -54.32
CA ALA A 279 -10.77 -15.04 -54.33
C ALA A 279 -11.81 -15.82 -53.54
N PHE A 280 -12.60 -15.11 -52.73
CA PHE A 280 -13.73 -15.71 -52.03
C PHE A 280 -15.02 -15.06 -52.53
N ILE A 281 -15.97 -15.88 -52.98
CA ILE A 281 -17.24 -15.39 -53.49
C ILE A 281 -18.25 -15.41 -52.36
N GLY A 282 -18.68 -14.23 -51.92
CA GLY A 282 -19.68 -14.12 -50.87
C GLY A 282 -20.79 -13.14 -51.22
N ILE A 283 -21.30 -13.20 -52.46
CA ILE A 283 -22.24 -12.19 -52.94
C ILE A 283 -23.69 -12.52 -52.59
N GLY A 284 -23.95 -13.60 -51.88
CA GLY A 284 -25.33 -13.88 -51.52
C GLY A 284 -26.21 -14.30 -52.71
N LEU A 285 -27.53 -14.16 -52.50
CA LEU A 285 -28.50 -14.41 -53.56
C LEU A 285 -29.17 -13.09 -53.92
N PRO A 286 -28.73 -12.42 -54.99
CA PRO A 286 -29.08 -11.01 -55.19
C PRO A 286 -30.45 -10.75 -55.80
N GLU A 287 -31.11 -11.75 -56.37
CA GLU A 287 -32.36 -11.52 -57.07
C GLU A 287 -33.56 -12.08 -56.30
N PRO A 288 -34.71 -11.41 -56.37
CA PRO A 288 -35.91 -11.98 -55.73
C PRO A 288 -36.43 -13.15 -56.53
N LYS A 289 -36.99 -14.13 -55.81
CA LYS A 289 -37.67 -15.23 -56.46
C LYS A 289 -39.06 -14.74 -56.88
N THR A 290 -39.39 -14.89 -58.16
CA THR A 290 -40.51 -14.19 -58.76
C THR A 290 -41.62 -15.15 -59.18
N ASP A 291 -42.82 -14.61 -59.27
CA ASP A 291 -44.00 -15.32 -59.75
C ASP A 291 -44.50 -14.58 -60.99
N ASP A 292 -44.69 -15.33 -62.08
CA ASP A 292 -45.07 -14.73 -63.35
C ASP A 292 -46.39 -13.96 -63.25
N ILE A 293 -47.27 -14.37 -62.34
CA ILE A 293 -48.56 -13.69 -62.12
C ILE A 293 -48.37 -12.19 -61.93
N PHE A 294 -47.27 -11.77 -61.33
CA PHE A 294 -47.11 -10.39 -60.94
C PHE A 294 -46.38 -9.56 -61.97
N GLN A 295 -46.12 -10.11 -63.15
CA GLN A 295 -45.40 -9.40 -64.20
C GLN A 295 -46.09 -8.09 -64.55
N GLY A 296 -45.29 -7.01 -64.65
CA GLY A 296 -45.78 -5.73 -65.04
C GLY A 296 -46.27 -4.83 -63.92
N LEU A 297 -46.50 -5.39 -62.73
CA LEU A 297 -46.96 -4.58 -61.61
C LEU A 297 -45.83 -3.74 -61.07
N THR A 298 -46.15 -2.51 -60.66
CA THR A 298 -45.18 -1.50 -60.25
C THR A 298 -45.41 -1.12 -58.79
N GLN A 299 -44.41 -0.45 -58.20
CA GLN A 299 -44.55 0.11 -56.86
C GLN A 299 -45.64 1.16 -56.80
N ASP A 300 -45.80 1.95 -57.87
CA ASP A 300 -46.89 2.94 -57.90
C ASP A 300 -48.25 2.28 -57.75
N GLN A 301 -48.40 1.06 -58.26
CA GLN A 301 -49.65 0.34 -58.10
C GLN A 301 -49.77 -0.36 -56.75
N GLY A 302 -48.69 -0.39 -55.97
CA GLY A 302 -48.68 -1.05 -54.69
C GLY A 302 -48.04 -2.42 -54.64
N PHE A 303 -47.27 -2.81 -55.66
CA PHE A 303 -46.60 -4.10 -55.68
C PHE A 303 -45.11 -3.94 -55.38
N TYR A 304 -44.61 -4.76 -54.45
CA TYR A 304 -43.19 -4.81 -54.13
C TYR A 304 -42.73 -6.26 -54.09
N THR A 305 -41.47 -6.48 -54.46
CA THR A 305 -40.81 -7.68 -53.95
C THR A 305 -40.13 -7.32 -52.65
N SER A 306 -39.70 -8.35 -51.91
CA SER A 306 -38.97 -8.10 -50.68
C SER A 306 -37.69 -7.30 -50.94
N LYS A 307 -37.06 -7.50 -52.10
CA LYS A 307 -35.84 -6.76 -52.44
C LYS A 307 -36.10 -5.30 -52.74
N ASP A 308 -37.33 -4.93 -53.11
CA ASP A 308 -37.70 -3.53 -53.24
C ASP A 308 -38.08 -2.93 -51.90
N PHE A 309 -38.88 -3.67 -51.12
CA PHE A 309 -39.55 -3.12 -49.94
C PHE A 309 -38.61 -3.01 -48.73
N LEU A 310 -38.00 -4.12 -48.33
CA LEU A 310 -37.18 -4.09 -47.12
C LEU A 310 -36.03 -3.09 -47.19
N PRO A 311 -35.25 -2.97 -48.27
CA PRO A 311 -34.20 -1.94 -48.27
C PRO A 311 -34.73 -0.52 -48.22
N LEU A 312 -35.96 -0.29 -48.71
CA LEU A 312 -36.58 1.02 -48.55
C LEU A 312 -36.83 1.32 -47.07
N VAL A 313 -37.34 0.35 -46.33
CA VAL A 313 -37.56 0.57 -44.91
C VAL A 313 -36.23 0.73 -44.18
N ALA A 314 -35.22 -0.09 -44.54
CA ALA A 314 -33.93 0.00 -43.86
C ALA A 314 -33.28 1.35 -44.07
N LYS A 315 -33.30 1.87 -45.30
CA LYS A 315 -32.67 3.15 -45.58
C LYS A 315 -33.29 4.28 -44.76
N SER A 316 -34.62 4.25 -44.55
CA SER A 316 -35.21 5.31 -43.74
C SER A 316 -35.06 5.11 -42.23
N SER A 317 -34.77 3.89 -41.76
CA SER A 317 -34.74 3.62 -40.33
C SER A 317 -33.34 3.35 -39.78
N LYS A 318 -32.33 3.20 -40.62
CA LYS A 318 -31.00 2.88 -40.15
C LYS A 318 -30.09 4.08 -40.38
N ALA A 319 -29.90 4.87 -39.33
CA ALA A 319 -29.01 6.02 -39.41
C ALA A 319 -27.58 5.55 -39.65
N GLY A 320 -26.97 6.04 -40.71
CA GLY A 320 -25.61 5.63 -41.06
C GLY A 320 -25.53 4.67 -42.23
N MET A 321 -26.67 4.31 -42.83
CA MET A 321 -26.66 3.44 -44.01
C MET A 321 -26.38 4.23 -45.28
N CYS A 322 -27.11 5.32 -45.48
CA CYS A 322 -27.02 6.13 -46.68
C CYS A 322 -26.73 7.58 -46.31
N ALA A 323 -26.44 8.38 -47.32
CA ALA A 323 -26.57 9.83 -47.17
C ALA A 323 -28.02 10.25 -47.27
N CYS A 324 -28.84 9.46 -47.94
CA CYS A 324 -30.27 9.74 -48.03
C CYS A 324 -30.93 9.67 -46.67
N HIS A 325 -31.77 10.66 -46.38
CA HIS A 325 -32.81 10.52 -45.36
C HIS A 325 -34.08 10.09 -46.08
N SER A 326 -34.22 8.77 -46.28
CA SER A 326 -35.37 8.21 -47.04
C SER A 326 -36.68 8.52 -46.31
N PRO A 327 -37.70 8.98 -47.01
CA PRO A 327 -39.06 8.90 -46.46
C PRO A 327 -39.44 7.44 -46.28
N LEU A 328 -40.01 7.12 -45.13
CA LEU A 328 -40.60 5.81 -44.92
C LEU A 328 -41.67 5.57 -45.97
N PRO A 329 -41.72 4.40 -46.60
CA PRO A 329 -42.79 4.14 -47.57
C PRO A 329 -44.16 4.25 -46.92
N SER A 330 -45.04 5.01 -47.55
CA SER A 330 -46.41 5.10 -47.05
C SER A 330 -47.16 3.86 -47.49
N ILE A 331 -47.39 2.94 -46.56
CA ILE A 331 -48.07 1.69 -46.83
C ILE A 331 -49.37 1.70 -46.06
N ARG A 332 -50.40 2.33 -46.64
CA ARG A 332 -51.68 2.50 -45.98
C ARG A 332 -52.68 1.47 -46.49
N GLY A 333 -53.50 0.97 -45.59
CA GLY A 333 -54.52 0.01 -45.96
C GLY A 333 -54.16 -1.42 -45.64
N ALA A 334 -54.72 -2.35 -46.41
CA ALA A 334 -54.50 -3.76 -46.19
C ALA A 334 -53.32 -4.24 -47.03
N VAL A 335 -52.49 -5.09 -46.44
CA VAL A 335 -51.25 -5.54 -47.07
C VAL A 335 -51.26 -7.06 -47.13
N ILE A 336 -51.02 -7.61 -48.33
CA ILE A 336 -50.82 -9.03 -48.53
C ILE A 336 -49.32 -9.30 -48.63
N VAL A 337 -48.80 -10.15 -47.76
CA VAL A 337 -47.42 -10.61 -47.82
C VAL A 337 -47.44 -12.09 -48.17
N LEU A 338 -46.71 -12.47 -49.22
CA LEU A 338 -46.71 -13.83 -49.76
C LEU A 338 -45.39 -14.50 -49.44
N GLY A 339 -45.46 -15.62 -48.71
CA GLY A 339 -44.27 -16.40 -48.37
C GLY A 339 -44.32 -16.93 -46.96
N ALA A 340 -43.39 -17.83 -46.62
CA ALA A 340 -43.42 -18.43 -45.28
C ALA A 340 -42.04 -18.54 -44.63
N GLY A 341 -41.04 -17.82 -45.15
CA GLY A 341 -39.72 -17.78 -44.53
C GLY A 341 -39.51 -16.49 -43.74
N ASP A 342 -38.25 -16.29 -43.32
CA ASP A 342 -37.91 -15.08 -42.56
C ASP A 342 -38.27 -13.82 -43.33
N THR A 343 -38.07 -13.86 -44.65
CA THR A 343 -38.34 -12.70 -45.48
C THR A 343 -39.79 -12.24 -45.36
N ALA A 344 -40.73 -13.19 -45.41
CA ALA A 344 -42.14 -12.84 -45.33
C ALA A 344 -42.49 -12.21 -43.99
N PHE A 345 -41.94 -12.77 -42.90
CA PHE A 345 -42.35 -12.29 -41.58
C PHE A 345 -41.77 -10.91 -41.28
N ASP A 346 -40.57 -10.63 -41.79
CA ASP A 346 -39.99 -9.29 -41.65
C ASP A 346 -40.69 -8.28 -42.55
N CYS A 347 -41.14 -8.69 -43.73
CA CYS A 347 -41.98 -7.80 -44.53
C CYS A 347 -43.26 -7.44 -43.79
N ALA A 348 -43.86 -8.42 -43.10
CA ALA A 348 -45.14 -8.21 -42.42
C ALA A 348 -45.01 -7.24 -41.25
N THR A 349 -44.02 -7.47 -40.38
CA THR A 349 -43.81 -6.55 -39.26
C THR A 349 -43.33 -5.18 -39.75
N SER A 350 -42.48 -5.14 -40.78
CA SER A 350 -42.03 -3.85 -41.32
C SER A 350 -43.20 -3.04 -41.89
N ALA A 351 -44.14 -3.71 -42.57
CA ALA A 351 -45.29 -2.99 -43.14
C ALA A 351 -46.10 -2.28 -42.06
N LEU A 352 -46.25 -2.91 -40.89
CA LEU A 352 -46.90 -2.22 -39.77
C LEU A 352 -46.18 -0.91 -39.43
N ARG A 353 -44.85 -0.92 -39.47
CA ARG A 353 -44.10 0.30 -39.20
C ARG A 353 -44.34 1.38 -40.24
N CYS A 354 -44.75 0.99 -41.45
CA CYS A 354 -45.00 1.96 -42.51
C CYS A 354 -46.43 2.49 -42.50
N GLY A 355 -47.27 2.03 -41.57
CA GLY A 355 -48.62 2.52 -41.44
C GLY A 355 -49.71 1.56 -41.88
N ALA A 356 -49.38 0.31 -42.18
CA ALA A 356 -50.38 -0.64 -42.64
C ALA A 356 -51.50 -0.79 -41.61
N ARG A 357 -52.73 -0.84 -42.12
CA ARG A 357 -53.89 -1.01 -41.25
C ARG A 357 -54.07 -2.47 -40.87
N ARG A 358 -53.86 -3.38 -41.83
CA ARG A 358 -53.89 -4.80 -41.52
C ARG A 358 -52.92 -5.52 -42.45
N VAL A 359 -52.37 -6.64 -41.96
CA VAL A 359 -51.39 -7.42 -42.70
C VAL A 359 -51.86 -8.87 -42.79
N PHE A 360 -51.90 -9.40 -44.01
CA PHE A 360 -52.21 -10.80 -44.27
C PHE A 360 -50.95 -11.52 -44.73
N LEU A 361 -50.54 -12.54 -43.98
CA LEU A 361 -49.50 -13.46 -44.44
C LEU A 361 -50.20 -14.66 -45.08
N VAL A 362 -49.89 -14.92 -46.35
CA VAL A 362 -50.55 -15.96 -47.14
C VAL A 362 -49.52 -17.01 -47.51
N PHE A 363 -49.84 -18.27 -47.23
CA PHE A 363 -48.97 -19.41 -47.48
C PHE A 363 -49.59 -20.34 -48.52
N ARG A 364 -48.75 -20.86 -49.42
CA ARG A 364 -49.20 -21.91 -50.33
C ARG A 364 -49.52 -23.20 -49.59
N LYS A 365 -48.82 -23.48 -48.49
CA LYS A 365 -49.05 -24.70 -47.73
C LYS A 365 -49.69 -24.37 -46.39
N GLY A 366 -49.60 -25.30 -45.44
CA GLY A 366 -50.26 -25.16 -44.16
C GLY A 366 -49.35 -24.59 -43.07
N PHE A 367 -49.94 -24.49 -41.87
CA PHE A 367 -49.21 -24.00 -40.72
C PHE A 367 -48.06 -24.91 -40.32
N VAL A 368 -48.22 -26.22 -40.52
CA VAL A 368 -47.16 -27.15 -40.19
C VAL A 368 -45.91 -26.92 -41.04
N ASN A 369 -46.02 -26.12 -42.11
CA ASN A 369 -44.95 -26.01 -43.10
C ASN A 369 -44.24 -24.66 -43.12
N ILE A 370 -44.55 -23.72 -42.21
CA ILE A 370 -43.80 -22.47 -42.18
C ILE A 370 -42.31 -22.75 -41.97
N ARG A 371 -41.46 -22.06 -42.74
CA ARG A 371 -40.03 -22.26 -42.68
C ARG A 371 -39.36 -21.45 -41.56
N ALA A 372 -39.85 -20.25 -41.26
CA ALA A 372 -39.32 -19.48 -40.14
C ALA A 372 -39.51 -20.23 -38.84
N VAL A 373 -38.59 -20.02 -37.90
CA VAL A 373 -38.63 -20.70 -36.60
C VAL A 373 -39.77 -20.12 -35.77
N PRO A 374 -40.25 -20.82 -34.75
CA PRO A 374 -41.35 -20.27 -33.93
C PRO A 374 -41.05 -18.92 -33.31
N GLU A 375 -39.77 -18.61 -33.03
CA GLU A 375 -39.43 -17.29 -32.49
C GLU A 375 -39.87 -16.18 -33.45
N GLU A 376 -39.55 -16.33 -34.73
CA GLU A 376 -39.83 -15.27 -35.70
C GLU A 376 -41.32 -15.20 -36.01
N VAL A 377 -42.00 -16.35 -36.05
CA VAL A 377 -43.45 -16.37 -36.24
C VAL A 377 -44.15 -15.57 -35.15
N GLU A 378 -43.70 -15.75 -33.89
CA GLU A 378 -44.38 -15.16 -32.74
C GLU A 378 -44.41 -13.64 -32.80
N LEU A 379 -43.37 -13.01 -33.38
CA LEU A 379 -43.38 -11.56 -33.49
C LEU A 379 -44.50 -11.07 -34.40
N ALA A 380 -44.76 -11.78 -35.49
CA ALA A 380 -45.89 -11.41 -36.36
C ALA A 380 -47.22 -11.70 -35.69
N LYS A 381 -47.30 -12.82 -34.96
CA LYS A 381 -48.56 -13.19 -34.30
C LYS A 381 -48.92 -12.19 -33.21
N GLU A 382 -47.95 -11.75 -32.42
CA GLU A 382 -48.25 -10.86 -31.30
C GLU A 382 -48.59 -9.46 -31.77
N GLU A 383 -48.20 -9.10 -33.00
CA GLU A 383 -48.60 -7.83 -33.59
C GLU A 383 -49.85 -7.96 -34.43
N LYS A 384 -50.58 -9.08 -34.28
CA LYS A 384 -51.91 -9.32 -34.84
C LYS A 384 -51.91 -9.37 -36.36
N CYS A 385 -50.82 -9.83 -36.96
CA CYS A 385 -50.91 -10.24 -38.36
C CYS A 385 -51.88 -11.41 -38.47
N GLU A 386 -52.56 -11.50 -39.61
CA GLU A 386 -53.43 -12.63 -39.85
C GLU A 386 -52.73 -13.60 -40.78
N PHE A 387 -52.98 -14.89 -40.59
CA PHE A 387 -52.30 -15.94 -41.33
C PHE A 387 -53.32 -16.74 -42.13
N LEU A 388 -53.06 -16.92 -43.41
CA LEU A 388 -53.99 -17.58 -44.32
C LEU A 388 -53.28 -18.73 -45.03
N PRO A 389 -53.56 -19.98 -44.68
CA PRO A 389 -52.86 -21.10 -45.28
C PRO A 389 -53.58 -21.64 -46.52
N PHE A 390 -52.84 -22.44 -47.29
CA PHE A 390 -53.40 -23.23 -48.40
C PHE A 390 -53.97 -22.34 -49.51
N LEU A 391 -53.22 -21.31 -49.90
CA LEU A 391 -53.69 -20.41 -50.93
C LEU A 391 -52.56 -20.11 -51.90
N SER A 392 -52.87 -20.15 -53.20
CA SER A 392 -51.90 -19.78 -54.20
C SER A 392 -52.46 -18.66 -55.07
N PRO A 393 -51.69 -17.60 -55.31
CA PRO A 393 -52.25 -16.44 -56.02
C PRO A 393 -52.42 -16.72 -57.50
N ARG A 394 -53.43 -16.07 -58.09
CA ARG A 394 -53.76 -16.31 -59.49
C ARG A 394 -53.93 -15.02 -60.26
N LYS A 395 -54.67 -14.06 -59.70
CA LYS A 395 -54.94 -12.80 -60.36
C LYS A 395 -54.75 -11.65 -59.40
N VAL A 396 -54.25 -10.53 -59.92
CA VAL A 396 -54.21 -9.25 -59.21
C VAL A 396 -55.20 -8.32 -59.89
N ILE A 397 -56.07 -7.70 -59.10
CA ILE A 397 -57.06 -6.76 -59.61
C ILE A 397 -56.53 -5.35 -59.38
N VAL A 398 -56.39 -4.60 -60.47
CA VAL A 398 -55.95 -3.21 -60.45
C VAL A 398 -57.09 -2.34 -60.95
N LYS A 399 -57.47 -1.34 -60.15
CA LYS A 399 -58.48 -0.36 -60.52
C LYS A 399 -58.04 1.02 -60.06
N GLY A 400 -58.25 2.03 -60.91
CA GLY A 400 -57.85 3.37 -60.54
C GLY A 400 -56.35 3.54 -60.39
N GLY A 401 -55.56 2.71 -61.08
CA GLY A 401 -54.12 2.77 -60.98
C GLY A 401 -53.52 2.11 -59.77
N ARG A 402 -54.32 1.42 -58.95
CA ARG A 402 -53.83 0.79 -57.73
C ARG A 402 -54.42 -0.61 -57.58
N ILE A 403 -53.61 -1.51 -57.02
CA ILE A 403 -54.12 -2.82 -56.61
C ILE A 403 -55.31 -2.63 -55.69
N VAL A 404 -56.38 -3.39 -55.94
CA VAL A 404 -57.51 -3.43 -55.01
C VAL A 404 -57.82 -4.82 -54.49
N ALA A 405 -57.33 -5.88 -55.15
CA ALA A 405 -57.61 -7.23 -54.69
C ALA A 405 -56.65 -8.21 -55.36
N VAL A 406 -56.49 -9.36 -54.73
CA VAL A 406 -55.78 -10.50 -55.30
C VAL A 406 -56.70 -11.72 -55.19
N GLN A 407 -56.81 -12.48 -56.28
CA GLN A 407 -57.58 -13.71 -56.29
C GLN A 407 -56.64 -14.91 -56.13
N PHE A 408 -57.02 -15.81 -55.24
CA PHE A 408 -56.25 -17.01 -54.90
C PHE A 408 -57.07 -18.24 -55.26
N VAL A 409 -56.37 -19.37 -55.39
CA VAL A 409 -57.00 -20.68 -55.45
C VAL A 409 -56.53 -21.51 -54.27
N ARG A 410 -57.41 -22.41 -53.81
CA ARG A 410 -57.03 -23.32 -52.74
C ARG A 410 -56.02 -24.35 -53.22
N THR A 411 -55.08 -24.69 -52.34
CA THR A 411 -54.13 -25.76 -52.55
C THR A 411 -54.47 -26.92 -51.62
N GLU A 412 -54.06 -28.13 -52.02
CA GLU A 412 -54.37 -29.32 -51.25
C GLU A 412 -53.30 -30.38 -51.49
N GLN A 413 -53.33 -31.41 -50.65
CA GLN A 413 -52.51 -32.61 -50.81
C GLN A 413 -53.44 -33.80 -51.06
N ASP A 414 -52.87 -34.88 -51.60
CA ASP A 414 -53.64 -36.08 -51.86
C ASP A 414 -53.09 -37.21 -50.99
N GLU A 415 -53.26 -38.46 -51.45
CA GLU A 415 -52.65 -39.59 -50.75
C GLU A 415 -51.14 -39.63 -51.01
N THR A 416 -50.72 -39.40 -52.25
CA THR A 416 -49.31 -39.36 -52.61
C THR A 416 -48.59 -38.17 -51.99
N GLY A 417 -49.31 -37.20 -51.44
CA GLY A 417 -48.67 -36.02 -50.91
C GLY A 417 -48.19 -35.05 -51.97
N LYS A 418 -48.85 -35.00 -53.13
CA LYS A 418 -48.57 -33.99 -54.14
C LYS A 418 -49.57 -32.85 -53.99
N TRP A 419 -49.09 -31.64 -54.23
CA TRP A 419 -49.87 -30.43 -54.00
C TRP A 419 -50.65 -30.06 -55.26
N ASN A 420 -51.97 -30.06 -55.16
CA ASN A 420 -52.85 -29.67 -56.25
C ASN A 420 -53.50 -28.33 -55.95
N GLU A 421 -53.96 -27.67 -57.00
CA GLU A 421 -54.73 -26.44 -56.89
C GLU A 421 -56.14 -26.70 -57.40
N ASP A 422 -57.14 -26.38 -56.58
CA ASP A 422 -58.52 -26.62 -56.92
C ASP A 422 -59.09 -25.37 -57.59
N GLU A 423 -59.39 -25.47 -58.88
CA GLU A 423 -59.79 -24.30 -59.68
C GLU A 423 -61.11 -23.71 -59.21
N ASP A 424 -62.04 -24.54 -58.75
CA ASP A 424 -63.36 -24.07 -58.34
C ASP A 424 -63.37 -23.44 -56.95
N GLN A 425 -62.24 -23.48 -56.25
CA GLN A 425 -62.18 -23.04 -54.85
C GLN A 425 -61.28 -21.81 -54.77
N ILE A 426 -61.89 -20.63 -54.82
CA ILE A 426 -61.18 -19.37 -54.97
C ILE A 426 -61.42 -18.48 -53.75
N VAL A 427 -60.52 -17.52 -53.57
CA VAL A 427 -60.61 -16.49 -52.54
C VAL A 427 -60.32 -15.15 -53.21
N HIS A 428 -61.19 -14.19 -52.96
CA HIS A 428 -61.04 -12.81 -53.45
C HIS A 428 -60.72 -11.95 -52.24
N LEU A 429 -59.44 -11.57 -52.09
CA LEU A 429 -58.98 -10.87 -50.90
C LEU A 429 -58.68 -9.41 -51.24
N LYS A 430 -59.44 -8.50 -50.64
CA LYS A 430 -59.21 -7.08 -50.87
C LYS A 430 -57.88 -6.68 -50.24
N ALA A 431 -57.07 -5.92 -50.97
CA ALA A 431 -55.81 -5.43 -50.44
C ALA A 431 -55.35 -4.24 -51.26
N ASP A 432 -54.57 -3.38 -50.63
CA ASP A 432 -53.99 -2.21 -51.27
C ASP A 432 -52.52 -2.35 -51.63
N VAL A 433 -51.79 -3.25 -50.97
CA VAL A 433 -50.37 -3.46 -51.20
C VAL A 433 -50.09 -4.95 -51.22
N VAL A 434 -49.25 -5.40 -52.15
CA VAL A 434 -48.84 -6.80 -52.27
C VAL A 434 -47.32 -6.84 -52.22
N ILE A 435 -46.76 -7.66 -51.35
CA ILE A 435 -45.32 -7.82 -51.21
C ILE A 435 -45.01 -9.30 -51.39
N SER A 436 -44.30 -9.66 -52.46
CA SER A 436 -43.90 -11.04 -52.64
C SER A 436 -42.59 -11.27 -51.87
N ALA A 437 -42.60 -12.26 -51.00
CA ALA A 437 -41.47 -12.59 -50.15
C ALA A 437 -41.20 -14.08 -50.23
N PHE A 438 -41.15 -14.59 -51.47
CA PHE A 438 -40.93 -16.01 -51.71
C PHE A 438 -39.50 -16.44 -51.42
N GLY A 439 -38.53 -15.52 -51.48
CA GLY A 439 -37.15 -15.88 -51.25
C GLY A 439 -36.25 -15.26 -52.30
N SER A 440 -35.04 -15.79 -52.42
CA SER A 440 -34.00 -15.20 -53.25
C SER A 440 -33.37 -16.26 -54.14
N VAL A 441 -32.73 -15.80 -55.22
CA VAL A 441 -32.05 -16.64 -56.18
C VAL A 441 -30.88 -15.87 -56.77
N LEU A 442 -30.02 -16.59 -57.49
CA LEU A 442 -28.98 -15.98 -58.31
C LEU A 442 -29.37 -16.19 -59.77
N ARG A 443 -29.70 -15.10 -60.46
CA ARG A 443 -30.27 -15.25 -61.80
C ARG A 443 -29.74 -14.19 -62.76
N ASP A 444 -28.54 -13.67 -62.50
CA ASP A 444 -27.96 -12.62 -63.32
C ASP A 444 -26.96 -13.23 -64.28
N PRO A 445 -27.23 -13.25 -65.58
CA PRO A 445 -26.26 -13.85 -66.53
C PRO A 445 -24.89 -13.21 -66.51
N LYS A 446 -24.81 -11.90 -66.25
CA LYS A 446 -23.53 -11.21 -66.27
C LYS A 446 -22.70 -11.49 -65.03
N VAL A 447 -23.36 -11.82 -63.92
CA VAL A 447 -22.66 -12.24 -62.72
C VAL A 447 -22.13 -13.66 -62.89
N LYS A 448 -22.96 -14.56 -63.41
CA LYS A 448 -22.51 -15.92 -63.67
C LYS A 448 -21.39 -15.94 -64.71
N GLU A 449 -21.49 -15.08 -65.72
CA GLU A 449 -20.43 -15.01 -66.71
C GLU A 449 -19.11 -14.58 -66.08
N ALA A 450 -19.18 -13.65 -65.11
CA ALA A 450 -17.98 -13.19 -64.43
C ALA A 450 -17.31 -14.29 -63.61
N LEU A 451 -18.03 -15.35 -63.28
CA LEU A 451 -17.49 -16.48 -62.53
C LEU A 451 -16.93 -17.57 -63.43
N SER A 452 -16.90 -17.36 -64.74
CA SER A 452 -16.27 -18.34 -65.62
C SER A 452 -14.83 -18.55 -65.19
N PRO A 453 -14.32 -19.81 -65.20
CA PRO A 453 -15.01 -21.01 -65.67
C PRO A 453 -15.48 -21.98 -64.57
N ILE A 454 -15.91 -21.52 -63.41
CA ILE A 454 -16.19 -22.46 -62.33
C ILE A 454 -17.49 -23.22 -62.61
N LYS A 455 -17.56 -24.43 -62.07
CA LYS A 455 -18.69 -25.32 -62.29
C LYS A 455 -19.88 -24.88 -61.43
N PHE A 456 -21.07 -24.84 -62.02
CA PHE A 456 -22.32 -24.61 -61.31
C PHE A 456 -23.13 -25.90 -61.30
N ASN A 457 -23.95 -26.07 -60.26
CA ASN A 457 -24.72 -27.30 -60.06
C ASN A 457 -26.13 -27.16 -60.62
N ARG A 458 -26.99 -28.12 -60.25
CA ARG A 458 -28.35 -28.16 -60.79
C ARG A 458 -29.18 -26.94 -60.37
N TRP A 459 -28.88 -26.36 -59.20
CA TRP A 459 -29.59 -25.19 -58.73
C TRP A 459 -28.99 -23.89 -59.28
N ASP A 460 -28.10 -24.00 -60.26
CA ASP A 460 -27.47 -22.86 -60.93
C ASP A 460 -26.67 -22.03 -59.93
N LEU A 461 -26.00 -22.71 -59.00
CA LEU A 461 -25.18 -22.09 -57.97
C LEU A 461 -23.76 -22.65 -58.06
N PRO A 462 -22.76 -21.90 -57.62
CA PRO A 462 -21.38 -22.41 -57.67
C PRO A 462 -21.23 -23.67 -56.85
N GLU A 463 -20.58 -24.68 -57.42
CA GLU A 463 -20.31 -25.91 -56.68
C GLU A 463 -19.06 -25.77 -55.83
N VAL A 464 -19.17 -26.11 -54.55
CA VAL A 464 -18.02 -26.14 -53.67
C VAL A 464 -17.86 -27.53 -53.07
N ASP A 465 -16.63 -27.86 -52.73
CA ASP A 465 -16.35 -28.95 -51.80
C ASP A 465 -16.86 -28.51 -50.43
N PRO A 466 -17.79 -29.24 -49.81
CA PRO A 466 -18.40 -28.73 -48.56
C PRO A 466 -17.46 -28.74 -47.37
N GLU A 467 -16.30 -29.38 -47.47
CA GLU A 467 -15.34 -29.36 -46.38
C GLU A 467 -14.33 -28.22 -46.51
N THR A 468 -14.00 -27.81 -47.73
CA THR A 468 -13.00 -26.77 -47.92
C THR A 468 -13.56 -25.47 -48.49
N MET A 469 -14.79 -25.49 -49.01
CA MET A 469 -15.45 -24.35 -49.66
C MET A 469 -14.79 -24.00 -50.99
N GLN A 470 -13.93 -24.88 -51.51
CA GLN A 470 -13.27 -24.62 -52.78
C GLN A 470 -14.21 -24.89 -53.95
N THR A 471 -14.18 -24.01 -54.95
CA THR A 471 -14.89 -24.26 -56.20
C THR A 471 -14.04 -25.16 -57.11
N SER A 472 -14.52 -25.41 -58.32
CA SER A 472 -13.73 -26.21 -59.26
C SER A 472 -12.44 -25.52 -59.68
N GLU A 473 -12.27 -24.21 -59.39
CA GLU A 473 -10.98 -23.54 -59.58
C GLU A 473 -10.27 -23.46 -58.24
N PRO A 474 -9.03 -23.95 -58.13
CA PRO A 474 -8.40 -24.07 -56.80
C PRO A 474 -8.16 -22.74 -56.09
N TRP A 475 -8.03 -21.64 -56.82
CA TRP A 475 -7.80 -20.37 -56.17
C TRP A 475 -9.10 -19.63 -55.85
N VAL A 476 -10.25 -20.23 -56.10
CA VAL A 476 -11.56 -19.57 -55.97
C VAL A 476 -12.39 -20.34 -54.97
N PHE A 477 -12.86 -19.66 -53.93
CA PHE A 477 -13.67 -20.25 -52.88
C PHE A 477 -15.01 -19.51 -52.80
N ALA A 478 -15.99 -20.14 -52.15
CA ALA A 478 -17.32 -19.54 -52.06
C ALA A 478 -17.98 -19.94 -50.75
N GLY A 479 -18.89 -19.09 -50.26
CA GLY A 479 -19.56 -19.35 -49.01
C GLY A 479 -20.72 -18.41 -48.78
N GLY A 480 -21.56 -18.81 -47.83
CA GLY A 480 -22.73 -18.03 -47.50
C GLY A 480 -23.92 -18.46 -48.34
N ASP A 481 -24.87 -17.52 -48.49
CA ASP A 481 -26.11 -17.84 -49.20
C ASP A 481 -25.85 -18.31 -50.63
N ILE A 482 -24.77 -17.84 -51.26
CA ILE A 482 -24.52 -18.14 -52.67
C ILE A 482 -24.30 -19.63 -52.90
N VAL A 483 -23.90 -20.37 -51.86
CA VAL A 483 -23.70 -21.80 -51.99
C VAL A 483 -25.00 -22.59 -51.83
N GLY A 484 -26.03 -21.98 -51.26
CA GLY A 484 -27.33 -22.63 -51.23
C GLY A 484 -27.48 -23.71 -50.20
N MET A 485 -26.59 -23.76 -49.22
CA MET A 485 -26.69 -24.65 -48.08
C MET A 485 -27.06 -23.91 -46.81
N ALA A 486 -26.34 -22.84 -46.51
CA ALA A 486 -26.65 -21.98 -45.38
C ALA A 486 -27.89 -21.14 -45.67
N ASN A 487 -28.68 -20.91 -44.60
CA ASN A 487 -29.80 -19.99 -44.66
C ASN A 487 -29.81 -19.06 -43.45
N THR A 488 -28.68 -18.95 -42.74
CA THR A 488 -28.61 -18.20 -41.50
C THR A 488 -27.31 -17.42 -41.47
N THR A 489 -27.31 -16.37 -40.66
CA THR A 489 -26.12 -15.55 -40.50
C THR A 489 -24.97 -16.40 -39.98
N VAL A 490 -25.23 -17.22 -38.96
CA VAL A 490 -24.13 -17.93 -38.31
C VAL A 490 -23.55 -18.99 -39.24
N GLU A 491 -24.37 -19.59 -40.10
CA GLU A 491 -23.82 -20.58 -41.03
C GLU A 491 -23.05 -19.89 -42.15
N SER A 492 -23.47 -18.68 -42.53
CA SER A 492 -22.68 -17.90 -43.48
C SER A 492 -21.34 -17.50 -42.88
N VAL A 493 -21.36 -17.06 -41.63
CA VAL A 493 -20.12 -16.79 -40.91
C VAL A 493 -19.23 -18.03 -40.89
N ASN A 494 -19.83 -19.20 -40.66
CA ASN A 494 -19.04 -20.42 -40.57
C ASN A 494 -18.47 -20.82 -41.91
N ASP A 495 -19.20 -20.55 -42.99
CA ASP A 495 -18.68 -20.81 -44.33
C ASP A 495 -17.40 -20.03 -44.57
N GLY A 496 -17.39 -18.74 -44.19
CA GLY A 496 -16.19 -17.94 -44.40
C GLY A 496 -15.07 -18.34 -43.46
N LYS A 497 -15.43 -18.79 -42.26
CA LYS A 497 -14.46 -19.35 -41.34
C LYS A 497 -13.81 -20.60 -41.92
N GLN A 498 -14.62 -21.54 -42.39
CA GLN A 498 -14.10 -22.76 -42.98
C GLN A 498 -13.20 -22.46 -44.17
N ALA A 499 -13.63 -21.54 -45.04
CA ALA A 499 -12.86 -21.21 -46.24
C ALA A 499 -11.50 -20.61 -45.91
N SER A 500 -11.43 -19.80 -44.85
CA SER A 500 -10.19 -19.07 -44.56
C SER A 500 -9.02 -20.02 -44.37
N TRP A 501 -9.26 -21.16 -43.72
CA TRP A 501 -8.16 -22.10 -43.50
C TRP A 501 -7.65 -22.67 -44.82
N TYR A 502 -8.56 -23.07 -45.70
CA TYR A 502 -8.13 -23.71 -46.93
C TYR A 502 -7.66 -22.71 -47.97
N ILE A 503 -8.13 -21.45 -47.89
CA ILE A 503 -7.50 -20.38 -48.66
C ILE A 503 -6.04 -20.21 -48.22
N HIS A 504 -5.83 -20.13 -46.91
CA HIS A 504 -4.50 -20.05 -46.34
C HIS A 504 -3.64 -21.23 -46.78
N LYS A 505 -4.17 -22.44 -46.71
CA LYS A 505 -3.43 -23.60 -47.19
C LYS A 505 -3.04 -23.43 -48.66
N TYR A 506 -3.98 -22.97 -49.49
CA TYR A 506 -3.72 -22.86 -50.93
C TYR A 506 -2.67 -21.80 -51.24
N ILE A 507 -2.78 -20.63 -50.59
CA ILE A 507 -1.84 -19.55 -50.85
C ILE A 507 -0.44 -19.94 -50.39
N GLN A 508 -0.35 -20.51 -49.19
CA GLN A 508 0.96 -20.94 -48.69
C GLN A 508 1.60 -21.93 -49.65
N ALA A 509 0.81 -22.88 -50.17
CA ALA A 509 1.33 -23.85 -51.12
C ALA A 509 1.79 -23.18 -52.42
N GLN A 510 1.10 -22.11 -52.84
CA GLN A 510 1.52 -21.42 -54.06
C GLN A 510 2.86 -20.73 -53.88
N TYR A 511 3.20 -20.38 -52.64
CA TYR A 511 4.51 -19.81 -52.33
C TYR A 511 5.50 -20.86 -51.86
N GLY A 512 5.17 -22.14 -51.99
CA GLY A 512 6.08 -23.20 -51.63
C GLY A 512 6.19 -23.48 -50.15
N ALA A 513 5.17 -23.20 -49.36
CA ALA A 513 5.19 -23.42 -47.92
C ALA A 513 4.03 -24.32 -47.52
N SER A 514 4.27 -25.16 -46.53
CA SER A 514 3.24 -26.05 -46.01
C SER A 514 2.57 -25.45 -44.78
N VAL A 515 1.43 -26.02 -44.40
CA VAL A 515 0.74 -25.68 -43.17
C VAL A 515 0.48 -26.97 -42.39
N SER A 516 0.14 -26.81 -41.13
CA SER A 516 -0.08 -27.97 -40.27
C SER A 516 -1.30 -28.76 -40.73
N ALA A 517 -1.22 -30.08 -40.57
CA ALA A 517 -2.33 -30.93 -40.98
C ALA A 517 -3.57 -30.68 -40.15
N LYS A 518 -3.40 -30.15 -38.93
CA LYS A 518 -4.53 -29.84 -38.08
C LYS A 518 -4.87 -28.37 -38.19
N PRO A 519 -6.05 -28.00 -38.68
CA PRO A 519 -6.43 -26.58 -38.76
C PRO A 519 -6.31 -25.86 -37.43
N GLU A 520 -5.71 -24.65 -37.47
CA GLU A 520 -5.34 -23.86 -36.28
C GLU A 520 -5.64 -22.37 -36.54
N LEU A 521 -6.93 -22.00 -36.53
CA LEU A 521 -7.27 -20.58 -36.69
C LEU A 521 -7.04 -19.83 -35.37
N PRO A 522 -6.50 -18.61 -35.44
CA PRO A 522 -6.23 -17.86 -34.19
C PRO A 522 -7.51 -17.42 -33.52
N LEU A 523 -7.39 -17.18 -32.22
CA LEU A 523 -8.46 -16.61 -31.41
C LEU A 523 -8.55 -15.11 -31.68
N PHE A 524 -9.42 -14.43 -30.92
CA PHE A 524 -9.67 -13.00 -31.03
C PHE A 524 -8.94 -12.28 -29.90
N TYR A 525 -8.19 -11.23 -30.24
CA TYR A 525 -7.37 -10.53 -29.26
C TYR A 525 -7.69 -9.04 -29.22
N THR A 526 -7.47 -8.45 -28.05
CA THR A 526 -7.57 -7.01 -27.80
C THR A 526 -6.38 -6.60 -26.94
N PRO A 527 -6.20 -5.30 -26.70
CA PRO A 527 -5.10 -4.89 -25.80
C PRO A 527 -5.25 -5.40 -24.38
N VAL A 528 -6.46 -5.76 -23.95
CA VAL A 528 -6.64 -6.33 -22.61
C VAL A 528 -5.77 -7.56 -22.41
N ASP A 529 -5.58 -8.35 -23.47
CA ASP A 529 -4.86 -9.61 -23.36
C ASP A 529 -3.37 -9.42 -23.12
N LEU A 530 -2.84 -8.22 -23.33
CA LEU A 530 -1.44 -7.94 -23.06
C LEU A 530 -1.19 -7.50 -21.63
N VAL A 531 -2.23 -7.44 -20.80
CA VAL A 531 -2.09 -6.93 -19.43
C VAL A 531 -1.34 -7.94 -18.57
N ASP A 532 -0.35 -7.45 -17.81
CA ASP A 532 0.48 -8.27 -16.94
C ASP A 532 -0.22 -8.50 -15.60
N ILE A 533 -0.47 -9.77 -15.26
CA ILE A 533 -1.11 -10.10 -13.98
C ILE A 533 -0.19 -10.95 -13.10
N SER A 534 1.12 -10.88 -13.32
CA SER A 534 2.06 -11.54 -12.44
C SER A 534 2.21 -10.75 -11.14
N VAL A 535 2.70 -11.43 -10.10
CA VAL A 535 2.86 -10.83 -8.79
C VAL A 535 4.00 -11.54 -8.07
N GLU A 536 4.76 -10.78 -7.29
CA GLU A 536 5.83 -11.30 -6.46
C GLU A 536 5.40 -11.30 -5.00
N MET A 537 5.70 -12.38 -4.29
CA MET A 537 5.36 -12.43 -2.87
C MET A 537 6.33 -13.34 -2.15
N ALA A 538 6.91 -12.82 -1.06
CA ALA A 538 7.86 -13.58 -0.24
C ALA A 538 9.03 -14.12 -1.08
N GLY A 539 9.47 -13.32 -2.05
CA GLY A 539 10.54 -13.73 -2.92
C GLY A 539 10.17 -14.73 -4.00
N LEU A 540 8.90 -15.11 -4.11
CA LEU A 540 8.46 -16.01 -5.16
C LEU A 540 7.78 -15.22 -6.27
N LYS A 541 7.94 -15.68 -7.51
CA LYS A 541 7.30 -15.03 -8.66
C LYS A 541 6.13 -15.89 -9.13
N PHE A 542 4.94 -15.31 -9.17
CA PHE A 542 3.74 -16.01 -9.61
C PHE A 542 3.33 -15.46 -10.97
N ILE A 543 3.12 -16.34 -11.94
CA ILE A 543 2.77 -15.87 -13.28
C ILE A 543 1.34 -15.33 -13.32
N ASN A 544 0.48 -15.77 -12.39
CA ASN A 544 -0.79 -15.11 -12.11
C ASN A 544 -1.15 -15.43 -10.67
N PRO A 545 -2.05 -14.66 -10.05
CA PRO A 545 -2.26 -14.80 -8.61
C PRO A 545 -3.19 -15.94 -8.21
N PHE A 546 -3.64 -16.77 -9.14
CA PHE A 546 -4.64 -17.79 -8.84
C PHE A 546 -3.99 -19.16 -8.66
N GLY A 547 -4.38 -19.84 -7.59
CA GLY A 547 -3.80 -21.15 -7.30
C GLY A 547 -4.84 -22.07 -6.69
N LEU A 548 -4.55 -23.37 -6.79
CA LEU A 548 -5.37 -24.39 -6.15
C LEU A 548 -4.99 -24.53 -4.68
N ALA A 549 -6.00 -24.42 -3.81
CA ALA A 549 -5.81 -24.66 -2.38
C ALA A 549 -5.50 -26.14 -2.13
N SER A 550 -5.00 -26.43 -0.94
CA SER A 550 -4.79 -27.81 -0.49
C SER A 550 -6.16 -28.41 -0.19
N ALA A 551 -6.69 -29.23 -1.10
CA ALA A 551 -8.08 -29.69 -0.99
C ALA A 551 -8.35 -30.76 -2.04
N ALA A 552 -9.64 -31.08 -2.23
CA ALA A 552 -10.00 -32.16 -3.15
C ALA A 552 -9.51 -31.98 -4.57
N PRO A 553 -9.47 -30.77 -5.16
CA PRO A 553 -8.87 -30.63 -6.50
C PRO A 553 -7.38 -30.92 -6.56
N THR A 554 -6.70 -31.06 -5.42
CA THR A 554 -5.30 -31.48 -5.42
C THR A 554 -5.13 -32.82 -4.72
N THR A 555 -6.16 -33.67 -4.83
CA THR A 555 -6.11 -35.04 -4.33
C THR A 555 -4.93 -35.82 -4.92
N SER A 556 -4.67 -35.65 -6.22
CA SER A 556 -3.60 -36.36 -6.91
C SER A 556 -2.74 -35.37 -7.68
N SER A 557 -1.44 -35.66 -7.78
CA SER A 557 -0.55 -34.74 -8.46
C SER A 557 -0.80 -34.70 -9.97
N SER A 558 -1.40 -35.74 -10.54
CA SER A 558 -1.79 -35.70 -11.95
C SER A 558 -2.83 -34.62 -12.20
N MET A 559 -3.56 -34.28 -11.15
CA MET A 559 -4.63 -33.29 -11.19
C MET A 559 -4.00 -31.91 -11.20
N ILE A 560 -2.96 -31.73 -10.39
CA ILE A 560 -2.16 -30.51 -10.42
C ILE A 560 -1.52 -30.31 -11.79
N ARG A 561 -0.98 -31.40 -12.37
CA ARG A 561 -0.38 -31.31 -13.70
C ARG A 561 -1.38 -30.73 -14.70
N ARG A 562 -2.61 -31.22 -14.69
CA ARG A 562 -3.58 -30.72 -15.65
C ARG A 562 -3.99 -29.28 -15.33
N ALA A 563 -4.03 -28.94 -14.04
CA ALA A 563 -4.31 -27.56 -13.66
C ALA A 563 -3.23 -26.61 -14.17
N PHE A 564 -1.97 -27.01 -14.09
CA PHE A 564 -0.92 -26.15 -14.63
C PHE A 564 -1.05 -26.03 -16.13
N GLU A 565 -1.38 -27.14 -16.81
CA GLU A 565 -1.57 -27.09 -18.26
C GLU A 565 -2.75 -26.21 -18.64
N ALA A 566 -3.73 -26.06 -17.75
CA ALA A 566 -4.87 -25.19 -18.03
C ALA A 566 -4.57 -23.71 -17.77
N GLY A 567 -3.55 -23.40 -16.97
CA GLY A 567 -3.17 -22.01 -16.76
C GLY A 567 -3.02 -21.57 -15.32
N TRP A 568 -3.29 -22.45 -14.35
CA TRP A 568 -3.23 -22.03 -12.95
C TRP A 568 -1.82 -21.61 -12.58
N GLY A 569 -1.72 -20.53 -11.81
CA GLY A 569 -0.41 -19.99 -11.47
C GLY A 569 0.33 -20.81 -10.43
N PHE A 570 -0.38 -21.39 -9.47
CA PHE A 570 0.28 -22.17 -8.44
C PHE A 570 -0.67 -23.22 -7.90
N ALA A 571 -0.12 -24.12 -7.09
CA ALA A 571 -0.97 -25.13 -6.47
C ALA A 571 -0.32 -25.64 -5.19
N LEU A 572 -1.17 -26.01 -4.25
CA LEU A 572 -0.79 -26.65 -3.01
C LEU A 572 -0.96 -28.16 -3.18
N THR A 573 -0.03 -28.95 -2.62
CA THR A 573 -0.38 -30.35 -2.49
C THR A 573 -1.51 -30.50 -1.48
N LYS A 574 -2.27 -31.60 -1.61
CA LYS A 574 -3.08 -32.02 -0.47
C LYS A 574 -2.16 -32.19 0.72
N THR A 575 -2.63 -31.82 1.91
CA THR A 575 -1.78 -31.91 3.10
C THR A 575 -1.29 -33.34 3.30
N PHE A 576 0.02 -33.53 3.48
CA PHE A 576 0.54 -34.87 3.73
C PHE A 576 1.38 -34.87 5.01
N SER A 577 1.68 -36.09 5.47
CA SER A 577 2.28 -36.29 6.78
C SER A 577 3.29 -37.43 6.72
N LEU A 578 3.98 -37.64 7.85
CA LEU A 578 4.88 -38.78 7.96
C LEU A 578 4.10 -40.09 7.92
N ASP A 579 4.79 -41.17 7.55
CA ASP A 579 4.15 -42.48 7.42
C ASP A 579 3.41 -42.87 8.69
N LYS A 580 4.00 -42.61 9.86
CA LYS A 580 3.36 -43.02 11.10
C LYS A 580 2.03 -42.32 11.34
N ASP A 581 1.74 -41.23 10.62
CA ASP A 581 0.51 -40.49 10.81
C ASP A 581 -0.51 -40.74 9.71
N ILE A 582 -0.33 -41.82 8.93
CA ILE A 582 -1.19 -42.08 7.77
C ILE A 582 -2.65 -42.18 8.21
N VAL A 583 -3.55 -41.56 7.42
CA VAL A 583 -4.96 -41.45 7.77
C VAL A 583 -5.79 -42.31 6.82
N THR A 584 -7.03 -42.58 7.22
CA THR A 584 -7.99 -43.32 6.41
C THR A 584 -9.33 -42.59 6.40
N ASN A 585 -9.77 -42.15 5.22
CA ASN A 585 -11.02 -41.39 5.11
C ASN A 585 -12.24 -42.27 5.33
N VAL A 586 -13.34 -41.63 5.76
CA VAL A 586 -14.64 -42.27 5.81
C VAL A 586 -15.44 -41.83 4.58
N SER A 587 -16.58 -42.46 4.36
CA SER A 587 -17.51 -42.01 3.33
C SER A 587 -18.94 -42.29 3.79
N PRO A 588 -19.89 -41.41 3.44
CA PRO A 588 -19.76 -40.18 2.65
C PRO A 588 -19.01 -39.09 3.42
N ARG A 589 -18.40 -38.10 2.74
CA ARG A 589 -17.61 -37.13 3.49
C ARG A 589 -17.64 -35.70 2.96
N ILE A 590 -18.18 -35.43 1.77
CA ILE A 590 -18.30 -34.08 1.25
C ILE A 590 -19.72 -33.88 0.75
N VAL A 591 -20.41 -32.87 1.28
CA VAL A 591 -21.81 -32.65 0.97
C VAL A 591 -22.03 -31.18 0.58
N ARG A 592 -23.16 -30.95 -0.10
CA ARG A 592 -23.52 -29.61 -0.52
C ARG A 592 -24.04 -28.81 0.66
N GLY A 593 -23.88 -27.50 0.57
CA GLY A 593 -24.36 -26.62 1.61
C GLY A 593 -25.85 -26.35 1.48
N THR A 594 -26.47 -26.06 2.61
CA THR A 594 -27.86 -25.62 2.69
C THR A 594 -27.96 -24.12 2.88
N THR A 595 -26.84 -23.43 2.68
CA THR A 595 -26.71 -22.02 3.00
C THR A 595 -27.48 -21.09 2.06
N SER A 596 -27.98 -21.58 0.93
CA SER A 596 -28.82 -20.75 0.08
C SER A 596 -30.07 -21.51 -0.40
N GLY A 597 -30.56 -22.42 0.43
CA GLY A 597 -31.82 -23.08 0.15
C GLY A 597 -31.70 -24.24 -0.81
N PRO A 598 -32.85 -24.78 -1.23
CA PRO A 598 -32.90 -25.99 -2.08
C PRO A 598 -32.67 -25.69 -3.55
N MET A 599 -31.51 -25.11 -3.84
CA MET A 599 -31.06 -24.88 -5.20
C MET A 599 -29.95 -25.90 -5.48
N TYR A 600 -30.17 -26.75 -6.49
CA TYR A 600 -29.27 -27.84 -6.81
C TYR A 600 -28.52 -27.54 -8.10
N GLY A 601 -27.35 -28.17 -8.24
CA GLY A 601 -26.56 -28.04 -9.43
C GLY A 601 -25.53 -26.94 -9.34
N PRO A 602 -25.41 -26.12 -10.38
CA PRO A 602 -24.29 -25.18 -10.47
C PRO A 602 -24.33 -24.15 -9.34
N GLY A 603 -23.15 -23.69 -8.95
CA GLY A 603 -23.06 -22.59 -8.01
C GLY A 603 -23.53 -22.87 -6.60
N GLN A 604 -23.16 -24.03 -6.04
CA GLN A 604 -23.46 -24.26 -4.63
C GLN A 604 -22.77 -23.21 -3.78
N SER A 605 -23.50 -22.66 -2.82
CA SER A 605 -22.97 -21.58 -2.00
C SER A 605 -22.05 -22.07 -0.90
N SER A 606 -22.01 -23.38 -0.63
CA SER A 606 -21.01 -23.92 0.28
C SER A 606 -20.92 -25.43 0.06
N PHE A 607 -19.84 -26.00 0.62
CA PHE A 607 -19.76 -27.43 0.88
C PHE A 607 -19.41 -27.61 2.35
N LEU A 608 -19.69 -28.79 2.88
CA LEU A 608 -19.14 -29.22 4.15
C LEU A 608 -18.42 -30.54 3.95
N ASN A 609 -17.24 -30.67 4.54
CA ASN A 609 -16.46 -31.90 4.43
C ASN A 609 -15.99 -32.37 5.80
N ILE A 610 -15.93 -33.70 5.94
CA ILE A 610 -15.27 -34.31 7.09
C ILE A 610 -14.10 -35.13 6.55
N GLU A 611 -13.43 -34.61 5.52
CA GLU A 611 -12.26 -35.25 4.97
C GLU A 611 -11.04 -34.99 5.85
N LEU A 612 -10.11 -35.94 5.85
CA LEU A 612 -8.85 -35.80 6.58
C LEU A 612 -7.79 -35.26 5.62
N ILE A 613 -6.52 -35.35 6.04
CA ILE A 613 -5.42 -34.95 5.16
C ILE A 613 -5.23 -36.05 4.11
N SER A 614 -4.20 -35.93 3.28
CA SER A 614 -4.05 -36.85 2.15
C SER A 614 -3.93 -38.30 2.62
N GLU A 615 -4.58 -39.21 1.90
CA GLU A 615 -4.35 -40.63 2.11
C GLU A 615 -3.09 -41.12 1.40
N LYS A 616 -2.48 -40.28 0.56
CA LYS A 616 -1.28 -40.67 -0.15
C LYS A 616 -0.04 -40.33 0.68
N THR A 617 1.02 -41.11 0.45
CA THR A 617 2.21 -41.06 1.29
C THR A 617 3.06 -39.84 1.00
N ALA A 618 3.87 -39.47 1.99
CA ALA A 618 4.87 -38.43 1.80
C ALA A 618 5.79 -38.75 0.62
N ALA A 619 6.15 -40.03 0.46
CA ALA A 619 7.02 -40.40 -0.66
C ALA A 619 6.34 -40.11 -2.00
N TYR A 620 5.04 -40.41 -2.10
CA TYR A 620 4.30 -40.06 -3.31
C TYR A 620 4.35 -38.57 -3.56
N TRP A 621 4.12 -37.77 -2.52
CA TRP A 621 4.02 -36.33 -2.71
C TRP A 621 5.38 -35.71 -3.01
N CYS A 622 6.43 -36.18 -2.33
CA CYS A 622 7.74 -35.60 -2.54
C CYS A 622 8.25 -35.91 -3.95
N GLN A 623 8.05 -37.14 -4.41
CA GLN A 623 8.40 -37.46 -5.79
C GLN A 623 7.56 -36.67 -6.77
N SER A 624 6.26 -36.53 -6.50
CA SER A 624 5.40 -35.76 -7.38
C SER A 624 5.83 -34.30 -7.47
N VAL A 625 6.22 -33.72 -6.33
CA VAL A 625 6.65 -32.33 -6.35
C VAL A 625 7.88 -32.16 -7.23
N THR A 626 8.81 -33.13 -7.17
CA THR A 626 9.99 -33.05 -8.03
C THR A 626 9.60 -33.12 -9.51
N GLU A 627 8.69 -34.04 -9.87
CA GLU A 627 8.23 -34.11 -11.25
C GLU A 627 7.51 -32.84 -11.69
N LEU A 628 6.63 -32.31 -10.84
CA LEU A 628 5.90 -31.11 -11.25
C LEU A 628 6.82 -29.92 -11.40
N LYS A 629 7.82 -29.78 -10.52
CA LYS A 629 8.74 -28.64 -10.64
C LYS A 629 9.69 -28.79 -11.83
N ALA A 630 10.04 -30.02 -12.20
CA ALA A 630 10.87 -30.24 -13.37
C ALA A 630 10.14 -29.84 -14.64
N ASP A 631 8.84 -30.17 -14.73
CA ASP A 631 8.03 -29.91 -15.92
C ASP A 631 7.42 -28.53 -15.95
N PHE A 632 7.24 -27.87 -14.80
CA PHE A 632 6.57 -26.58 -14.73
C PHE A 632 7.37 -25.64 -13.83
N PRO A 633 8.60 -25.28 -14.22
CA PRO A 633 9.43 -24.45 -13.35
C PRO A 633 8.86 -23.05 -13.09
N ASP A 634 8.04 -22.51 -13.98
CA ASP A 634 7.43 -21.22 -13.74
C ASP A 634 6.15 -21.29 -12.89
N ASN A 635 5.64 -22.48 -12.60
CA ASN A 635 4.44 -22.63 -11.78
C ASN A 635 4.84 -22.96 -10.35
N ILE A 636 4.30 -22.20 -9.39
CA ILE A 636 4.72 -22.33 -8.00
C ILE A 636 4.05 -23.55 -7.39
N VAL A 637 4.83 -24.41 -6.74
CA VAL A 637 4.30 -25.56 -6.03
C VAL A 637 4.62 -25.42 -4.55
N ILE A 638 3.61 -25.49 -3.72
CA ILE A 638 3.74 -25.37 -2.28
C ILE A 638 3.33 -26.68 -1.65
N ALA A 639 4.24 -27.29 -0.90
CA ALA A 639 3.91 -28.52 -0.18
C ALA A 639 3.20 -28.17 1.12
N SER A 640 1.98 -28.67 1.30
CA SER A 640 1.25 -28.54 2.56
C SER A 640 1.56 -29.75 3.44
N ILE A 641 1.91 -29.51 4.70
CA ILE A 641 2.34 -30.60 5.57
C ILE A 641 1.73 -30.46 6.95
N MET A 642 1.61 -31.59 7.64
CA MET A 642 1.03 -31.66 8.98
C MET A 642 1.83 -32.62 9.85
N CYS A 643 2.15 -32.18 11.07
CA CYS A 643 2.63 -33.08 12.11
C CYS A 643 1.87 -32.83 13.39
N SER A 644 1.93 -33.82 14.28
CA SER A 644 1.56 -33.58 15.66
C SER A 644 2.57 -32.63 16.31
N TYR A 645 2.29 -32.22 17.54
CA TYR A 645 3.09 -31.17 18.17
C TYR A 645 4.41 -31.76 18.64
N ASN A 646 5.31 -31.98 17.69
CA ASN A 646 6.56 -32.69 17.94
C ASN A 646 7.65 -32.00 17.12
N LYS A 647 8.71 -31.55 17.79
CA LYS A 647 9.76 -30.80 17.11
C LYS A 647 10.47 -31.66 16.06
N ASN A 648 10.83 -32.90 16.43
CA ASN A 648 11.54 -33.76 15.47
C ASN A 648 10.69 -34.04 14.24
N ASP A 649 9.39 -34.27 14.44
CA ASP A 649 8.50 -34.57 13.33
C ASP A 649 8.40 -33.39 12.38
N TRP A 650 8.19 -32.18 12.91
CA TRP A 650 8.06 -31.01 12.03
C TRP A 650 9.34 -30.74 11.25
N MET A 651 10.50 -30.93 11.88
CA MET A 651 11.73 -30.68 11.12
C MET A 651 11.99 -31.78 10.10
N GLU A 652 11.71 -33.04 10.44
CA GLU A 652 11.90 -34.12 9.47
C GLU A 652 11.01 -33.90 8.25
N LEU A 653 9.71 -33.73 8.47
CA LEU A 653 8.79 -33.61 7.35
C LEU A 653 9.10 -32.37 6.50
N SER A 654 9.35 -31.23 7.16
CA SER A 654 9.57 -30.01 6.38
C SER A 654 10.85 -30.10 5.55
N ARG A 655 11.89 -30.77 6.09
CA ARG A 655 13.12 -30.98 5.33
C ARG A 655 12.90 -31.92 4.13
N LYS A 656 12.08 -32.95 4.31
CA LYS A 656 11.75 -33.83 3.18
C LYS A 656 11.05 -33.06 2.07
N ALA A 657 10.10 -32.21 2.42
CA ALA A 657 9.35 -31.48 1.41
C ALA A 657 10.23 -30.46 0.70
N GLU A 658 11.10 -29.78 1.45
CA GLU A 658 12.03 -28.84 0.83
C GLU A 658 13.02 -29.56 -0.10
N ALA A 659 13.53 -30.73 0.33
CA ALA A 659 14.46 -31.45 -0.53
C ALA A 659 13.80 -31.96 -1.80
N SER A 660 12.48 -32.10 -1.82
CA SER A 660 11.79 -32.50 -3.04
C SER A 660 11.74 -31.39 -4.07
N GLY A 661 12.03 -30.17 -3.66
CA GLY A 661 12.03 -29.03 -4.57
C GLY A 661 10.83 -28.11 -4.47
N ALA A 662 10.02 -28.22 -3.41
CA ALA A 662 8.89 -27.32 -3.25
C ALA A 662 9.37 -25.88 -3.18
N ASP A 663 8.66 -24.98 -3.86
CA ASP A 663 8.99 -23.56 -3.77
C ASP A 663 8.80 -23.02 -2.37
N ALA A 664 7.82 -23.57 -1.65
CA ALA A 664 7.50 -23.12 -0.31
C ALA A 664 6.73 -24.23 0.38
N LEU A 665 6.54 -24.07 1.67
CA LEU A 665 5.73 -24.97 2.48
C LEU A 665 4.53 -24.21 3.04
N GLU A 666 3.45 -24.95 3.24
CA GLU A 666 2.31 -24.44 3.98
C GLU A 666 2.10 -25.39 5.15
N LEU A 667 2.04 -24.83 6.36
CA LEU A 667 1.91 -25.63 7.57
C LEU A 667 0.42 -25.70 7.92
N ASN A 668 -0.13 -26.90 7.83
CA ASN A 668 -1.51 -27.12 8.25
C ASN A 668 -1.53 -27.25 9.77
N LEU A 669 -2.13 -26.27 10.45
CA LEU A 669 -2.12 -26.21 11.90
C LEU A 669 -3.36 -26.87 12.53
N SER A 670 -3.91 -27.89 11.90
CA SER A 670 -5.16 -28.51 12.35
C SER A 670 -4.96 -29.67 13.32
N ALA A 671 -3.74 -30.17 13.47
CA ALA A 671 -3.53 -31.31 14.35
C ALA A 671 -3.92 -30.93 15.78
N PRO A 672 -4.57 -31.85 16.51
CA PRO A 672 -4.97 -31.53 17.88
C PRO A 672 -3.79 -31.56 18.85
N HIS A 673 -4.00 -30.91 20.00
CA HIS A 673 -3.03 -30.95 21.09
C HIS A 673 -3.70 -30.48 22.37
N GLY A 674 -3.49 -31.23 23.45
CA GLY A 674 -4.01 -30.87 24.76
C GLY A 674 -5.46 -31.25 25.02
N GLY A 681 -8.59 -23.79 22.53
CA GLY A 681 -9.22 -24.88 21.79
C GLY A 681 -8.42 -26.17 21.83
N LEU A 682 -8.56 -26.98 20.78
CA LEU A 682 -7.92 -28.28 20.68
C LEU A 682 -6.82 -28.33 19.64
N ALA A 683 -6.97 -27.64 18.51
CA ALA A 683 -5.97 -27.69 17.45
C ALA A 683 -4.83 -26.74 17.75
N CYS A 684 -3.63 -27.09 17.26
CA CYS A 684 -2.50 -26.18 17.47
C CYS A 684 -2.75 -24.81 16.86
N GLY A 685 -3.51 -24.75 15.76
CA GLY A 685 -3.78 -23.46 15.14
C GLY A 685 -4.62 -22.51 15.96
N GLN A 686 -5.22 -22.97 17.05
CA GLN A 686 -6.04 -22.11 17.90
C GLN A 686 -5.28 -21.55 19.10
N ASP A 687 -4.01 -21.89 19.27
CA ASP A 687 -3.22 -21.48 20.42
C ASP A 687 -1.98 -20.72 19.93
N PRO A 688 -1.80 -19.44 20.28
CA PRO A 688 -0.64 -18.71 19.74
C PRO A 688 0.71 -19.29 20.14
N GLU A 689 0.86 -19.79 21.37
CA GLU A 689 2.16 -20.31 21.77
C GLU A 689 2.54 -21.57 20.99
N LEU A 690 1.57 -22.43 20.69
CA LEU A 690 1.87 -23.61 19.90
C LEU A 690 2.25 -23.23 18.47
N VAL A 691 1.59 -22.21 17.91
CA VAL A 691 1.89 -21.80 16.55
C VAL A 691 3.27 -21.17 16.48
N ARG A 692 3.64 -20.39 17.49
CA ARG A 692 4.95 -19.76 17.50
C ARG A 692 6.05 -20.81 17.53
N ASN A 693 5.86 -21.87 18.33
CA ASN A 693 6.93 -22.87 18.46
C ASN A 693 7.06 -23.70 17.19
N ILE A 694 5.93 -24.09 16.61
CA ILE A 694 5.95 -24.86 15.36
C ILE A 694 6.67 -24.07 14.27
N CYS A 695 6.37 -22.77 14.15
CA CYS A 695 7.04 -21.98 13.13
C CYS A 695 8.54 -21.85 13.43
N ARG A 696 8.90 -21.74 14.70
CA ARG A 696 10.31 -21.68 15.05
C ARG A 696 11.01 -22.98 14.70
N TRP A 697 10.34 -24.12 14.91
CA TRP A 697 10.93 -25.41 14.56
C TRP A 697 11.19 -25.51 13.07
N VAL A 698 10.20 -25.11 12.26
CA VAL A 698 10.31 -25.22 10.82
C VAL A 698 11.33 -24.23 10.28
N ARG A 699 11.38 -23.03 10.86
CA ARG A 699 12.33 -22.03 10.39
C ARG A 699 13.77 -22.50 10.59
N GLN A 700 14.04 -23.20 11.70
CA GLN A 700 15.36 -23.79 11.92
C GLN A 700 15.68 -24.87 10.90
N ALA A 701 14.65 -25.59 10.44
CA ALA A 701 14.86 -26.80 9.64
C ALA A 701 15.06 -26.52 8.16
N VAL A 702 14.42 -25.49 7.60
CA VAL A 702 14.44 -25.25 6.17
C VAL A 702 14.85 -23.82 5.89
N GLN A 703 15.29 -23.58 4.66
CA GLN A 703 15.63 -22.25 4.19
C GLN A 703 14.63 -21.65 3.21
N ILE A 704 13.71 -22.45 2.68
CA ILE A 704 12.71 -21.95 1.73
C ILE A 704 11.59 -21.26 2.51
N PRO A 705 10.81 -20.37 1.89
CA PRO A 705 9.74 -19.70 2.63
C PRO A 705 8.67 -20.69 3.06
N PHE A 706 8.00 -20.37 4.15
CA PHE A 706 6.86 -21.18 4.57
C PHE A 706 5.78 -20.29 5.13
N PHE A 707 4.55 -20.79 5.05
CA PHE A 707 3.36 -20.05 5.40
C PHE A 707 2.53 -20.88 6.37
N ALA A 708 2.03 -20.25 7.42
CA ALA A 708 1.17 -20.93 8.38
C ALA A 708 -0.29 -20.77 7.93
N LYS A 709 -0.99 -21.89 7.80
CA LYS A 709 -2.40 -21.84 7.39
C LYS A 709 -3.25 -21.71 8.64
N LEU A 710 -3.93 -20.57 8.77
CA LEU A 710 -4.68 -20.22 9.96
C LEU A 710 -6.09 -20.80 9.90
N THR A 711 -6.59 -21.19 11.06
CA THR A 711 -8.02 -21.51 11.15
C THR A 711 -8.82 -20.26 11.51
N PRO A 712 -10.03 -20.10 10.96
CA PRO A 712 -10.89 -18.99 11.40
C PRO A 712 -11.63 -19.27 12.69
N ASN A 713 -11.50 -20.48 13.23
CA ASN A 713 -12.24 -20.89 14.42
C ASN A 713 -11.46 -20.49 15.68
N VAL A 714 -11.21 -19.19 15.79
CA VAL A 714 -10.46 -18.61 16.90
C VAL A 714 -11.07 -17.28 17.29
N THR A 715 -10.89 -16.92 18.57
CA THR A 715 -11.38 -15.63 19.03
C THR A 715 -10.62 -14.49 18.37
N ASP A 716 -9.30 -14.62 18.19
CA ASP A 716 -8.50 -13.50 17.70
C ASP A 716 -7.46 -14.05 16.71
N ILE A 717 -7.81 -14.02 15.42
CA ILE A 717 -6.91 -14.59 14.42
C ILE A 717 -5.66 -13.74 14.23
N VAL A 718 -5.72 -12.44 14.52
CA VAL A 718 -4.52 -11.60 14.45
C VAL A 718 -3.46 -12.13 15.42
N SER A 719 -3.87 -12.60 16.59
CA SER A 719 -2.89 -13.08 17.56
C SER A 719 -2.19 -14.35 17.06
N ILE A 720 -2.92 -15.21 16.34
CA ILE A 720 -2.28 -16.40 15.76
C ILE A 720 -1.32 -16.00 14.65
N ALA A 721 -1.72 -15.05 13.80
CA ALA A 721 -0.85 -14.59 12.72
C ALA A 721 0.40 -13.94 13.28
N ARG A 722 0.25 -13.11 14.33
CA ARG A 722 1.41 -12.49 14.96
C ARG A 722 2.36 -13.54 15.52
N ALA A 723 1.80 -14.56 16.18
CA ALA A 723 2.62 -15.66 16.70
C ALA A 723 3.45 -16.31 15.60
N ALA A 724 2.84 -16.55 14.43
CA ALA A 724 3.58 -17.21 13.34
C ALA A 724 4.69 -16.31 12.81
N LYS A 725 4.41 -15.00 12.70
CA LYS A 725 5.43 -14.05 12.28
C LYS A 725 6.60 -14.03 13.27
N GLU A 726 6.28 -13.93 14.56
CA GLU A 726 7.33 -14.02 15.59
C GLU A 726 8.12 -15.31 15.48
N GLY A 727 7.47 -16.41 15.11
CA GLY A 727 8.19 -17.67 15.02
C GLY A 727 8.99 -17.86 13.76
N GLY A 728 8.87 -16.96 12.79
CA GLY A 728 9.70 -17.00 11.61
C GLY A 728 8.97 -17.29 10.32
N ALA A 729 7.64 -17.44 10.34
CA ALA A 729 6.92 -17.71 9.11
C ALA A 729 7.07 -16.53 8.14
N ASP A 730 7.03 -16.84 6.85
CA ASP A 730 7.14 -15.84 5.81
C ASP A 730 5.80 -15.28 5.38
N GLY A 731 4.70 -15.77 5.95
CA GLY A 731 3.37 -15.33 5.59
C GLY A 731 2.35 -16.24 6.25
N VAL A 732 1.08 -15.95 5.95
CA VAL A 732 -0.01 -16.79 6.44
C VAL A 732 -1.01 -17.04 5.33
N THR A 733 -1.60 -18.23 5.35
CA THR A 733 -2.75 -18.56 4.52
C THR A 733 -4.00 -18.36 5.37
N ALA A 734 -4.91 -17.53 4.88
CA ALA A 734 -6.12 -17.14 5.60
C ALA A 734 -7.30 -17.29 4.65
N THR A 735 -8.20 -18.24 4.91
CA THR A 735 -8.20 -19.11 6.09
C THR A 735 -8.61 -20.52 5.72
N ASN A 736 -8.49 -21.44 6.66
CA ASN A 736 -9.04 -22.78 6.50
C ASN A 736 -10.58 -22.73 6.61
N THR A 737 -11.21 -23.90 6.73
CA THR A 737 -12.67 -23.97 6.75
C THR A 737 -13.22 -23.53 8.10
N VAL A 738 -14.48 -23.11 8.08
CA VAL A 738 -15.22 -22.76 9.28
C VAL A 738 -15.92 -24.00 9.80
N SER A 739 -15.80 -24.24 11.09
CA SER A 739 -16.38 -25.44 11.68
C SER A 739 -17.90 -25.31 11.73
N GLY A 740 -18.60 -26.35 11.27
CA GLY A 740 -20.05 -26.28 11.19
C GLY A 740 -20.73 -27.65 11.19
N LEU A 741 -22.05 -27.60 11.25
CA LEU A 741 -22.92 -28.75 11.00
C LEU A 741 -23.90 -28.30 9.94
N MET A 742 -23.96 -29.00 8.80
CA MET A 742 -24.63 -28.40 7.67
C MET A 742 -26.15 -28.55 7.78
N GLY A 743 -26.61 -29.57 8.48
CA GLY A 743 -28.03 -29.70 8.71
C GLY A 743 -28.39 -31.14 9.06
N LEU A 744 -29.68 -31.33 9.28
CA LEU A 744 -30.21 -32.62 9.66
C LEU A 744 -31.42 -32.94 8.79
N LYS A 745 -31.62 -34.23 8.55
CA LYS A 745 -32.86 -34.67 7.92
C LYS A 745 -34.01 -34.49 8.91
N ALA A 746 -35.24 -34.55 8.39
CA ALA A 746 -36.38 -34.32 9.25
C ALA A 746 -36.50 -35.37 10.35
N ASP A 747 -35.95 -36.57 10.16
CA ASP A 747 -35.95 -37.57 11.21
C ASP A 747 -34.83 -37.37 12.22
N GLY A 748 -34.03 -36.33 12.08
CA GLY A 748 -32.94 -36.05 12.98
C GLY A 748 -31.60 -36.65 12.61
N THR A 749 -31.53 -37.42 11.51
CA THR A 749 -30.22 -37.97 11.16
C THR A 749 -29.41 -36.94 10.40
N PRO A 750 -28.08 -37.00 10.51
CA PRO A 750 -27.22 -35.98 9.90
C PRO A 750 -26.91 -36.28 8.44
N TRP A 751 -26.35 -35.28 7.78
CA TRP A 751 -25.74 -35.42 6.47
C TRP A 751 -24.44 -34.61 6.46
N PRO A 752 -23.28 -35.24 6.26
CA PRO A 752 -23.08 -36.66 5.97
C PRO A 752 -23.41 -37.60 7.14
N ALA A 753 -23.88 -38.80 6.82
CA ALA A 753 -24.16 -39.84 7.80
C ALA A 753 -23.33 -41.07 7.44
N VAL A 754 -22.51 -41.53 8.37
CA VAL A 754 -21.52 -42.58 8.11
C VAL A 754 -21.96 -43.86 8.82
N GLY A 755 -21.94 -44.97 8.07
CA GLY A 755 -22.20 -46.28 8.66
C GLY A 755 -23.68 -46.54 8.86
N ALA A 756 -23.97 -47.74 9.39
CA ALA A 756 -25.36 -48.09 9.70
C ALA A 756 -25.92 -47.25 10.84
N GLY A 757 -25.05 -46.76 11.73
CA GLY A 757 -25.46 -45.89 12.82
C GLY A 757 -25.75 -44.45 12.41
N LYS A 758 -25.50 -44.10 11.15
CA LYS A 758 -25.83 -42.78 10.63
C LYS A 758 -25.13 -41.68 11.43
N ARG A 759 -23.85 -41.86 11.69
CA ARG A 759 -23.15 -40.95 12.58
C ARG A 759 -22.44 -39.86 11.80
N THR A 760 -22.06 -38.79 12.50
CA THR A 760 -21.31 -37.72 11.88
C THR A 760 -20.42 -37.06 12.93
N THR A 761 -19.64 -36.09 12.47
CA THR A 761 -18.85 -35.23 13.33
C THR A 761 -18.87 -33.84 12.71
N TYR A 762 -18.42 -32.83 13.47
CA TYR A 762 -18.36 -31.50 12.91
C TYR A 762 -17.44 -31.47 11.70
N GLY A 763 -17.83 -30.72 10.68
CA GLY A 763 -17.04 -30.66 9.49
C GLY A 763 -16.59 -29.24 9.21
N GLY A 764 -16.00 -29.01 8.04
CA GLY A 764 -15.53 -27.69 7.65
C GLY A 764 -16.38 -27.16 6.50
N VAL A 765 -16.84 -25.93 6.68
CA VAL A 765 -17.64 -25.23 5.67
C VAL A 765 -16.71 -24.42 4.78
N SER A 766 -16.90 -24.54 3.47
CA SER A 766 -16.10 -23.84 2.47
C SER A 766 -17.03 -23.12 1.50
N GLY A 767 -16.46 -22.28 0.65
CA GLY A 767 -17.25 -21.68 -0.43
C GLY A 767 -17.69 -20.27 -0.14
N THR A 768 -18.56 -19.75 -1.03
CA THR A 768 -18.90 -18.34 -0.95
C THR A 768 -19.62 -18.00 0.34
N ALA A 769 -20.25 -18.98 1.00
CA ALA A 769 -20.93 -18.69 2.26
C ALA A 769 -19.96 -18.24 3.34
N ILE A 770 -18.70 -18.69 3.30
CA ILE A 770 -17.75 -18.26 4.32
C ILE A 770 -16.91 -17.08 3.87
N ARG A 771 -17.13 -16.59 2.65
CA ARG A 771 -16.31 -15.48 2.16
C ARG A 771 -16.31 -14.25 3.06
N PRO A 772 -17.43 -13.83 3.68
CA PRO A 772 -17.35 -12.69 4.61
C PRO A 772 -16.43 -12.95 5.79
N ILE A 773 -16.34 -14.21 6.25
CA ILE A 773 -15.43 -14.54 7.35
C ILE A 773 -13.98 -14.43 6.88
N ALA A 774 -13.66 -14.98 5.71
CA ALA A 774 -12.29 -14.95 5.19
C ALA A 774 -11.87 -13.52 4.84
N LEU A 775 -12.76 -12.75 4.21
CA LEU A 775 -12.44 -11.37 3.87
C LEU A 775 -12.13 -10.56 5.10
N ARG A 776 -12.93 -10.73 6.15
CA ARG A 776 -12.67 -10.03 7.39
C ARG A 776 -11.35 -10.47 8.03
N ALA A 777 -11.04 -11.77 7.99
CA ALA A 777 -9.78 -12.25 8.54
C ALA A 777 -8.58 -11.68 7.79
N VAL A 778 -8.64 -11.70 6.45
CA VAL A 778 -7.56 -11.13 5.65
C VAL A 778 -7.38 -9.64 5.96
N THR A 779 -8.51 -8.92 6.05
CA THR A 779 -8.46 -7.49 6.31
C THR A 779 -7.85 -7.18 7.67
N THR A 780 -8.25 -7.91 8.72
CA THR A 780 -7.75 -7.59 10.05
C THR A 780 -6.26 -7.90 10.16
N ILE A 781 -5.81 -9.00 9.54
CA ILE A 781 -4.38 -9.31 9.53
C ILE A 781 -3.62 -8.27 8.73
N ALA A 782 -4.12 -7.90 7.55
CA ALA A 782 -3.40 -6.94 6.71
C ALA A 782 -3.31 -5.58 7.38
N ARG A 783 -4.30 -5.22 8.20
CA ARG A 783 -4.24 -3.95 8.91
C ARG A 783 -3.40 -4.02 10.16
N ALA A 784 -3.33 -5.18 10.83
CA ALA A 784 -2.55 -5.26 12.05
C ALA A 784 -1.08 -5.61 11.80
N LEU A 785 -0.78 -6.28 10.68
CA LEU A 785 0.57 -6.73 10.35
C LEU A 785 0.89 -6.32 8.92
N PRO A 786 1.00 -5.02 8.65
CA PRO A 786 1.05 -4.56 7.26
C PRO A 786 2.30 -5.09 6.56
N GLY A 787 2.12 -5.59 5.34
CA GLY A 787 3.21 -6.12 4.57
C GLY A 787 3.51 -7.59 4.81
N PHE A 788 2.95 -8.18 5.86
CA PHE A 788 3.12 -9.60 6.09
C PHE A 788 2.34 -10.35 5.01
N PRO A 789 2.99 -11.13 4.15
CA PRO A 789 2.28 -11.72 3.00
C PRO A 789 1.10 -12.59 3.43
N ILE A 790 -0.02 -12.43 2.72
CA ILE A 790 -1.24 -13.18 2.95
C ILE A 790 -1.62 -13.91 1.68
N LEU A 791 -1.81 -15.22 1.80
CA LEU A 791 -2.41 -16.02 0.75
C LEU A 791 -3.87 -16.23 1.16
N ALA A 792 -4.81 -15.76 0.34
CA ALA A 792 -6.22 -15.75 0.73
C ALA A 792 -6.91 -17.02 0.26
N THR A 793 -7.80 -17.57 1.11
CA THR A 793 -8.67 -18.66 0.66
C THR A 793 -10.02 -18.51 1.35
N GLY A 794 -11.08 -18.76 0.61
CA GLY A 794 -12.41 -18.77 1.21
C GLY A 794 -13.43 -18.10 0.33
N GLY A 795 -14.04 -18.87 -0.57
CA GLY A 795 -15.11 -18.35 -1.40
C GLY A 795 -14.68 -17.52 -2.59
N ILE A 796 -13.44 -17.65 -3.04
CA ILE A 796 -13.00 -16.92 -4.22
C ILE A 796 -13.48 -17.69 -5.44
N ASP A 797 -14.31 -17.05 -6.28
CA ASP A 797 -14.89 -17.78 -7.40
C ASP A 797 -14.94 -16.97 -8.69
N SER A 798 -14.15 -15.91 -8.81
CA SER A 798 -14.18 -15.02 -9.96
C SER A 798 -13.01 -14.04 -9.85
N ALA A 799 -12.71 -13.39 -10.98
CA ALA A 799 -11.71 -12.31 -10.93
C ALA A 799 -12.17 -11.19 -10.01
N GLU A 800 -13.47 -10.87 -10.04
CA GLU A 800 -14.03 -9.81 -9.21
C GLU A 800 -13.85 -10.08 -7.73
N SER A 801 -14.20 -11.28 -7.27
CA SER A 801 -14.01 -11.57 -5.85
C SER A 801 -12.55 -11.73 -5.51
N GLY A 802 -11.74 -12.24 -6.44
CA GLY A 802 -10.30 -12.26 -6.22
C GLY A 802 -9.74 -10.86 -5.99
N LEU A 803 -10.19 -9.90 -6.80
CA LEU A 803 -9.74 -8.52 -6.65
C LEU A 803 -10.17 -7.90 -5.32
N GLN A 804 -11.34 -8.28 -4.79
CA GLN A 804 -11.71 -7.80 -3.46
C GLN A 804 -10.69 -8.25 -2.42
N PHE A 805 -10.20 -9.49 -2.54
CA PHE A 805 -9.20 -9.98 -1.60
C PHE A 805 -7.85 -9.30 -1.81
N LEU A 806 -7.44 -9.08 -3.07
CA LEU A 806 -6.20 -8.31 -3.32
C LEU A 806 -6.30 -6.92 -2.72
N HIS A 807 -7.43 -6.23 -2.97
CA HIS A 807 -7.67 -4.92 -2.40
C HIS A 807 -7.59 -4.93 -0.88
N SER A 808 -7.90 -6.07 -0.26
CA SER A 808 -7.93 -6.21 1.19
C SER A 808 -6.61 -6.67 1.78
N GLY A 809 -5.55 -6.79 0.97
CA GLY A 809 -4.22 -7.06 1.48
C GLY A 809 -3.64 -8.40 1.14
N ALA A 810 -4.38 -9.28 0.46
CA ALA A 810 -3.83 -10.54 -0.01
C ALA A 810 -2.98 -10.32 -1.26
N SER A 811 -1.94 -11.14 -1.42
CA SER A 811 -1.10 -11.10 -2.61
C SER A 811 -1.47 -12.16 -3.64
N VAL A 812 -1.90 -13.34 -3.22
CA VAL A 812 -2.28 -14.43 -4.11
C VAL A 812 -3.54 -15.08 -3.56
N LEU A 813 -4.16 -15.92 -4.40
CA LEU A 813 -5.56 -16.30 -4.22
C LEU A 813 -5.71 -17.81 -4.41
N GLN A 814 -6.05 -18.53 -3.34
CA GLN A 814 -6.29 -19.96 -3.42
C GLN A 814 -7.77 -20.26 -3.59
N VAL A 815 -8.08 -21.29 -4.38
CA VAL A 815 -9.44 -21.65 -4.77
C VAL A 815 -9.62 -23.14 -4.56
N CYS A 816 -10.75 -23.53 -3.97
CA CYS A 816 -11.17 -24.94 -3.95
C CYS A 816 -12.62 -25.10 -4.41
N SER A 817 -13.56 -24.50 -3.69
CA SER A 817 -14.98 -24.80 -3.90
C SER A 817 -15.45 -24.40 -5.29
N ALA A 818 -14.92 -23.29 -5.84
CA ALA A 818 -15.31 -22.91 -7.20
C ALA A 818 -14.88 -23.93 -8.24
N VAL A 819 -13.80 -24.69 -7.99
CA VAL A 819 -13.43 -25.78 -8.90
C VAL A 819 -14.31 -27.00 -8.67
N GLN A 820 -14.64 -27.30 -7.40
CA GLN A 820 -15.59 -28.38 -7.14
C GLN A 820 -16.94 -28.11 -7.81
N ASN A 821 -17.38 -26.86 -7.85
CA ASN A 821 -18.60 -26.45 -8.55
C ASN A 821 -18.45 -26.51 -10.06
N GLN A 822 -17.23 -26.65 -10.57
CA GLN A 822 -17.06 -26.54 -12.01
C GLN A 822 -15.94 -27.46 -12.49
N ASP A 823 -14.78 -26.90 -12.83
CA ASP A 823 -13.65 -27.66 -13.35
C ASP A 823 -12.47 -26.69 -13.45
N PHE A 824 -11.29 -27.23 -13.84
CA PHE A 824 -10.07 -26.41 -13.84
C PHE A 824 -10.11 -25.27 -14.85
N THR A 825 -10.98 -25.33 -15.87
CA THR A 825 -10.91 -24.29 -16.91
C THR A 825 -11.41 -22.93 -16.45
N VAL A 826 -11.98 -22.82 -15.24
CA VAL A 826 -12.36 -21.51 -14.73
C VAL A 826 -11.15 -20.56 -14.68
N ILE A 827 -9.93 -21.11 -14.65
CA ILE A 827 -8.74 -20.26 -14.58
C ILE A 827 -8.68 -19.30 -15.76
N GLN A 828 -9.15 -19.73 -16.94
CA GLN A 828 -9.11 -18.82 -18.09
C GLN A 828 -10.07 -17.67 -17.91
N ASP A 829 -11.23 -17.94 -17.32
CA ASP A 829 -12.13 -16.86 -16.93
C ASP A 829 -11.49 -15.92 -15.91
N TYR A 830 -10.80 -16.48 -14.91
CA TYR A 830 -10.24 -15.61 -13.87
C TYR A 830 -9.14 -14.70 -14.45
N CYS A 831 -8.29 -15.25 -15.30
CA CYS A 831 -7.18 -14.49 -15.85
C CYS A 831 -7.66 -13.38 -16.80
N THR A 832 -8.57 -13.72 -17.73
CA THR A 832 -9.08 -12.67 -18.61
C THR A 832 -9.89 -11.66 -17.82
N GLY A 833 -10.58 -12.10 -16.78
CA GLY A 833 -11.36 -11.17 -15.97
C GLY A 833 -10.48 -10.20 -15.20
N LEU A 834 -9.36 -10.69 -14.66
CA LEU A 834 -8.45 -9.80 -13.93
C LEU A 834 -7.76 -8.83 -14.88
N LYS A 835 -7.34 -9.30 -16.05
CA LYS A 835 -6.77 -8.39 -17.05
C LYS A 835 -7.76 -7.29 -17.41
N ALA A 836 -9.03 -7.65 -17.63
CA ALA A 836 -10.02 -6.66 -18.01
C ALA A 836 -10.24 -5.65 -16.88
N LEU A 837 -10.35 -6.11 -15.64
CA LEU A 837 -10.58 -5.19 -14.53
C LEU A 837 -9.42 -4.20 -14.38
N LEU A 838 -8.18 -4.68 -14.50
CA LEU A 838 -7.04 -3.78 -14.43
C LEU A 838 -6.99 -2.84 -15.62
N TYR A 839 -7.26 -3.35 -16.82
CA TYR A 839 -7.24 -2.50 -18.00
C TYR A 839 -8.25 -1.36 -17.90
N LEU A 840 -9.47 -1.65 -17.41
CA LEU A 840 -10.51 -0.63 -17.38
C LEU A 840 -10.20 0.49 -16.40
N LYS A 841 -9.37 0.24 -15.38
CA LYS A 841 -8.92 1.28 -14.47
C LYS A 841 -8.15 2.39 -15.18
N SER A 842 -7.69 2.16 -16.41
CA SER A 842 -6.95 3.18 -17.15
C SER A 842 -7.84 4.01 -18.09
N ILE A 843 -9.11 3.67 -18.22
CA ILE A 843 -10.02 4.27 -19.20
C ILE A 843 -10.86 5.33 -18.50
N GLU A 844 -10.59 6.60 -18.78
CA GLU A 844 -11.31 7.68 -18.13
C GLU A 844 -12.79 7.66 -18.45
N GLU A 845 -13.15 7.35 -19.71
CA GLU A 845 -14.54 7.45 -20.16
C GLU A 845 -15.45 6.43 -19.48
N LEU A 846 -14.88 5.42 -18.82
CA LEU A 846 -15.66 4.36 -18.19
C LEU A 846 -15.59 4.43 -16.67
N GLN A 847 -15.21 5.58 -16.11
CA GLN A 847 -15.03 5.67 -14.66
C GLN A 847 -16.35 5.55 -13.91
N GLY A 848 -17.50 5.76 -14.58
CA GLY A 848 -18.78 5.52 -13.95
C GLY A 848 -19.19 4.07 -13.80
N TRP A 849 -18.47 3.13 -14.42
CA TRP A 849 -18.78 1.72 -14.32
C TRP A 849 -18.33 1.17 -12.97
N ASP A 850 -18.87 0.02 -12.59
CA ASP A 850 -18.36 -0.72 -11.44
C ASP A 850 -17.69 -1.97 -11.99
N GLY A 851 -16.36 -1.91 -12.09
CA GLY A 851 -15.64 -2.97 -12.78
C GLY A 851 -16.13 -3.08 -14.21
N GLN A 852 -16.55 -4.27 -14.60
CA GLN A 852 -17.08 -4.49 -15.93
C GLN A 852 -18.57 -4.19 -16.07
N SER A 853 -19.22 -3.66 -15.02
CA SER A 853 -20.67 -3.43 -15.06
C SER A 853 -20.94 -1.98 -15.47
N PRO A 854 -21.62 -1.74 -16.58
CA PRO A 854 -21.97 -0.35 -16.93
C PRO A 854 -22.92 0.24 -15.90
N GLY A 855 -22.85 1.56 -15.74
CA GLY A 855 -23.83 2.25 -14.91
C GLY A 855 -25.25 1.89 -15.30
N THR A 856 -26.07 1.51 -14.31
CA THR A 856 -27.41 1.00 -14.60
C THR A 856 -28.31 2.12 -15.09
N GLU A 857 -28.77 2.01 -16.33
CA GLU A 857 -29.69 2.99 -16.89
C GLU A 857 -31.13 2.52 -16.67
N SER A 858 -32.04 3.49 -16.59
CA SER A 858 -33.45 3.19 -16.37
C SER A 858 -33.97 2.27 -17.46
N HIS A 859 -34.45 1.09 -17.06
CA HIS A 859 -34.86 0.08 -18.03
C HIS A 859 -36.01 -0.74 -17.47
N GLN A 860 -36.76 -1.36 -18.38
CA GLN A 860 -37.80 -2.33 -18.04
C GLN A 860 -37.54 -3.59 -18.85
N LYS A 861 -37.26 -4.68 -18.14
CA LYS A 861 -37.13 -6.01 -18.75
C LYS A 861 -36.03 -6.02 -19.82
N GLY A 862 -34.91 -5.37 -19.50
CA GLY A 862 -33.74 -5.40 -20.35
C GLY A 862 -33.70 -4.34 -21.44
N LYS A 863 -34.73 -3.50 -21.55
CA LYS A 863 -34.76 -2.48 -22.57
C LYS A 863 -34.90 -1.10 -21.93
N PRO A 864 -34.17 -0.10 -22.42
CA PRO A 864 -34.21 1.23 -21.78
C PRO A 864 -35.57 1.87 -21.94
N VAL A 865 -36.03 2.55 -20.89
CA VAL A 865 -37.34 3.20 -20.96
C VAL A 865 -37.25 4.42 -21.87
N PRO A 866 -38.25 4.70 -22.69
CA PRO A 866 -38.21 5.91 -23.51
C PRO A 866 -38.14 7.17 -22.66
N ARG A 867 -37.16 8.02 -22.97
CA ARG A 867 -36.95 9.29 -22.26
C ARG A 867 -37.90 10.33 -22.87
N ILE A 868 -39.14 10.33 -22.37
CA ILE A 868 -40.20 11.19 -22.89
C ILE A 868 -40.71 12.07 -21.76
N ALA A 869 -40.96 13.34 -22.06
CA ALA A 869 -41.47 14.27 -21.04
C ALA A 869 -42.77 13.76 -20.43
N GLU A 870 -43.81 13.59 -21.27
CA GLU A 870 -45.11 13.14 -20.81
C GLU A 870 -45.09 11.70 -20.30
N LEU A 871 -44.01 10.96 -20.51
CA LEU A 871 -43.91 9.62 -19.97
C LEU A 871 -43.24 9.59 -18.60
N MET A 872 -42.62 10.68 -18.16
CA MET A 872 -41.80 10.70 -16.94
C MET A 872 -42.54 11.35 -15.78
N GLY A 873 -42.59 10.63 -14.66
CA GLY A 873 -43.17 11.16 -13.45
C GLY A 873 -44.67 11.30 -13.46
N LYS A 874 -45.36 10.63 -14.39
CA LYS A 874 -46.81 10.72 -14.51
C LYS A 874 -47.53 9.59 -13.77
N LYS A 875 -46.82 8.82 -12.95
CA LYS A 875 -47.38 7.68 -12.22
C LYS A 875 -48.03 6.68 -13.18
N LEU A 876 -47.22 6.20 -14.12
CA LEU A 876 -47.66 5.23 -15.13
C LEU A 876 -46.82 3.97 -14.98
N PRO A 877 -47.21 3.07 -14.07
CA PRO A 877 -46.58 1.75 -14.04
C PRO A 877 -46.92 0.97 -15.30
N ASN A 878 -46.23 -0.16 -15.48
CA ASN A 878 -46.32 -0.93 -16.72
C ASN A 878 -47.38 -2.03 -16.66
N PHE A 879 -48.60 -1.66 -16.25
CA PHE A 879 -49.67 -2.65 -16.23
C PHE A 879 -51.01 -1.93 -16.39
N GLY A 880 -52.03 -2.70 -16.74
CA GLY A 880 -53.39 -2.23 -16.77
C GLY A 880 -53.60 -1.00 -17.64
N PRO A 881 -54.52 -0.12 -17.23
CA PRO A 881 -54.78 1.09 -18.02
C PRO A 881 -53.60 2.01 -18.13
N TYR A 882 -52.65 1.94 -17.18
CA TYR A 882 -51.48 2.80 -17.24
C TYR A 882 -50.56 2.41 -18.38
N LEU A 883 -50.44 1.11 -18.65
CA LEU A 883 -49.62 0.63 -19.75
C LEU A 883 -50.16 1.12 -21.09
N GLU A 884 -51.47 1.01 -21.28
CA GLU A 884 -52.10 1.50 -22.51
C GLU A 884 -51.86 3.00 -22.68
N GLN A 885 -51.83 3.74 -21.57
CA GLN A 885 -51.50 5.16 -21.64
C GLN A 885 -50.06 5.38 -22.08
N ARG A 886 -49.14 4.57 -21.57
CA ARG A 886 -47.74 4.67 -21.99
C ARG A 886 -47.61 4.36 -23.48
N LYS A 887 -48.35 3.36 -23.97
CA LYS A 887 -48.29 3.02 -25.38
C LYS A 887 -48.77 4.16 -26.25
N LYS A 888 -49.96 4.69 -25.96
CA LYS A 888 -50.45 5.92 -26.57
C LYS A 888 -49.36 6.99 -26.67
N ILE A 889 -48.72 7.31 -25.53
CA ILE A 889 -47.73 8.38 -25.49
C ILE A 889 -46.51 8.00 -26.34
N ILE A 890 -46.05 6.75 -26.26
CA ILE A 890 -44.93 6.33 -27.09
C ILE A 890 -45.32 6.41 -28.57
N ALA A 891 -46.52 5.92 -28.92
CA ALA A 891 -46.97 5.96 -30.30
C ALA A 891 -47.07 7.39 -30.83
N GLU A 892 -47.50 8.32 -29.98
CA GLU A 892 -47.64 9.70 -30.43
C GLU A 892 -46.29 10.35 -30.67
N GLU A 893 -45.29 10.05 -29.83
CA GLU A 893 -43.94 10.53 -30.10
C GLU A 893 -43.39 10.00 -31.40
N LYS A 894 -43.51 8.68 -31.62
CA LYS A 894 -42.97 8.08 -32.84
C LYS A 894 -43.55 8.76 -34.07
N MET A 895 -44.83 9.14 -34.02
CA MET A 895 -45.44 9.86 -35.12
C MET A 895 -44.92 11.28 -35.23
N ARG A 896 -44.68 11.95 -34.09
CA ARG A 896 -44.09 13.27 -34.12
C ARG A 896 -42.69 13.24 -34.70
N LEU A 897 -41.89 12.25 -34.31
CA LEU A 897 -40.55 12.05 -34.86
C LEU A 897 -40.56 11.70 -36.34
N LYS A 898 -41.73 11.36 -36.89
CA LYS A 898 -41.89 11.09 -38.31
C LYS A 898 -42.14 12.36 -39.11
N GLU A 899 -43.12 13.16 -38.69
CA GLU A 899 -43.48 14.38 -39.41
C GLU A 899 -42.31 15.35 -39.52
N GLN A 900 -41.36 15.29 -38.60
CA GLN A 900 -40.08 15.99 -38.73
C GLN A 900 -39.02 14.90 -38.93
N ASN A 901 -38.47 14.84 -40.14
CA ASN A 901 -37.57 13.77 -40.54
C ASN A 901 -36.14 14.30 -40.64
N ALA A 902 -35.57 14.60 -39.47
CA ALA A 902 -34.18 15.03 -39.40
C ALA A 902 -33.38 14.03 -38.56
N ALA A 903 -32.25 14.48 -38.01
CA ALA A 903 -31.44 13.69 -37.10
C ALA A 903 -30.98 12.37 -37.71
N PHE A 904 -29.87 12.42 -38.44
CA PHE A 904 -29.14 11.22 -38.87
C PHE A 904 -27.68 11.33 -38.48
N PRO A 905 -27.36 11.40 -37.18
CA PRO A 905 -25.98 11.53 -36.77
C PRO A 905 -25.53 10.34 -35.94
N PRO A 906 -25.34 9.18 -36.56
CA PRO A 906 -24.77 8.05 -35.81
C PRO A 906 -23.29 8.29 -35.57
N LEU A 907 -22.92 8.45 -34.31
CA LEU A 907 -21.55 8.78 -33.94
C LEU A 907 -20.56 7.86 -34.65
N GLU A 908 -19.47 8.43 -35.14
CA GLU A 908 -18.39 7.61 -35.64
C GLU A 908 -17.65 6.97 -34.47
N ARG A 909 -17.37 5.67 -34.60
CA ARG A 909 -16.88 4.87 -33.49
C ARG A 909 -15.36 4.97 -33.42
N LYS A 910 -14.84 5.37 -32.25
CA LYS A 910 -13.42 5.60 -32.02
C LYS A 910 -12.98 5.02 -30.67
N PRO A 911 -11.99 4.14 -30.63
CA PRO A 911 -11.68 3.43 -29.40
C PRO A 911 -11.15 4.34 -28.30
N PHE A 912 -11.46 3.99 -27.06
CA PHE A 912 -10.90 4.69 -25.91
C PHE A 912 -9.43 4.31 -25.74
N ILE A 913 -8.65 5.26 -25.23
CA ILE A 913 -7.21 5.11 -25.08
C ILE A 913 -6.88 5.17 -23.59
N PRO A 914 -6.08 4.25 -23.05
CA PRO A 914 -5.64 4.40 -21.65
C PRO A 914 -4.99 5.76 -21.42
N LYS A 915 -5.41 6.44 -20.35
CA LYS A 915 -4.89 7.75 -19.99
C LYS A 915 -3.91 7.71 -18.83
N LYS A 916 -3.75 6.58 -18.17
CA LYS A 916 -2.68 6.33 -17.21
C LYS A 916 -2.14 4.93 -17.48
N PRO A 917 -0.99 4.58 -16.90
CA PRO A 917 -0.50 3.21 -17.08
C PRO A 917 -1.47 2.22 -16.47
N ILE A 918 -1.55 1.04 -17.07
CA ILE A 918 -2.44 0.01 -16.54
C ILE A 918 -1.88 -0.48 -15.20
N PRO A 919 -2.67 -0.50 -14.13
CA PRO A 919 -2.14 -0.94 -12.83
C PRO A 919 -1.66 -2.38 -12.91
N ALA A 920 -0.59 -2.67 -12.18
CA ALA A 920 -0.17 -4.04 -11.93
C ALA A 920 -0.80 -4.53 -10.64
N ILE A 921 -0.66 -5.82 -10.36
CA ILE A 921 -1.20 -6.38 -9.12
C ILE A 921 -0.62 -5.65 -7.91
N LYS A 922 0.68 -5.38 -7.91
CA LYS A 922 1.29 -4.70 -6.77
C LYS A 922 0.64 -3.34 -6.52
N ASP A 923 0.09 -2.71 -7.56
CA ASP A 923 -0.55 -1.40 -7.40
C ASP A 923 -1.90 -1.46 -6.67
N VAL A 924 -2.59 -2.60 -6.68
CA VAL A 924 -3.92 -2.64 -6.06
C VAL A 924 -3.91 -3.29 -4.69
N ILE A 925 -2.83 -3.97 -4.30
CA ILE A 925 -2.85 -4.73 -3.05
C ILE A 925 -2.99 -3.77 -1.87
N GLY A 926 -4.00 -4.03 -1.03
CA GLY A 926 -4.21 -3.28 0.19
C GLY A 926 -4.84 -1.92 0.03
N LYS A 927 -5.21 -1.52 -1.18
CA LYS A 927 -5.66 -0.14 -1.40
C LYS A 927 -7.06 0.13 -0.88
N ALA A 928 -7.83 -0.89 -0.53
CA ALA A 928 -9.12 -0.65 0.10
C ALA A 928 -9.03 -0.52 1.61
N LEU A 929 -7.86 -0.83 2.20
CA LEU A 929 -7.78 -0.92 3.65
C LEU A 929 -7.93 0.43 4.33
N GLN A 930 -7.64 1.53 3.64
CA GLN A 930 -7.77 2.84 4.24
C GLN A 930 -9.21 3.16 4.62
N TYR A 931 -10.19 2.58 3.91
CA TYR A 931 -11.59 2.88 4.19
C TYR A 931 -12.10 2.20 5.47
N LEU A 932 -11.44 1.14 5.92
CA LEU A 932 -11.80 0.49 7.16
C LEU A 932 -11.47 1.39 8.35
N GLY A 933 -12.26 1.27 9.41
CA GLY A 933 -11.93 1.97 10.64
C GLY A 933 -12.73 1.41 11.80
N THR A 934 -12.56 2.03 12.95
CA THR A 934 -13.42 1.73 14.07
C THR A 934 -14.81 2.33 13.85
N PHE A 935 -15.76 1.96 14.72
CA PHE A 935 -17.08 2.56 14.58
C PHE A 935 -17.05 4.06 14.88
N GLY A 936 -16.23 4.47 15.86
CA GLY A 936 -16.12 5.89 16.17
C GLY A 936 -15.64 6.74 15.01
N GLU A 937 -15.04 6.14 13.99
CA GLU A 937 -14.57 6.87 12.82
C GLU A 937 -15.61 6.98 11.71
N LEU A 938 -16.81 6.42 11.91
CA LEU A 938 -17.90 6.58 10.96
C LEU A 938 -18.71 7.81 11.32
N SER A 939 -18.99 8.65 10.32
CA SER A 939 -19.78 9.85 10.55
C SER A 939 -21.23 9.49 10.83
N ASN A 940 -21.77 10.00 11.93
CA ASN A 940 -23.21 9.95 12.16
C ASN A 940 -23.90 11.25 11.80
N ILE A 941 -23.15 12.22 11.30
CA ILE A 941 -23.70 13.46 10.78
C ILE A 941 -24.12 13.32 9.33
N GLU A 942 -23.34 12.57 8.54
CA GLU A 942 -23.62 12.42 7.12
C GLU A 942 -24.49 11.19 6.89
N GLN A 943 -25.80 11.39 7.07
CA GLN A 943 -26.83 10.36 6.92
C GLN A 943 -27.38 10.34 5.50
N VAL A 944 -28.00 9.21 5.14
CA VAL A 944 -28.57 9.04 3.81
C VAL A 944 -30.04 8.64 3.96
N VAL A 945 -30.76 8.70 2.83
CA VAL A 945 -32.14 8.23 2.73
C VAL A 945 -32.27 7.45 1.43
N ALA A 946 -33.27 6.59 1.37
CA ALA A 946 -33.57 5.84 0.15
C ALA A 946 -34.40 6.70 -0.82
N VAL A 947 -34.18 6.47 -2.11
CA VAL A 947 -35.00 7.08 -3.14
C VAL A 947 -35.21 6.08 -4.27
N ILE A 948 -36.44 5.99 -4.76
CA ILE A 948 -36.86 4.94 -5.67
C ILE A 948 -37.06 5.52 -7.07
N ASP A 949 -36.50 4.85 -8.07
CA ASP A 949 -36.67 5.21 -9.47
C ASP A 949 -37.89 4.47 -9.98
N GLU A 950 -39.02 5.19 -10.05
CA GLU A 950 -40.28 4.56 -10.41
C GLU A 950 -40.27 3.96 -11.81
N GLU A 951 -39.38 4.42 -12.69
CA GLU A 951 -39.34 3.87 -14.03
C GLU A 951 -38.73 2.47 -14.08
N MET A 952 -37.95 2.11 -13.07
CA MET A 952 -37.33 0.79 -12.99
C MET A 952 -38.11 -0.20 -12.11
N CYS A 953 -39.04 0.30 -11.30
CA CYS A 953 -39.77 -0.50 -10.33
C CYS A 953 -40.68 -1.52 -11.00
N ILE A 954 -40.74 -2.74 -10.45
CA ILE A 954 -41.68 -3.75 -10.92
C ILE A 954 -42.77 -4.03 -9.88
N ASN A 955 -42.98 -3.13 -8.93
CA ASN A 955 -44.25 -2.97 -8.20
C ASN A 955 -44.54 -4.09 -7.20
N CYS A 956 -43.50 -4.76 -6.71
CA CYS A 956 -43.67 -5.95 -5.89
C CYS A 956 -43.96 -5.63 -4.43
N GLY A 957 -43.61 -4.42 -3.98
CA GLY A 957 -43.84 -4.04 -2.60
C GLY A 957 -42.88 -4.64 -1.60
N LYS A 958 -41.76 -5.24 -2.04
CA LYS A 958 -40.82 -5.82 -1.07
C LYS A 958 -40.15 -4.74 -0.23
N CYS A 959 -39.81 -3.60 -0.83
CA CYS A 959 -39.26 -2.50 -0.05
C CYS A 959 -40.24 -2.10 1.05
N TYR A 960 -41.52 -1.98 0.70
CA TYR A 960 -42.56 -1.57 1.63
C TYR A 960 -42.72 -2.57 2.77
N MET A 961 -42.69 -3.87 2.43
CA MET A 961 -42.91 -4.92 3.43
C MET A 961 -41.71 -4.98 4.38
N THR A 962 -40.52 -4.77 3.84
CA THR A 962 -39.32 -4.81 4.68
C THR A 962 -39.25 -3.59 5.59
N CYS A 963 -39.64 -2.42 5.08
CA CYS A 963 -39.66 -1.25 5.96
C CYS A 963 -40.75 -1.37 7.01
N ASN A 964 -41.88 -2.01 6.68
CA ASN A 964 -42.99 -2.13 7.61
C ASN A 964 -42.66 -3.05 8.79
N ASP A 965 -42.14 -4.24 8.51
CA ASP A 965 -41.91 -5.24 9.55
C ASP A 965 -40.45 -5.41 9.95
N SER A 966 -39.53 -4.62 9.36
CA SER A 966 -38.12 -4.64 9.73
C SER A 966 -37.52 -3.25 9.73
N GLY A 967 -38.35 -2.21 9.63
CA GLY A 967 -37.81 -0.87 9.49
C GLY A 967 -38.61 0.18 10.21
N TYR A 968 -38.95 1.24 9.50
CA TYR A 968 -39.46 2.47 10.11
C TYR A 968 -40.78 2.91 9.50
N GLN A 969 -41.45 2.01 8.77
CA GLN A 969 -42.79 2.29 8.23
C GLN A 969 -42.79 3.59 7.43
N ALA A 970 -41.75 3.78 6.62
CA ALA A 970 -41.47 5.05 5.97
C ALA A 970 -41.81 5.07 4.50
N ILE A 971 -42.36 3.98 3.96
CA ILE A 971 -42.67 3.88 2.53
C ILE A 971 -44.17 3.88 2.33
N GLN A 972 -44.64 4.73 1.44
CA GLN A 972 -46.04 4.70 1.00
C GLN A 972 -46.12 3.84 -0.24
N PHE A 973 -47.07 2.91 -0.26
CA PHE A 973 -47.28 2.00 -1.37
C PHE A 973 -48.66 2.28 -1.95
N ASP A 974 -48.72 2.78 -3.16
CA ASP A 974 -49.99 3.26 -3.69
C ASP A 974 -50.92 2.10 -4.02
N PRO A 975 -52.17 2.12 -3.51
CA PRO A 975 -53.08 0.99 -3.77
C PRO A 975 -53.49 0.82 -5.23
N GLU A 976 -53.42 1.85 -6.06
CA GLU A 976 -53.84 1.70 -7.45
C GLU A 976 -52.68 1.45 -8.40
N THR A 977 -51.53 2.10 -8.19
CA THR A 977 -50.38 1.95 -9.07
C THR A 977 -49.35 0.96 -8.53
N HIS A 978 -49.44 0.56 -7.26
CA HIS A 978 -48.40 -0.26 -6.63
C HIS A 978 -47.02 0.36 -6.84
N LEU A 979 -46.96 1.71 -6.80
CA LEU A 979 -45.67 2.39 -6.80
C LEU A 979 -45.32 2.83 -5.39
N PRO A 980 -44.08 2.58 -4.95
CA PRO A 980 -43.64 2.99 -3.61
C PRO A 980 -43.00 4.37 -3.64
N THR A 981 -43.13 5.06 -2.51
CA THR A 981 -42.48 6.37 -2.33
C THR A 981 -41.88 6.42 -0.94
N VAL A 982 -40.58 6.68 -0.86
CA VAL A 982 -39.93 6.87 0.42
C VAL A 982 -40.32 8.23 0.99
N THR A 983 -40.71 8.25 2.26
CA THR A 983 -41.09 9.50 2.91
C THR A 983 -39.98 9.97 3.84
N ASP A 984 -40.21 11.13 4.47
CA ASP A 984 -39.14 11.81 5.21
C ASP A 984 -38.81 11.12 6.54
N THR A 985 -39.58 10.12 6.96
CA THR A 985 -39.21 9.39 8.16
C THR A 985 -38.16 8.30 7.90
N CYS A 986 -37.70 8.15 6.65
CA CYS A 986 -36.60 7.24 6.34
C CYS A 986 -35.39 7.53 7.23
N THR A 987 -34.74 6.46 7.72
CA THR A 987 -33.51 6.57 8.50
C THR A 987 -32.27 6.11 7.73
N GLY A 988 -32.42 5.76 6.45
CA GLY A 988 -31.31 5.27 5.65
C GLY A 988 -30.76 3.93 6.05
N CYS A 989 -31.54 3.10 6.75
CA CYS A 989 -31.03 1.80 7.20
C CYS A 989 -30.55 0.95 6.03
N THR A 990 -31.19 1.09 4.85
CA THR A 990 -30.81 0.50 3.56
C THR A 990 -31.35 -0.92 3.38
N LEU A 991 -32.24 -1.36 4.27
CA LEU A 991 -32.86 -2.67 4.05
C LEU A 991 -33.65 -2.74 2.76
N CYS A 992 -34.40 -1.69 2.41
CA CYS A 992 -35.22 -1.75 1.20
C CYS A 992 -34.35 -2.00 -0.02
N LEU A 993 -33.29 -1.20 -0.18
CA LEU A 993 -32.35 -1.44 -1.26
C LEU A 993 -31.85 -2.89 -1.25
N SER A 994 -31.63 -3.43 -0.07
CA SER A 994 -31.03 -4.76 0.03
C SER A 994 -31.96 -5.88 -0.43
N VAL A 995 -33.29 -5.67 -0.41
CA VAL A 995 -34.23 -6.72 -0.80
C VAL A 995 -34.87 -6.47 -2.16
N CYS A 996 -34.60 -5.33 -2.79
CA CYS A 996 -35.27 -4.99 -4.05
C CYS A 996 -34.74 -5.88 -5.17
N PRO A 997 -35.62 -6.45 -6.00
CA PRO A 997 -35.14 -7.36 -7.06
C PRO A 997 -34.46 -6.66 -8.22
N ILE A 998 -34.61 -5.35 -8.37
CA ILE A 998 -34.09 -4.62 -9.51
C ILE A 998 -32.80 -3.92 -9.09
N ILE A 999 -31.69 -4.23 -9.77
CA ILE A 999 -30.43 -3.60 -9.42
C ILE A 999 -30.51 -2.10 -9.64
N ASP A 1000 -30.19 -1.33 -8.59
CA ASP A 1000 -30.07 0.12 -8.63
C ASP A 1000 -31.40 0.81 -8.90
N CYS A 1001 -32.52 0.14 -8.64
CA CYS A 1001 -33.79 0.86 -8.66
C CYS A 1001 -33.89 1.78 -7.45
N ILE A 1002 -33.46 1.31 -6.30
CA ILE A 1002 -33.36 2.12 -5.09
C ILE A 1002 -31.92 2.59 -4.93
N ARG A 1003 -31.73 3.87 -4.66
CA ARG A 1003 -30.41 4.42 -4.38
C ARG A 1003 -30.46 5.14 -3.04
N MET A 1004 -29.33 5.10 -2.31
CA MET A 1004 -29.16 5.93 -1.13
C MET A 1004 -28.52 7.24 -1.53
N VAL A 1005 -29.14 8.35 -1.13
CA VAL A 1005 -28.63 9.67 -1.44
C VAL A 1005 -28.48 10.46 -0.15
N SER A 1006 -27.65 11.51 -0.21
CA SER A 1006 -27.42 12.34 0.97
C SER A 1006 -28.73 12.95 1.45
N ARG A 1007 -28.96 12.87 2.76
CA ARG A 1007 -30.16 13.44 3.35
C ARG A 1007 -30.07 14.97 3.32
N THR A 1008 -31.13 15.62 2.84
CA THR A 1008 -31.15 17.07 2.77
C THR A 1008 -32.00 17.72 3.84
N THR A 1009 -32.86 16.96 4.50
CA THR A 1009 -33.75 17.49 5.52
C THR A 1009 -33.19 17.23 6.91
N PRO A 1010 -33.60 18.04 7.90
CA PRO A 1010 -33.14 17.82 9.28
C PRO A 1010 -33.36 16.39 9.74
N TYR A 1011 -32.36 15.85 10.44
CA TYR A 1011 -32.39 14.47 10.90
C TYR A 1011 -32.42 14.41 12.42
N GLU A 1012 -33.42 13.68 12.95
CA GLU A 1012 -33.53 13.42 14.38
C GLU A 1012 -33.65 11.92 14.59
N PRO A 1013 -32.75 11.29 15.35
CA PRO A 1013 -32.95 9.86 15.69
C PRO A 1013 -34.24 9.70 16.49
N LYS A 1014 -35.04 8.69 16.13
CA LYS A 1014 -36.29 8.41 16.82
C LYS A 1014 -35.97 7.74 18.15
N ARG A 1015 -36.24 8.44 19.25
CA ARG A 1015 -35.88 7.93 20.57
C ARG A 1015 -37.07 7.41 21.37
N GLY A 1016 -38.28 7.52 20.85
CA GLY A 1016 -39.46 6.98 21.51
C GLY A 1016 -40.01 7.84 22.64
N LEU A 1017 -39.20 8.06 23.68
CA LEU A 1017 -39.44 8.94 24.81
C LEU A 1017 -38.21 9.85 24.93
N PRO A 1018 -38.11 10.80 25.93
CA PRO A 1018 -37.00 11.77 25.89
C PRO A 1018 -35.59 11.21 26.08
N LEU A 1019 -34.93 11.61 27.17
CA LEU A 1019 -33.55 11.18 27.46
C LEU A 1019 -33.12 11.65 28.84
N PRO B 3 7.56 -45.18 -11.86
CA PRO B 3 6.75 -44.51 -12.90
C PRO B 3 6.59 -43.01 -12.64
N VAL B 4 6.04 -42.27 -13.60
CA VAL B 4 5.77 -40.84 -13.40
C VAL B 4 4.49 -40.74 -12.61
N LEU B 5 4.60 -40.44 -11.31
CA LEU B 5 3.40 -40.42 -10.46
C LEU B 5 2.44 -39.32 -10.86
N SER B 6 2.95 -38.17 -11.28
CA SER B 6 2.12 -37.01 -11.56
C SER B 6 1.52 -37.02 -12.96
N LYS B 7 1.48 -38.17 -13.63
CA LYS B 7 0.88 -38.26 -14.96
C LYS B 7 -0.17 -39.36 -14.99
N ASP B 8 -1.24 -39.11 -15.73
CA ASP B 8 -2.31 -40.09 -15.86
C ASP B 8 -1.87 -41.25 -16.72
N VAL B 9 -2.15 -42.48 -16.28
CA VAL B 9 -1.92 -43.65 -17.13
C VAL B 9 -2.95 -43.65 -18.25
N ALA B 10 -2.73 -44.50 -19.28
CA ALA B 10 -3.56 -44.43 -20.47
C ALA B 10 -5.03 -44.68 -20.15
N ASP B 11 -5.32 -45.52 -19.17
CA ASP B 11 -6.71 -45.82 -18.84
C ASP B 11 -7.43 -44.60 -18.30
N ILE B 12 -6.73 -43.79 -17.50
CA ILE B 12 -7.33 -42.58 -16.94
C ILE B 12 -7.39 -41.49 -17.99
N GLU B 13 -6.36 -41.40 -18.84
CA GLU B 13 -6.41 -40.44 -19.93
C GLU B 13 -7.61 -40.70 -20.83
N SER B 14 -7.98 -41.97 -21.00
CA SER B 14 -9.16 -42.31 -21.78
C SER B 14 -10.44 -41.89 -21.06
N ILE B 15 -10.50 -42.07 -19.74
CA ILE B 15 -11.71 -41.71 -19.01
C ILE B 15 -11.91 -40.19 -19.04
N LEU B 16 -10.81 -39.42 -19.10
CA LEU B 16 -10.81 -37.96 -19.12
C LEU B 16 -11.08 -37.37 -20.50
N ALA B 17 -11.41 -38.18 -21.51
CA ALA B 17 -11.42 -37.71 -22.90
C ALA B 17 -12.38 -36.53 -23.11
N LEU B 18 -13.52 -36.53 -22.44
CA LEU B 18 -14.52 -35.49 -22.60
C LEU B 18 -14.40 -34.38 -21.55
N ASN B 19 -13.37 -34.42 -20.72
CA ASN B 19 -13.19 -33.40 -19.69
C ASN B 19 -12.83 -32.06 -20.36
N PRO B 20 -13.38 -30.93 -19.87
CA PRO B 20 -13.09 -29.64 -20.50
C PRO B 20 -11.62 -29.28 -20.44
N ARG B 21 -11.14 -28.67 -21.51
CA ARG B 21 -9.78 -28.17 -21.57
C ARG B 21 -9.81 -26.76 -22.15
N THR B 22 -8.90 -25.92 -21.66
CA THR B 22 -8.74 -24.58 -22.21
C THR B 22 -8.24 -24.70 -23.64
N GLN B 23 -8.95 -24.06 -24.57
CA GLN B 23 -8.63 -24.20 -25.98
C GLN B 23 -7.76 -23.04 -26.45
N SER B 24 -6.87 -23.36 -27.39
CA SER B 24 -5.82 -22.47 -27.84
C SER B 24 -6.12 -21.84 -29.20
N HIS B 25 -7.13 -22.34 -29.90
CA HIS B 25 -7.40 -21.94 -31.26
C HIS B 25 -8.90 -21.94 -31.49
N ALA B 26 -9.32 -21.26 -32.56
CA ALA B 26 -10.70 -21.40 -33.01
C ALA B 26 -10.87 -22.74 -33.71
N ALA B 27 -12.09 -23.28 -33.62
CA ALA B 27 -12.39 -24.61 -34.11
C ALA B 27 -12.81 -24.57 -35.57
N LEU B 28 -12.56 -25.66 -36.30
CA LEU B 28 -13.00 -25.78 -37.67
C LEU B 28 -13.97 -26.94 -37.82
N HIS B 29 -15.21 -26.64 -38.18
CA HIS B 29 -16.23 -27.64 -38.48
C HIS B 29 -17.09 -27.11 -39.62
N SER B 30 -17.20 -27.87 -40.71
CA SER B 30 -17.93 -27.39 -41.88
C SER B 30 -19.42 -27.24 -41.56
N THR B 31 -20.07 -26.36 -42.33
CA THR B 31 -21.50 -26.15 -42.18
C THR B 31 -22.28 -27.44 -42.43
N LEU B 32 -21.91 -28.18 -43.48
CA LEU B 32 -22.51 -29.50 -43.71
C LEU B 32 -22.35 -30.43 -42.50
N ALA B 33 -21.14 -30.54 -41.97
CA ALA B 33 -20.94 -31.43 -40.82
C ALA B 33 -21.80 -31.00 -39.64
N LYS B 34 -21.89 -29.69 -39.40
CA LYS B 34 -22.74 -29.20 -38.32
C LYS B 34 -24.21 -29.52 -38.57
N LYS B 35 -24.65 -29.50 -39.83
CA LYS B 35 -26.05 -29.82 -40.12
C LYS B 35 -26.36 -31.27 -39.78
N LEU B 36 -25.43 -32.18 -40.05
CA LEU B 36 -25.63 -33.59 -39.74
C LEU B 36 -25.56 -33.85 -38.24
N ASP B 37 -24.60 -33.22 -37.55
CA ASP B 37 -24.39 -33.51 -36.15
C ASP B 37 -25.48 -32.94 -35.27
N LYS B 38 -26.19 -31.91 -35.75
CA LYS B 38 -27.24 -31.26 -34.96
C LYS B 38 -28.31 -32.25 -34.51
N LYS B 39 -28.68 -33.18 -35.39
CA LYS B 39 -29.80 -34.06 -35.10
C LYS B 39 -29.49 -35.03 -33.97
N HIS B 40 -28.21 -35.27 -33.69
CA HIS B 40 -27.87 -36.25 -32.66
C HIS B 40 -28.24 -35.75 -31.27
N TRP B 41 -28.23 -34.43 -31.06
CA TRP B 41 -28.36 -33.85 -29.74
C TRP B 41 -29.71 -33.20 -29.51
N LYS B 42 -30.59 -33.24 -30.50
CA LYS B 42 -31.80 -32.42 -30.50
C LYS B 42 -32.75 -32.82 -29.37
N ARG B 43 -33.18 -31.83 -28.59
CA ARG B 43 -34.10 -32.02 -27.47
C ARG B 43 -35.53 -31.62 -27.77
N ASN B 44 -35.71 -30.51 -28.50
CA ASN B 44 -37.01 -29.87 -28.64
C ASN B 44 -37.67 -30.28 -29.96
N PRO B 45 -38.89 -29.84 -30.26
CA PRO B 45 -39.47 -30.17 -31.57
C PRO B 45 -38.64 -29.65 -32.73
N ASP B 46 -38.59 -30.44 -33.80
CA ASP B 46 -37.95 -30.03 -35.04
C ASP B 46 -38.97 -29.29 -35.90
N LYS B 47 -38.64 -28.05 -36.28
CA LYS B 47 -39.56 -27.27 -37.09
C LYS B 47 -39.76 -27.88 -38.47
N ASN B 48 -38.85 -28.75 -38.91
CA ASN B 48 -38.92 -29.40 -40.20
C ASN B 48 -39.77 -30.67 -40.19
N CYS B 49 -40.18 -31.14 -39.01
CA CYS B 49 -41.01 -32.33 -38.91
C CYS B 49 -42.48 -31.93 -38.94
N PHE B 50 -43.21 -32.40 -39.95
CA PHE B 50 -44.61 -32.05 -40.14
C PHE B 50 -45.56 -33.16 -39.69
N HIS B 51 -45.03 -34.32 -39.31
CA HIS B 51 -45.85 -35.47 -38.94
C HIS B 51 -46.08 -35.48 -37.43
N CYS B 52 -47.33 -35.67 -37.05
CA CYS B 52 -47.64 -35.91 -35.64
C CYS B 52 -47.03 -37.21 -35.16
N GLU B 53 -46.36 -37.16 -34.02
CA GLU B 53 -45.99 -38.39 -33.33
C GLU B 53 -47.26 -39.07 -32.81
N LYS B 54 -47.41 -40.36 -33.07
CA LYS B 54 -48.71 -40.99 -32.93
C LYS B 54 -49.06 -41.22 -31.45
N LEU B 55 -50.28 -40.83 -31.11
CA LEU B 55 -50.72 -40.68 -29.72
C LEU B 55 -51.90 -41.58 -29.39
N GLU B 56 -52.18 -42.57 -30.24
CA GLU B 56 -53.37 -43.41 -30.06
C GLU B 56 -53.36 -44.07 -28.69
N ASN B 57 -54.44 -43.85 -27.95
CA ASN B 57 -54.64 -44.40 -26.60
C ASN B 57 -53.55 -43.95 -25.62
N ASN B 58 -52.89 -42.81 -25.89
CA ASN B 58 -51.89 -42.26 -24.98
C ASN B 58 -52.55 -41.14 -24.18
N PHE B 59 -52.91 -41.43 -22.93
CA PHE B 59 -53.53 -40.43 -22.07
C PHE B 59 -52.58 -39.90 -21.01
N ASP B 60 -51.27 -39.99 -21.24
CA ASP B 60 -50.28 -39.41 -20.35
C ASP B 60 -50.38 -37.88 -20.34
N ASP B 61 -49.98 -37.31 -19.20
CA ASP B 61 -50.07 -35.87 -18.97
C ASP B 61 -49.26 -35.07 -19.99
N ILE B 62 -49.90 -34.08 -20.61
CA ILE B 62 -49.26 -33.24 -21.63
C ILE B 62 -49.10 -31.79 -21.19
N LYS B 63 -49.51 -31.45 -19.96
CA LYS B 63 -49.45 -30.08 -19.48
C LYS B 63 -48.00 -29.61 -19.39
N HIS B 64 -47.73 -28.40 -19.90
CA HIS B 64 -46.39 -27.82 -19.78
C HIS B 64 -46.09 -27.26 -18.40
N THR B 65 -47.10 -27.20 -17.53
CA THR B 65 -46.99 -26.52 -16.25
C THR B 65 -46.72 -27.46 -15.09
N THR B 66 -46.84 -28.77 -15.31
CA THR B 66 -46.63 -29.75 -14.24
C THR B 66 -45.21 -29.63 -13.69
N LEU B 67 -45.09 -29.63 -12.36
CA LEU B 67 -43.81 -29.53 -11.68
C LEU B 67 -43.58 -30.74 -10.77
N GLY B 68 -42.33 -31.21 -10.72
CA GLY B 68 -41.88 -32.05 -9.64
C GLY B 68 -41.30 -31.20 -8.51
N GLU B 69 -40.79 -31.87 -7.47
CA GLU B 69 -40.39 -31.13 -6.28
C GLU B 69 -39.19 -30.22 -6.57
N ARG B 70 -38.21 -30.73 -7.31
CA ARG B 70 -37.04 -29.92 -7.64
C ARG B 70 -37.45 -28.65 -8.39
N GLY B 71 -38.25 -28.80 -9.44
CA GLY B 71 -38.71 -27.64 -10.19
C GLY B 71 -39.64 -26.73 -9.39
N ALA B 72 -40.48 -27.33 -8.53
CA ALA B 72 -41.38 -26.52 -7.72
C ALA B 72 -40.61 -25.69 -6.71
N LEU B 73 -39.55 -26.25 -6.13
CA LEU B 73 -38.75 -25.49 -5.19
C LEU B 73 -38.06 -24.31 -5.87
N ARG B 74 -37.54 -24.50 -7.09
CA ARG B 74 -36.88 -23.41 -7.79
C ARG B 74 -37.86 -22.30 -8.11
N GLU B 75 -39.02 -22.66 -8.65
CA GLU B 75 -39.98 -21.65 -9.06
C GLU B 75 -40.55 -20.91 -7.84
N ALA B 76 -40.76 -21.63 -6.72
CA ALA B 76 -41.31 -20.96 -5.55
C ALA B 76 -40.30 -20.01 -4.90
N MET B 77 -39.00 -20.35 -4.94
CA MET B 77 -37.99 -19.41 -4.46
C MET B 77 -37.90 -18.18 -5.36
N ARG B 78 -38.32 -18.29 -6.62
CA ARG B 78 -38.21 -17.20 -7.58
C ARG B 78 -39.32 -16.16 -7.42
N CYS B 79 -40.49 -16.58 -6.96
CA CYS B 79 -41.61 -15.66 -6.74
C CYS B 79 -41.21 -14.57 -5.76
N LEU B 80 -41.57 -13.32 -6.09
CA LEU B 80 -41.21 -12.20 -5.20
C LEU B 80 -42.08 -12.14 -3.94
N LYS B 81 -43.18 -12.89 -3.89
CA LYS B 81 -44.05 -12.94 -2.71
C LYS B 81 -44.51 -11.53 -2.32
N CYS B 82 -45.27 -10.94 -3.25
CA CYS B 82 -45.51 -9.50 -3.29
C CYS B 82 -46.58 -9.06 -2.31
N ALA B 83 -46.49 -7.80 -1.92
CA ALA B 83 -47.52 -7.19 -1.12
C ALA B 83 -48.74 -6.87 -1.99
N ASP B 84 -49.92 -7.05 -1.42
CA ASP B 84 -51.16 -6.70 -2.11
C ASP B 84 -51.16 -7.31 -3.52
N ALA B 85 -50.78 -8.58 -3.58
CA ALA B 85 -50.26 -9.16 -4.82
C ALA B 85 -51.31 -9.11 -5.93
N PRO B 86 -50.93 -8.68 -7.15
CA PRO B 86 -51.90 -8.59 -8.24
C PRO B 86 -52.27 -9.94 -8.82
N CYS B 87 -51.45 -10.98 -8.61
CA CYS B 87 -51.87 -12.32 -9.00
C CYS B 87 -53.11 -12.73 -8.23
N GLN B 88 -53.13 -12.47 -6.91
CA GLN B 88 -54.30 -12.80 -6.12
C GLN B 88 -55.50 -11.94 -6.52
N LYS B 89 -55.27 -10.68 -6.86
CA LYS B 89 -56.39 -9.86 -7.32
C LYS B 89 -56.99 -10.42 -8.61
N SER B 90 -56.17 -11.05 -9.43
CA SER B 90 -56.60 -11.62 -10.70
C SER B 90 -57.07 -13.06 -10.59
N CYS B 91 -57.06 -13.64 -9.38
CA CYS B 91 -57.61 -14.98 -9.16
C CYS B 91 -59.08 -14.89 -8.76
N PRO B 92 -60.00 -15.54 -9.45
CA PRO B 92 -61.42 -15.43 -9.09
C PRO B 92 -61.74 -15.95 -7.69
N THR B 93 -60.99 -16.91 -7.15
CA THR B 93 -61.23 -17.30 -5.76
C THR B 93 -60.33 -16.57 -4.75
N HIS B 94 -59.57 -15.57 -5.20
CA HIS B 94 -58.79 -14.72 -4.30
C HIS B 94 -57.81 -15.53 -3.46
N LEU B 95 -57.23 -16.59 -4.04
CA LEU B 95 -56.20 -17.36 -3.36
C LEU B 95 -55.06 -16.46 -2.92
N ASP B 96 -54.62 -16.67 -1.68
CA ASP B 96 -53.42 -15.97 -1.17
C ASP B 96 -52.20 -16.66 -1.77
N ILE B 97 -51.88 -16.26 -2.99
CA ILE B 97 -50.78 -16.88 -3.73
C ILE B 97 -49.44 -16.59 -3.06
N LYS B 98 -49.24 -15.36 -2.57
CA LYS B 98 -48.02 -15.03 -1.85
C LYS B 98 -47.77 -16.03 -0.71
N SER B 99 -48.79 -16.29 0.10
CA SER B 99 -48.61 -17.17 1.25
C SER B 99 -48.37 -18.62 0.82
N PHE B 100 -49.19 -19.17 -0.09
CA PHE B 100 -48.97 -20.58 -0.40
C PHE B 100 -47.65 -20.80 -1.13
N ILE B 101 -47.23 -19.85 -1.97
CA ILE B 101 -45.94 -20.02 -2.64
C ILE B 101 -44.80 -19.88 -1.64
N THR B 102 -44.93 -18.95 -0.68
CA THR B 102 -43.95 -18.88 0.41
C THR B 102 -43.83 -20.23 1.12
N SER B 103 -44.97 -20.85 1.40
CA SER B 103 -44.96 -22.14 2.10
C SER B 103 -44.24 -23.21 1.28
N ILE B 104 -44.47 -23.25 -0.03
CA ILE B 104 -43.73 -24.19 -0.87
C ILE B 104 -42.23 -23.91 -0.82
N SER B 105 -41.82 -22.64 -0.88
CA SER B 105 -40.39 -22.33 -0.87
C SER B 105 -39.74 -22.77 0.43
N ASN B 106 -40.51 -22.85 1.52
CA ASN B 106 -40.03 -23.32 2.80
C ASN B 106 -40.24 -24.81 3.01
N LYS B 107 -40.56 -25.54 1.94
CA LYS B 107 -40.84 -26.99 1.97
C LYS B 107 -42.06 -27.35 2.81
N ASN B 108 -42.97 -26.40 3.04
CA ASN B 108 -44.15 -26.65 3.87
C ASN B 108 -45.33 -26.86 2.94
N TYR B 109 -45.40 -28.07 2.37
CA TYR B 109 -46.39 -28.29 1.33
C TYR B 109 -47.79 -28.45 1.93
N TYR B 110 -47.87 -28.92 3.18
CA TYR B 110 -49.17 -28.97 3.86
C TYR B 110 -49.75 -27.56 4.01
N GLY B 111 -48.94 -26.62 4.51
CA GLY B 111 -49.43 -25.27 4.71
C GLY B 111 -49.85 -24.61 3.41
N ALA B 112 -49.11 -24.88 2.33
CA ALA B 112 -49.50 -24.40 1.01
C ALA B 112 -50.87 -24.96 0.62
N ALA B 113 -51.02 -26.29 0.71
CA ALA B 113 -52.27 -26.92 0.32
C ALA B 113 -53.43 -26.41 1.17
N LYS B 114 -53.20 -26.25 2.48
CA LYS B 114 -54.24 -25.72 3.36
C LYS B 114 -54.69 -24.33 2.91
N MET B 115 -53.74 -23.47 2.54
CA MET B 115 -54.05 -22.14 2.03
C MET B 115 -54.87 -22.23 0.75
N ILE B 116 -54.46 -23.11 -0.16
CA ILE B 116 -55.15 -23.27 -1.43
C ILE B 116 -56.59 -23.72 -1.20
N PHE B 117 -56.77 -24.80 -0.45
CA PHE B 117 -58.12 -25.35 -0.26
C PHE B 117 -58.97 -24.49 0.64
N SER B 118 -58.36 -23.62 1.45
CA SER B 118 -59.16 -22.70 2.25
C SER B 118 -60.00 -21.80 1.37
N ASP B 119 -59.45 -21.36 0.24
CA ASP B 119 -60.20 -20.47 -0.63
C ASP B 119 -60.75 -21.15 -1.86
N ASN B 120 -60.32 -22.37 -2.17
CA ASN B 120 -60.75 -23.08 -3.38
C ASN B 120 -60.79 -24.57 -3.09
N PRO B 121 -61.98 -25.14 -2.83
CA PRO B 121 -62.06 -26.57 -2.52
C PRO B 121 -61.76 -27.49 -3.70
N LEU B 122 -61.64 -26.96 -4.91
CA LEU B 122 -61.15 -27.72 -6.06
C LEU B 122 -59.73 -27.27 -6.42
N GLY B 123 -58.91 -27.04 -5.40
CA GLY B 123 -57.60 -26.44 -5.61
C GLY B 123 -56.68 -27.22 -6.54
N LEU B 124 -56.80 -28.55 -6.57
CA LEU B 124 -55.95 -29.35 -7.43
C LEU B 124 -56.44 -29.33 -8.88
N THR B 125 -57.74 -29.52 -9.09
CA THR B 125 -58.32 -29.33 -10.43
C THR B 125 -57.90 -27.99 -11.02
N CYS B 126 -58.05 -26.91 -10.25
CA CYS B 126 -57.79 -25.58 -10.77
C CYS B 126 -56.31 -25.36 -11.08
N GLY B 127 -55.42 -25.79 -10.19
CA GLY B 127 -53.99 -25.77 -10.54
C GLY B 127 -53.71 -26.43 -11.88
N MET B 128 -54.42 -27.53 -12.15
CA MET B 128 -54.24 -28.26 -13.40
C MET B 128 -54.87 -27.57 -14.61
N VAL B 129 -56.04 -26.94 -14.47
CA VAL B 129 -56.81 -26.53 -15.64
C VAL B 129 -57.08 -25.04 -15.72
N CYS B 130 -56.77 -24.23 -14.70
CA CYS B 130 -57.00 -22.80 -14.82
C CYS B 130 -56.31 -22.23 -16.06
N PRO B 131 -57.00 -21.40 -16.84
CA PRO B 131 -56.31 -20.65 -17.91
C PRO B 131 -55.56 -19.45 -17.33
N THR B 132 -54.39 -19.73 -16.75
CA THR B 132 -53.77 -18.77 -15.84
C THR B 132 -53.31 -17.50 -16.56
N SER B 133 -52.99 -17.58 -17.85
CA SER B 133 -52.59 -16.38 -18.57
C SER B 133 -53.72 -15.37 -18.67
N ASP B 134 -54.97 -15.83 -18.56
CA ASP B 134 -56.12 -14.93 -18.51
C ASP B 134 -56.58 -14.66 -17.08
N LEU B 135 -55.88 -15.21 -16.08
CA LEU B 135 -56.23 -15.01 -14.68
C LEU B 135 -55.02 -14.58 -13.86
N CYS B 136 -54.65 -15.37 -12.84
CA CYS B 136 -53.62 -14.96 -11.89
C CYS B 136 -52.31 -14.62 -12.58
N VAL B 137 -51.83 -15.49 -13.48
CA VAL B 137 -50.52 -15.26 -14.06
C VAL B 137 -50.51 -14.00 -14.91
N GLY B 138 -51.65 -13.66 -15.53
CA GLY B 138 -51.72 -12.45 -16.33
C GLY B 138 -51.50 -11.17 -15.55
N GLY B 139 -51.61 -11.23 -14.22
CA GLY B 139 -51.31 -10.12 -13.33
C GLY B 139 -49.94 -10.16 -12.67
N CYS B 140 -49.13 -11.18 -12.92
CA CYS B 140 -47.89 -11.37 -12.15
C CYS B 140 -46.88 -10.28 -12.44
N ASN B 141 -46.37 -9.65 -11.37
CA ASN B 141 -45.35 -8.61 -11.49
C ASN B 141 -44.10 -9.09 -12.22
N LEU B 142 -43.75 -10.37 -12.10
CA LEU B 142 -42.53 -10.86 -12.73
C LEU B 142 -42.66 -10.93 -14.24
N TYR B 143 -43.86 -10.70 -14.79
CA TYR B 143 -43.96 -10.50 -16.23
C TYR B 143 -43.05 -9.38 -16.70
N ALA B 144 -42.73 -8.43 -15.82
CA ALA B 144 -41.86 -7.31 -16.13
C ALA B 144 -40.38 -7.69 -16.12
N THR B 145 -40.03 -8.97 -15.96
CA THR B 145 -38.65 -9.40 -16.07
C THR B 145 -38.49 -10.30 -17.29
N GLU B 146 -37.25 -10.38 -17.78
CA GLU B 146 -36.96 -11.22 -18.93
C GLU B 146 -37.38 -12.67 -18.69
N GLU B 147 -37.12 -13.18 -17.48
CA GLU B 147 -37.44 -14.58 -17.22
C GLU B 147 -38.94 -14.81 -17.06
N GLY B 148 -39.72 -13.78 -16.75
CA GLY B 148 -41.17 -13.85 -16.91
C GLY B 148 -41.93 -14.30 -15.68
N SER B 149 -43.23 -14.48 -15.89
CA SER B 149 -44.19 -14.69 -14.83
C SER B 149 -44.01 -16.06 -14.17
N ILE B 150 -44.50 -16.16 -12.93
CA ILE B 150 -44.43 -17.37 -12.13
C ILE B 150 -45.45 -18.38 -12.62
N ASN B 151 -45.06 -19.66 -12.62
CA ASN B 151 -45.94 -20.77 -12.95
C ASN B 151 -46.84 -21.08 -11.72
N ILE B 152 -47.84 -20.23 -11.53
CA ILE B 152 -48.69 -20.32 -10.33
C ILE B 152 -49.49 -21.61 -10.31
N GLY B 153 -50.08 -22.00 -11.46
CA GLY B 153 -50.92 -23.19 -11.48
C GLY B 153 -50.12 -24.44 -11.20
N GLY B 154 -48.93 -24.54 -11.80
CA GLY B 154 -48.08 -25.69 -11.55
C GLY B 154 -47.66 -25.79 -10.10
N LEU B 155 -47.38 -24.65 -9.47
CA LEU B 155 -47.07 -24.65 -8.04
C LEU B 155 -48.28 -25.05 -7.21
N GLN B 156 -49.45 -24.49 -7.54
CA GLN B 156 -50.67 -24.93 -6.85
C GLN B 156 -50.88 -26.42 -7.02
N GLN B 157 -50.69 -26.92 -8.24
CA GLN B 157 -50.82 -28.36 -8.51
C GLN B 157 -49.85 -29.17 -7.67
N PHE B 158 -48.58 -28.74 -7.59
CA PHE B 158 -47.58 -29.53 -6.88
C PHE B 158 -47.93 -29.66 -5.40
N ALA B 159 -48.24 -28.53 -4.74
CA ALA B 159 -48.54 -28.59 -3.32
C ALA B 159 -49.77 -29.44 -3.04
N SER B 160 -50.83 -29.27 -3.84
CA SER B 160 -52.04 -30.07 -3.64
C SER B 160 -51.79 -31.54 -3.89
N GLU B 161 -50.92 -31.86 -4.86
CA GLU B 161 -50.60 -33.26 -5.12
C GLU B 161 -49.86 -33.91 -3.96
N VAL B 162 -48.96 -33.17 -3.31
CA VAL B 162 -48.30 -33.73 -2.12
C VAL B 162 -49.32 -33.98 -1.02
N PHE B 163 -50.21 -33.01 -0.78
CA PHE B 163 -51.23 -33.17 0.24
C PHE B 163 -52.14 -34.36 -0.09
N LYS B 164 -52.50 -34.51 -1.36
CA LYS B 164 -53.26 -35.69 -1.77
C LYS B 164 -52.53 -36.97 -1.42
N ALA B 165 -51.20 -36.98 -1.58
CA ALA B 165 -50.41 -38.16 -1.26
C ALA B 165 -50.30 -38.40 0.24
N MET B 166 -50.42 -37.35 1.07
CA MET B 166 -50.42 -37.59 2.51
C MET B 166 -51.67 -38.31 2.98
N ASN B 167 -52.77 -38.22 2.23
CA ASN B 167 -53.94 -39.04 2.51
C ASN B 167 -54.51 -38.66 3.89
N ILE B 168 -54.57 -37.36 4.13
CA ILE B 168 -55.10 -36.77 5.36
C ILE B 168 -56.51 -36.27 5.05
N PRO B 169 -57.48 -36.51 5.92
CA PRO B 169 -58.86 -36.07 5.64
C PRO B 169 -59.09 -34.63 6.09
N GLN B 170 -60.11 -34.02 5.48
CA GLN B 170 -60.65 -32.77 5.99
C GLN B 170 -61.50 -33.05 7.22
N ILE B 171 -61.45 -32.15 8.20
CA ILE B 171 -62.25 -32.31 9.40
C ILE B 171 -63.31 -31.22 9.48
N ARG B 172 -64.35 -31.52 10.24
CA ARG B 172 -65.32 -30.52 10.64
C ARG B 172 -64.62 -29.33 11.27
N ASN B 173 -65.09 -28.13 10.95
CA ASN B 173 -64.62 -26.87 11.49
C ASN B 173 -64.45 -26.99 13.00
N PRO B 174 -63.21 -26.96 13.49
CA PRO B 174 -62.99 -27.16 14.95
C PRO B 174 -63.41 -25.96 15.79
N CYS B 175 -63.73 -24.82 15.17
CA CYS B 175 -64.26 -23.67 15.90
C CYS B 175 -65.74 -23.81 16.21
N LEU B 176 -66.40 -24.81 15.65
CA LEU B 176 -67.84 -24.94 15.83
C LEU B 176 -68.14 -25.60 17.16
N PRO B 177 -69.31 -25.32 17.74
CA PRO B 177 -69.77 -26.12 18.87
C PRO B 177 -69.94 -27.57 18.45
N SER B 178 -70.00 -28.45 19.44
CA SER B 178 -70.38 -29.84 19.19
C SER B 178 -71.67 -29.89 18.38
N GLN B 179 -71.82 -30.97 17.61
CA GLN B 179 -73.03 -31.15 16.81
C GLN B 179 -74.27 -31.14 17.70
N GLU B 180 -74.14 -31.60 18.94
CA GLU B 180 -75.24 -31.59 19.90
C GLU B 180 -75.81 -30.19 20.08
N LYS B 181 -74.92 -29.21 20.27
CA LYS B 181 -75.32 -27.86 20.67
C LYS B 181 -75.46 -26.89 19.50
N MET B 182 -75.51 -27.41 18.27
CA MET B 182 -75.71 -26.53 17.12
C MET B 182 -77.14 -26.02 17.10
N PRO B 183 -77.38 -24.74 16.80
CA PRO B 183 -78.74 -24.24 16.71
C PRO B 183 -79.54 -25.00 15.64
N GLU B 184 -80.86 -24.99 15.81
CA GLU B 184 -81.74 -25.78 14.96
C GLU B 184 -81.61 -25.42 13.49
N ALA B 185 -81.30 -24.14 13.20
CA ALA B 185 -81.23 -23.67 11.83
C ALA B 185 -80.23 -24.46 10.99
N TYR B 186 -79.17 -24.99 11.63
CA TYR B 186 -78.14 -25.70 10.88
C TYR B 186 -78.56 -27.09 10.46
N SER B 187 -79.70 -27.59 10.94
CA SER B 187 -80.25 -28.84 10.43
C SER B 187 -81.23 -28.63 9.29
N ALA B 188 -81.38 -27.39 8.80
CA ALA B 188 -82.23 -27.12 7.65
C ALA B 188 -81.80 -27.96 6.45
N LYS B 189 -82.78 -28.53 5.75
CA LYS B 189 -82.52 -29.39 4.60
C LYS B 189 -82.16 -28.56 3.38
N ILE B 190 -80.95 -28.77 2.85
CA ILE B 190 -80.44 -28.01 1.73
C ILE B 190 -80.26 -28.94 0.54
N ALA B 191 -80.66 -28.45 -0.65
CA ALA B 191 -80.54 -29.23 -1.88
C ALA B 191 -79.65 -28.50 -2.87
N LEU B 192 -78.76 -29.24 -3.53
CA LEU B 192 -78.01 -28.71 -4.64
C LEU B 192 -78.25 -29.59 -5.86
N LEU B 193 -78.37 -28.95 -7.02
CA LEU B 193 -78.69 -29.65 -8.26
C LEU B 193 -77.46 -29.62 -9.13
N GLY B 194 -76.94 -30.80 -9.47
CA GLY B 194 -75.75 -30.93 -10.28
C GLY B 194 -74.52 -31.11 -9.41
N ALA B 195 -73.71 -32.12 -9.67
CA ALA B 195 -72.49 -32.35 -8.88
C ALA B 195 -71.26 -31.88 -9.63
N GLY B 196 -71.26 -30.62 -10.10
CA GLY B 196 -70.12 -30.04 -10.75
C GLY B 196 -69.34 -29.14 -9.80
N PRO B 197 -68.31 -28.47 -10.33
CA PRO B 197 -67.54 -27.52 -9.48
C PRO B 197 -68.38 -26.56 -8.65
N ALA B 198 -69.40 -25.93 -9.24
CA ALA B 198 -70.18 -24.94 -8.49
C ALA B 198 -70.84 -25.54 -7.26
N SER B 199 -71.54 -26.67 -7.42
CA SER B 199 -72.23 -27.28 -6.28
C SER B 199 -71.27 -27.92 -5.29
N ILE B 200 -70.16 -28.50 -5.77
CA ILE B 200 -69.19 -29.06 -4.82
C ILE B 200 -68.63 -27.94 -3.95
N SER B 201 -68.36 -26.78 -4.55
CA SER B 201 -67.85 -25.66 -3.78
C SER B 201 -68.90 -25.18 -2.80
N CYS B 202 -70.11 -24.90 -3.30
CA CYS B 202 -71.17 -24.38 -2.45
C CYS B 202 -71.44 -25.31 -1.28
N ALA B 203 -71.60 -26.61 -1.56
CA ALA B 203 -71.82 -27.59 -0.51
C ALA B 203 -70.66 -27.61 0.48
N SER B 204 -69.42 -27.50 -0.02
CA SER B 204 -68.26 -27.53 0.87
C SER B 204 -68.31 -26.38 1.87
N PHE B 205 -68.60 -25.17 1.37
CA PHE B 205 -68.59 -24.03 2.28
C PHE B 205 -69.79 -24.04 3.22
N LEU B 206 -70.95 -24.52 2.78
CA LEU B 206 -72.07 -24.65 3.70
C LEU B 206 -71.74 -25.64 4.82
N ALA B 207 -71.10 -26.76 4.47
CA ALA B 207 -70.72 -27.73 5.49
C ALA B 207 -69.72 -27.14 6.48
N ARG B 208 -68.77 -26.34 5.99
CA ARG B 208 -67.83 -25.66 6.89
C ARG B 208 -68.56 -24.79 7.90
N LEU B 209 -69.59 -24.06 7.44
CA LEU B 209 -70.37 -23.19 8.31
C LEU B 209 -71.16 -23.99 9.35
N GLY B 210 -71.31 -25.29 9.15
CA GLY B 210 -71.90 -26.15 10.17
C GLY B 210 -73.23 -26.79 9.78
N TYR B 211 -73.70 -26.62 8.56
CA TYR B 211 -74.95 -27.26 8.15
C TYR B 211 -74.75 -28.76 8.00
N SER B 212 -75.67 -29.53 8.58
CA SER B 212 -75.50 -30.98 8.73
C SER B 212 -76.39 -31.81 7.83
N ASP B 213 -77.18 -31.21 6.95
CA ASP B 213 -78.13 -31.95 6.11
C ASP B 213 -78.08 -31.34 4.71
N ILE B 214 -77.02 -31.66 3.97
CA ILE B 214 -76.76 -31.11 2.65
C ILE B 214 -76.77 -32.27 1.66
N THR B 215 -77.56 -32.14 0.60
CA THR B 215 -77.66 -33.19 -0.40
C THR B 215 -77.44 -32.62 -1.78
N ILE B 216 -76.54 -33.25 -2.53
CA ILE B 216 -76.34 -32.95 -3.94
C ILE B 216 -77.07 -34.00 -4.76
N PHE B 217 -77.94 -33.54 -5.66
CA PHE B 217 -78.69 -34.41 -6.56
C PHE B 217 -78.09 -34.34 -7.95
N GLU B 218 -77.59 -35.47 -8.45
CA GLU B 218 -76.84 -35.52 -9.69
C GLU B 218 -77.57 -36.39 -10.70
N LYS B 219 -77.72 -35.88 -11.92
CA LYS B 219 -78.43 -36.60 -12.97
C LYS B 219 -77.71 -37.90 -13.35
N GLN B 220 -76.41 -37.81 -13.59
CA GLN B 220 -75.65 -38.96 -14.09
C GLN B 220 -75.30 -39.91 -12.94
N GLU B 221 -74.71 -41.03 -13.32
CA GLU B 221 -74.17 -41.97 -12.35
C GLU B 221 -72.73 -41.65 -11.95
N TYR B 222 -72.14 -40.61 -12.52
CA TYR B 222 -70.79 -40.16 -12.17
C TYR B 222 -70.87 -38.74 -11.63
N VAL B 223 -69.84 -38.33 -10.89
CA VAL B 223 -69.82 -37.03 -10.23
C VAL B 223 -68.60 -36.25 -10.70
N GLY B 224 -68.69 -34.93 -10.53
CA GLY B 224 -67.63 -34.01 -10.92
C GLY B 224 -67.97 -33.15 -12.11
N GLY B 225 -69.10 -33.37 -12.77
CA GLY B 225 -69.46 -32.51 -13.90
C GLY B 225 -68.46 -32.61 -15.04
N LEU B 226 -68.21 -31.46 -15.68
CA LEU B 226 -67.37 -31.44 -16.88
C LEU B 226 -65.92 -31.82 -16.57
N SER B 227 -65.46 -31.56 -15.35
CA SER B 227 -64.15 -32.07 -14.92
C SER B 227 -64.03 -33.57 -15.18
N THR B 228 -65.13 -34.31 -15.03
CA THR B 228 -65.16 -35.75 -15.22
C THR B 228 -65.59 -36.12 -16.63
N SER B 229 -66.68 -35.51 -17.14
CA SER B 229 -67.28 -36.01 -18.36
C SER B 229 -66.60 -35.49 -19.63
N GLU B 230 -65.89 -34.34 -19.58
CA GLU B 230 -65.36 -33.85 -20.85
C GLU B 230 -63.89 -33.42 -20.81
N ILE B 231 -63.40 -32.85 -19.71
CA ILE B 231 -61.99 -32.42 -19.70
C ILE B 231 -61.11 -33.67 -19.80
N PRO B 232 -60.20 -33.73 -20.78
CA PRO B 232 -59.49 -34.99 -21.05
C PRO B 232 -58.60 -35.44 -19.90
N GLN B 233 -58.45 -36.76 -19.80
CA GLN B 233 -57.59 -37.38 -18.78
C GLN B 233 -56.14 -36.90 -18.89
N PHE B 234 -55.69 -36.54 -20.10
CA PHE B 234 -54.31 -36.09 -20.24
C PHE B 234 -54.09 -34.64 -19.82
N ARG B 235 -55.15 -33.93 -19.44
CA ARG B 235 -55.03 -32.65 -18.76
C ARG B 235 -55.44 -32.72 -17.29
N LEU B 236 -56.47 -33.50 -16.97
CA LEU B 236 -57.02 -33.57 -15.62
C LEU B 236 -57.32 -35.03 -15.28
N PRO B 237 -56.43 -35.70 -14.54
CA PRO B 237 -56.67 -37.12 -14.23
C PRO B 237 -57.89 -37.29 -13.34
N TYR B 238 -58.63 -38.37 -13.56
CA TYR B 238 -59.87 -38.55 -12.83
C TYR B 238 -59.64 -38.68 -11.32
N ASP B 239 -58.49 -39.23 -10.91
CA ASP B 239 -58.26 -39.40 -9.48
C ASP B 239 -58.17 -38.07 -8.74
N VAL B 240 -57.90 -36.96 -9.45
CA VAL B 240 -57.96 -35.64 -8.82
C VAL B 240 -59.40 -35.29 -8.46
N VAL B 241 -60.33 -35.56 -9.36
CA VAL B 241 -61.74 -35.28 -9.09
C VAL B 241 -62.22 -36.12 -7.90
N ASN B 242 -61.89 -37.41 -7.91
CA ASN B 242 -62.28 -38.29 -6.81
C ASN B 242 -61.73 -37.78 -5.49
N PHE B 243 -60.49 -37.32 -5.49
CA PHE B 243 -59.88 -36.83 -4.25
C PHE B 243 -60.62 -35.61 -3.72
N GLU B 244 -60.98 -34.67 -4.59
CA GLU B 244 -61.67 -33.48 -4.12
C GLU B 244 -63.10 -33.81 -3.66
N ILE B 245 -63.77 -34.75 -4.32
CA ILE B 245 -65.09 -35.19 -3.86
C ILE B 245 -65.00 -35.78 -2.46
N GLU B 246 -64.01 -36.63 -2.22
CA GLU B 246 -63.92 -37.29 -0.92
C GLU B 246 -63.61 -36.30 0.20
N LEU B 247 -62.86 -35.23 -0.07
CA LEU B 247 -62.66 -34.21 0.95
C LEU B 247 -63.98 -33.57 1.35
N MET B 248 -64.84 -33.29 0.36
CA MET B 248 -66.15 -32.73 0.65
C MET B 248 -67.02 -33.72 1.44
N LYS B 249 -67.00 -35.00 1.05
CA LYS B 249 -67.76 -36.02 1.78
C LYS B 249 -67.30 -36.15 3.23
N ASP B 250 -66.03 -35.85 3.52
CA ASP B 250 -65.54 -35.86 4.90
C ASP B 250 -66.36 -34.94 5.80
N LEU B 251 -66.94 -33.87 5.23
CA LEU B 251 -67.75 -32.93 5.97
C LEU B 251 -69.20 -33.39 6.13
N GLY B 252 -69.57 -34.51 5.53
CA GLY B 252 -70.91 -35.04 5.67
C GLY B 252 -71.86 -34.71 4.54
N VAL B 253 -71.40 -34.01 3.50
CA VAL B 253 -72.24 -33.75 2.34
C VAL B 253 -72.62 -35.08 1.70
N LYS B 254 -73.90 -35.24 1.39
CA LYS B 254 -74.43 -36.44 0.75
C LYS B 254 -74.58 -36.19 -0.75
N ILE B 255 -74.28 -37.21 -1.54
CA ILE B 255 -74.48 -37.18 -2.99
C ILE B 255 -75.45 -38.31 -3.36
N ILE B 256 -76.50 -37.97 -4.10
CA ILE B 256 -77.42 -38.97 -4.64
C ILE B 256 -77.40 -38.88 -6.15
N CYS B 257 -76.97 -39.96 -6.81
CA CYS B 257 -76.89 -40.00 -8.26
C CYS B 257 -78.22 -40.51 -8.84
N GLY B 258 -78.34 -40.37 -10.15
CA GLY B 258 -79.55 -40.82 -10.81
C GLY B 258 -80.78 -40.00 -10.52
N LYS B 259 -80.61 -38.75 -10.09
CA LYS B 259 -81.74 -37.86 -9.82
C LYS B 259 -81.56 -36.55 -10.57
N SER B 260 -82.62 -36.09 -11.21
CA SER B 260 -82.52 -34.98 -12.14
C SER B 260 -83.51 -33.86 -11.77
N LEU B 261 -83.08 -32.63 -11.97
CA LEU B 261 -83.99 -31.49 -11.99
C LEU B 261 -84.70 -31.50 -13.33
N SER B 262 -85.97 -31.91 -13.33
CA SER B 262 -86.73 -32.05 -14.56
C SER B 262 -88.21 -32.11 -14.19
N GLU B 263 -89.05 -31.60 -15.09
CA GLU B 263 -90.47 -31.43 -14.75
C GLU B 263 -91.08 -32.70 -14.19
N ASN B 264 -90.60 -33.87 -14.60
CA ASN B 264 -91.20 -35.11 -14.17
C ASN B 264 -90.43 -35.77 -13.01
N GLU B 265 -89.36 -35.14 -12.53
CA GLU B 265 -88.65 -35.63 -11.36
C GLU B 265 -88.54 -34.55 -10.30
N ILE B 266 -87.33 -34.03 -10.07
CA ILE B 266 -87.15 -32.98 -9.07
C ILE B 266 -87.52 -31.64 -9.67
N THR B 267 -88.40 -30.91 -8.98
CA THR B 267 -88.76 -29.54 -9.32
C THR B 267 -88.66 -28.72 -8.04
N LEU B 268 -88.67 -27.40 -8.19
CA LEU B 268 -88.68 -26.54 -7.01
C LEU B 268 -89.90 -26.83 -6.16
N ASN B 269 -91.04 -27.09 -6.80
CA ASN B 269 -92.27 -27.40 -6.07
C ASN B 269 -92.10 -28.65 -5.21
N THR B 270 -91.62 -29.74 -5.83
CA THR B 270 -91.43 -30.97 -5.06
C THR B 270 -90.41 -30.79 -3.94
N LEU B 271 -89.39 -29.95 -4.16
CA LEU B 271 -88.41 -29.69 -3.12
C LEU B 271 -89.05 -28.96 -1.94
N LYS B 272 -89.85 -27.93 -2.24
CA LYS B 272 -90.59 -27.23 -1.19
C LYS B 272 -91.55 -28.18 -0.49
N GLU B 273 -92.22 -29.05 -1.24
CA GLU B 273 -93.13 -30.03 -0.65
C GLU B 273 -92.41 -30.98 0.29
N GLU B 274 -91.14 -31.27 0.03
CA GLU B 274 -90.39 -32.25 0.80
C GLU B 274 -89.64 -31.64 1.97
N GLY B 275 -89.81 -30.34 2.22
CA GLY B 275 -89.19 -29.71 3.37
C GLY B 275 -87.82 -29.12 3.14
N TYR B 276 -87.38 -28.99 1.90
CA TYR B 276 -86.08 -28.37 1.65
C TYR B 276 -86.21 -26.86 1.81
N LYS B 277 -85.32 -26.27 2.60
CA LYS B 277 -85.39 -24.85 2.91
C LYS B 277 -84.59 -23.98 1.95
N ALA B 278 -83.65 -24.54 1.20
CA ALA B 278 -82.89 -23.77 0.24
C ALA B 278 -82.44 -24.69 -0.89
N ALA B 279 -82.26 -24.10 -2.07
CA ALA B 279 -81.82 -24.86 -3.23
C ALA B 279 -80.76 -24.06 -3.98
N PHE B 280 -79.74 -24.77 -4.47
CA PHE B 280 -78.71 -24.19 -5.31
C PHE B 280 -78.70 -24.92 -6.64
N ILE B 281 -78.84 -24.17 -7.73
CA ILE B 281 -78.91 -24.74 -9.08
C ILE B 281 -77.51 -24.67 -9.67
N GLY B 282 -76.89 -25.85 -9.87
CA GLY B 282 -75.58 -25.90 -10.49
C GLY B 282 -75.50 -26.95 -11.59
N ILE B 283 -76.49 -26.97 -12.48
CA ILE B 283 -76.56 -28.02 -13.51
C ILE B 283 -75.77 -27.69 -14.76
N GLY B 284 -75.15 -26.52 -14.83
CA GLY B 284 -74.38 -26.17 -16.01
C GLY B 284 -75.27 -26.00 -17.23
N LEU B 285 -74.63 -26.15 -18.40
CA LEU B 285 -75.28 -26.02 -19.71
C LEU B 285 -75.33 -27.39 -20.37
N PRO B 286 -76.40 -28.16 -20.16
CA PRO B 286 -76.37 -29.60 -20.50
C PRO B 286 -76.48 -29.93 -22.00
N GLU B 287 -76.87 -29.00 -22.86
CA GLU B 287 -77.05 -29.41 -24.24
C GLU B 287 -75.99 -28.79 -25.14
N PRO B 288 -75.59 -29.48 -26.21
CA PRO B 288 -74.67 -28.87 -27.16
C PRO B 288 -75.40 -27.84 -27.99
N LYS B 289 -74.67 -26.84 -28.47
CA LYS B 289 -75.27 -25.96 -29.45
C LYS B 289 -75.05 -26.55 -30.83
N THR B 290 -76.15 -26.69 -31.55
CA THR B 290 -76.23 -27.46 -32.79
C THR B 290 -76.47 -26.53 -33.96
N ASP B 291 -76.23 -27.06 -35.15
CA ASP B 291 -76.49 -26.37 -36.40
C ASP B 291 -77.50 -27.18 -37.19
N ASP B 292 -78.40 -26.49 -37.90
CA ASP B 292 -79.39 -27.17 -38.74
C ASP B 292 -78.71 -28.08 -39.76
N ILE B 293 -77.51 -27.70 -40.22
CA ILE B 293 -76.80 -28.39 -41.30
C ILE B 293 -76.54 -29.85 -40.96
N PHE B 294 -76.46 -30.19 -39.68
CA PHE B 294 -76.05 -31.52 -39.26
C PHE B 294 -77.20 -32.40 -38.78
N GLN B 295 -78.43 -31.92 -38.78
CA GLN B 295 -79.53 -32.73 -38.26
C GLN B 295 -79.71 -34.01 -39.07
N GLY B 296 -80.01 -35.09 -38.36
CA GLY B 296 -80.16 -36.39 -38.96
C GLY B 296 -78.90 -37.25 -38.99
N LEU B 297 -77.72 -36.65 -38.80
CA LEU B 297 -76.47 -37.38 -38.90
C LEU B 297 -76.20 -38.17 -37.63
N THR B 298 -75.89 -39.44 -37.77
CA THR B 298 -75.59 -40.30 -36.63
C THR B 298 -74.08 -40.30 -36.37
N GLN B 299 -73.71 -40.83 -35.20
CA GLN B 299 -72.29 -41.06 -34.92
C GLN B 299 -71.73 -42.10 -35.87
N ASP B 300 -72.55 -43.06 -36.29
CA ASP B 300 -72.12 -44.09 -37.22
C ASP B 300 -71.90 -43.55 -38.62
N GLN B 301 -72.45 -42.38 -38.94
CA GLN B 301 -72.12 -41.69 -40.18
C GLN B 301 -70.86 -40.85 -40.06
N GLY B 302 -70.33 -40.68 -38.86
CA GLY B 302 -69.15 -39.87 -38.64
C GLY B 302 -69.40 -38.52 -38.00
N PHE B 303 -70.61 -38.25 -37.51
CA PHE B 303 -70.91 -36.95 -36.92
C PHE B 303 -71.09 -37.05 -35.42
N TYR B 304 -70.44 -36.16 -34.69
CA TYR B 304 -70.59 -36.02 -33.24
C TYR B 304 -70.79 -34.56 -32.90
N THR B 305 -71.51 -34.31 -31.81
CA THR B 305 -71.28 -33.09 -31.06
C THR B 305 -70.23 -33.40 -29.98
N SER B 306 -69.63 -32.33 -29.46
CA SER B 306 -68.71 -32.48 -28.35
C SER B 306 -69.38 -33.16 -27.16
N LYS B 307 -70.67 -32.89 -26.92
CA LYS B 307 -71.40 -33.58 -25.87
C LYS B 307 -71.53 -35.08 -26.14
N ASP B 308 -71.42 -35.50 -27.40
CA ASP B 308 -71.42 -36.92 -27.72
C ASP B 308 -70.02 -37.51 -27.64
N PHE B 309 -69.02 -36.76 -28.12
CA PHE B 309 -67.69 -37.30 -28.32
C PHE B 309 -66.88 -37.33 -27.03
N LEU B 310 -66.74 -36.19 -26.37
CA LEU B 310 -65.84 -36.13 -25.22
C LEU B 310 -66.25 -37.07 -24.09
N PRO B 311 -67.54 -37.24 -23.77
CA PRO B 311 -67.89 -38.23 -22.73
C PRO B 311 -67.55 -39.66 -23.11
N LEU B 312 -67.64 -40.02 -24.39
CA LEU B 312 -67.22 -41.35 -24.81
C LEU B 312 -65.74 -41.58 -24.53
N VAL B 313 -64.90 -40.59 -24.84
CA VAL B 313 -63.47 -40.75 -24.59
C VAL B 313 -63.18 -40.77 -23.10
N ALA B 314 -63.88 -39.92 -22.33
CA ALA B 314 -63.69 -39.89 -20.88
C ALA B 314 -64.04 -41.23 -20.25
N LYS B 315 -65.21 -41.78 -20.60
CA LYS B 315 -65.65 -43.04 -20.02
C LYS B 315 -64.66 -44.17 -20.30
N SER B 316 -64.00 -44.13 -21.45
CA SER B 316 -63.05 -45.18 -21.80
C SER B 316 -61.69 -44.97 -21.15
N SER B 317 -61.28 -43.73 -20.91
CA SER B 317 -59.93 -43.45 -20.44
C SER B 317 -59.84 -43.09 -18.96
N LYS B 318 -60.98 -42.96 -18.27
CA LYS B 318 -60.99 -42.55 -16.87
C LYS B 318 -61.48 -43.71 -16.02
N ALA B 319 -60.53 -44.47 -15.46
CA ALA B 319 -60.88 -45.63 -14.66
C ALA B 319 -61.67 -45.21 -13.42
N GLY B 320 -62.79 -45.89 -13.18
CA GLY B 320 -63.61 -45.59 -12.04
C GLY B 320 -64.65 -44.52 -12.27
N MET B 321 -64.65 -43.88 -13.45
CA MET B 321 -65.71 -42.92 -13.76
C MET B 321 -67.04 -43.64 -13.95
N CYS B 322 -67.02 -44.82 -14.57
CA CYS B 322 -68.20 -45.64 -14.76
C CYS B 322 -67.92 -47.08 -14.31
N ALA B 323 -69.01 -47.80 -14.04
CA ALA B 323 -68.90 -49.24 -13.84
C ALA B 323 -68.65 -49.94 -15.17
N CYS B 324 -69.41 -49.57 -16.20
CA CYS B 324 -69.19 -50.11 -17.54
C CYS B 324 -67.81 -49.70 -18.05
N HIS B 325 -66.95 -50.70 -18.28
CA HIS B 325 -65.81 -50.47 -19.15
C HIS B 325 -66.33 -50.27 -20.57
N SER B 326 -65.82 -49.25 -21.25
CA SER B 326 -66.33 -48.87 -22.56
C SER B 326 -65.17 -48.68 -23.53
N PRO B 327 -65.41 -48.83 -24.83
CA PRO B 327 -64.33 -48.73 -25.80
C PRO B 327 -64.06 -47.29 -26.23
N LEU B 328 -62.83 -47.08 -26.67
CA LEU B 328 -62.47 -45.81 -27.27
C LEU B 328 -63.16 -45.69 -28.62
N PRO B 329 -63.81 -44.56 -28.92
CA PRO B 329 -64.47 -44.39 -30.22
C PRO B 329 -63.54 -44.70 -31.39
N SER B 330 -64.11 -45.28 -32.45
CA SER B 330 -63.34 -45.65 -33.64
C SER B 330 -63.29 -44.43 -34.55
N ILE B 331 -62.27 -43.61 -34.35
CA ILE B 331 -62.07 -42.39 -35.11
C ILE B 331 -60.91 -42.63 -36.06
N ARG B 332 -61.22 -42.89 -37.32
CA ARG B 332 -60.22 -43.22 -38.33
C ARG B 332 -60.29 -42.21 -39.46
N GLY B 333 -59.14 -41.88 -40.03
CA GLY B 333 -59.11 -40.97 -41.17
C GLY B 333 -58.98 -39.52 -40.78
N ALA B 334 -59.56 -38.63 -41.58
CA ALA B 334 -59.44 -37.20 -41.37
C ALA B 334 -60.64 -36.69 -40.58
N VAL B 335 -60.37 -35.85 -39.58
CA VAL B 335 -61.38 -35.35 -38.65
C VAL B 335 -61.46 -33.84 -38.77
N ILE B 336 -62.68 -33.33 -38.93
CA ILE B 336 -62.95 -31.90 -38.88
C ILE B 336 -63.54 -31.58 -37.51
N VAL B 337 -62.91 -30.64 -36.80
CA VAL B 337 -63.48 -30.11 -35.56
C VAL B 337 -63.90 -28.66 -35.81
N LEU B 338 -65.16 -28.36 -35.51
CA LEU B 338 -65.74 -27.03 -35.74
C LEU B 338 -65.81 -26.26 -34.43
N GLY B 339 -65.12 -25.13 -34.38
CA GLY B 339 -65.10 -24.28 -33.21
C GLY B 339 -63.70 -23.82 -32.87
N ALA B 340 -63.64 -22.89 -31.91
CA ALA B 340 -62.37 -22.28 -31.52
C ALA B 340 -62.33 -21.92 -30.04
N GLY B 341 -63.13 -22.60 -29.22
CA GLY B 341 -63.03 -22.51 -27.78
C GLY B 341 -62.31 -23.70 -27.16
N ASP B 342 -62.36 -23.76 -25.82
CA ASP B 342 -61.74 -24.87 -25.11
C ASP B 342 -62.24 -26.21 -25.63
N THR B 343 -63.56 -26.31 -25.83
CA THR B 343 -64.17 -27.57 -26.26
C THR B 343 -63.53 -28.09 -27.54
N ALA B 344 -63.33 -27.20 -28.51
CA ALA B 344 -62.82 -27.61 -29.83
C ALA B 344 -61.40 -28.14 -29.72
N PHE B 345 -60.54 -27.46 -28.96
CA PHE B 345 -59.17 -27.91 -28.87
C PHE B 345 -59.06 -29.21 -28.09
N ASP B 346 -59.98 -29.47 -27.16
CA ASP B 346 -60.00 -30.77 -26.48
C ASP B 346 -60.52 -31.87 -27.39
N CYS B 347 -61.52 -31.56 -28.23
CA CYS B 347 -61.95 -32.53 -29.24
C CYS B 347 -60.82 -32.85 -30.22
N ALA B 348 -60.07 -31.83 -30.64
CA ALA B 348 -58.99 -32.05 -31.59
C ALA B 348 -57.92 -32.98 -31.02
N THR B 349 -57.49 -32.71 -29.79
CA THR B 349 -56.46 -33.54 -29.18
C THR B 349 -57.00 -34.92 -28.82
N SER B 350 -58.24 -35.00 -28.32
CA SER B 350 -58.82 -36.31 -27.99
C SER B 350 -59.00 -37.16 -29.23
N ALA B 351 -59.26 -36.55 -30.39
CA ALA B 351 -59.44 -37.35 -31.59
C ALA B 351 -58.14 -38.06 -32.01
N LEU B 352 -56.99 -37.43 -31.74
CA LEU B 352 -55.73 -38.10 -32.03
C LEU B 352 -55.54 -39.34 -31.15
N ARG B 353 -56.08 -39.31 -29.92
CA ARG B 353 -56.02 -40.50 -29.07
C ARG B 353 -56.89 -41.63 -29.60
N CYS B 354 -57.95 -41.29 -30.36
CA CYS B 354 -58.82 -42.32 -30.92
C CYS B 354 -58.34 -42.83 -32.26
N GLY B 355 -57.17 -42.39 -32.72
CA GLY B 355 -56.58 -42.90 -33.94
C GLY B 355 -56.78 -42.07 -35.18
N ALA B 356 -57.10 -40.77 -35.05
CA ALA B 356 -57.25 -39.93 -36.22
C ALA B 356 -55.91 -39.78 -36.95
N ARG B 357 -55.98 -39.80 -38.29
CA ARG B 357 -54.79 -39.59 -39.11
C ARG B 357 -54.47 -38.10 -39.24
N ARG B 358 -55.49 -37.26 -39.24
CA ARG B 358 -55.33 -35.84 -39.50
C ARG B 358 -56.51 -35.12 -38.86
N VAL B 359 -56.24 -33.97 -38.24
CA VAL B 359 -57.30 -33.21 -37.59
C VAL B 359 -57.22 -31.76 -38.07
N PHE B 360 -58.35 -31.26 -38.54
CA PHE B 360 -58.50 -29.87 -38.93
C PHE B 360 -59.39 -29.19 -37.90
N LEU B 361 -58.87 -28.13 -37.27
CA LEU B 361 -59.70 -27.20 -36.52
C LEU B 361 -60.12 -26.10 -37.48
N VAL B 362 -61.44 -25.98 -37.72
CA VAL B 362 -61.97 -25.02 -38.68
C VAL B 362 -62.83 -24.03 -37.92
N PHE B 363 -62.55 -22.74 -38.10
CA PHE B 363 -63.36 -21.75 -37.42
C PHE B 363 -63.68 -20.59 -38.36
N ARG B 364 -64.75 -19.88 -38.02
CA ARG B 364 -65.40 -18.97 -38.95
C ARG B 364 -64.81 -17.57 -38.92
N LYS B 365 -63.99 -17.26 -37.93
CA LYS B 365 -63.25 -16.01 -37.88
C LYS B 365 -61.76 -16.31 -38.02
N GLY B 366 -60.93 -15.34 -37.64
CA GLY B 366 -59.49 -15.44 -37.83
C GLY B 366 -58.75 -15.96 -36.60
N PHE B 367 -57.43 -16.07 -36.76
CA PHE B 367 -56.61 -16.51 -35.65
C PHE B 367 -56.66 -15.53 -34.49
N VAL B 368 -56.66 -14.22 -34.80
CA VAL B 368 -56.79 -13.20 -33.78
C VAL B 368 -58.09 -13.34 -33.00
N ASN B 369 -59.04 -14.13 -33.53
CA ASN B 369 -60.38 -14.25 -32.95
C ASN B 369 -60.55 -15.49 -32.08
N ILE B 370 -59.54 -16.36 -32.01
CA ILE B 370 -59.65 -17.58 -31.21
C ILE B 370 -59.83 -17.22 -29.75
N ARG B 371 -60.80 -17.85 -29.09
CA ARG B 371 -61.11 -17.47 -27.72
C ARG B 371 -60.46 -18.36 -26.67
N ALA B 372 -59.99 -19.55 -27.03
CA ALA B 372 -59.21 -20.35 -26.10
C ALA B 372 -57.90 -19.64 -25.79
N VAL B 373 -57.38 -19.88 -24.58
CA VAL B 373 -56.14 -19.23 -24.14
C VAL B 373 -54.96 -19.82 -24.89
N PRO B 374 -53.88 -19.06 -25.06
CA PRO B 374 -52.71 -19.58 -25.80
C PRO B 374 -52.20 -20.91 -25.30
N GLU B 375 -52.29 -21.18 -23.99
CA GLU B 375 -51.86 -22.47 -23.44
C GLU B 375 -52.57 -23.61 -24.15
N GLU B 376 -53.89 -23.50 -24.26
CA GLU B 376 -54.71 -24.56 -24.86
C GLU B 376 -54.46 -24.71 -26.34
N VAL B 377 -54.28 -23.59 -27.04
CA VAL B 377 -53.98 -23.64 -28.47
C VAL B 377 -52.67 -24.39 -28.72
N GLU B 378 -51.67 -24.16 -27.86
CA GLU B 378 -50.34 -24.71 -28.13
C GLU B 378 -50.35 -26.23 -28.07
N LEU B 379 -51.21 -26.83 -27.24
CA LEU B 379 -51.26 -28.28 -27.16
C LEU B 379 -51.70 -28.88 -28.50
N ALA B 380 -52.72 -28.29 -29.13
CA ALA B 380 -53.14 -28.77 -30.45
C ALA B 380 -52.07 -28.49 -31.50
N LYS B 381 -51.42 -27.33 -31.43
CA LYS B 381 -50.38 -26.98 -32.39
C LYS B 381 -49.20 -27.94 -32.31
N GLU B 382 -48.74 -28.24 -31.10
CA GLU B 382 -47.58 -29.13 -30.98
C GLU B 382 -47.92 -30.55 -31.43
N GLU B 383 -49.20 -30.90 -31.46
CA GLU B 383 -49.62 -32.20 -31.97
C GLU B 383 -49.99 -32.15 -33.44
N LYS B 384 -49.64 -31.06 -34.13
CA LYS B 384 -49.71 -30.94 -35.58
C LYS B 384 -51.13 -30.99 -36.11
N CYS B 385 -52.09 -30.52 -35.31
CA CYS B 385 -53.42 -30.21 -35.84
C CYS B 385 -53.31 -29.05 -36.82
N GLU B 386 -54.10 -29.08 -37.88
CA GLU B 386 -54.13 -27.98 -38.84
C GLU B 386 -55.27 -27.02 -38.49
N PHE B 387 -55.03 -25.74 -38.69
CA PHE B 387 -55.99 -24.70 -38.35
C PHE B 387 -56.42 -23.99 -39.63
N LEU B 388 -57.73 -23.93 -39.86
CA LEU B 388 -58.30 -23.31 -41.03
C LEU B 388 -59.21 -22.16 -40.62
N PRO B 389 -58.81 -20.91 -40.84
CA PRO B 389 -59.63 -19.77 -40.43
C PRO B 389 -60.61 -19.34 -41.52
N PHE B 390 -61.55 -18.48 -41.12
CA PHE B 390 -62.47 -17.78 -42.03
C PHE B 390 -63.29 -18.75 -42.89
N LEU B 391 -63.80 -19.81 -42.26
CA LEU B 391 -64.61 -20.80 -42.97
C LEU B 391 -65.85 -21.12 -42.18
N SER B 392 -67.02 -21.05 -42.84
CA SER B 392 -68.26 -21.41 -42.18
C SER B 392 -68.90 -22.59 -42.89
N PRO B 393 -69.41 -23.59 -42.16
CA PRO B 393 -69.93 -24.80 -42.82
C PRO B 393 -71.26 -24.48 -43.50
N ARG B 394 -71.41 -24.96 -44.75
CA ARG B 394 -72.66 -24.81 -45.49
C ARG B 394 -73.36 -26.12 -45.79
N LYS B 395 -72.63 -27.20 -46.01
CA LYS B 395 -73.31 -28.48 -46.15
C LYS B 395 -72.34 -29.62 -45.96
N VAL B 396 -72.86 -30.73 -45.49
CA VAL B 396 -72.11 -31.96 -45.29
C VAL B 396 -72.41 -32.91 -46.43
N ILE B 397 -71.38 -33.53 -46.98
CA ILE B 397 -71.54 -34.45 -48.09
C ILE B 397 -71.56 -35.86 -47.55
N VAL B 398 -72.65 -36.58 -47.77
CA VAL B 398 -72.83 -37.95 -47.28
C VAL B 398 -72.94 -38.87 -48.49
N LYS B 399 -72.08 -39.87 -48.56
CA LYS B 399 -72.12 -40.84 -49.65
C LYS B 399 -71.96 -42.23 -49.06
N GLY B 400 -72.83 -43.15 -49.48
CA GLY B 400 -72.77 -44.52 -48.98
C GLY B 400 -73.00 -44.62 -47.49
N GLY B 401 -73.84 -43.75 -46.92
CA GLY B 401 -74.16 -43.84 -45.51
C GLY B 401 -73.15 -43.24 -44.56
N ARG B 402 -72.21 -42.43 -45.05
CA ARG B 402 -71.19 -41.86 -44.20
C ARG B 402 -70.74 -40.52 -44.77
N ILE B 403 -70.28 -39.64 -43.88
CA ILE B 403 -69.70 -38.37 -44.29
C ILE B 403 -68.44 -38.61 -45.12
N VAL B 404 -68.30 -37.87 -46.22
CA VAL B 404 -67.05 -37.86 -46.97
C VAL B 404 -66.42 -36.48 -47.06
N ALA B 405 -67.18 -35.40 -46.83
CA ALA B 405 -66.64 -34.06 -47.01
C ALA B 405 -67.60 -33.05 -46.42
N VAL B 406 -67.08 -31.88 -46.08
CA VAL B 406 -67.89 -30.73 -45.69
C VAL B 406 -67.60 -29.60 -46.66
N GLN B 407 -68.64 -28.93 -47.12
CA GLN B 407 -68.49 -27.74 -47.96
C GLN B 407 -68.58 -26.49 -47.09
N PHE B 408 -67.56 -25.63 -47.17
CA PHE B 408 -67.48 -24.39 -46.42
C PHE B 408 -67.56 -23.19 -47.35
N VAL B 409 -67.94 -22.06 -46.78
CA VAL B 409 -67.92 -20.76 -47.43
C VAL B 409 -66.95 -19.87 -46.68
N ARG B 410 -66.18 -19.07 -47.42
CA ARG B 410 -65.27 -18.13 -46.79
C ARG B 410 -66.05 -17.00 -46.11
N THR B 411 -65.54 -16.55 -44.97
CA THR B 411 -66.11 -15.40 -44.27
C THR B 411 -65.11 -14.26 -44.31
N GLU B 412 -65.62 -13.04 -44.10
CA GLU B 412 -64.71 -11.90 -44.00
C GLU B 412 -65.36 -10.80 -43.17
N GLN B 413 -64.55 -9.79 -42.87
CA GLN B 413 -64.93 -8.65 -42.04
C GLN B 413 -64.83 -7.38 -42.86
N ASP B 414 -65.91 -6.59 -42.86
CA ASP B 414 -66.05 -5.46 -43.78
C ASP B 414 -65.64 -4.13 -43.17
N GLU B 415 -66.35 -3.06 -43.55
CA GLU B 415 -66.10 -1.74 -42.99
C GLU B 415 -66.51 -1.69 -41.52
N THR B 416 -67.77 -2.05 -41.24
CA THR B 416 -68.29 -2.02 -39.87
C THR B 416 -67.49 -2.92 -38.95
N GLY B 417 -66.96 -4.03 -39.46
CA GLY B 417 -66.51 -5.12 -38.65
C GLY B 417 -67.52 -6.24 -38.53
N LYS B 418 -68.72 -6.04 -39.07
CA LYS B 418 -69.71 -7.10 -39.16
C LYS B 418 -69.21 -8.20 -40.08
N TRP B 419 -69.66 -9.43 -39.82
CA TRP B 419 -69.16 -10.60 -40.52
C TRP B 419 -70.12 -11.00 -41.63
N ASN B 420 -69.56 -11.24 -42.81
CA ASN B 420 -70.31 -11.62 -44.01
C ASN B 420 -69.94 -13.05 -44.42
N GLU B 421 -70.73 -13.60 -45.34
CA GLU B 421 -70.41 -14.86 -45.97
C GLU B 421 -70.32 -14.64 -47.48
N ASP B 422 -69.33 -15.25 -48.11
CA ASP B 422 -69.04 -15.08 -49.53
C ASP B 422 -69.47 -16.36 -50.26
N GLU B 423 -70.65 -16.30 -50.89
CA GLU B 423 -71.26 -17.51 -51.47
C GLU B 423 -70.41 -18.11 -52.58
N ASP B 424 -69.71 -17.27 -53.35
CA ASP B 424 -68.94 -17.73 -54.49
C ASP B 424 -67.59 -18.34 -54.11
N GLN B 425 -67.20 -18.30 -52.84
CA GLN B 425 -65.86 -18.66 -52.41
C GLN B 425 -65.96 -19.86 -51.47
N ILE B 426 -65.66 -21.05 -51.99
CA ILE B 426 -66.04 -22.33 -51.42
C ILE B 426 -64.79 -23.13 -51.11
N VAL B 427 -64.87 -23.96 -50.07
CA VAL B 427 -63.84 -24.96 -49.78
C VAL B 427 -64.52 -26.31 -49.60
N HIS B 428 -64.09 -27.29 -50.39
CA HIS B 428 -64.59 -28.67 -50.30
C HIS B 428 -63.54 -29.49 -49.56
N LEU B 429 -63.79 -29.78 -48.28
CA LEU B 429 -62.79 -30.39 -47.41
C LEU B 429 -63.18 -31.84 -47.12
N LYS B 430 -62.38 -32.77 -47.61
CA LYS B 430 -62.61 -34.18 -47.34
C LYS B 430 -62.46 -34.49 -45.86
N ALA B 431 -63.37 -35.31 -45.35
CA ALA B 431 -63.29 -35.71 -43.94
C ALA B 431 -64.13 -36.95 -43.75
N ASP B 432 -63.73 -37.78 -42.79
CA ASP B 432 -64.50 -38.96 -42.41
C ASP B 432 -65.31 -38.76 -41.15
N VAL B 433 -64.94 -37.79 -40.32
CA VAL B 433 -65.59 -37.52 -39.05
C VAL B 433 -65.71 -36.02 -38.89
N VAL B 434 -66.85 -35.57 -38.38
CA VAL B 434 -67.10 -34.17 -38.05
C VAL B 434 -67.51 -34.10 -36.60
N ILE B 435 -66.85 -33.25 -35.82
CA ILE B 435 -67.18 -33.02 -34.42
C ILE B 435 -67.51 -31.55 -34.27
N SER B 436 -68.76 -31.22 -33.99
CA SER B 436 -69.12 -29.83 -33.77
C SER B 436 -68.85 -29.48 -32.32
N ALA B 437 -68.10 -28.40 -32.10
CA ALA B 437 -67.72 -27.96 -30.76
C ALA B 437 -68.00 -26.47 -30.66
N PHE B 438 -69.27 -26.11 -30.88
CA PHE B 438 -69.72 -24.74 -30.93
C PHE B 438 -70.02 -24.16 -29.54
N GLY B 439 -69.94 -24.96 -28.50
CA GLY B 439 -70.35 -24.52 -27.18
C GLY B 439 -71.55 -25.29 -26.67
N SER B 440 -72.19 -24.73 -25.64
CA SER B 440 -73.26 -25.42 -24.94
C SER B 440 -74.34 -24.44 -24.54
N VAL B 441 -75.56 -24.97 -24.33
CA VAL B 441 -76.74 -24.17 -23.99
C VAL B 441 -77.62 -24.98 -23.03
N LEU B 442 -78.60 -24.28 -22.43
CA LEU B 442 -79.73 -24.90 -21.77
C LEU B 442 -80.96 -24.78 -22.67
N ARG B 443 -81.55 -25.92 -23.04
CA ARG B 443 -82.64 -25.92 -24.00
C ARG B 443 -83.82 -26.78 -23.53
N ASP B 444 -83.53 -27.83 -22.75
CA ASP B 444 -84.52 -28.80 -22.29
C ASP B 444 -85.73 -28.11 -21.65
N PRO B 445 -86.91 -28.19 -22.27
CA PRO B 445 -88.08 -27.52 -21.67
C PRO B 445 -88.50 -28.13 -20.36
N LYS B 446 -88.33 -29.44 -20.19
CA LYS B 446 -88.69 -30.07 -18.91
C LYS B 446 -87.79 -29.60 -17.78
N VAL B 447 -86.51 -29.36 -18.06
CA VAL B 447 -85.64 -28.79 -17.04
C VAL B 447 -86.06 -27.36 -16.72
N LYS B 448 -86.33 -26.56 -17.76
CA LYS B 448 -86.70 -25.17 -17.54
C LYS B 448 -88.02 -25.06 -16.79
N GLU B 449 -88.96 -25.97 -17.07
CA GLU B 449 -90.24 -25.95 -16.38
C GLU B 449 -90.10 -26.34 -14.93
N ALA B 450 -89.14 -27.21 -14.61
CA ALA B 450 -88.90 -27.60 -13.22
C ALA B 450 -88.36 -26.45 -12.37
N LEU B 451 -87.96 -25.34 -12.99
CA LEU B 451 -87.45 -24.17 -12.28
C LEU B 451 -88.51 -23.08 -12.13
N SER B 452 -89.73 -23.32 -12.56
CA SER B 452 -90.80 -22.36 -12.33
C SER B 452 -90.92 -22.08 -10.83
N PRO B 453 -91.13 -20.82 -10.43
CA PRO B 453 -91.31 -19.68 -11.33
C PRO B 453 -90.17 -18.66 -11.35
N ILE B 454 -88.91 -19.09 -11.33
CA ILE B 454 -87.83 -18.10 -11.32
C ILE B 454 -87.72 -17.44 -12.68
N LYS B 455 -87.26 -16.19 -12.67
CA LYS B 455 -87.18 -15.40 -13.89
C LYS B 455 -85.92 -15.74 -14.67
N PHE B 456 -86.07 -15.84 -15.99
CA PHE B 456 -84.97 -16.05 -16.91
C PHE B 456 -84.70 -14.74 -17.64
N ASN B 457 -83.53 -14.64 -18.27
CA ASN B 457 -83.15 -13.43 -18.98
C ASN B 457 -83.17 -13.66 -20.48
N ARG B 458 -82.75 -12.63 -21.22
CA ARG B 458 -82.77 -12.69 -22.68
C ARG B 458 -81.91 -13.83 -23.21
N TRP B 459 -80.89 -14.24 -22.44
CA TRP B 459 -80.02 -15.35 -22.80
C TRP B 459 -80.64 -16.70 -22.49
N ASP B 460 -81.87 -16.72 -21.96
CA ASP B 460 -82.57 -17.94 -21.57
C ASP B 460 -81.83 -18.71 -20.48
N LEU B 461 -81.35 -17.98 -19.49
CA LEU B 461 -80.66 -18.53 -18.33
C LEU B 461 -81.27 -17.91 -17.07
N PRO B 462 -81.17 -18.61 -15.94
CA PRO B 462 -81.72 -18.04 -14.70
C PRO B 462 -81.04 -16.73 -14.34
N GLU B 463 -81.87 -15.73 -14.01
CA GLU B 463 -81.37 -14.42 -13.58
C GLU B 463 -80.98 -14.47 -12.11
N VAL B 464 -79.80 -13.95 -11.78
CA VAL B 464 -79.36 -13.89 -10.40
C VAL B 464 -78.80 -12.49 -10.11
N ASP B 465 -78.95 -12.08 -8.87
CA ASP B 465 -78.19 -10.96 -8.35
C ASP B 465 -76.71 -11.34 -8.36
N PRO B 466 -75.85 -10.64 -9.11
CA PRO B 466 -74.44 -11.07 -9.22
C PRO B 466 -73.64 -10.97 -7.93
N GLU B 467 -74.17 -10.31 -6.90
CA GLU B 467 -73.47 -10.25 -5.62
C GLU B 467 -73.87 -11.37 -4.67
N THR B 468 -75.13 -11.80 -4.71
CA THR B 468 -75.63 -12.81 -3.81
C THR B 468 -75.87 -14.15 -4.48
N MET B 469 -75.91 -14.21 -5.81
CA MET B 469 -76.23 -15.43 -6.56
C MET B 469 -77.69 -15.87 -6.32
N GLN B 470 -78.54 -14.98 -5.81
CA GLN B 470 -79.93 -15.29 -5.54
C GLN B 470 -80.77 -15.08 -6.79
N THR B 471 -81.66 -16.04 -7.07
CA THR B 471 -82.63 -15.88 -8.14
C THR B 471 -83.83 -15.04 -7.66
N SER B 472 -84.82 -14.88 -8.53
CA SER B 472 -86.04 -14.16 -8.17
C SER B 472 -86.81 -14.85 -7.06
N GLU B 473 -86.63 -16.15 -6.87
CA GLU B 473 -87.16 -16.79 -5.68
C GLU B 473 -86.11 -16.73 -4.56
N PRO B 474 -86.45 -16.20 -3.39
CA PRO B 474 -85.42 -15.94 -2.37
C PRO B 474 -84.73 -17.17 -1.84
N TRP B 475 -85.34 -18.35 -1.92
CA TRP B 475 -84.74 -19.56 -1.38
C TRP B 475 -83.97 -20.36 -2.42
N VAL B 476 -83.84 -19.83 -3.65
CA VAL B 476 -83.20 -20.53 -4.75
C VAL B 476 -82.04 -19.70 -5.26
N PHE B 477 -80.85 -20.30 -5.27
CA PHE B 477 -79.63 -19.66 -5.74
C PHE B 477 -79.13 -20.44 -6.95
N ALA B 478 -78.19 -19.84 -7.69
CA ALA B 478 -77.62 -20.54 -8.84
C ALA B 478 -76.24 -19.98 -9.11
N GLY B 479 -75.42 -20.79 -9.77
CA GLY B 479 -74.05 -20.41 -10.08
C GLY B 479 -73.40 -21.39 -11.01
N GLY B 480 -72.24 -21.00 -11.53
CA GLY B 480 -71.55 -21.81 -12.51
C GLY B 480 -71.99 -21.49 -13.92
N ASP B 481 -71.77 -22.47 -14.80
CA ASP B 481 -72.05 -22.27 -16.23
C ASP B 481 -73.52 -21.88 -16.46
N ILE B 482 -74.44 -22.35 -15.61
CA ILE B 482 -75.87 -22.10 -15.82
C ILE B 482 -76.22 -20.62 -15.72
N VAL B 483 -75.38 -19.83 -15.06
CA VAL B 483 -75.67 -18.40 -14.93
C VAL B 483 -75.12 -17.60 -16.10
N GLY B 484 -74.13 -18.11 -16.83
CA GLY B 484 -73.67 -17.46 -18.02
C GLY B 484 -72.52 -16.50 -17.84
N MET B 485 -72.07 -16.25 -16.61
CA MET B 485 -70.89 -15.42 -16.36
C MET B 485 -69.63 -16.28 -16.32
N ALA B 486 -69.60 -17.27 -15.42
CA ALA B 486 -68.44 -18.14 -15.27
C ALA B 486 -68.07 -18.80 -16.60
N ASN B 487 -66.77 -18.79 -16.88
CA ASN B 487 -66.20 -19.38 -18.09
C ASN B 487 -65.31 -20.57 -17.76
N THR B 488 -65.05 -20.80 -16.48
CA THR B 488 -63.91 -21.57 -16.02
C THR B 488 -64.29 -22.33 -14.77
N THR B 489 -63.51 -23.37 -14.48
CA THR B 489 -63.72 -24.11 -13.25
C THR B 489 -63.64 -23.19 -12.04
N VAL B 490 -62.64 -22.30 -12.02
CA VAL B 490 -62.41 -21.47 -10.82
C VAL B 490 -63.54 -20.46 -10.63
N GLU B 491 -64.08 -19.92 -11.72
CA GLU B 491 -65.19 -18.99 -11.57
C GLU B 491 -66.46 -19.70 -11.13
N SER B 492 -66.63 -20.96 -11.55
CA SER B 492 -67.76 -21.73 -11.05
C SER B 492 -67.59 -22.05 -9.57
N VAL B 493 -66.37 -22.42 -9.17
CA VAL B 493 -66.07 -22.61 -7.75
C VAL B 493 -66.41 -21.35 -6.98
N ASN B 494 -66.00 -20.20 -7.50
CA ASN B 494 -66.25 -18.95 -6.77
C ASN B 494 -67.74 -18.63 -6.72
N ASP B 495 -68.49 -19.01 -7.75
CA ASP B 495 -69.93 -18.80 -7.71
C ASP B 495 -70.56 -19.57 -6.55
N GLY B 496 -70.13 -20.81 -6.33
CA GLY B 496 -70.70 -21.58 -5.23
C GLY B 496 -70.25 -21.05 -3.89
N LYS B 497 -69.02 -20.54 -3.83
CA LYS B 497 -68.50 -19.95 -2.60
C LYS B 497 -69.28 -18.70 -2.24
N GLN B 498 -69.47 -17.81 -3.21
CA GLN B 498 -70.27 -16.61 -3.00
C GLN B 498 -71.68 -16.96 -2.52
N ALA B 499 -72.34 -17.88 -3.22
CA ALA B 499 -73.72 -18.23 -2.88
C ALA B 499 -73.83 -18.79 -1.47
N SER B 500 -72.81 -19.52 -1.01
CA SER B 500 -72.93 -20.21 0.27
C SER B 500 -73.14 -19.22 1.41
N TRP B 501 -72.45 -18.07 1.38
CA TRP B 501 -72.68 -17.09 2.44
C TRP B 501 -74.13 -16.60 2.43
N TYR B 502 -74.67 -16.34 1.25
CA TYR B 502 -76.01 -15.75 1.21
C TYR B 502 -77.10 -16.79 1.38
N ILE B 503 -76.84 -18.05 0.98
CA ILE B 503 -77.72 -19.14 1.40
C ILE B 503 -77.75 -19.22 2.93
N HIS B 504 -76.57 -19.15 3.54
CA HIS B 504 -76.47 -19.17 4.99
C HIS B 504 -77.27 -18.03 5.60
N LYS B 505 -77.12 -16.82 5.04
CA LYS B 505 -77.85 -15.67 5.53
C LYS B 505 -79.35 -15.88 5.43
N TYR B 506 -79.82 -16.39 4.29
CA TYR B 506 -81.25 -16.61 4.09
C TYR B 506 -81.80 -17.64 5.06
N ILE B 507 -81.11 -18.77 5.21
CA ILE B 507 -81.61 -19.84 6.09
C ILE B 507 -81.66 -19.36 7.53
N GLN B 508 -80.59 -18.74 8.01
CA GLN B 508 -80.58 -18.23 9.38
C GLN B 508 -81.76 -17.30 9.63
N ALA B 509 -82.01 -16.37 8.70
CA ALA B 509 -83.12 -15.43 8.86
C ALA B 509 -84.46 -16.14 8.83
N GLN B 510 -84.57 -17.26 8.10
CA GLN B 510 -85.81 -18.03 8.12
C GLN B 510 -86.06 -18.65 9.47
N TYR B 511 -85.00 -18.91 10.25
CA TYR B 511 -85.14 -19.43 11.61
C TYR B 511 -85.06 -18.35 12.66
N GLY B 512 -85.15 -17.09 12.25
CA GLY B 512 -85.12 -15.97 13.20
C GLY B 512 -83.76 -15.60 13.70
N ALA B 513 -82.69 -15.90 12.95
CA ALA B 513 -81.33 -15.63 13.38
C ALA B 513 -80.66 -14.69 12.38
N SER B 514 -79.87 -13.76 12.90
CA SER B 514 -79.08 -12.87 12.07
C SER B 514 -77.66 -13.42 11.91
N VAL B 515 -76.94 -12.89 10.92
CA VAL B 515 -75.53 -13.21 10.69
C VAL B 515 -74.74 -11.91 10.66
N SER B 516 -73.42 -12.04 10.71
CA SER B 516 -72.57 -10.85 10.76
C SER B 516 -72.72 -10.03 9.48
N ALA B 517 -72.66 -8.70 9.64
CA ALA B 517 -72.69 -7.83 8.47
C ALA B 517 -71.54 -8.10 7.52
N LYS B 518 -70.46 -8.73 8.00
CA LYS B 518 -69.28 -8.97 7.18
C LYS B 518 -69.18 -10.46 6.89
N PRO B 519 -69.28 -10.87 5.63
CA PRO B 519 -69.19 -12.30 5.30
C PRO B 519 -67.86 -12.91 5.77
N GLU B 520 -67.96 -14.09 6.40
CA GLU B 520 -66.89 -14.69 7.17
C GLU B 520 -66.91 -16.21 6.95
N LEU B 521 -66.42 -16.65 5.76
CA LEU B 521 -66.40 -18.09 5.52
C LEU B 521 -65.20 -18.74 6.19
N PRO B 522 -65.38 -19.93 6.77
CA PRO B 522 -64.28 -20.58 7.50
C PRO B 522 -63.23 -21.14 6.56
N LEU B 523 -62.04 -21.34 7.13
CA LEU B 523 -60.91 -21.93 6.41
C LEU B 523 -61.08 -23.45 6.30
N PHE B 524 -60.10 -24.07 5.66
CA PHE B 524 -60.02 -25.51 5.48
C PHE B 524 -59.19 -26.11 6.62
N TYR B 525 -59.70 -27.16 7.27
CA TYR B 525 -59.03 -27.76 8.42
C TYR B 525 -58.83 -29.27 8.26
N THR B 526 -57.73 -29.78 8.85
CA THR B 526 -57.41 -31.20 8.92
C THR B 526 -56.95 -31.53 10.33
N PRO B 527 -56.77 -32.82 10.67
CA PRO B 527 -56.25 -33.14 12.01
C PRO B 527 -54.89 -32.54 12.29
N VAL B 528 -54.12 -32.18 11.25
CA VAL B 528 -52.82 -31.54 11.48
C VAL B 528 -52.99 -30.27 12.31
N ASP B 529 -54.08 -29.54 12.08
CA ASP B 529 -54.26 -28.24 12.71
C ASP B 529 -54.50 -28.32 14.21
N LEU B 530 -54.77 -29.52 14.72
CA LEU B 530 -54.96 -29.75 16.14
C LEU B 530 -53.67 -30.09 16.87
N VAL B 531 -52.57 -30.26 16.15
CA VAL B 531 -51.30 -30.64 16.78
C VAL B 531 -50.83 -29.53 17.70
N ASP B 532 -50.44 -29.92 18.93
CA ASP B 532 -49.97 -29.00 19.96
C ASP B 532 -48.48 -28.73 19.72
N ILE B 533 -48.12 -27.46 19.51
CA ILE B 533 -46.71 -27.11 19.33
C ILE B 533 -46.24 -26.16 20.42
N SER B 534 -46.84 -26.24 21.60
CA SER B 534 -46.35 -25.47 22.73
C SER B 534 -45.13 -26.14 23.34
N VAL B 535 -44.38 -25.37 24.13
CA VAL B 535 -43.18 -25.89 24.79
C VAL B 535 -42.95 -25.05 26.05
N GLU B 536 -42.51 -25.70 27.13
CA GLU B 536 -42.02 -25.02 28.32
C GLU B 536 -40.50 -24.95 28.31
N MET B 537 -39.97 -23.79 28.69
CA MET B 537 -38.53 -23.66 28.81
C MET B 537 -38.21 -22.65 29.90
N ALA B 538 -37.36 -23.06 30.85
CA ALA B 538 -36.93 -22.20 31.96
C ALA B 538 -38.13 -21.69 32.77
N GLY B 539 -39.13 -22.57 32.94
CA GLY B 539 -40.33 -22.19 33.68
C GLY B 539 -41.29 -21.27 32.95
N LEU B 540 -41.07 -21.03 31.67
CA LEU B 540 -41.94 -20.17 30.86
C LEU B 540 -42.71 -21.02 29.86
N LYS B 541 -43.97 -20.67 29.63
CA LYS B 541 -44.81 -21.38 28.66
C LYS B 541 -44.84 -20.60 27.35
N PHE B 542 -44.41 -21.24 26.27
CA PHE B 542 -44.46 -20.66 24.93
C PHE B 542 -45.60 -21.29 24.15
N ILE B 543 -46.50 -20.47 23.59
CA ILE B 543 -47.63 -21.04 22.86
C ILE B 543 -47.15 -21.69 21.56
N ASN B 544 -46.06 -21.19 20.99
CA ASN B 544 -45.33 -21.90 19.95
C ASN B 544 -43.86 -21.51 20.09
N PRO B 545 -42.95 -22.28 19.50
CA PRO B 545 -41.51 -22.04 19.73
C PRO B 545 -40.90 -20.93 18.88
N PHE B 546 -41.67 -20.18 18.09
CA PHE B 546 -41.09 -19.20 17.18
C PHE B 546 -41.18 -17.78 17.76
N GLY B 547 -40.06 -17.07 17.76
CA GLY B 547 -40.01 -15.73 18.30
C GLY B 547 -39.15 -14.83 17.43
N LEU B 548 -39.35 -13.51 17.61
CA LEU B 548 -38.52 -12.51 16.94
C LEU B 548 -37.26 -12.28 17.75
N ALA B 549 -36.10 -12.44 17.09
CA ALA B 549 -34.83 -12.09 17.70
C ALA B 549 -34.77 -10.59 17.97
N SER B 550 -33.86 -10.21 18.87
CA SER B 550 -33.56 -8.81 19.13
C SER B 550 -32.86 -8.26 17.90
N ALA B 551 -33.59 -7.52 17.06
CA ALA B 551 -33.04 -7.02 15.81
C ALA B 551 -33.94 -6.00 15.12
N ALA B 552 -33.70 -5.75 13.84
CA ALA B 552 -34.49 -4.75 13.13
C ALA B 552 -35.99 -5.04 13.13
N PRO B 553 -36.46 -6.28 13.03
CA PRO B 553 -37.91 -6.52 13.15
C PRO B 553 -38.51 -6.15 14.51
N THR B 554 -37.69 -5.91 15.54
CA THR B 554 -38.19 -5.40 16.81
C THR B 554 -37.68 -3.98 17.09
N THR B 555 -37.50 -3.19 16.02
CA THR B 555 -37.08 -1.80 16.15
C THR B 555 -38.03 -0.97 17.01
N SER B 556 -39.34 -1.28 16.97
CA SER B 556 -40.37 -0.53 17.70
C SER B 556 -41.33 -1.52 18.34
N SER B 557 -41.89 -1.16 19.50
CA SER B 557 -42.82 -2.07 20.18
C SER B 557 -44.15 -2.20 19.44
N SER B 558 -44.49 -1.22 18.60
CA SER B 558 -45.66 -1.36 17.75
C SER B 558 -45.49 -2.49 16.72
N MET B 559 -44.26 -2.75 16.30
CA MET B 559 -44.00 -3.91 15.45
C MET B 559 -44.15 -5.21 16.23
N ILE B 560 -43.72 -5.26 17.49
CA ILE B 560 -43.91 -6.46 18.28
C ILE B 560 -45.40 -6.73 18.48
N ARG B 561 -46.18 -5.67 18.69
CA ARG B 561 -47.63 -5.84 18.79
C ARG B 561 -48.20 -6.51 17.54
N ARG B 562 -47.83 -6.03 16.35
CA ARG B 562 -48.35 -6.64 15.13
C ARG B 562 -47.84 -8.07 14.96
N ALA B 563 -46.61 -8.36 15.37
CA ALA B 563 -46.12 -9.73 15.32
C ALA B 563 -46.96 -10.66 16.22
N PHE B 564 -47.30 -10.20 17.42
CA PHE B 564 -48.14 -11.03 18.29
C PHE B 564 -49.53 -11.23 17.70
N GLU B 565 -50.10 -10.18 17.09
CA GLU B 565 -51.39 -10.33 16.43
C GLU B 565 -51.30 -11.29 15.24
N ALA B 566 -50.13 -11.39 14.61
CA ALA B 566 -49.92 -12.35 13.52
C ALA B 566 -49.74 -13.77 14.02
N GLY B 567 -49.32 -13.97 15.26
CA GLY B 567 -49.23 -15.31 15.84
C GLY B 567 -47.88 -15.74 16.36
N TRP B 568 -46.90 -14.83 16.42
CA TRP B 568 -45.57 -15.21 16.90
C TRP B 568 -45.63 -15.55 18.38
N GLY B 569 -44.92 -16.62 18.76
CA GLY B 569 -44.99 -17.07 20.14
C GLY B 569 -44.36 -16.12 21.12
N PHE B 570 -43.24 -15.48 20.74
CA PHE B 570 -42.55 -14.57 21.64
C PHE B 570 -41.75 -13.54 20.84
N ALA B 571 -41.20 -12.56 21.56
CA ALA B 571 -40.39 -11.54 20.92
C ALA B 571 -39.39 -10.98 21.92
N LEU B 572 -38.24 -10.60 21.38
CA LEU B 572 -37.20 -9.87 22.10
C LEU B 572 -37.37 -8.38 21.81
N THR B 573 -37.12 -7.53 22.79
CA THR B 573 -36.93 -6.13 22.46
C THR B 573 -35.60 -5.98 21.73
N LYS B 574 -35.52 -4.98 20.86
CA LYS B 574 -34.22 -4.49 20.43
C LYS B 574 -33.42 -4.16 21.69
N THR B 575 -32.12 -4.44 21.65
CA THR B 575 -31.31 -4.24 22.86
C THR B 575 -31.35 -2.79 23.27
N PHE B 576 -31.60 -2.53 24.56
CA PHE B 576 -31.60 -1.15 25.05
C PHE B 576 -30.68 -1.02 26.26
N SER B 577 -30.36 0.22 26.59
CA SER B 577 -29.36 0.52 27.60
C SER B 577 -29.86 1.66 28.48
N LEU B 578 -29.01 2.08 29.42
CA LEU B 578 -29.25 3.26 30.22
C LEU B 578 -29.06 4.53 29.38
N ASP B 579 -29.65 5.63 29.86
CA ASP B 579 -29.63 6.88 29.11
C ASP B 579 -28.21 7.33 28.80
N LYS B 580 -27.27 7.16 29.73
CA LYS B 580 -25.90 7.61 29.48
C LYS B 580 -25.22 6.84 28.35
N ASP B 581 -25.65 5.63 28.04
CA ASP B 581 -25.03 4.84 26.99
C ASP B 581 -25.75 4.99 25.64
N ILE B 582 -26.63 5.98 25.52
CA ILE B 582 -27.38 6.31 24.31
C ILE B 582 -26.51 6.27 23.06
N VAL B 583 -26.94 5.54 22.04
CA VAL B 583 -26.18 5.40 20.81
C VAL B 583 -26.85 6.21 19.71
N THR B 584 -26.09 6.44 18.64
CA THR B 584 -26.62 7.03 17.42
C THR B 584 -26.13 6.23 16.22
N ASN B 585 -27.07 5.67 15.44
CA ASN B 585 -26.74 4.84 14.30
C ASN B 585 -26.21 5.68 13.15
N VAL B 586 -25.46 5.02 12.27
CA VAL B 586 -25.04 5.60 11.03
C VAL B 586 -25.91 5.03 9.91
N SER B 587 -25.72 5.54 8.69
CA SER B 587 -26.40 5.02 7.52
C SER B 587 -25.47 5.20 6.32
N PRO B 588 -25.50 4.28 5.35
CA PRO B 588 -26.23 3.01 5.30
C PRO B 588 -25.71 2.04 6.37
N ARG B 589 -26.51 1.05 6.78
CA ARG B 589 -26.01 0.15 7.82
C ARG B 589 -26.44 -1.30 7.71
N ILE B 590 -27.37 -1.64 6.82
CA ILE B 590 -27.76 -3.03 6.57
C ILE B 590 -27.70 -3.29 5.07
N VAL B 591 -26.92 -4.30 4.66
CA VAL B 591 -26.73 -4.59 3.24
C VAL B 591 -26.99 -6.05 2.96
N ARG B 592 -27.29 -6.34 1.68
CA ARG B 592 -27.56 -7.72 1.29
C ARG B 592 -26.27 -8.52 1.28
N GLY B 593 -26.41 -9.82 1.53
CA GLY B 593 -25.27 -10.70 1.47
C GLY B 593 -24.88 -11.00 0.03
N THR B 594 -23.58 -11.19 -0.16
CA THR B 594 -23.00 -11.68 -1.40
C THR B 594 -22.67 -13.17 -1.32
N THR B 595 -23.18 -13.85 -0.29
CA THR B 595 -22.84 -15.25 -0.01
C THR B 595 -23.42 -16.23 -1.02
N SER B 596 -24.31 -15.82 -1.92
CA SER B 596 -24.77 -16.75 -2.94
C SER B 596 -24.85 -16.08 -4.32
N GLY B 597 -23.94 -15.14 -4.60
CA GLY B 597 -23.83 -14.55 -5.90
C GLY B 597 -24.85 -13.44 -6.15
N PRO B 598 -24.88 -12.95 -7.38
CA PRO B 598 -25.72 -11.79 -7.75
C PRO B 598 -27.17 -12.17 -8.01
N MET B 599 -27.83 -12.69 -6.97
CA MET B 599 -29.26 -12.94 -6.98
C MET B 599 -29.93 -11.93 -6.07
N TYR B 600 -30.82 -11.13 -6.65
CA TYR B 600 -31.49 -10.05 -5.96
C TYR B 600 -32.94 -10.42 -5.71
N GLY B 601 -33.57 -9.71 -4.77
CA GLY B 601 -34.96 -9.96 -4.43
C GLY B 601 -35.11 -10.97 -3.30
N PRO B 602 -36.06 -11.89 -3.43
CA PRO B 602 -36.42 -12.75 -2.30
C PRO B 602 -35.28 -13.70 -1.95
N GLY B 603 -35.33 -14.19 -0.70
CA GLY B 603 -34.46 -15.26 -0.27
C GLY B 603 -32.97 -14.92 -0.23
N GLN B 604 -32.62 -13.72 0.21
CA GLN B 604 -31.20 -13.38 0.39
C GLN B 604 -30.55 -14.33 1.40
N SER B 605 -29.39 -14.88 1.04
CA SER B 605 -28.78 -15.91 1.89
C SER B 605 -28.07 -15.32 3.09
N SER B 606 -27.89 -14.01 3.15
CA SER B 606 -27.39 -13.38 4.36
C SER B 606 -27.68 -11.89 4.30
N PHE B 607 -27.50 -11.23 5.44
CA PHE B 607 -27.35 -9.79 5.51
C PHE B 607 -26.09 -9.48 6.30
N LEU B 608 -25.55 -8.27 6.13
CA LEU B 608 -24.52 -7.73 7.00
C LEU B 608 -24.99 -6.39 7.56
N ASN B 609 -24.79 -6.18 8.84
CA ASN B 609 -25.24 -4.95 9.48
C ASN B 609 -24.12 -4.37 10.33
N ILE B 610 -24.07 -3.04 10.35
CA ILE B 610 -23.24 -2.32 11.31
C ILE B 610 -24.15 -1.48 12.20
N GLU B 611 -25.32 -2.03 12.53
CA GLU B 611 -26.25 -1.37 13.44
C GLU B 611 -25.78 -1.51 14.87
N LEU B 612 -26.12 -0.52 15.69
CA LEU B 612 -25.84 -0.56 17.12
C LEU B 612 -27.06 -1.12 17.86
N ILE B 613 -27.14 -0.89 19.16
CA ILE B 613 -28.31 -1.28 19.94
C ILE B 613 -29.43 -0.26 19.68
N SER B 614 -30.51 -0.33 20.46
CA SER B 614 -31.66 0.53 20.18
C SER B 614 -31.32 2.00 20.35
N GLU B 615 -31.83 2.83 19.44
CA GLU B 615 -31.78 4.27 19.63
C GLU B 615 -32.90 4.79 20.52
N LYS B 616 -33.85 3.94 20.90
CA LYS B 616 -34.95 4.33 21.78
C LYS B 616 -34.57 4.06 23.23
N THR B 617 -35.15 4.86 24.14
CA THR B 617 -34.70 4.91 25.52
C THR B 617 -35.23 3.75 26.33
N ALA B 618 -34.55 3.49 27.46
CA ALA B 618 -35.05 2.52 28.43
C ALA B 618 -36.50 2.81 28.84
N ALA B 619 -36.85 4.09 28.99
CA ALA B 619 -38.21 4.43 29.41
C ALA B 619 -39.24 3.98 28.37
N TYR B 620 -38.95 4.22 27.09
CA TYR B 620 -39.81 3.75 26.00
C TYR B 620 -40.00 2.23 26.06
N TRP B 621 -38.88 1.50 26.17
CA TRP B 621 -38.95 0.04 26.12
C TRP B 621 -39.62 -0.52 27.37
N CYS B 622 -39.33 0.05 28.54
CA CYS B 622 -39.98 -0.43 29.75
C CYS B 622 -41.49 -0.18 29.72
N GLN B 623 -41.90 1.05 29.37
CA GLN B 623 -43.33 1.29 29.20
C GLN B 623 -43.92 0.36 28.16
N SER B 624 -43.19 0.09 27.08
CA SER B 624 -43.73 -0.73 26.01
C SER B 624 -43.89 -2.18 26.44
N VAL B 625 -42.95 -2.68 27.25
CA VAL B 625 -43.06 -4.06 27.72
C VAL B 625 -44.28 -4.20 28.63
N THR B 626 -44.52 -3.21 29.49
CA THR B 626 -45.73 -3.23 30.32
C THR B 626 -46.98 -3.28 29.45
N GLU B 627 -47.04 -2.46 28.41
CA GLU B 627 -48.22 -2.44 27.55
C GLU B 627 -48.41 -3.79 26.85
N LEU B 628 -47.32 -4.34 26.30
CA LEU B 628 -47.41 -5.60 25.56
C LEU B 628 -47.80 -6.75 26.47
N LYS B 629 -47.23 -6.80 27.69
CA LYS B 629 -47.62 -7.87 28.60
C LYS B 629 -49.06 -7.69 29.10
N ALA B 630 -49.55 -6.45 29.15
CA ALA B 630 -50.96 -6.25 29.49
C ALA B 630 -51.87 -6.80 28.40
N ASP B 631 -51.52 -6.56 27.13
CA ASP B 631 -52.41 -6.95 26.03
C ASP B 631 -52.21 -8.37 25.55
N PHE B 632 -51.02 -8.95 25.76
CA PHE B 632 -50.71 -10.30 25.27
C PHE B 632 -50.10 -11.14 26.39
N PRO B 633 -50.91 -11.47 27.41
CA PRO B 633 -50.35 -12.20 28.56
C PRO B 633 -49.78 -13.57 28.21
N ASP B 634 -50.29 -14.22 27.15
CA ASP B 634 -49.79 -15.53 26.77
C ASP B 634 -48.55 -15.48 25.87
N ASN B 635 -48.21 -14.31 25.32
CA ASN B 635 -47.03 -14.18 24.48
C ASN B 635 -45.84 -13.76 25.35
N ILE B 636 -44.72 -14.43 25.17
CA ILE B 636 -43.55 -14.15 26.02
C ILE B 636 -42.81 -12.95 25.47
N VAL B 637 -42.47 -12.01 26.34
CA VAL B 637 -41.71 -10.82 25.96
C VAL B 637 -40.40 -10.86 26.73
N ILE B 638 -39.28 -10.80 26.01
CA ILE B 638 -37.97 -10.85 26.62
C ILE B 638 -37.27 -9.53 26.37
N ALA B 639 -36.83 -8.88 27.44
CA ALA B 639 -36.13 -7.60 27.35
C ALA B 639 -34.64 -7.84 27.13
N SER B 640 -34.12 -7.38 25.99
CA SER B 640 -32.69 -7.43 25.73
C SER B 640 -32.04 -6.16 26.22
N ILE B 641 -30.97 -6.30 27.02
CA ILE B 641 -30.34 -5.15 27.68
C ILE B 641 -28.82 -5.26 27.58
N MET B 642 -28.15 -4.11 27.62
CA MET B 642 -26.70 -4.08 27.54
C MET B 642 -26.15 -2.91 28.36
N CYS B 643 -25.11 -3.20 29.16
CA CYS B 643 -24.35 -2.19 29.88
C CYS B 643 -22.87 -2.38 29.59
N SER B 644 -22.08 -1.38 29.97
CA SER B 644 -20.64 -1.56 30.00
C SER B 644 -20.28 -2.47 31.19
N TYR B 645 -19.00 -2.80 31.32
CA TYR B 645 -18.56 -3.70 32.39
C TYR B 645 -18.58 -2.95 33.72
N ASN B 646 -19.79 -2.80 34.27
CA ASN B 646 -20.02 -1.98 35.45
C ASN B 646 -21.12 -2.63 36.26
N LYS B 647 -20.81 -3.01 37.51
CA LYS B 647 -21.76 -3.78 38.30
C LYS B 647 -23.04 -2.99 38.58
N ASN B 648 -22.90 -1.73 38.99
CA ASN B 648 -24.08 -0.93 39.31
C ASN B 648 -24.98 -0.77 38.09
N ASP B 649 -24.39 -0.61 36.91
CA ASP B 649 -25.19 -0.39 35.71
C ASP B 649 -26.02 -1.62 35.36
N TRP B 650 -25.39 -2.80 35.33
CA TRP B 650 -26.12 -4.03 34.99
C TRP B 650 -27.24 -4.30 35.99
N MET B 651 -26.98 -4.06 37.28
CA MET B 651 -28.02 -4.28 38.28
C MET B 651 -29.17 -3.28 38.12
N GLU B 652 -28.84 -2.01 37.86
CA GLU B 652 -29.88 -1.01 37.68
C GLU B 652 -30.76 -1.32 36.47
N LEU B 653 -30.15 -1.55 35.32
CA LEU B 653 -30.90 -1.76 34.08
C LEU B 653 -31.73 -3.03 34.15
N SER B 654 -31.18 -4.11 34.71
CA SER B 654 -31.94 -5.36 34.79
C SER B 654 -33.14 -5.20 35.72
N ARG B 655 -32.97 -4.48 36.83
CA ARG B 655 -34.12 -4.26 37.71
C ARG B 655 -35.20 -3.41 37.04
N LYS B 656 -34.81 -2.41 36.24
CA LYS B 656 -35.80 -1.59 35.53
C LYS B 656 -36.59 -2.45 34.55
N ALA B 657 -35.92 -3.34 33.82
CA ALA B 657 -36.61 -4.19 32.86
C ALA B 657 -37.48 -5.22 33.55
N GLU B 658 -36.99 -5.80 34.65
CA GLU B 658 -37.81 -6.71 35.45
C GLU B 658 -39.06 -6.02 35.97
N ALA B 659 -38.90 -4.80 36.50
CA ALA B 659 -40.04 -4.08 37.07
C ALA B 659 -41.13 -3.81 36.04
N SER B 660 -40.77 -3.73 34.76
CA SER B 660 -41.71 -3.45 33.67
C SER B 660 -42.62 -4.63 33.34
N GLY B 661 -42.32 -5.83 33.83
CA GLY B 661 -43.13 -6.99 33.55
C GLY B 661 -42.55 -7.96 32.53
N ALA B 662 -41.32 -7.75 32.07
CA ALA B 662 -40.68 -8.71 31.18
C ALA B 662 -40.74 -10.12 31.76
N ASP B 663 -41.03 -11.10 30.89
CA ASP B 663 -41.02 -12.49 31.35
C ASP B 663 -39.60 -12.94 31.66
N ALA B 664 -38.62 -12.42 30.93
CA ALA B 664 -37.22 -12.78 31.11
C ALA B 664 -36.37 -11.65 30.52
N LEU B 665 -35.08 -11.69 30.84
CA LEU B 665 -34.10 -10.79 30.25
C LEU B 665 -33.16 -11.57 29.33
N GLU B 666 -32.64 -10.89 28.31
CA GLU B 666 -31.58 -11.42 27.47
C GLU B 666 -30.40 -10.46 27.58
N LEU B 667 -29.23 -10.96 27.97
CA LEU B 667 -28.06 -10.11 28.14
C LEU B 667 -27.28 -10.06 26.84
N ASN B 668 -27.16 -8.87 26.26
CA ASN B 668 -26.36 -8.67 25.06
C ASN B 668 -24.93 -8.34 25.50
N LEU B 669 -23.99 -9.19 25.14
CA LEU B 669 -22.62 -9.13 25.65
C LEU B 669 -21.64 -8.51 24.65
N SER B 670 -22.15 -7.67 23.74
CA SER B 670 -21.34 -7.09 22.67
C SER B 670 -20.59 -5.83 23.09
N ALA B 671 -20.70 -5.38 24.33
CA ALA B 671 -20.02 -4.16 24.75
C ALA B 671 -18.51 -4.37 24.79
N PRO B 672 -17.73 -3.35 24.48
CA PRO B 672 -16.29 -3.44 24.64
C PRO B 672 -15.86 -3.19 26.08
N HIS B 673 -14.77 -3.83 26.47
CA HIS B 673 -14.24 -3.66 27.82
C HIS B 673 -12.99 -2.79 27.86
N MET B 680 -7.62 -11.72 23.16
CA MET B 680 -8.83 -12.41 23.59
C MET B 680 -10.08 -11.60 23.21
N GLY B 681 -9.99 -10.86 22.12
CA GLY B 681 -11.12 -10.08 21.65
C GLY B 681 -11.35 -8.83 22.46
N LEU B 682 -12.25 -7.97 21.99
CA LEU B 682 -12.54 -6.71 22.66
C LEU B 682 -13.91 -6.67 23.31
N ALA B 683 -14.74 -7.70 23.12
CA ALA B 683 -16.10 -7.70 23.62
C ALA B 683 -16.21 -8.53 24.90
N CYS B 684 -17.11 -8.10 25.78
CA CYS B 684 -17.32 -8.79 27.04
C CYS B 684 -17.64 -10.26 26.81
N GLY B 685 -18.49 -10.54 25.82
CA GLY B 685 -18.94 -11.89 25.52
C GLY B 685 -17.87 -12.83 25.03
N GLN B 686 -16.66 -12.34 24.78
CA GLN B 686 -15.58 -13.18 24.29
C GLN B 686 -14.69 -13.73 25.39
N ASP B 687 -14.90 -13.29 26.63
CA ASP B 687 -14.05 -13.63 27.77
C ASP B 687 -14.90 -14.29 28.83
N PRO B 688 -14.69 -15.57 29.13
CA PRO B 688 -15.53 -16.24 30.13
C PRO B 688 -15.53 -15.57 31.50
N GLU B 689 -14.40 -14.98 31.91
CA GLU B 689 -14.35 -14.34 33.22
C GLU B 689 -15.33 -13.17 33.28
N LEU B 690 -15.41 -12.38 32.21
CA LEU B 690 -16.33 -11.24 32.21
C LEU B 690 -17.79 -11.68 32.12
N VAL B 691 -18.07 -12.69 31.29
CA VAL B 691 -19.43 -13.20 31.16
C VAL B 691 -19.92 -13.75 32.48
N ARG B 692 -19.06 -14.48 33.19
CA ARG B 692 -19.45 -15.04 34.47
C ARG B 692 -19.81 -13.93 35.46
N ASN B 693 -19.00 -12.86 35.52
CA ASN B 693 -19.27 -11.78 36.45
C ASN B 693 -20.54 -11.03 36.10
N ILE B 694 -20.75 -10.73 34.81
CA ILE B 694 -21.94 -10.00 34.39
C ILE B 694 -23.19 -10.78 34.75
N CYS B 695 -23.20 -12.09 34.44
CA CYS B 695 -24.33 -12.92 34.82
C CYS B 695 -24.54 -12.92 36.34
N ARG B 696 -23.46 -12.95 37.11
CA ARG B 696 -23.58 -12.90 38.57
C ARG B 696 -24.27 -11.62 39.03
N TRP B 697 -23.87 -10.48 38.48
CA TRP B 697 -24.49 -9.22 38.87
C TRP B 697 -25.98 -9.24 38.60
N VAL B 698 -26.37 -9.65 37.39
CA VAL B 698 -27.79 -9.67 37.03
C VAL B 698 -28.54 -10.68 37.89
N ARG B 699 -27.92 -11.84 38.17
CA ARG B 699 -28.60 -12.85 38.97
C ARG B 699 -28.91 -12.34 40.38
N GLN B 700 -28.01 -11.53 40.94
CA GLN B 700 -28.24 -10.92 42.24
C GLN B 700 -29.33 -9.85 42.18
N ALA B 701 -29.59 -9.29 41.02
CA ALA B 701 -30.46 -8.11 40.93
C ALA B 701 -31.91 -8.45 40.67
N VAL B 702 -32.20 -9.53 39.95
CA VAL B 702 -33.55 -9.83 39.50
C VAL B 702 -33.88 -11.28 39.81
N GLN B 703 -35.19 -11.56 39.82
CA GLN B 703 -35.72 -12.86 40.15
C GLN B 703 -36.26 -13.61 38.94
N ILE B 704 -36.62 -12.91 37.88
CA ILE B 704 -37.11 -13.54 36.65
C ILE B 704 -35.94 -14.24 35.97
N PRO B 705 -36.18 -15.17 35.04
CA PRO B 705 -35.07 -15.81 34.34
C PRO B 705 -34.37 -14.84 33.42
N PHE B 706 -33.10 -15.13 33.12
CA PHE B 706 -32.37 -14.36 32.14
C PHE B 706 -31.46 -15.29 31.34
N PHE B 707 -31.17 -14.89 30.11
CA PHE B 707 -30.37 -15.69 29.19
C PHE B 707 -29.23 -14.84 28.65
N ALA B 708 -28.03 -15.40 28.64
CA ALA B 708 -26.87 -14.71 28.07
C ALA B 708 -26.83 -14.99 26.57
N LYS B 709 -26.81 -13.93 25.76
CA LYS B 709 -26.71 -14.09 24.32
C LYS B 709 -25.25 -14.20 23.93
N LEU B 710 -24.87 -15.32 23.35
CA LEU B 710 -23.48 -15.67 23.11
C LEU B 710 -23.05 -15.27 21.70
N THR B 711 -21.82 -14.80 21.60
CA THR B 711 -21.28 -14.53 20.26
C THR B 711 -20.66 -15.80 19.70
N PRO B 712 -20.78 -16.04 18.39
CA PRO B 712 -20.06 -17.16 17.77
C PRO B 712 -18.59 -16.88 17.52
N ASN B 713 -18.15 -15.64 17.71
CA ASN B 713 -16.79 -15.23 17.36
C ASN B 713 -15.83 -15.50 18.51
N VAL B 714 -15.70 -16.79 18.84
CA VAL B 714 -14.85 -17.26 19.94
C VAL B 714 -14.32 -18.63 19.58
N THR B 715 -13.14 -18.95 20.14
CA THR B 715 -12.52 -20.24 19.89
C THR B 715 -13.41 -21.38 20.36
N ASP B 716 -14.05 -21.22 21.52
CA ASP B 716 -14.81 -22.31 22.14
C ASP B 716 -16.03 -21.70 22.82
N ILE B 717 -17.19 -21.79 22.14
CA ILE B 717 -18.40 -21.20 22.69
C ILE B 717 -18.90 -21.95 23.92
N VAL B 718 -18.48 -23.22 24.11
CA VAL B 718 -18.85 -23.94 25.32
C VAL B 718 -18.31 -23.22 26.54
N SER B 719 -17.09 -22.67 26.44
CA SER B 719 -16.49 -22.01 27.60
C SER B 719 -17.32 -20.81 28.03
N ILE B 720 -17.86 -20.04 27.08
CA ILE B 720 -18.63 -18.89 27.52
C ILE B 720 -20.03 -19.31 27.93
N ALA B 721 -20.58 -20.37 27.34
CA ALA B 721 -21.87 -20.87 27.82
C ALA B 721 -21.75 -21.36 29.25
N ARG B 722 -20.69 -22.11 29.56
CA ARG B 722 -20.50 -22.60 30.92
C ARG B 722 -20.30 -21.46 31.90
N ALA B 723 -19.62 -20.39 31.48
CA ALA B 723 -19.42 -19.25 32.36
C ALA B 723 -20.75 -18.58 32.70
N ALA B 724 -21.62 -18.41 31.69
CA ALA B 724 -22.96 -17.87 31.95
C ALA B 724 -23.72 -18.74 32.95
N LYS B 725 -23.65 -20.05 32.76
CA LYS B 725 -24.31 -20.96 33.69
C LYS B 725 -23.71 -20.85 35.09
N GLU B 726 -22.37 -20.72 35.19
CA GLU B 726 -21.74 -20.56 36.50
C GLU B 726 -22.15 -19.26 37.14
N GLY B 727 -22.38 -18.20 36.34
CA GLY B 727 -22.86 -16.95 36.86
C GLY B 727 -24.33 -16.90 37.21
N GLY B 728 -25.09 -17.94 36.87
CA GLY B 728 -26.49 -18.03 37.24
C GLY B 728 -27.50 -17.82 36.12
N ALA B 729 -27.06 -17.77 34.87
CA ALA B 729 -28.02 -17.66 33.78
C ALA B 729 -28.93 -18.88 33.75
N ASP B 730 -30.19 -18.66 33.37
CA ASP B 730 -31.14 -19.76 33.21
C ASP B 730 -31.05 -20.42 31.84
N GLY B 731 -30.16 -19.93 30.99
CA GLY B 731 -30.04 -20.45 29.64
C GLY B 731 -29.16 -19.52 28.83
N VAL B 732 -28.96 -19.88 27.56
CA VAL B 732 -28.16 -19.06 26.67
C VAL B 732 -28.88 -18.97 25.32
N THR B 733 -28.71 -17.84 24.65
CA THR B 733 -29.14 -17.68 23.26
C THR B 733 -27.93 -17.88 22.37
N ALA B 734 -28.04 -18.82 21.43
CA ALA B 734 -26.94 -19.14 20.52
C ALA B 734 -27.47 -19.11 19.09
N THR B 735 -26.98 -18.18 18.27
CA THR B 735 -25.93 -17.23 18.58
C THR B 735 -26.22 -15.84 17.99
N ASN B 736 -25.43 -14.85 18.38
CA ASN B 736 -25.46 -13.55 17.74
C ASN B 736 -24.83 -13.67 16.34
N THR B 737 -24.54 -12.55 15.70
CA THR B 737 -24.04 -12.57 14.33
C THR B 737 -22.53 -12.91 14.27
N VAL B 738 -22.11 -13.35 13.07
CA VAL B 738 -20.71 -13.70 12.80
C VAL B 738 -19.98 -12.48 12.25
N SER B 739 -18.75 -12.26 12.72
CA SER B 739 -18.00 -11.08 12.30
C SER B 739 -17.58 -11.22 10.84
N GLY B 740 -17.83 -10.19 10.03
CA GLY B 740 -17.52 -10.32 8.62
C GLY B 740 -17.43 -9.00 7.87
N LEU B 741 -17.05 -9.12 6.60
CA LEU B 741 -17.07 -8.03 5.66
C LEU B 741 -17.75 -8.54 4.40
N MET B 742 -18.75 -7.82 3.91
CA MET B 742 -19.57 -8.41 2.87
C MET B 742 -18.98 -8.17 1.49
N GLY B 743 -18.00 -7.28 1.38
CA GLY B 743 -17.35 -7.11 0.10
C GLY B 743 -17.09 -5.66 -0.32
N LEU B 744 -16.39 -5.51 -1.44
CA LEU B 744 -15.95 -4.22 -1.95
C LEU B 744 -16.37 -4.08 -3.40
N LYS B 745 -16.62 -2.84 -3.79
CA LYS B 745 -16.77 -2.56 -5.21
C LYS B 745 -15.40 -2.67 -5.90
N ALA B 746 -15.44 -2.72 -7.24
CA ALA B 746 -14.23 -2.92 -8.02
C ALA B 746 -13.22 -1.79 -7.85
N ASP B 747 -13.65 -0.60 -7.46
CA ASP B 747 -12.72 0.49 -7.18
C ASP B 747 -12.17 0.45 -5.75
N GLY B 748 -12.58 -0.53 -4.95
CA GLY B 748 -12.09 -0.70 -3.61
C GLY B 748 -12.95 -0.09 -2.51
N THR B 749 -13.98 0.67 -2.87
CA THR B 749 -14.84 1.23 -1.84
C THR B 749 -15.72 0.12 -1.25
N PRO B 750 -16.01 0.17 0.05
CA PRO B 750 -16.77 -0.91 0.69
C PRO B 750 -18.28 -0.69 0.60
N TRP B 751 -19.01 -1.71 1.01
CA TRP B 751 -20.46 -1.62 1.15
C TRP B 751 -20.85 -2.35 2.42
N PRO B 752 -21.45 -1.67 3.40
CA PRO B 752 -21.87 -0.25 3.37
C PRO B 752 -20.71 0.75 3.37
N ALA B 753 -20.92 1.92 2.78
CA ALA B 753 -19.95 3.01 2.80
C ALA B 753 -20.61 4.22 3.44
N VAL B 754 -20.00 4.74 4.50
CA VAL B 754 -20.62 5.76 5.34
C VAL B 754 -19.88 7.08 5.14
N GLY B 755 -20.64 8.14 4.83
CA GLY B 755 -20.09 9.47 4.72
C GLY B 755 -19.35 9.69 3.42
N ALA B 756 -18.89 10.93 3.25
CA ALA B 756 -18.10 11.28 2.08
C ALA B 756 -16.80 10.48 2.00
N GLY B 757 -16.24 10.08 3.14
CA GLY B 757 -15.03 9.27 3.17
C GLY B 757 -15.24 7.81 2.80
N LYS B 758 -16.48 7.39 2.57
CA LYS B 758 -16.79 6.03 2.14
C LYS B 758 -16.21 4.99 3.09
N ARG B 759 -16.38 5.24 4.39
CA ARG B 759 -15.79 4.39 5.43
C ARG B 759 -16.73 3.25 5.79
N THR B 760 -16.15 2.17 6.28
CA THR B 760 -16.93 1.11 6.89
C THR B 760 -16.17 0.55 8.08
N THR B 761 -16.84 -0.34 8.82
CA THR B 761 -16.22 -1.12 9.87
C THR B 761 -16.71 -2.56 9.75
N TYR B 762 -16.12 -3.45 10.55
CA TYR B 762 -16.55 -4.85 10.50
C TYR B 762 -17.98 -4.97 10.99
N GLY B 763 -18.77 -5.79 10.29
CA GLY B 763 -20.18 -5.95 10.58
C GLY B 763 -20.49 -7.37 11.03
N GLY B 764 -21.77 -7.59 11.33
CA GLY B 764 -22.26 -8.90 11.73
C GLY B 764 -23.06 -9.52 10.60
N VAL B 765 -22.71 -10.77 10.27
CA VAL B 765 -23.39 -11.55 9.23
C VAL B 765 -24.52 -12.34 9.87
N SER B 766 -25.72 -12.27 9.28
CA SER B 766 -26.90 -13.00 9.73
C SER B 766 -27.47 -13.81 8.55
N GLY B 767 -28.42 -14.68 8.83
CA GLY B 767 -29.13 -15.37 7.76
C GLY B 767 -28.68 -16.80 7.55
N THR B 768 -29.17 -17.39 6.45
CA THR B 768 -28.95 -18.83 6.24
C THR B 768 -27.49 -19.17 6.03
N ALA B 769 -26.66 -18.23 5.59
CA ALA B 769 -25.23 -18.49 5.44
C ALA B 769 -24.53 -18.80 6.77
N ILE B 770 -25.09 -18.36 7.90
CA ILE B 770 -24.48 -18.67 9.19
C ILE B 770 -25.14 -19.85 9.89
N ARG B 771 -26.15 -20.47 9.28
CA ARG B 771 -26.82 -21.60 9.94
C ARG B 771 -25.86 -22.73 10.32
N PRO B 772 -24.88 -23.15 9.49
CA PRO B 772 -23.97 -24.21 9.95
C PRO B 772 -23.22 -23.84 11.21
N ILE B 773 -22.94 -22.56 11.40
CA ILE B 773 -22.19 -22.10 12.57
C ILE B 773 -23.08 -22.14 13.80
N ALA B 774 -24.33 -21.70 13.65
CA ALA B 774 -25.26 -21.71 14.77
C ALA B 774 -25.64 -23.14 15.14
N LEU B 775 -25.83 -24.02 14.15
CA LEU B 775 -26.18 -25.40 14.47
C LEU B 775 -25.03 -26.08 15.21
N ARG B 776 -23.79 -25.86 14.76
CA ARG B 776 -22.64 -26.34 15.52
C ARG B 776 -22.65 -25.82 16.95
N ALA B 777 -22.89 -24.52 17.13
CA ALA B 777 -22.88 -23.95 18.48
C ALA B 777 -23.97 -24.58 19.35
N VAL B 778 -25.19 -24.69 18.82
CA VAL B 778 -26.29 -25.26 19.60
C VAL B 778 -25.99 -26.69 20.00
N THR B 779 -25.58 -27.53 19.03
CA THR B 779 -25.32 -28.93 19.34
C THR B 779 -24.18 -29.08 20.35
N THR B 780 -23.13 -28.27 20.25
CA THR B 780 -21.99 -28.46 21.14
C THR B 780 -22.31 -28.00 22.56
N ILE B 781 -23.11 -26.93 22.70
CA ILE B 781 -23.56 -26.52 24.01
C ILE B 781 -24.49 -27.59 24.60
N ALA B 782 -25.40 -28.13 23.78
CA ALA B 782 -26.35 -29.10 24.29
C ALA B 782 -25.67 -30.39 24.71
N ARG B 783 -24.55 -30.75 24.08
CA ARG B 783 -23.84 -31.95 24.49
C ARG B 783 -23.02 -31.72 25.74
N ALA B 784 -22.46 -30.51 25.90
CA ALA B 784 -21.62 -30.21 27.06
C ALA B 784 -22.43 -29.89 28.30
N LEU B 785 -23.61 -29.26 28.15
CA LEU B 785 -24.44 -28.83 29.28
C LEU B 785 -25.84 -29.42 29.11
N PRO B 786 -25.98 -30.74 29.30
CA PRO B 786 -27.26 -31.39 29.01
C PRO B 786 -28.39 -30.80 29.85
N GLY B 787 -29.48 -30.45 29.17
CA GLY B 787 -30.66 -29.91 29.82
C GLY B 787 -30.67 -28.41 29.98
N PHE B 788 -29.54 -27.74 29.81
CA PHE B 788 -29.44 -26.28 29.92
C PHE B 788 -30.23 -25.63 28.79
N PRO B 789 -31.20 -24.77 29.08
CA PRO B 789 -32.06 -24.23 28.01
C PRO B 789 -31.25 -23.44 26.99
N ILE B 790 -31.52 -23.69 25.71
CA ILE B 790 -30.92 -22.98 24.60
C ILE B 790 -32.02 -22.34 23.76
N LEU B 791 -31.90 -21.04 23.51
CA LEU B 791 -32.70 -20.34 22.50
C LEU B 791 -31.86 -20.22 21.24
N ALA B 792 -32.31 -20.82 20.14
CA ALA B 792 -31.51 -20.87 18.93
C ALA B 792 -31.74 -19.64 18.06
N THR B 793 -30.68 -19.21 17.40
CA THR B 793 -30.68 -18.03 16.56
C THR B 793 -29.66 -18.24 15.45
N GLY B 794 -30.06 -18.06 14.20
CA GLY B 794 -29.10 -18.04 13.11
C GLY B 794 -29.52 -18.80 11.87
N GLY B 795 -30.20 -18.12 10.95
CA GLY B 795 -30.60 -18.76 9.72
C GLY B 795 -31.84 -19.61 9.78
N ILE B 796 -32.67 -19.46 10.81
CA ILE B 796 -33.95 -20.16 10.88
C ILE B 796 -34.95 -19.46 9.96
N ASP B 797 -35.47 -20.19 8.96
CA ASP B 797 -36.32 -19.56 7.95
C ASP B 797 -37.48 -20.46 7.51
N SER B 798 -37.82 -21.48 8.30
CA SER B 798 -38.82 -22.47 7.94
C SER B 798 -39.07 -23.36 9.15
N ALA B 799 -40.20 -24.07 9.13
CA ALA B 799 -40.42 -25.06 10.17
C ALA B 799 -39.38 -26.17 10.08
N GLU B 800 -39.01 -26.56 8.85
CA GLU B 800 -38.01 -27.60 8.65
C GLU B 800 -36.68 -27.23 9.30
N SER B 801 -36.16 -26.03 8.99
CA SER B 801 -34.89 -25.62 9.61
C SER B 801 -35.06 -25.39 11.11
N GLY B 802 -36.22 -24.91 11.55
CA GLY B 802 -36.46 -24.80 12.98
C GLY B 802 -36.38 -26.14 13.68
N LEU B 803 -36.95 -27.19 13.07
CA LEU B 803 -36.91 -28.52 13.65
C LEU B 803 -35.48 -29.05 13.75
N GLN B 804 -34.60 -28.64 12.83
CA GLN B 804 -33.21 -29.04 12.95
C GLN B 804 -32.60 -28.49 14.22
N PHE B 805 -32.96 -27.26 14.59
CA PHE B 805 -32.42 -26.68 15.82
C PHE B 805 -33.02 -27.34 17.06
N LEU B 806 -34.33 -27.64 17.04
CA LEU B 806 -34.92 -28.38 18.16
C LEU B 806 -34.27 -29.75 18.31
N HIS B 807 -34.06 -30.45 17.19
CA HIS B 807 -33.36 -31.73 17.22
C HIS B 807 -31.95 -31.58 17.77
N SER B 808 -31.33 -30.43 17.56
CA SER B 808 -29.97 -30.15 18.00
C SER B 808 -29.90 -29.76 19.47
N GLY B 809 -31.03 -29.59 20.16
CA GLY B 809 -31.01 -29.29 21.58
C GLY B 809 -31.62 -27.96 21.97
N ALA B 810 -32.05 -27.13 21.03
CA ALA B 810 -32.72 -25.88 21.38
C ALA B 810 -34.18 -26.14 21.76
N SER B 811 -34.72 -25.24 22.57
CA SER B 811 -36.13 -25.32 22.94
C SER B 811 -37.01 -24.33 22.20
N VAL B 812 -36.48 -23.14 21.90
CA VAL B 812 -37.22 -22.12 21.16
C VAL B 812 -36.31 -21.53 20.09
N LEU B 813 -36.94 -20.83 19.16
CA LEU B 813 -36.34 -20.50 17.87
C LEU B 813 -36.53 -19.02 17.61
N GLN B 814 -35.45 -18.26 17.60
CA GLN B 814 -35.49 -16.84 17.29
C GLN B 814 -35.20 -16.60 15.80
N VAL B 815 -35.88 -15.61 15.22
CA VAL B 815 -35.82 -15.35 13.78
C VAL B 815 -35.59 -13.86 13.56
N CYS B 816 -34.67 -13.52 12.64
CA CYS B 816 -34.54 -12.14 12.20
C CYS B 816 -34.56 -12.05 10.68
N SER B 817 -33.53 -12.63 10.03
CA SER B 817 -33.32 -12.37 8.61
C SER B 817 -34.47 -12.87 7.74
N ALA B 818 -35.13 -13.97 8.14
CA ALA B 818 -36.26 -14.46 7.37
C ALA B 818 -37.40 -13.46 7.34
N VAL B 819 -37.53 -12.63 8.37
CA VAL B 819 -38.56 -11.59 8.35
C VAL B 819 -38.10 -10.41 7.51
N GLN B 820 -36.81 -10.03 7.63
CA GLN B 820 -36.24 -9.00 6.77
C GLN B 820 -36.46 -9.34 5.30
N ASN B 821 -36.36 -10.62 4.96
CA ASN B 821 -36.60 -11.10 3.60
C ASN B 821 -38.07 -11.13 3.24
N GLN B 822 -38.95 -11.06 4.22
CA GLN B 822 -40.37 -11.21 3.92
C GLN B 822 -41.18 -10.24 4.77
N ASP B 823 -41.89 -10.76 5.77
CA ASP B 823 -42.78 -9.97 6.62
C ASP B 823 -43.22 -10.88 7.77
N PHE B 824 -43.97 -10.31 8.72
CA PHE B 824 -44.34 -11.07 9.91
C PHE B 824 -45.23 -12.29 9.61
N THR B 825 -45.91 -12.32 8.47
CA THR B 825 -46.88 -13.41 8.29
C THR B 825 -46.22 -14.77 8.07
N VAL B 826 -44.90 -14.83 7.92
CA VAL B 826 -44.25 -16.13 7.80
C VAL B 826 -44.52 -17.02 9.01
N ILE B 827 -44.95 -16.42 10.14
CA ILE B 827 -45.24 -17.21 11.33
C ILE B 827 -46.31 -18.27 11.05
N GLN B 828 -47.29 -17.95 10.19
CA GLN B 828 -48.33 -18.92 9.90
C GLN B 828 -47.77 -20.10 9.11
N ASP B 829 -46.83 -19.84 8.21
CA ASP B 829 -46.13 -20.92 7.54
C ASP B 829 -45.36 -21.78 8.51
N TYR B 830 -44.65 -21.14 9.46
CA TYR B 830 -43.82 -21.89 10.39
C TYR B 830 -44.68 -22.78 11.28
N CYS B 831 -45.84 -22.28 11.70
CA CYS B 831 -46.66 -23.01 12.66
C CYS B 831 -47.32 -24.21 12.02
N THR B 832 -47.95 -24.00 10.85
CA THR B 832 -48.57 -25.11 10.13
C THR B 832 -47.53 -26.13 9.69
N GLY B 833 -46.32 -25.66 9.35
CA GLY B 833 -45.30 -26.58 8.89
C GLY B 833 -44.77 -27.46 10.01
N LEU B 834 -44.64 -26.89 11.21
CA LEU B 834 -44.19 -27.69 12.35
C LEU B 834 -45.27 -28.67 12.79
N LYS B 835 -46.53 -28.23 12.80
CA LYS B 835 -47.63 -29.16 13.05
C LYS B 835 -47.60 -30.33 12.08
N ALA B 836 -47.34 -30.05 10.80
CA ALA B 836 -47.32 -31.11 9.79
C ALA B 836 -46.14 -32.06 9.99
N LEU B 837 -44.95 -31.52 10.26
CA LEU B 837 -43.78 -32.37 10.49
C LEU B 837 -44.01 -33.31 11.68
N LEU B 838 -44.61 -32.81 12.76
CA LEU B 838 -44.88 -33.66 13.92
C LEU B 838 -45.98 -34.68 13.62
N TYR B 839 -47.03 -34.25 12.93
CA TYR B 839 -48.14 -35.15 12.61
C TYR B 839 -47.67 -36.32 11.74
N LEU B 840 -46.85 -36.04 10.72
CA LEU B 840 -46.40 -37.05 9.78
C LEU B 840 -45.51 -38.10 10.44
N LYS B 841 -44.86 -37.77 11.55
CA LYS B 841 -44.10 -38.77 12.28
C LYS B 841 -45.00 -39.87 12.85
N SER B 842 -46.30 -39.63 12.95
CA SER B 842 -47.22 -40.63 13.48
C SER B 842 -47.80 -41.55 12.40
N ILE B 843 -47.56 -41.25 11.13
CA ILE B 843 -48.18 -41.95 10.01
C ILE B 843 -47.22 -43.01 9.50
N GLU B 844 -47.53 -44.29 9.76
CA GLU B 844 -46.60 -45.37 9.41
C GLU B 844 -46.41 -45.46 7.91
N GLU B 845 -47.47 -45.23 7.14
CA GLU B 845 -47.44 -45.37 5.69
C GLU B 845 -46.49 -44.39 5.02
N LEU B 846 -46.11 -43.30 5.71
CA LEU B 846 -45.28 -42.24 5.13
C LEU B 846 -43.88 -42.23 5.73
N GLN B 847 -43.44 -43.34 6.33
CA GLN B 847 -42.16 -43.32 7.01
C GLN B 847 -40.99 -43.18 6.03
N GLY B 848 -41.19 -43.53 4.76
CA GLY B 848 -40.17 -43.32 3.75
C GLY B 848 -40.05 -41.90 3.23
N TRP B 849 -40.88 -40.98 3.68
CA TRP B 849 -40.71 -39.59 3.31
C TRP B 849 -39.62 -38.93 4.15
N ASP B 850 -39.05 -37.85 3.64
CA ASP B 850 -38.17 -36.99 4.43
C ASP B 850 -38.99 -35.75 4.80
N GLY B 851 -39.51 -35.72 6.02
CA GLY B 851 -40.46 -34.67 6.36
C GLY B 851 -41.64 -34.68 5.42
N GLN B 852 -41.92 -33.54 4.81
CA GLN B 852 -43.05 -33.40 3.89
C GLN B 852 -42.69 -33.74 2.44
N SER B 853 -41.44 -34.18 2.18
CA SER B 853 -41.01 -34.52 0.83
C SER B 853 -41.27 -36.00 0.55
N PRO B 854 -42.08 -36.35 -0.44
CA PRO B 854 -42.24 -37.77 -0.79
C PRO B 854 -40.95 -38.35 -1.35
N GLY B 855 -40.83 -39.67 -1.22
CA GLY B 855 -39.71 -40.37 -1.78
C GLY B 855 -39.60 -40.13 -3.27
N THR B 856 -38.51 -39.49 -3.71
CA THR B 856 -38.33 -39.18 -5.12
C THR B 856 -38.34 -40.46 -5.94
N GLU B 857 -39.00 -40.42 -7.09
CA GLU B 857 -39.08 -41.54 -8.00
C GLU B 857 -38.72 -41.05 -9.40
N SER B 858 -38.41 -42.01 -10.28
CA SER B 858 -37.86 -41.68 -11.60
C SER B 858 -38.79 -40.74 -12.37
N HIS B 859 -38.32 -39.52 -12.61
CA HIS B 859 -39.11 -38.52 -13.32
C HIS B 859 -38.22 -37.76 -14.29
N GLN B 860 -38.84 -37.25 -15.35
CA GLN B 860 -38.22 -36.32 -16.28
C GLN B 860 -39.19 -35.17 -16.49
N LYS B 861 -38.74 -33.94 -16.22
CA LYS B 861 -39.61 -32.76 -16.17
C LYS B 861 -40.76 -32.96 -15.18
N GLY B 862 -40.45 -33.53 -14.02
CA GLY B 862 -41.46 -33.71 -12.99
C GLY B 862 -42.60 -34.62 -13.37
N LYS B 863 -42.42 -35.44 -14.41
CA LYS B 863 -43.42 -36.39 -14.85
C LYS B 863 -42.84 -37.79 -14.74
N PRO B 864 -43.60 -38.75 -14.19
CA PRO B 864 -43.06 -40.10 -13.97
C PRO B 864 -42.56 -40.74 -15.26
N VAL B 865 -41.39 -41.35 -15.18
CA VAL B 865 -40.88 -42.14 -16.31
C VAL B 865 -41.71 -43.41 -16.44
N PRO B 866 -42.15 -43.78 -17.65
CA PRO B 866 -42.88 -45.04 -17.81
C PRO B 866 -41.97 -46.23 -17.51
N ARG B 867 -42.40 -47.07 -16.57
CA ARG B 867 -41.65 -48.29 -16.25
C ARG B 867 -42.11 -49.39 -17.21
N ILE B 868 -41.48 -49.39 -18.39
CA ILE B 868 -41.75 -50.36 -19.45
C ILE B 868 -40.50 -51.19 -19.66
N ALA B 869 -40.66 -52.52 -19.76
CA ALA B 869 -39.51 -53.41 -19.83
C ALA B 869 -38.57 -53.05 -20.99
N GLU B 870 -39.13 -52.63 -22.12
CA GLU B 870 -38.34 -52.35 -23.31
C GLU B 870 -37.55 -51.04 -23.24
N LEU B 871 -37.97 -50.10 -22.39
CA LEU B 871 -37.29 -48.82 -22.27
C LEU B 871 -36.10 -48.84 -21.31
N MET B 872 -35.95 -49.88 -20.49
CA MET B 872 -35.04 -49.85 -19.37
C MET B 872 -33.89 -50.82 -19.55
N GLY B 873 -32.76 -50.48 -18.93
CA GLY B 873 -31.49 -51.09 -19.22
C GLY B 873 -30.96 -50.82 -20.60
N LYS B 874 -31.63 -49.97 -21.38
CA LYS B 874 -31.40 -49.88 -22.82
C LYS B 874 -30.73 -48.59 -23.28
N LYS B 875 -30.19 -47.78 -22.35
CA LYS B 875 -29.24 -46.74 -22.73
C LYS B 875 -29.88 -45.73 -23.71
N LEU B 876 -31.04 -45.22 -23.31
CA LEU B 876 -31.80 -44.32 -24.16
C LEU B 876 -32.01 -42.98 -23.46
N PRO B 877 -31.11 -42.03 -23.64
CA PRO B 877 -31.33 -40.68 -23.12
C PRO B 877 -32.44 -39.97 -23.87
N ASN B 878 -32.94 -38.89 -23.28
CA ASN B 878 -34.09 -38.18 -23.84
C ASN B 878 -33.70 -37.12 -24.86
N PHE B 879 -32.93 -37.48 -25.88
CA PHE B 879 -32.61 -36.54 -26.94
C PHE B 879 -32.27 -37.30 -28.23
N GLY B 880 -32.30 -36.58 -29.34
CA GLY B 880 -31.84 -37.11 -30.61
C GLY B 880 -32.54 -38.38 -31.05
N PRO B 881 -31.81 -39.29 -31.71
CA PRO B 881 -32.43 -40.56 -32.14
C PRO B 881 -32.85 -41.45 -30.99
N TYR B 882 -32.24 -41.29 -29.81
CA TYR B 882 -32.68 -42.09 -28.67
C TYR B 882 -34.09 -41.70 -28.23
N LEU B 883 -34.40 -40.41 -28.29
CA LEU B 883 -35.73 -39.94 -27.90
C LEU B 883 -36.79 -40.52 -28.82
N GLU B 884 -36.54 -40.49 -30.14
CA GLU B 884 -37.43 -41.12 -31.10
C GLU B 884 -37.68 -42.59 -30.75
N GLN B 885 -36.61 -43.32 -30.42
CA GLN B 885 -36.75 -44.72 -30.05
C GLN B 885 -37.57 -44.88 -28.78
N ARG B 886 -37.43 -43.94 -27.83
CA ARG B 886 -38.21 -44.00 -26.62
C ARG B 886 -39.70 -43.79 -26.89
N LYS B 887 -40.03 -42.81 -27.74
CA LYS B 887 -41.42 -42.50 -28.05
C LYS B 887 -42.04 -43.55 -28.94
N LYS B 888 -41.22 -44.28 -29.69
CA LYS B 888 -41.70 -45.40 -30.48
C LYS B 888 -41.95 -46.62 -29.61
N ILE B 889 -41.13 -46.80 -28.56
CA ILE B 889 -41.39 -47.84 -27.57
C ILE B 889 -42.64 -47.50 -26.79
N ILE B 890 -42.77 -46.25 -26.34
CA ILE B 890 -43.92 -45.85 -25.54
C ILE B 890 -45.22 -46.04 -26.33
N ALA B 891 -45.21 -45.64 -27.61
CA ALA B 891 -46.42 -45.70 -28.42
C ALA B 891 -46.87 -47.13 -28.68
N GLU B 892 -45.92 -48.08 -28.80
CA GLU B 892 -46.30 -49.46 -29.04
C GLU B 892 -46.89 -50.12 -27.80
N GLU B 893 -46.45 -49.72 -26.61
CA GLU B 893 -47.06 -50.26 -25.40
C GLU B 893 -48.43 -49.66 -25.13
N LYS B 894 -48.65 -48.40 -25.53
CA LYS B 894 -49.99 -47.82 -25.44
C LYS B 894 -50.97 -48.59 -26.31
N MET B 895 -50.54 -48.97 -27.52
CA MET B 895 -51.37 -49.83 -28.36
C MET B 895 -51.54 -51.21 -27.75
N ARG B 896 -50.45 -51.79 -27.25
CA ARG B 896 -50.56 -53.02 -26.49
C ARG B 896 -51.38 -52.83 -25.22
N LEU B 897 -51.35 -51.63 -24.64
CA LEU B 897 -52.18 -51.33 -23.47
C LEU B 897 -53.65 -51.21 -23.83
N LYS B 898 -53.97 -50.94 -25.09
CA LYS B 898 -55.37 -50.90 -25.52
C LYS B 898 -56.04 -52.26 -25.40
N GLU B 899 -55.26 -53.34 -25.42
CA GLU B 899 -55.81 -54.69 -25.33
C GLU B 899 -55.65 -55.30 -23.94
N GLN B 900 -54.42 -55.37 -23.44
CA GLN B 900 -54.19 -55.71 -22.05
C GLN B 900 -54.90 -54.65 -21.21
N ASN B 901 -56.23 -54.75 -21.17
CA ASN B 901 -57.12 -53.63 -20.82
C ASN B 901 -57.75 -53.92 -19.47
N ALA B 902 -57.40 -53.10 -18.47
CA ALA B 902 -57.95 -53.23 -17.13
C ALA B 902 -58.30 -51.85 -16.60
N ALA B 903 -59.34 -51.81 -15.76
CA ALA B 903 -59.75 -50.59 -15.10
C ALA B 903 -60.57 -50.95 -13.87
N PHE B 904 -60.66 -52.25 -13.58
CA PHE B 904 -61.41 -52.76 -12.45
C PHE B 904 -60.60 -53.00 -11.18
N PRO B 905 -59.35 -52.56 -11.05
CA PRO B 905 -58.76 -52.47 -9.71
C PRO B 905 -58.45 -51.03 -9.34
N PRO B 906 -59.47 -50.20 -9.05
CA PRO B 906 -59.19 -48.89 -8.47
C PRO B 906 -58.75 -49.04 -7.01
N LEU B 907 -58.85 -47.97 -6.24
CA LEU B 907 -58.45 -48.00 -4.83
C LEU B 907 -59.41 -47.14 -4.04
N GLU B 908 -60.20 -47.76 -3.16
CA GLU B 908 -60.91 -47.01 -2.14
C GLU B 908 -59.89 -46.18 -1.37
N ARG B 909 -59.90 -44.88 -1.60
CA ARG B 909 -58.94 -43.99 -0.94
C ARG B 909 -59.40 -43.81 0.51
N LYS B 910 -58.80 -44.56 1.42
CA LYS B 910 -59.09 -44.37 2.83
C LYS B 910 -57.94 -43.67 3.49
N PRO B 911 -58.20 -42.64 4.32
CA PRO B 911 -57.10 -41.85 4.87
C PRO B 911 -56.25 -42.64 5.85
N PHE B 912 -54.96 -42.35 5.84
CA PHE B 912 -54.06 -42.89 6.85
C PHE B 912 -54.41 -42.34 8.22
N ILE B 913 -54.30 -43.18 9.23
CA ILE B 913 -54.60 -42.88 10.63
C ILE B 913 -53.29 -42.91 11.41
N PRO B 914 -53.05 -42.00 12.36
CA PRO B 914 -51.88 -42.17 13.22
C PRO B 914 -51.92 -43.51 13.94
N LYS B 915 -50.79 -44.22 13.89
CA LYS B 915 -50.62 -45.50 14.58
C LYS B 915 -49.53 -45.42 15.64
N LYS B 916 -49.23 -44.21 16.10
CA LYS B 916 -48.36 -43.95 17.24
C LYS B 916 -48.63 -42.54 17.71
N PRO B 917 -48.28 -42.20 18.95
CA PRO B 917 -48.61 -40.86 19.44
C PRO B 917 -47.86 -39.79 18.67
N ILE B 918 -48.53 -38.68 18.43
CA ILE B 918 -47.93 -37.50 17.80
C ILE B 918 -46.96 -36.88 18.79
N PRO B 919 -45.68 -36.71 18.43
CA PRO B 919 -44.71 -36.18 19.40
C PRO B 919 -45.00 -34.72 19.74
N ALA B 920 -44.79 -34.37 21.01
CA ALA B 920 -44.74 -32.97 21.41
C ALA B 920 -43.34 -32.42 21.16
N ILE B 921 -43.20 -31.09 21.25
CA ILE B 921 -41.87 -30.49 21.08
C ILE B 921 -40.88 -31.11 22.06
N LYS B 922 -41.29 -31.28 23.31
CA LYS B 922 -40.39 -31.85 24.31
C LYS B 922 -39.92 -33.25 23.93
N ASP B 923 -40.66 -33.95 23.07
CA ASP B 923 -40.25 -35.29 22.65
C ASP B 923 -39.19 -35.28 21.56
N VAL B 924 -38.96 -34.17 20.88
CA VAL B 924 -37.97 -34.15 19.80
C VAL B 924 -36.71 -33.42 20.20
N ILE B 925 -36.75 -32.60 21.26
CA ILE B 925 -35.59 -31.77 21.59
C ILE B 925 -34.39 -32.66 21.87
N GLY B 926 -33.28 -32.37 21.21
CA GLY B 926 -32.03 -33.08 21.46
C GLY B 926 -31.89 -34.45 20.80
N LYS B 927 -32.89 -34.92 20.04
CA LYS B 927 -32.83 -36.29 19.57
C LYS B 927 -31.74 -36.54 18.52
N ALA B 928 -31.18 -35.49 17.92
CA ALA B 928 -30.12 -35.69 16.96
C ALA B 928 -28.75 -35.90 17.61
N LEU B 929 -28.61 -35.52 18.88
CA LEU B 929 -27.28 -35.55 19.51
C LEU B 929 -26.71 -36.95 19.54
N GLN B 930 -27.56 -37.98 19.56
CA GLN B 930 -27.08 -39.37 19.58
C GLN B 930 -26.23 -39.72 18.35
N TYR B 931 -26.37 -38.99 17.24
CA TYR B 931 -25.60 -39.28 16.03
C TYR B 931 -24.30 -38.49 15.95
N LEU B 932 -24.12 -37.50 16.81
CA LEU B 932 -22.91 -36.69 16.82
C LEU B 932 -21.84 -37.29 17.71
N GLY B 933 -20.61 -37.20 17.25
CA GLY B 933 -19.48 -37.55 18.09
C GLY B 933 -18.18 -37.18 17.42
N THR B 934 -17.11 -37.84 17.85
CA THR B 934 -15.79 -37.59 17.31
C THR B 934 -15.61 -38.29 15.96
N PHE B 935 -14.54 -37.92 15.27
CA PHE B 935 -14.20 -38.60 14.03
C PHE B 935 -13.89 -40.07 14.28
N GLY B 936 -13.23 -40.37 15.41
CA GLY B 936 -12.89 -41.74 15.74
C GLY B 936 -14.09 -42.66 15.92
N GLU B 937 -15.26 -42.10 16.22
CA GLU B 937 -16.48 -42.87 16.38
C GLU B 937 -17.19 -43.14 15.05
N LEU B 938 -16.60 -42.73 13.93
CA LEU B 938 -17.14 -43.01 12.62
C LEU B 938 -16.48 -44.27 12.06
N SER B 939 -17.30 -45.12 11.44
CA SER B 939 -16.80 -46.35 10.83
C SER B 939 -16.08 -46.06 9.53
N ASN B 940 -14.85 -46.57 9.37
CA ASN B 940 -14.18 -46.54 8.09
C ASN B 940 -14.22 -47.89 7.39
N ILE B 941 -14.90 -48.87 7.99
CA ILE B 941 -15.17 -50.15 7.34
C ILE B 941 -16.42 -50.10 6.47
N GLU B 942 -17.42 -49.32 6.86
CA GLU B 942 -18.68 -49.22 6.12
C GLU B 942 -18.59 -48.07 5.14
N GLN B 943 -17.99 -48.34 3.99
CA GLN B 943 -17.80 -47.34 2.95
C GLN B 943 -18.95 -47.39 1.96
N VAL B 944 -19.12 -46.30 1.21
CA VAL B 944 -20.16 -46.19 0.20
C VAL B 944 -19.54 -45.90 -1.16
N VAL B 945 -20.35 -46.08 -2.21
CA VAL B 945 -20.02 -45.63 -3.56
C VAL B 945 -21.25 -44.97 -4.15
N ALA B 946 -21.01 -44.13 -5.15
CA ALA B 946 -22.09 -43.45 -5.87
C ALA B 946 -22.70 -44.36 -6.92
N VAL B 947 -24.01 -44.22 -7.12
CA VAL B 947 -24.70 -44.93 -8.19
C VAL B 947 -25.70 -43.97 -8.83
N ILE B 948 -25.72 -43.95 -10.15
CA ILE B 948 -26.52 -42.98 -10.89
C ILE B 948 -27.76 -43.64 -11.47
N ASP B 949 -28.91 -43.02 -11.26
CA ASP B 949 -30.17 -43.46 -11.87
C ASP B 949 -30.26 -42.82 -13.25
N GLU B 950 -29.96 -43.63 -14.29
CA GLU B 950 -29.87 -43.09 -15.65
C GLU B 950 -31.20 -42.52 -16.12
N GLU B 951 -32.32 -43.03 -15.59
CA GLU B 951 -33.62 -42.57 -16.06
C GLU B 951 -33.93 -41.14 -15.62
N MET B 952 -33.28 -40.67 -14.55
CA MET B 952 -33.47 -39.30 -14.06
C MET B 952 -32.39 -38.34 -14.55
N CYS B 953 -31.34 -38.82 -15.19
CA CYS B 953 -30.19 -38.00 -15.55
C CYS B 953 -30.54 -37.05 -16.69
N ILE B 954 -30.01 -35.82 -16.63
CA ILE B 954 -30.22 -34.87 -17.74
C ILE B 954 -28.91 -34.55 -18.46
N ASN B 955 -27.91 -35.41 -18.33
CA ASN B 955 -26.79 -35.55 -19.27
C ASN B 955 -25.82 -34.38 -19.24
N CYS B 956 -25.76 -33.64 -18.14
CA CYS B 956 -24.94 -32.44 -18.06
C CYS B 956 -23.47 -32.75 -17.82
N GLY B 957 -23.14 -33.92 -17.27
CA GLY B 957 -21.76 -34.27 -17.01
C GLY B 957 -21.12 -33.56 -15.82
N LYS B 958 -21.91 -32.91 -14.97
CA LYS B 958 -21.30 -32.21 -13.84
C LYS B 958 -20.70 -33.18 -12.83
N CYS B 959 -21.32 -34.36 -12.65
CA CYS B 959 -20.73 -35.39 -11.81
C CYS B 959 -19.36 -35.77 -12.33
N TYR B 960 -19.25 -35.95 -13.65
CA TYR B 960 -18.02 -36.33 -14.33
C TYR B 960 -16.94 -35.27 -14.14
N MET B 961 -17.31 -34.01 -14.34
CA MET B 961 -16.34 -32.92 -14.25
C MET B 961 -15.84 -32.76 -12.83
N THR B 962 -16.73 -32.91 -11.85
CA THR B 962 -16.34 -32.78 -10.45
C THR B 962 -15.44 -33.93 -10.02
N CYS B 963 -15.76 -35.16 -10.44
CA CYS B 963 -14.87 -36.27 -10.11
C CYS B 963 -13.52 -36.14 -10.83
N ASN B 964 -13.51 -35.56 -12.02
CA ASN B 964 -12.26 -35.42 -12.79
C ASN B 964 -11.33 -34.39 -12.16
N ASP B 965 -11.85 -33.23 -11.80
CA ASP B 965 -10.98 -32.15 -11.33
C ASP B 965 -11.07 -31.93 -9.84
N SER B 966 -11.90 -32.70 -9.12
CA SER B 966 -11.95 -32.60 -7.67
C SER B 966 -12.10 -33.97 -7.03
N GLY B 967 -11.84 -35.04 -7.78
CA GLY B 967 -12.11 -36.36 -7.24
C GLY B 967 -11.13 -37.41 -7.68
N TYR B 968 -11.67 -38.53 -8.17
CA TYR B 968 -10.90 -39.75 -8.36
C TYR B 968 -11.00 -40.27 -9.79
N GLN B 969 -11.48 -39.45 -10.73
CA GLN B 969 -11.56 -39.83 -12.14
C GLN B 969 -12.23 -41.20 -12.28
N ALA B 970 -13.34 -41.38 -11.56
CA ALA B 970 -14.01 -42.66 -11.45
C ALA B 970 -15.30 -42.77 -12.29
N ILE B 971 -15.67 -41.73 -13.03
CA ILE B 971 -16.92 -41.71 -13.78
C ILE B 971 -16.61 -41.77 -15.27
N GLN B 972 -17.26 -42.69 -15.98
CA GLN B 972 -17.23 -42.74 -17.43
C GLN B 972 -18.41 -41.91 -17.95
N PHE B 973 -18.13 -41.03 -18.91
CA PHE B 973 -19.16 -40.19 -19.53
C PHE B 973 -19.22 -40.59 -21.01
N ASP B 974 -20.30 -41.23 -21.42
CA ASP B 974 -20.37 -41.79 -22.77
C ASP B 974 -20.40 -40.68 -23.83
N PRO B 975 -19.61 -40.78 -24.89
CA PRO B 975 -19.53 -39.67 -25.86
C PRO B 975 -20.77 -39.54 -26.72
N GLU B 976 -21.58 -40.59 -26.86
CA GLU B 976 -22.74 -40.53 -27.75
C GLU B 976 -24.05 -40.30 -27.00
N THR B 977 -24.21 -40.87 -25.80
CA THR B 977 -25.43 -40.75 -25.02
C THR B 977 -25.33 -39.71 -23.91
N HIS B 978 -24.11 -39.27 -23.57
CA HIS B 978 -23.90 -38.34 -22.46
C HIS B 978 -24.51 -38.87 -21.16
N LEU B 979 -24.38 -40.19 -20.97
CA LEU B 979 -24.80 -40.83 -19.75
C LEU B 979 -23.57 -41.19 -18.92
N PRO B 980 -23.56 -40.88 -17.63
CA PRO B 980 -22.44 -41.27 -16.77
C PRO B 980 -22.65 -42.61 -16.09
N THR B 981 -21.53 -43.29 -15.84
CA THR B 981 -21.52 -44.53 -15.07
C THR B 981 -20.39 -44.45 -14.06
N VAL B 982 -20.70 -44.66 -12.79
CA VAL B 982 -19.68 -44.70 -11.74
C VAL B 982 -18.97 -46.04 -11.82
N THR B 983 -17.64 -46.03 -11.83
CA THR B 983 -16.87 -47.27 -11.89
C THR B 983 -16.39 -47.66 -10.50
N ASP B 984 -15.61 -48.75 -10.44
CA ASP B 984 -15.24 -49.34 -9.17
C ASP B 984 -14.15 -48.55 -8.43
N THR B 985 -13.54 -47.55 -9.08
CA THR B 985 -12.54 -46.73 -8.40
C THR B 985 -13.15 -45.61 -7.56
N CYS B 986 -14.48 -45.48 -7.54
CA CYS B 986 -15.16 -44.56 -6.63
C CYS B 986 -14.72 -44.78 -5.18
N THR B 987 -14.51 -43.68 -4.47
CA THR B 987 -14.18 -43.69 -3.05
C THR B 987 -15.34 -43.24 -2.18
N GLY B 988 -16.47 -42.89 -2.78
CA GLY B 988 -17.60 -42.45 -1.98
C GLY B 988 -17.48 -41.06 -1.39
N CYS B 989 -16.55 -40.24 -1.89
CA CYS B 989 -16.38 -38.89 -1.35
C CYS B 989 -17.69 -38.09 -1.32
N THR B 990 -18.58 -38.35 -2.30
CA THR B 990 -19.95 -37.84 -2.41
C THR B 990 -20.00 -36.47 -3.11
N LEU B 991 -18.88 -35.99 -3.67
CA LEU B 991 -18.94 -34.71 -4.37
C LEU B 991 -19.91 -34.74 -5.55
N CYS B 992 -19.98 -35.87 -6.26
CA CYS B 992 -20.80 -35.87 -7.46
C CYS B 992 -22.27 -35.70 -7.11
N LEU B 993 -22.73 -36.44 -6.10
CA LEU B 993 -24.10 -36.27 -5.63
C LEU B 993 -24.36 -34.81 -5.25
N SER B 994 -23.35 -34.15 -4.67
CA SER B 994 -23.52 -32.82 -4.11
C SER B 994 -23.68 -31.75 -5.19
N VAL B 995 -23.19 -32.00 -6.41
CA VAL B 995 -23.28 -31.01 -7.50
C VAL B 995 -24.34 -31.38 -8.53
N CYS B 996 -24.94 -32.55 -8.46
CA CYS B 996 -25.92 -32.96 -9.46
C CYS B 996 -27.17 -32.08 -9.38
N PRO B 997 -27.68 -31.58 -10.50
CA PRO B 997 -28.87 -30.70 -10.44
C PRO B 997 -30.17 -31.45 -10.19
N ILE B 998 -30.19 -32.78 -10.26
CA ILE B 998 -31.43 -33.55 -10.13
C ILE B 998 -31.45 -34.19 -8.74
N ILE B 999 -32.45 -33.83 -7.93
CA ILE B 999 -32.53 -34.38 -6.58
C ILE B 999 -32.65 -35.90 -6.65
N ASP B 1000 -31.76 -36.60 -5.95
CA ASP B 1000 -31.79 -38.05 -5.78
C ASP B 1000 -31.52 -38.81 -7.07
N CYS B 1001 -30.98 -38.16 -8.10
CA CYS B 1001 -30.50 -38.92 -9.25
C CYS B 1001 -29.31 -39.80 -8.88
N ILE B 1002 -28.37 -39.25 -8.11
CA ILE B 1002 -27.23 -40.00 -7.60
C ILE B 1002 -27.54 -40.43 -6.18
N ARG B 1003 -27.27 -41.69 -5.85
CA ARG B 1003 -27.45 -42.26 -4.52
C ARG B 1003 -26.12 -42.81 -4.04
N MET B 1004 -25.83 -42.68 -2.75
CA MET B 1004 -24.72 -43.42 -2.15
C MET B 1004 -25.23 -44.73 -1.59
N VAL B 1005 -24.58 -45.83 -1.98
CA VAL B 1005 -24.97 -47.17 -1.55
C VAL B 1005 -23.77 -47.87 -0.94
N SER B 1006 -24.05 -48.88 -0.12
CA SER B 1006 -22.99 -49.62 0.54
C SER B 1006 -22.07 -50.26 -0.48
N ARG B 1007 -20.76 -50.11 -0.27
CA ARG B 1007 -19.79 -50.77 -1.12
C ARG B 1007 -19.87 -52.28 -0.94
N THR B 1008 -19.88 -53.01 -2.07
CA THR B 1008 -19.91 -54.46 -2.05
C THR B 1008 -18.59 -55.10 -2.44
N THR B 1009 -17.79 -54.42 -3.24
CA THR B 1009 -16.48 -54.86 -3.69
C THR B 1009 -15.40 -54.44 -2.70
N PRO B 1010 -14.25 -55.12 -2.69
CA PRO B 1010 -13.23 -54.82 -1.68
C PRO B 1010 -12.73 -53.38 -1.81
N TYR B 1011 -12.44 -52.76 -0.66
CA TYR B 1011 -12.02 -51.36 -0.61
C TYR B 1011 -10.56 -51.25 -0.20
N GLU B 1012 -9.82 -50.43 -0.94
CA GLU B 1012 -8.40 -50.21 -0.75
C GLU B 1012 -8.13 -48.72 -0.83
N PRO B 1013 -7.66 -48.07 0.24
CA PRO B 1013 -7.29 -46.65 0.14
C PRO B 1013 -6.16 -46.44 -0.85
N LYS B 1014 -6.30 -45.40 -1.68
CA LYS B 1014 -5.33 -45.07 -2.70
C LYS B 1014 -4.14 -44.35 -2.04
N ARG B 1015 -2.98 -45.02 -1.98
CA ARG B 1015 -1.83 -44.48 -1.28
C ARG B 1015 -0.79 -43.83 -2.19
N GLY B 1016 -0.91 -43.97 -3.50
CA GLY B 1016 0.00 -43.34 -4.43
C GLY B 1016 1.27 -44.13 -4.67
N LEU B 1017 2.05 -44.36 -3.59
CA LEU B 1017 3.20 -45.25 -3.56
C LEU B 1017 2.98 -46.27 -2.46
N PRO B 1018 3.87 -47.29 -2.30
CA PRO B 1018 3.43 -48.08 -1.15
C PRO B 1018 3.81 -47.57 0.23
N PRO C 3 57.11 15.51 -31.67
CA PRO C 3 57.32 15.09 -30.29
C PRO C 3 56.17 14.21 -29.79
N VAL C 4 56.34 13.60 -28.62
CA VAL C 4 55.30 12.76 -28.03
C VAL C 4 54.37 13.70 -27.27
N LEU C 5 53.19 13.96 -27.82
CA LEU C 5 52.29 14.93 -27.19
C LEU C 5 51.78 14.46 -25.83
N SER C 6 51.55 13.15 -25.66
CA SER C 6 50.95 12.65 -24.43
C SER C 6 51.96 12.29 -23.35
N LYS C 7 53.20 12.80 -23.43
CA LYS C 7 54.17 12.67 -22.33
C LYS C 7 54.62 14.04 -21.84
N ASP C 8 54.81 14.13 -20.52
CA ASP C 8 55.35 15.33 -19.91
C ASP C 8 56.82 15.52 -20.29
N VAL C 9 57.18 16.73 -20.71
CA VAL C 9 58.58 17.04 -20.95
C VAL C 9 59.28 17.16 -19.60
N ALA C 10 60.62 17.27 -19.64
CA ALA C 10 61.43 17.08 -18.43
C ALA C 10 61.04 18.07 -17.34
N ASP C 11 60.83 19.34 -17.69
CA ASP C 11 60.55 20.30 -16.61
C ASP C 11 59.15 20.13 -16.04
N ILE C 12 58.23 19.52 -16.80
CA ILE C 12 56.94 19.17 -16.19
C ILE C 12 57.10 17.93 -15.32
N GLU C 13 57.88 16.95 -15.77
CA GLU C 13 58.13 15.79 -14.94
C GLU C 13 58.75 16.22 -13.61
N SER C 14 59.58 17.25 -13.64
CA SER C 14 60.19 17.74 -12.41
C SER C 14 59.18 18.49 -11.55
N ILE C 15 58.26 19.25 -12.16
CA ILE C 15 57.31 19.97 -11.32
C ILE C 15 56.33 18.98 -10.69
N LEU C 16 56.10 17.83 -11.32
CA LEU C 16 55.24 16.77 -10.79
C LEU C 16 55.92 15.87 -9.75
N ALA C 17 57.12 16.22 -9.27
CA ALA C 17 57.92 15.26 -8.50
C ALA C 17 57.20 14.82 -7.22
N LEU C 18 56.45 15.71 -6.58
CA LEU C 18 55.77 15.43 -5.32
C LEU C 18 54.31 15.03 -5.51
N ASN C 19 53.87 14.84 -6.74
CA ASN C 19 52.47 14.52 -6.99
C ASN C 19 52.20 13.08 -6.55
N PRO C 20 51.05 12.83 -5.89
CA PRO C 20 50.75 11.45 -5.44
C PRO C 20 50.76 10.44 -6.59
N ARG C 21 51.30 9.26 -6.29
CA ARG C 21 51.28 8.14 -7.23
C ARG C 21 50.91 6.87 -6.47
N THR C 22 50.36 5.90 -7.19
CA THR C 22 50.09 4.59 -6.62
C THR C 22 51.39 3.83 -6.34
N GLN C 23 51.51 3.28 -5.14
CA GLN C 23 52.62 2.42 -4.78
C GLN C 23 52.29 0.96 -5.05
N SER C 24 53.27 0.23 -5.59
CA SER C 24 53.13 -1.20 -5.82
C SER C 24 53.84 -2.03 -4.76
N HIS C 25 54.55 -1.39 -3.84
CA HIS C 25 55.35 -2.10 -2.84
C HIS C 25 55.31 -1.32 -1.54
N ALA C 26 55.66 -2.00 -0.45
CA ALA C 26 55.84 -1.32 0.81
C ALA C 26 57.17 -0.59 0.81
N ALA C 27 57.25 0.46 1.62
CA ALA C 27 58.39 1.38 1.58
C ALA C 27 59.37 1.07 2.69
N LEU C 28 60.67 1.14 2.36
CA LEU C 28 61.74 0.88 3.32
C LEU C 28 62.38 2.18 3.78
N HIS C 29 62.25 2.47 5.09
CA HIS C 29 62.91 3.61 5.71
C HIS C 29 63.34 3.16 7.09
N SER C 30 64.63 3.29 7.40
CA SER C 30 65.13 2.83 8.68
C SER C 30 64.59 3.67 9.83
N THR C 31 64.56 3.06 11.02
CA THR C 31 64.08 3.76 12.20
C THR C 31 64.96 4.95 12.53
N LEU C 32 66.28 4.82 12.36
CA LEU C 32 67.18 5.95 12.60
C LEU C 32 66.87 7.10 11.66
N ALA C 33 66.75 6.81 10.36
CA ALA C 33 66.43 7.85 9.39
C ALA C 33 65.10 8.54 9.73
N LYS C 34 64.09 7.75 10.14
CA LYS C 34 62.81 8.33 10.51
C LYS C 34 62.94 9.25 11.71
N LYS C 35 63.75 8.87 12.70
CA LYS C 35 63.95 9.72 13.87
C LYS C 35 64.55 11.06 13.46
N LEU C 36 65.48 11.04 12.51
CA LEU C 36 66.09 12.28 12.06
C LEU C 36 65.09 13.13 11.28
N ASP C 37 64.30 12.50 10.41
CA ASP C 37 63.43 13.27 9.52
C ASP C 37 62.23 13.85 10.25
N LYS C 38 61.79 13.19 11.33
CA LYS C 38 60.64 13.66 12.12
C LYS C 38 60.74 15.13 12.47
N LYS C 39 61.92 15.57 12.89
CA LYS C 39 62.12 16.92 13.38
C LYS C 39 61.86 17.96 12.30
N HIS C 40 62.02 17.59 11.03
CA HIS C 40 61.87 18.56 9.95
C HIS C 40 60.43 19.06 9.82
N TRP C 41 59.45 18.21 10.12
CA TRP C 41 58.04 18.51 9.84
C TRP C 41 57.24 18.87 11.08
N LYS C 42 57.89 18.92 12.24
CA LYS C 42 57.18 18.97 13.51
C LYS C 42 56.39 20.26 13.67
N ARG C 43 55.10 20.12 14.02
CA ARG C 43 54.18 21.25 14.20
C ARG C 43 53.95 21.58 15.67
N ASN C 44 53.70 20.57 16.49
CA ASN C 44 53.24 20.76 17.86
C ASN C 44 54.43 20.81 18.81
N PRO C 45 54.22 21.04 20.11
CA PRO C 45 55.36 21.05 21.04
C PRO C 45 56.10 19.72 21.08
N ASP C 46 57.41 19.81 21.24
CA ASP C 46 58.29 18.65 21.38
C ASP C 46 58.33 18.23 22.84
N LYS C 47 57.96 16.97 23.12
CA LYS C 47 57.96 16.50 24.50
C LYS C 47 59.38 16.44 25.09
N ASN C 48 60.41 16.50 24.25
CA ASN C 48 61.78 16.41 24.71
C ASN C 48 62.46 17.76 24.88
N CYS C 49 61.75 18.87 24.66
CA CYS C 49 62.27 20.20 25.00
C CYS C 49 61.81 20.58 26.41
N PHE C 50 62.78 20.95 27.25
CA PHE C 50 62.51 21.23 28.66
C PHE C 50 62.55 22.70 29.03
N HIS C 51 63.15 23.56 28.20
CA HIS C 51 63.35 24.96 28.58
C HIS C 51 62.19 25.82 28.08
N CYS C 52 61.94 26.91 28.81
CA CYS C 52 60.96 27.88 28.36
C CYS C 52 61.42 28.51 27.05
N GLU C 53 60.47 28.71 26.14
CA GLU C 53 60.76 29.59 25.01
C GLU C 53 60.94 31.02 25.53
N LYS C 54 61.55 31.86 24.71
CA LYS C 54 61.75 33.24 25.13
C LYS C 54 60.45 34.01 24.93
N LEU C 55 59.90 34.55 26.01
CA LEU C 55 58.61 35.22 26.00
C LEU C 55 58.71 36.65 26.51
N GLU C 56 59.92 37.17 26.71
CA GLU C 56 60.07 38.48 27.31
C GLU C 56 59.43 39.55 26.43
N ASN C 57 58.62 40.40 27.05
CA ASN C 57 57.84 41.44 26.40
C ASN C 57 56.93 40.89 25.28
N ASN C 58 56.52 39.62 25.33
CA ASN C 58 55.66 39.04 24.30
C ASN C 58 54.25 38.90 24.86
N PHE C 59 53.38 39.86 24.54
CA PHE C 59 52.01 39.84 25.03
C PHE C 59 51.01 39.48 23.94
N ASP C 60 51.46 38.68 22.96
CA ASP C 60 50.56 38.18 21.94
C ASP C 60 49.58 37.16 22.53
N ASP C 61 48.44 37.04 21.85
CA ASP C 61 47.34 36.20 22.32
C ASP C 61 47.76 34.73 22.39
N ILE C 62 47.63 34.12 23.56
CA ILE C 62 47.99 32.71 23.73
C ILE C 62 46.77 31.82 23.90
N LYS C 63 45.56 32.37 23.77
CA LYS C 63 44.36 31.58 23.97
C LYS C 63 44.23 30.50 22.90
N HIS C 64 43.93 29.27 23.34
CA HIS C 64 43.66 28.17 22.42
C HIS C 64 42.30 28.31 21.75
N THR C 65 41.43 29.19 22.25
CA THR C 65 40.06 29.24 21.79
C THR C 65 39.78 30.34 20.78
N THR C 66 40.75 31.23 20.54
CA THR C 66 40.57 32.30 19.56
C THR C 66 40.28 31.73 18.17
N LEU C 67 39.27 32.27 17.51
CA LEU C 67 38.86 31.82 16.17
C LEU C 67 38.94 32.97 15.17
N GLY C 68 39.36 32.64 13.95
CA GLY C 68 39.13 33.48 12.79
C GLY C 68 37.82 33.08 12.11
N GLU C 69 37.51 33.75 11.00
CA GLU C 69 36.21 33.53 10.36
C GLU C 69 36.08 32.11 9.82
N ARG C 70 37.11 31.62 9.14
CA ARG C 70 37.08 30.26 8.61
C ARG C 70 36.80 29.25 9.72
N GLY C 71 37.55 29.34 10.82
CA GLY C 71 37.35 28.43 11.95
C GLY C 71 36.01 28.63 12.66
N ALA C 72 35.57 29.90 12.81
CA ALA C 72 34.28 30.14 13.46
C ALA C 72 33.14 29.54 12.65
N LEU C 73 33.22 29.65 11.33
CA LEU C 73 32.14 29.10 10.50
C LEU C 73 32.09 27.58 10.63
N ARG C 74 33.25 26.92 10.64
CA ARG C 74 33.27 25.47 10.80
C ARG C 74 32.62 25.05 12.11
N GLU C 75 33.02 25.70 13.19
CA GLU C 75 32.58 25.27 14.51
C GLU C 75 31.11 25.61 14.74
N ALA C 76 30.67 26.76 14.27
CA ALA C 76 29.26 27.11 14.36
C ALA C 76 28.40 26.15 13.55
N MET C 77 28.90 25.67 12.41
CA MET C 77 28.12 24.70 11.65
C MET C 77 28.06 23.36 12.35
N ARG C 78 29.04 23.05 13.20
CA ARG C 78 29.09 21.80 13.94
C ARG C 78 28.09 21.75 15.10
N CYS C 79 27.79 22.90 15.70
CA CYS C 79 26.85 22.98 16.81
C CYS C 79 25.49 22.39 16.43
N LEU C 80 24.95 21.53 17.30
CA LEU C 80 23.67 20.92 17.04
C LEU C 80 22.53 21.90 17.19
N LYS C 81 22.76 23.06 17.84
CA LYS C 81 21.75 24.09 18.03
C LYS C 81 20.51 23.50 18.74
N CYS C 82 20.77 23.03 19.96
CA CYS C 82 19.89 22.12 20.68
C CYS C 82 18.67 22.82 21.26
N ALA C 83 17.60 22.06 21.41
CA ALA C 83 16.43 22.53 22.12
C ALA C 83 16.74 22.61 23.61
N ASP C 84 16.20 23.65 24.27
CA ASP C 84 16.31 23.77 25.73
C ASP C 84 17.76 23.58 26.18
N ALA C 85 18.67 24.23 25.46
CA ALA C 85 20.06 23.77 25.41
C ALA C 85 20.72 23.77 26.78
N PRO C 86 21.48 22.74 27.13
CA PRO C 86 22.10 22.69 28.46
C PRO C 86 23.27 23.65 28.60
N CYS C 87 23.96 24.01 27.50
CA CYS C 87 25.00 25.02 27.59
C CYS C 87 24.44 26.32 28.13
N GLN C 88 23.25 26.73 27.66
CA GLN C 88 22.59 27.93 28.16
C GLN C 88 22.18 27.78 29.63
N LYS C 89 21.62 26.62 30.00
CA LYS C 89 21.37 26.32 31.41
C LYS C 89 22.62 26.56 32.24
N SER C 90 23.79 26.23 31.67
CA SER C 90 25.03 26.27 32.42
C SER C 90 25.75 27.59 32.28
N CYS C 91 25.17 28.55 31.56
CA CYS C 91 25.75 29.89 31.44
C CYS C 91 25.14 30.80 32.50
N PRO C 92 25.95 31.40 33.37
CA PRO C 92 25.37 32.22 34.44
C PRO C 92 24.59 33.45 33.98
N THR C 93 24.84 33.98 32.77
CA THR C 93 24.00 35.05 32.23
C THR C 93 22.91 34.55 31.30
N HIS C 94 22.75 33.22 31.19
CA HIS C 94 21.66 32.62 30.42
C HIS C 94 21.67 33.04 28.94
N LEU C 95 22.85 33.16 28.35
CA LEU C 95 22.95 33.44 26.91
C LEU C 95 22.22 32.42 26.06
N ASP C 96 21.49 32.91 25.05
CA ASP C 96 20.88 32.04 24.07
C ASP C 96 21.96 31.61 23.07
N ILE C 97 22.76 30.65 23.51
CA ILE C 97 23.88 30.12 22.72
C ILE C 97 23.39 29.51 21.41
N LYS C 98 22.33 28.69 21.49
CA LYS C 98 21.72 28.13 20.27
C LYS C 98 21.48 29.20 19.22
N SER C 99 20.88 30.32 19.64
CA SER C 99 20.54 31.38 18.69
C SER C 99 21.79 32.06 18.15
N PHE C 100 22.73 32.45 19.03
CA PHE C 100 23.85 33.24 18.51
C PHE C 100 24.78 32.39 17.65
N ILE C 101 24.87 31.09 17.93
CA ILE C 101 25.72 30.24 17.11
C ILE C 101 25.04 29.96 15.76
N THR C 102 23.72 29.80 15.76
CA THR C 102 22.99 29.70 14.51
C THR C 102 23.29 30.90 13.61
N SER C 103 23.25 32.10 14.20
CA SER C 103 23.55 33.32 13.45
C SER C 103 24.96 33.31 12.88
N ILE C 104 25.94 32.88 13.68
CA ILE C 104 27.30 32.75 13.14
C ILE C 104 27.30 31.77 11.96
N SER C 105 26.62 30.64 12.10
CA SER C 105 26.63 29.66 11.02
C SER C 105 26.00 30.24 9.75
N ASN C 106 25.06 31.16 9.90
CA ASN C 106 24.41 31.83 8.77
C ASN C 106 25.16 33.09 8.32
N LYS C 107 26.38 33.33 8.83
CA LYS C 107 27.20 34.48 8.50
C LYS C 107 26.63 35.79 9.03
N ASN C 108 25.73 35.73 10.02
CA ASN C 108 25.07 36.93 10.55
C ASN C 108 25.72 37.29 11.88
N TYR C 109 26.89 37.92 11.77
CA TYR C 109 27.66 38.20 12.98
C TYR C 109 27.01 39.30 13.82
N TYR C 110 26.31 40.26 13.18
CA TYR C 110 25.60 41.27 13.97
C TYR C 110 24.50 40.64 14.81
N GLY C 111 23.70 39.77 14.21
CA GLY C 111 22.66 39.08 14.96
C GLY C 111 23.22 38.30 16.14
N ALA C 112 24.35 37.63 15.94
CA ALA C 112 24.97 36.89 17.04
C ALA C 112 25.40 37.83 18.15
N ALA C 113 26.10 38.91 17.79
CA ALA C 113 26.58 39.83 18.82
C ALA C 113 25.42 40.47 19.57
N LYS C 114 24.35 40.81 18.86
CA LYS C 114 23.18 41.40 19.50
C LYS C 114 22.61 40.44 20.54
N MET C 115 22.48 39.16 20.18
CA MET C 115 22.04 38.15 21.15
C MET C 115 22.97 38.08 22.35
N ILE C 116 24.28 38.03 22.09
CA ILE C 116 25.27 37.95 23.16
C ILE C 116 25.13 39.15 24.11
N PHE C 117 25.19 40.37 23.56
CA PHE C 117 25.19 41.55 24.41
C PHE C 117 23.83 41.81 25.04
N SER C 118 22.74 41.25 24.49
CA SER C 118 21.44 41.38 25.13
C SER C 118 21.43 40.77 26.53
N ASP C 119 22.01 39.58 26.69
CA ASP C 119 22.09 38.99 28.02
C ASP C 119 23.42 39.23 28.74
N ASN C 120 24.45 39.76 28.09
CA ASN C 120 25.75 39.95 28.75
C ASN C 120 26.43 41.19 28.18
N PRO C 121 26.38 42.31 28.90
CA PRO C 121 26.98 43.55 28.38
C PRO C 121 28.51 43.51 28.29
N LEU C 122 29.14 42.45 28.80
CA LEU C 122 30.57 42.26 28.64
C LEU C 122 30.80 40.97 27.86
N GLY C 123 30.04 40.78 26.77
CA GLY C 123 30.12 39.54 26.03
C GLY C 123 31.48 39.26 25.41
N LEU C 124 32.21 40.30 25.01
CA LEU C 124 33.51 40.05 24.39
C LEU C 124 34.52 39.62 25.44
N THR C 125 34.58 40.35 26.55
CA THR C 125 35.42 39.94 27.68
C THR C 125 35.15 38.49 28.07
N CYS C 126 33.87 38.14 28.26
CA CYS C 126 33.53 36.80 28.72
C CYS C 126 33.88 35.75 27.67
N GLY C 127 33.67 36.05 26.40
CA GLY C 127 34.11 35.13 25.36
C GLY C 127 35.59 34.78 25.50
N MET C 128 36.40 35.75 25.89
CA MET C 128 37.82 35.46 26.00
C MET C 128 38.22 34.78 27.31
N VAL C 129 37.55 35.07 28.42
CA VAL C 129 38.05 34.66 29.73
C VAL C 129 37.15 33.71 30.50
N CYS C 130 35.90 33.49 30.07
CA CYS C 130 35.06 32.56 30.82
C CYS C 130 35.76 31.22 30.97
N PRO C 131 35.73 30.63 32.16
CA PRO C 131 36.25 29.25 32.30
C PRO C 131 35.21 28.24 31.83
N THR C 132 35.07 28.13 30.51
CA THR C 132 33.88 27.49 29.97
C THR C 132 33.74 26.02 30.38
N SER C 133 34.86 25.33 30.61
CA SER C 133 34.74 23.91 30.98
C SER C 133 34.01 23.73 32.31
N ASP C 134 33.97 24.75 33.17
CA ASP C 134 33.20 24.72 34.40
C ASP C 134 31.86 25.43 34.24
N LEU C 135 31.51 25.86 33.03
CA LEU C 135 30.28 26.59 32.80
C LEU C 135 29.56 26.02 31.59
N CYS C 136 29.39 26.84 30.54
CA CYS C 136 28.56 26.47 29.41
C CYS C 136 29.08 25.22 28.69
N VAL C 137 30.39 25.17 28.42
CA VAL C 137 30.93 24.03 27.68
C VAL C 137 30.82 22.73 28.50
N GLY C 138 30.88 22.83 29.83
CA GLY C 138 30.71 21.64 30.65
C GLY C 138 29.34 20.98 30.50
N GLY C 139 28.34 21.71 30.01
CA GLY C 139 27.03 21.15 29.76
C GLY C 139 26.76 20.74 28.33
N CYS C 140 27.72 20.92 27.41
CA CYS C 140 27.43 20.79 25.98
C CYS C 140 27.14 19.33 25.60
N ASN C 141 26.04 19.12 24.88
CA ASN C 141 25.64 17.77 24.46
C ASN C 141 26.70 17.10 23.60
N LEU C 142 27.46 17.88 22.82
CA LEU C 142 28.44 17.28 21.91
C LEU C 142 29.65 16.73 22.64
N TYR C 143 29.76 16.97 23.95
CA TYR C 143 30.71 16.21 24.75
C TYR C 143 30.53 14.71 24.56
N ALA C 144 29.31 14.27 24.26
CA ALA C 144 29.04 12.84 24.08
C ALA C 144 29.52 12.30 22.74
N THR C 145 30.18 13.12 21.92
CA THR C 145 30.78 12.68 20.67
C THR C 145 32.30 12.67 20.78
N GLU C 146 32.93 11.86 19.93
CA GLU C 146 34.38 11.77 19.93
C GLU C 146 35.02 13.13 19.67
N GLU C 147 34.44 13.93 18.77
CA GLU C 147 35.05 15.21 18.46
C GLU C 147 34.83 16.26 19.54
N GLY C 148 33.88 16.04 20.47
CA GLY C 148 33.82 16.81 21.70
C GLY C 148 32.97 18.07 21.60
N SER C 149 32.95 18.79 22.73
CA SER C 149 32.06 19.93 22.88
C SER C 149 32.46 21.10 21.99
N ILE C 150 31.51 22.02 21.82
CA ILE C 150 31.66 23.19 20.98
C ILE C 150 32.52 24.22 21.70
N ASN C 151 33.36 24.93 20.94
CA ASN C 151 34.16 26.05 21.48
C ASN C 151 33.26 27.28 21.55
N ILE C 152 32.45 27.34 22.62
CA ILE C 152 31.44 28.38 22.73
C ILE C 152 32.09 29.74 22.97
N GLY C 153 33.10 29.79 23.82
CA GLY C 153 33.76 31.05 24.12
C GLY C 153 34.42 31.64 22.89
N GLY C 154 35.05 30.78 22.08
CA GLY C 154 35.70 31.27 20.87
C GLY C 154 34.70 31.82 19.87
N LEU C 155 33.53 31.18 19.76
CA LEU C 155 32.48 31.67 18.88
C LEU C 155 31.93 33.00 19.38
N GLN C 156 31.68 33.08 20.69
CA GLN C 156 31.24 34.33 21.29
C GLN C 156 32.24 35.44 21.02
N GLN C 157 33.53 35.15 21.22
CA GLN C 157 34.58 36.14 20.97
C GLN C 157 34.58 36.59 19.50
N PHE C 158 34.43 35.65 18.56
CA PHE C 158 34.50 36.01 17.15
C PHE C 158 33.37 36.97 16.76
N ALA C 159 32.12 36.58 17.02
CA ALA C 159 31.00 37.44 16.65
C ALA C 159 31.12 38.81 17.30
N SER C 160 31.57 38.84 18.56
CA SER C 160 31.71 40.11 19.27
C SER C 160 32.84 40.97 18.69
N GLU C 161 33.93 40.33 18.23
CA GLU C 161 35.02 41.06 17.59
C GLU C 161 34.60 41.65 16.25
N VAL C 162 33.83 40.90 15.45
CA VAL C 162 33.34 41.45 14.20
C VAL C 162 32.44 42.65 14.48
N PHE C 163 31.53 42.52 15.47
CA PHE C 163 30.67 43.66 15.80
C PHE C 163 31.49 44.85 16.29
N LYS C 164 32.53 44.60 17.09
CA LYS C 164 33.42 45.69 17.50
C LYS C 164 34.02 46.40 16.29
N ALA C 165 34.45 45.65 15.29
CA ALA C 165 35.02 46.22 14.08
C ALA C 165 34.00 46.96 13.22
N MET C 166 32.70 46.70 13.39
CA MET C 166 31.72 47.50 12.66
C MET C 166 31.57 48.92 13.21
N ASN C 167 32.03 49.19 14.43
CA ASN C 167 31.93 50.53 15.00
C ASN C 167 30.49 51.06 14.90
N ILE C 168 29.58 50.28 15.44
CA ILE C 168 28.15 50.64 15.53
C ILE C 168 27.86 50.91 17.00
N PRO C 169 27.24 52.04 17.34
CA PRO C 169 27.00 52.34 18.74
C PRO C 169 25.77 51.62 19.26
N GLN C 170 25.72 51.47 20.58
CA GLN C 170 24.48 51.09 21.26
C GLN C 170 23.54 52.29 21.28
N ILE C 171 22.23 52.05 21.14
CA ILE C 171 21.26 53.13 21.23
C ILE C 171 20.33 52.88 22.41
N ARG C 172 19.76 53.98 22.88
CA ARG C 172 18.63 53.94 23.80
C ARG C 172 17.57 52.95 23.33
N ASN C 173 17.09 52.15 24.28
CA ASN C 173 15.94 51.28 24.12
C ASN C 173 14.89 51.99 23.28
N PRO C 174 14.68 51.56 22.03
CA PRO C 174 13.73 52.26 21.16
C PRO C 174 12.28 51.98 21.52
N CYS C 175 12.04 51.08 22.47
CA CYS C 175 10.69 50.81 22.95
C CYS C 175 10.23 51.83 23.99
N LEU C 176 11.11 52.73 24.40
CA LEU C 176 10.89 53.70 25.45
C LEU C 176 10.23 54.95 24.88
N PRO C 177 9.42 55.65 25.69
CA PRO C 177 9.03 57.00 25.30
C PRO C 177 10.25 57.91 25.25
N SER C 178 10.10 59.02 24.55
CA SER C 178 11.15 60.04 24.52
C SER C 178 11.49 60.49 25.94
N GLN C 179 12.73 60.98 26.10
CA GLN C 179 13.23 61.31 27.44
C GLN C 179 12.37 62.36 28.12
N GLU C 180 11.85 63.32 27.35
CA GLU C 180 10.99 64.35 27.90
C GLU C 180 9.70 63.79 28.49
N LYS C 181 9.34 62.54 28.15
CA LYS C 181 8.05 61.99 28.54
C LYS C 181 8.16 60.83 29.51
N MET C 182 9.38 60.51 30.00
CA MET C 182 9.46 59.49 31.04
C MET C 182 9.02 60.03 32.39
N PRO C 183 8.42 59.16 33.21
CA PRO C 183 8.05 59.54 34.57
C PRO C 183 9.26 60.03 35.36
N GLU C 184 8.96 60.85 36.37
CA GLU C 184 9.98 61.43 37.24
C GLU C 184 10.87 60.36 37.88
N ALA C 185 10.31 59.17 38.15
CA ALA C 185 11.08 58.11 38.83
C ALA C 185 12.38 57.79 38.09
N TYR C 186 12.34 57.83 36.75
CA TYR C 186 13.51 57.48 35.96
C TYR C 186 14.61 58.52 36.02
N SER C 187 14.38 59.64 36.71
CA SER C 187 15.38 60.66 36.99
C SER C 187 16.07 60.49 38.33
N ALA C 188 15.69 59.48 39.10
CA ALA C 188 16.32 59.25 40.39
C ALA C 188 17.84 59.14 40.25
N LYS C 189 18.58 59.81 41.14
CA LYS C 189 20.03 59.72 41.14
C LYS C 189 20.45 58.34 41.65
N ILE C 190 21.20 57.62 40.82
CA ILE C 190 21.67 56.26 41.12
C ILE C 190 23.19 56.30 41.20
N ALA C 191 23.75 55.66 42.22
CA ALA C 191 25.20 55.61 42.41
C ALA C 191 25.67 54.17 42.41
N LEU C 192 26.76 53.91 41.70
CA LEU C 192 27.41 52.60 41.74
C LEU C 192 28.86 52.81 42.17
N LEU C 193 29.38 51.87 42.95
CA LEU C 193 30.71 52.02 43.51
C LEU C 193 31.60 50.94 42.90
N GLY C 194 32.70 51.38 42.25
CA GLY C 194 33.60 50.47 41.57
C GLY C 194 33.23 50.30 40.11
N ALA C 195 34.18 50.46 39.20
CA ALA C 195 33.87 50.36 37.77
C ALA C 195 34.33 49.02 37.19
N GLY C 196 33.97 47.92 37.84
CA GLY C 196 34.28 46.61 37.34
C GLY C 196 33.10 45.96 36.64
N PRO C 197 33.26 44.70 36.24
CA PRO C 197 32.17 43.99 35.54
C PRO C 197 30.80 44.08 36.21
N ALA C 198 30.74 43.95 37.53
CA ALA C 198 29.43 43.94 38.19
C ALA C 198 28.72 45.28 38.03
N SER C 199 29.44 46.38 38.24
CA SER C 199 28.81 47.69 38.14
C SER C 199 28.55 48.08 36.69
N ILE C 200 29.45 47.74 35.78
CA ILE C 200 29.20 48.02 34.36
C ILE C 200 27.93 47.33 33.89
N SER C 201 27.76 46.07 34.26
CA SER C 201 26.56 45.33 33.92
C SER C 201 25.32 45.98 34.53
N CYS C 202 25.37 46.28 35.84
CA CYS C 202 24.23 46.86 36.54
C CYS C 202 23.84 48.20 35.93
N ALA C 203 24.83 49.11 35.77
CA ALA C 203 24.52 50.41 35.18
C ALA C 203 23.97 50.26 33.76
N SER C 204 24.45 49.27 33.02
CA SER C 204 23.98 49.07 31.65
C SER C 204 22.50 48.68 31.62
N PHE C 205 22.11 47.72 32.46
CA PHE C 205 20.71 47.29 32.47
C PHE C 205 19.80 48.38 33.03
N LEU C 206 20.27 49.15 34.01
CA LEU C 206 19.46 50.26 34.49
C LEU C 206 19.26 51.29 33.39
N ALA C 207 20.33 51.58 32.64
CA ALA C 207 20.22 52.53 31.54
C ALA C 207 19.25 52.04 30.47
N ARG C 208 19.29 50.74 30.17
CA ARG C 208 18.32 50.16 29.24
C ARG C 208 16.89 50.40 29.72
N LEU C 209 16.65 50.27 31.03
CA LEU C 209 15.31 50.44 31.57
C LEU C 209 14.81 51.89 31.45
N GLY C 210 15.70 52.85 31.23
CA GLY C 210 15.31 54.23 31.03
C GLY C 210 15.84 55.20 32.06
N TYR C 211 16.58 54.72 33.06
CA TYR C 211 17.14 55.62 34.06
C TYR C 211 18.20 56.50 33.42
N SER C 212 18.16 57.78 33.76
CA SER C 212 18.92 58.80 33.05
C SER C 212 19.97 59.49 33.90
N ASP C 213 20.08 59.17 35.19
CA ASP C 213 21.06 59.83 36.07
C ASP C 213 21.80 58.73 36.84
N ILE C 214 22.74 58.11 36.16
CA ILE C 214 23.48 56.95 36.66
C ILE C 214 24.95 57.33 36.72
N THR C 215 25.57 57.21 37.89
CA THR C 215 26.98 57.54 38.03
C THR C 215 27.73 56.38 38.68
N ILE C 216 28.82 55.96 38.03
CA ILE C 216 29.77 55.00 38.61
C ILE C 216 30.94 55.79 39.19
N PHE C 217 31.21 55.59 40.47
CA PHE C 217 32.37 56.19 41.13
C PHE C 217 33.44 55.11 41.24
N GLU C 218 34.64 55.40 40.71
CA GLU C 218 35.72 54.43 40.65
C GLU C 218 36.94 54.98 41.38
N LYS C 219 37.52 54.16 42.26
CA LYS C 219 38.66 54.58 43.06
C LYS C 219 39.86 54.94 42.20
N GLN C 220 40.15 54.13 41.19
CA GLN C 220 41.39 54.26 40.43
C GLN C 220 41.21 55.25 39.27
N GLU C 221 42.29 55.50 38.56
CA GLU C 221 42.32 56.33 37.36
C GLU C 221 42.08 55.54 36.09
N TYR C 222 41.80 54.25 36.22
CA TYR C 222 41.49 53.39 35.09
C TYR C 222 40.15 52.72 35.38
N VAL C 223 39.49 52.26 34.31
CA VAL C 223 38.19 51.61 34.47
C VAL C 223 38.30 50.17 33.99
N GLY C 224 37.36 49.36 34.45
CA GLY C 224 37.30 47.95 34.04
C GLY C 224 37.58 46.96 35.14
N GLY C 225 38.03 47.41 36.32
CA GLY C 225 38.26 46.47 37.40
C GLY C 225 39.42 45.54 37.08
N LEU C 226 39.27 44.27 37.51
CA LEU C 226 40.35 43.30 37.34
C LEU C 226 40.59 42.97 35.87
N SER C 227 39.57 43.13 35.02
CA SER C 227 39.76 42.97 33.59
C SER C 227 40.86 43.89 33.07
N THR C 228 41.01 45.06 33.69
CA THR C 228 42.01 46.02 33.30
C THR C 228 43.30 45.89 34.11
N SER C 229 43.20 45.75 35.42
CA SER C 229 44.36 45.87 36.28
C SER C 229 45.14 44.57 36.47
N GLU C 230 44.53 43.41 36.23
CA GLU C 230 45.23 42.15 36.56
C GLU C 230 45.17 41.05 35.50
N ILE C 231 44.03 40.87 34.82
CA ILE C 231 44.01 39.82 33.79
C ILE C 231 44.98 40.19 32.67
N PRO C 232 45.90 39.31 32.27
CA PRO C 232 46.99 39.73 31.37
C PRO C 232 46.51 40.04 29.96
N GLN C 233 47.27 40.92 29.31
CA GLN C 233 47.01 41.33 27.94
C GLN C 233 47.02 40.13 26.98
N PHE C 234 47.83 39.11 27.26
CA PHE C 234 47.89 37.97 26.35
C PHE C 234 46.70 37.04 26.50
N ARG C 235 45.81 37.30 27.46
CA ARG C 235 44.49 36.66 27.48
C ARG C 235 43.36 37.62 27.19
N LEU C 236 43.44 38.87 27.64
CA LEU C 236 42.36 39.83 27.46
C LEU C 236 42.93 41.18 27.04
N PRO C 237 42.89 41.50 25.74
CA PRO C 237 43.44 42.80 25.30
C PRO C 237 42.61 43.93 25.88
N TYR C 238 43.31 45.00 26.27
CA TYR C 238 42.64 46.11 26.93
C TYR C 238 41.60 46.77 26.02
N ASP C 239 41.79 46.73 24.70
CA ASP C 239 40.84 47.39 23.81
C ASP C 239 39.45 46.75 23.86
N VAL C 240 39.37 45.49 24.28
CA VAL C 240 38.08 44.84 24.53
C VAL C 240 37.33 45.57 25.64
N VAL C 241 38.02 45.82 26.76
CA VAL C 241 37.42 46.47 27.91
C VAL C 241 36.97 47.88 27.55
N ASN C 242 37.83 48.62 26.85
CA ASN C 242 37.47 49.97 26.38
C ASN C 242 36.23 49.93 25.49
N PHE C 243 36.13 48.92 24.62
CA PHE C 243 34.97 48.82 23.72
C PHE C 243 33.68 48.61 24.51
N GLU C 244 33.70 47.71 25.50
CA GLU C 244 32.49 47.44 26.27
C GLU C 244 32.08 48.63 27.13
N ILE C 245 33.04 49.32 27.72
CA ILE C 245 32.69 50.51 28.51
C ILE C 245 32.13 51.60 27.61
N GLU C 246 32.64 51.71 26.39
CA GLU C 246 32.15 52.73 25.48
C GLU C 246 30.70 52.44 25.06
N LEU C 247 30.35 51.17 24.87
CA LEU C 247 28.95 50.84 24.60
C LEU C 247 28.06 51.26 25.76
N MET C 248 28.52 51.03 26.99
CA MET C 248 27.75 51.51 28.14
C MET C 248 27.60 53.02 28.12
N LYS C 249 28.67 53.74 27.80
CA LYS C 249 28.60 55.20 27.81
C LYS C 249 27.64 55.73 26.76
N ASP C 250 27.41 54.96 25.68
CA ASP C 250 26.40 55.33 24.69
C ASP C 250 25.01 55.46 25.32
N LEU C 251 24.75 54.78 26.43
CA LEU C 251 23.45 54.87 27.08
C LEU C 251 23.39 56.01 28.09
N GLY C 252 24.47 56.77 28.25
CA GLY C 252 24.49 57.94 29.11
C GLY C 252 25.01 57.72 30.51
N VAL C 253 25.48 56.50 30.84
CA VAL C 253 26.09 56.29 32.15
C VAL C 253 27.31 57.19 32.27
N LYS C 254 27.47 57.79 33.43
CA LYS C 254 28.65 58.62 33.72
C LYS C 254 29.61 57.84 34.61
N ILE C 255 30.91 58.06 34.40
CA ILE C 255 31.95 57.46 35.23
C ILE C 255 32.84 58.56 35.77
N ILE C 256 33.03 58.57 37.09
CA ILE C 256 33.92 59.54 37.72
C ILE C 256 35.06 58.78 38.39
N CYS C 257 36.27 59.03 37.93
CA CYS C 257 37.44 58.35 38.47
C CYS C 257 38.05 59.16 39.61
N GLY C 258 38.85 58.48 40.43
CA GLY C 258 39.45 59.11 41.60
C GLY C 258 38.52 59.34 42.76
N LYS C 259 37.44 58.56 42.87
CA LYS C 259 36.43 58.70 43.93
C LYS C 259 36.25 57.37 44.61
N SER C 260 36.53 57.29 45.91
CA SER C 260 36.43 56.05 46.65
C SER C 260 35.25 56.04 47.60
N LEU C 261 34.64 54.87 47.73
CA LEU C 261 33.84 54.55 48.89
C LEU C 261 34.77 54.36 50.07
N SER C 262 34.76 55.34 50.98
CA SER C 262 35.68 55.31 52.11
C SER C 262 35.27 56.45 53.04
N GLU C 263 35.55 56.27 54.33
CA GLU C 263 35.25 57.31 55.29
C GLU C 263 36.00 58.58 54.91
N ASN C 264 35.34 59.72 55.10
CA ASN C 264 35.81 61.03 54.66
C ASN C 264 35.88 61.18 53.14
N GLU C 265 35.38 60.20 52.38
CA GLU C 265 35.13 60.39 50.95
C GLU C 265 33.67 60.06 50.71
N ILE C 266 33.36 59.07 49.87
CA ILE C 266 31.98 58.68 49.61
C ILE C 266 31.57 57.64 50.64
N THR C 267 30.41 57.86 51.26
CA THR C 267 29.80 56.86 52.13
C THR C 267 28.31 56.75 51.81
N LEU C 268 27.70 55.69 52.30
CA LEU C 268 26.25 55.56 52.16
C LEU C 268 25.54 56.75 52.77
N ASN C 269 26.07 57.26 53.89
CA ASN C 269 25.44 58.40 54.54
C ASN C 269 25.53 59.67 53.68
N THR C 270 26.69 59.92 53.08
CA THR C 270 26.83 61.10 52.23
C THR C 270 26.07 60.96 50.92
N LEU C 271 25.99 59.73 50.39
CA LEU C 271 25.13 59.51 49.23
C LEU C 271 23.69 59.83 49.56
N LYS C 272 23.22 59.38 50.73
CA LYS C 272 21.84 59.65 51.12
C LYS C 272 21.60 61.15 51.28
N GLU C 273 22.48 61.81 52.02
CA GLU C 273 22.33 63.26 52.22
C GLU C 273 22.40 64.03 50.92
N GLU C 274 23.03 63.47 49.89
CA GLU C 274 23.14 64.15 48.60
C GLU C 274 21.96 63.87 47.68
N GLY C 275 21.00 63.05 48.08
CA GLY C 275 19.85 62.79 47.27
C GLY C 275 19.92 61.57 46.38
N TYR C 276 20.97 60.74 46.48
CA TYR C 276 20.97 59.48 45.77
C TYR C 276 19.87 58.58 46.31
N LYS C 277 19.15 57.91 45.40
CA LYS C 277 18.02 57.08 45.81
C LYS C 277 18.35 55.60 45.86
N ALA C 278 19.43 55.17 45.21
CA ALA C 278 19.87 53.77 45.26
C ALA C 278 21.36 53.71 45.02
N ALA C 279 22.01 52.72 45.63
CA ALA C 279 23.44 52.49 45.50
C ALA C 279 23.70 51.02 45.23
N PHE C 280 24.64 50.74 44.32
CA PHE C 280 25.11 49.38 44.04
C PHE C 280 26.58 49.30 44.38
N ILE C 281 26.95 48.35 45.26
CA ILE C 281 28.34 48.16 45.70
C ILE C 281 28.99 47.09 44.82
N GLY C 282 29.92 47.50 43.97
CA GLY C 282 30.66 46.55 43.15
C GLY C 282 32.16 46.76 43.26
N ILE C 283 32.69 46.89 44.47
CA ILE C 283 34.10 47.26 44.63
C ILE C 283 35.02 46.06 44.67
N GLY C 284 34.49 44.84 44.55
CA GLY C 284 35.36 43.67 44.57
C GLY C 284 36.03 43.45 45.92
N LEU C 285 37.17 42.75 45.84
CA LEU C 285 37.98 42.44 47.02
C LEU C 285 39.32 43.16 46.84
N PRO C 286 39.50 44.33 47.45
CA PRO C 286 40.62 45.19 47.07
C PRO C 286 41.96 44.84 47.71
N GLU C 287 42.00 44.00 48.75
CA GLU C 287 43.30 43.74 49.39
C GLU C 287 43.79 42.31 49.14
N PRO C 288 45.11 42.11 49.06
CA PRO C 288 45.64 40.75 48.92
C PRO C 288 45.50 39.95 50.20
N LYS C 289 45.32 38.64 50.07
CA LYS C 289 45.46 37.77 51.22
C LYS C 289 46.93 37.65 51.55
N THR C 290 47.29 37.92 52.81
CA THR C 290 48.68 38.02 53.21
C THR C 290 49.09 36.85 54.11
N ASP C 291 50.38 36.54 54.09
CA ASP C 291 50.99 35.59 55.00
C ASP C 291 51.95 36.35 55.90
N ASP C 292 51.84 36.14 57.20
CA ASP C 292 52.60 36.93 58.16
C ASP C 292 54.09 36.73 58.03
N ILE C 293 54.54 35.60 57.48
CA ILE C 293 55.97 35.36 57.35
C ILE C 293 56.63 36.30 56.34
N PHE C 294 55.85 36.91 55.45
CA PHE C 294 56.38 37.80 54.42
C PHE C 294 56.42 39.25 54.87
N GLN C 295 56.08 39.53 56.12
CA GLN C 295 55.98 40.89 56.60
C GLN C 295 57.35 41.58 56.57
N GLY C 296 57.35 42.85 56.15
CA GLY C 296 58.57 43.62 56.04
C GLY C 296 59.32 43.47 54.74
N LEU C 297 59.01 42.44 53.94
CA LEU C 297 59.68 42.26 52.66
C LEU C 297 59.17 43.29 51.67
N THR C 298 60.08 43.79 50.83
CA THR C 298 59.80 44.88 49.90
C THR C 298 59.97 44.42 48.46
N GLN C 299 59.43 45.22 47.54
CA GLN C 299 59.63 44.95 46.12
C GLN C 299 61.09 45.07 45.73
N ASP C 300 61.84 45.94 46.41
CA ASP C 300 63.26 46.08 46.13
C ASP C 300 64.04 44.80 46.45
N GLN C 301 63.55 44.00 47.41
CA GLN C 301 64.16 42.72 47.74
C GLN C 301 63.65 41.58 46.86
N GLY C 302 62.59 41.81 46.09
CA GLY C 302 62.06 40.81 45.20
C GLY C 302 60.74 40.20 45.62
N PHE C 303 60.05 40.77 46.61
CA PHE C 303 58.76 40.26 47.06
C PHE C 303 57.63 41.11 46.51
N TYR C 304 56.65 40.45 45.92
CA TYR C 304 55.42 41.07 45.45
C TYR C 304 54.22 40.29 45.96
N THR C 305 53.11 40.99 46.18
CA THR C 305 51.83 40.31 46.12
C THR C 305 51.31 40.41 44.69
N SER C 306 50.33 39.56 44.38
CA SER C 306 49.66 39.68 43.09
C SER C 306 49.11 41.08 42.88
N LYS C 307 48.66 41.72 43.95
CA LYS C 307 48.09 43.05 43.86
C LYS C 307 49.15 44.11 43.59
N ASP C 308 50.43 43.81 43.84
CA ASP C 308 51.53 44.65 43.39
C ASP C 308 51.95 44.31 41.97
N PHE C 309 52.06 43.01 41.67
CA PHE C 309 52.78 42.55 40.50
C PHE C 309 51.94 42.67 39.23
N LEU C 310 50.74 42.10 39.22
CA LEU C 310 49.95 42.10 38.01
C LEU C 310 49.60 43.49 37.50
N PRO C 311 49.25 44.47 38.34
CA PRO C 311 49.04 45.83 37.81
C PRO C 311 50.28 46.47 37.21
N LEU C 312 51.46 46.16 37.75
CA LEU C 312 52.69 46.66 37.14
C LEU C 312 52.87 46.11 35.73
N VAL C 313 52.66 44.81 35.55
CA VAL C 313 52.80 44.23 34.22
C VAL C 313 51.70 44.76 33.30
N ALA C 314 50.48 44.85 33.81
CA ALA C 314 49.39 45.39 33.00
C ALA C 314 49.67 46.84 32.58
N LYS C 315 50.14 47.67 33.51
CA LYS C 315 50.48 49.04 33.15
C LYS C 315 51.54 49.09 32.05
N SER C 316 52.39 48.06 31.96
CA SER C 316 53.42 48.09 30.93
C SER C 316 52.94 47.52 29.60
N SER C 317 51.90 46.68 29.60
CA SER C 317 51.54 45.94 28.41
C SER C 317 50.22 46.38 27.77
N LYS C 318 49.48 47.28 28.41
CA LYS C 318 48.15 47.67 27.92
C LYS C 318 48.19 49.14 27.55
N ALA C 319 48.27 49.43 26.25
CA ALA C 319 48.37 50.80 25.78
C ALA C 319 47.10 51.57 26.12
N GLY C 320 47.25 52.72 26.76
CA GLY C 320 46.13 53.57 27.08
C GLY C 320 45.45 53.30 28.42
N MET C 321 45.63 52.08 28.95
CA MET C 321 45.11 51.67 30.26
C MET C 321 45.50 52.62 31.38
N CYS C 322 46.78 52.57 31.79
CA CYS C 322 47.41 53.56 32.70
C CYS C 322 48.51 54.28 31.92
N ALA C 323 48.15 55.41 31.30
CA ALA C 323 49.01 56.07 30.30
C ALA C 323 50.42 56.30 30.81
N CYS C 324 50.59 56.46 32.12
CA CYS C 324 51.91 56.46 32.74
C CYS C 324 52.77 55.32 32.20
N HIS C 325 52.26 54.10 32.34
CA HIS C 325 53.01 52.86 32.12
C HIS C 325 54.26 52.81 32.99
N SER C 326 54.90 51.65 33.02
CA SER C 326 56.11 51.47 33.78
C SER C 326 57.05 50.62 32.96
N PRO C 327 58.35 50.74 33.19
CA PRO C 327 59.25 49.68 32.73
C PRO C 327 58.72 48.34 33.24
N LEU C 328 58.65 47.37 32.35
CA LEU C 328 58.34 46.01 32.76
C LEU C 328 59.25 45.58 33.90
N PRO C 329 58.73 45.06 35.00
CA PRO C 329 59.56 44.82 36.18
C PRO C 329 60.75 43.93 35.86
N SER C 330 61.87 44.21 36.52
CA SER C 330 63.11 43.46 36.34
C SER C 330 62.99 42.18 37.15
N ILE C 331 62.57 41.10 36.49
CA ILE C 331 62.22 39.88 37.20
C ILE C 331 63.12 38.78 36.64
N ARG C 332 64.42 39.05 36.52
CA ARG C 332 65.34 38.02 36.09
C ARG C 332 65.74 37.09 37.22
N GLY C 333 65.84 35.80 36.89
CA GLY C 333 66.18 34.76 37.85
C GLY C 333 65.10 33.70 37.99
N ALA C 334 65.11 32.99 39.11
CA ALA C 334 64.07 32.03 39.42
C ALA C 334 62.95 32.72 40.20
N VAL C 335 61.70 32.35 39.89
CA VAL C 335 60.53 33.00 40.46
C VAL C 335 59.69 31.94 41.15
N ILE C 336 59.30 32.22 42.38
CA ILE C 336 58.37 31.39 43.13
C ILE C 336 57.02 32.10 43.13
N VAL C 337 55.98 31.42 42.66
CA VAL C 337 54.62 31.94 42.75
C VAL C 337 53.86 31.04 43.71
N LEU C 338 53.22 31.64 44.72
CA LEU C 338 52.50 30.91 45.75
C LEU C 338 51.00 31.01 45.51
N GLY C 339 50.34 29.87 45.37
CA GLY C 339 48.90 29.83 45.18
C GLY C 339 48.48 28.84 44.11
N ALA C 340 47.18 28.54 44.04
CA ALA C 340 46.71 27.54 43.08
C ALA C 340 45.46 27.99 42.33
N GLY C 341 45.09 29.26 42.39
CA GLY C 341 43.97 29.77 41.63
C GLY C 341 44.39 30.51 40.38
N ASP C 342 43.42 31.17 39.76
CA ASP C 342 43.67 31.92 38.53
C ASP C 342 44.74 32.98 38.73
N THR C 343 44.77 33.58 39.92
CA THR C 343 45.78 34.60 40.20
C THR C 343 47.18 34.04 40.09
N ALA C 344 47.43 32.85 40.64
CA ALA C 344 48.78 32.29 40.62
C ALA C 344 49.21 31.97 39.20
N PHE C 345 48.34 31.32 38.42
CA PHE C 345 48.74 30.91 37.08
C PHE C 345 48.97 32.12 36.16
N ASP C 346 48.24 33.23 36.39
CA ASP C 346 48.52 34.46 35.65
C ASP C 346 49.81 35.11 36.12
N CYS C 347 50.11 35.05 37.42
CA CYS C 347 51.38 35.58 37.90
C CYS C 347 52.54 34.80 37.29
N ALA C 348 52.38 33.49 37.16
CA ALA C 348 53.43 32.63 36.60
C ALA C 348 53.72 32.98 35.15
N THR C 349 52.68 33.05 34.32
CA THR C 349 52.87 33.34 32.90
C THR C 349 53.30 34.79 32.69
N SER C 350 52.82 35.72 33.54
CA SER C 350 53.27 37.10 33.42
C SER C 350 54.74 37.26 33.78
N ALA C 351 55.23 36.47 34.76
CA ALA C 351 56.64 36.55 35.12
C ALA C 351 57.54 36.21 33.93
N LEU C 352 57.14 35.22 33.12
CA LEU C 352 57.93 34.89 31.93
C LEU C 352 58.06 36.07 30.98
N ARG C 353 57.00 36.90 30.87
CA ARG C 353 57.10 38.08 30.02
C ARG C 353 58.01 39.14 30.61
N CYS C 354 58.33 39.04 31.89
CA CYS C 354 59.27 39.95 32.53
C CYS C 354 60.71 39.47 32.42
N GLY C 355 60.95 38.29 31.83
CA GLY C 355 62.29 37.78 31.65
C GLY C 355 62.74 36.71 32.62
N ALA C 356 61.83 36.14 33.41
CA ALA C 356 62.21 35.09 34.34
C ALA C 356 62.77 33.89 33.59
N ARG C 357 63.79 33.25 34.16
CA ARG C 357 64.35 32.07 33.51
C ARG C 357 63.67 30.78 33.95
N ARG C 358 63.14 30.74 35.16
CA ARG C 358 62.37 29.61 35.65
C ARG C 358 61.24 30.12 36.54
N VAL C 359 60.12 29.40 36.51
CA VAL C 359 58.97 29.73 37.36
C VAL C 359 58.53 28.46 38.07
N PHE C 360 58.43 28.54 39.40
CA PHE C 360 57.84 27.50 40.23
C PHE C 360 56.52 28.01 40.78
N LEU C 361 55.44 27.29 40.51
CA LEU C 361 54.21 27.42 41.27
C LEU C 361 54.24 26.41 42.41
N VAL C 362 54.06 26.90 43.63
CA VAL C 362 54.07 26.06 44.82
C VAL C 362 52.67 26.10 45.42
N PHE C 363 52.06 24.92 45.58
CA PHE C 363 50.74 24.77 46.18
C PHE C 363 50.91 24.17 47.57
N ARG C 364 50.06 24.57 48.52
CA ARG C 364 50.15 23.88 49.80
C ARG C 364 49.42 22.54 49.77
N LYS C 365 48.68 22.24 48.70
CA LYS C 365 48.00 20.97 48.57
C LYS C 365 48.53 20.23 47.34
N GLY C 366 47.75 19.29 46.80
CA GLY C 366 48.18 18.47 45.69
C GLY C 366 47.69 18.98 44.34
N PHE C 367 48.09 18.25 43.30
CA PHE C 367 47.64 18.58 41.95
C PHE C 367 46.12 18.44 41.83
N VAL C 368 45.55 17.44 42.50
CA VAL C 368 44.11 17.22 42.43
C VAL C 368 43.33 18.40 42.99
N ASN C 369 43.96 19.23 43.81
CA ASN C 369 43.30 20.30 44.57
C ASN C 369 43.45 21.66 43.91
N ILE C 370 44.02 21.72 42.70
CA ILE C 370 44.18 23.00 42.02
C ILE C 370 42.81 23.63 41.79
N ARG C 371 42.72 24.95 41.99
CA ARG C 371 41.44 25.65 41.87
C ARG C 371 41.22 26.24 40.48
N ALA C 372 42.28 26.52 39.74
CA ALA C 372 42.14 27.02 38.38
C ALA C 372 41.56 25.93 37.48
N VAL C 373 40.94 26.35 36.38
CA VAL C 373 40.28 25.41 35.48
C VAL C 373 41.37 24.82 34.59
N PRO C 374 41.22 23.58 34.09
CA PRO C 374 42.29 22.96 33.30
C PRO C 374 42.86 23.81 32.17
N GLU C 375 42.02 24.63 31.52
N GLU C 375 42.01 24.60 31.49
CA GLU C 375 42.51 25.42 30.39
CA GLU C 375 42.49 25.43 30.39
C GLU C 375 43.41 26.56 30.84
C GLU C 375 43.48 26.49 30.89
N GLU C 376 43.21 27.04 32.08
CA GLU C 376 44.15 28.00 32.66
C GLU C 376 45.46 27.33 33.06
N VAL C 377 45.37 26.11 33.60
CA VAL C 377 46.58 25.39 33.98
C VAL C 377 47.42 25.03 32.76
N GLU C 378 46.75 24.69 31.64
CA GLU C 378 47.46 24.27 30.44
C GLU C 378 48.39 25.36 29.92
N LEU C 379 48.03 26.63 30.08
CA LEU C 379 48.87 27.72 29.57
C LEU C 379 50.18 27.83 30.34
N ALA C 380 50.13 27.71 31.67
CA ALA C 380 51.36 27.64 32.43
C ALA C 380 52.12 26.35 32.15
N LYS C 381 51.40 25.25 31.93
CA LYS C 381 52.06 23.98 31.65
C LYS C 381 52.82 24.01 30.32
N GLU C 382 52.20 24.56 29.28
CA GLU C 382 52.85 24.57 27.98
C GLU C 382 54.00 25.56 27.91
N GLU C 383 54.04 26.54 28.81
CA GLU C 383 55.17 27.47 28.84
C GLU C 383 56.26 27.00 29.81
N LYS C 384 56.17 25.76 30.28
CA LYS C 384 57.24 25.07 31.01
C LYS C 384 57.43 25.63 32.42
N CYS C 385 56.33 26.00 33.06
CA CYS C 385 56.40 26.29 34.48
C CYS C 385 56.50 24.98 35.25
N GLU C 386 57.21 25.01 36.38
CA GLU C 386 57.26 23.85 37.25
C GLU C 386 56.22 23.99 38.34
N PHE C 387 55.64 22.86 38.73
CA PHE C 387 54.62 22.82 39.77
C PHE C 387 55.15 21.99 40.94
N LEU C 388 55.04 22.54 42.14
CA LEU C 388 55.54 21.88 43.35
C LEU C 388 54.41 21.74 44.36
N PRO C 389 53.87 20.55 44.55
CA PRO C 389 52.75 20.39 45.49
C PRO C 389 53.20 20.15 46.93
N PHE C 390 52.25 20.31 47.84
CA PHE C 390 52.39 19.88 49.23
C PHE C 390 53.50 20.64 49.96
N LEU C 391 53.56 21.95 49.75
CA LEU C 391 54.56 22.79 50.40
C LEU C 391 53.92 24.05 50.95
N SER C 392 54.27 24.39 52.18
CA SER C 392 53.84 25.62 52.83
C SER C 392 55.07 26.43 53.22
N PRO C 393 55.11 27.73 52.94
CA PRO C 393 56.34 28.50 53.17
C PRO C 393 56.54 28.82 54.64
N ARG C 394 57.81 28.87 55.04
CA ARG C 394 58.14 29.11 56.44
C ARG C 394 59.08 30.28 56.66
N LYS C 395 60.15 30.38 55.86
CA LYS C 395 61.14 31.44 56.02
C LYS C 395 61.61 31.92 54.66
N VAL C 396 61.91 33.21 54.58
CA VAL C 396 62.55 33.80 53.42
C VAL C 396 63.97 34.20 53.80
N ILE C 397 64.89 34.01 52.86
CA ILE C 397 66.30 34.25 53.11
C ILE C 397 66.71 35.41 52.21
N VAL C 398 67.15 36.50 52.83
CA VAL C 398 67.59 37.69 52.14
C VAL C 398 69.08 37.87 52.39
N LYS C 399 69.85 38.00 51.32
CA LYS C 399 71.27 38.32 51.42
C LYS C 399 71.60 39.38 50.38
N GLY C 400 72.41 40.35 50.79
CA GLY C 400 72.78 41.43 49.89
C GLY C 400 71.63 42.32 49.48
N GLY C 401 70.59 42.39 50.30
CA GLY C 401 69.43 43.20 50.00
C GLY C 401 68.42 42.57 49.06
N ARG C 402 68.55 41.28 48.78
CA ARG C 402 67.64 40.62 47.85
C ARG C 402 67.32 39.22 48.35
N ILE C 403 66.12 38.76 48.00
CA ILE C 403 65.73 37.39 48.31
C ILE C 403 66.64 36.44 47.55
N VAL C 404 67.11 35.40 48.24
CA VAL C 404 67.89 34.35 47.58
C VAL C 404 67.29 32.97 47.75
N ALA C 405 66.37 32.76 48.70
CA ALA C 405 65.77 31.44 48.87
C ALA C 405 64.55 31.55 49.74
N VAL C 406 63.68 30.54 49.64
CA VAL C 406 62.52 30.37 50.50
C VAL C 406 62.57 28.97 51.08
N GLN C 407 62.33 28.85 52.37
CA GLN C 407 62.28 27.56 53.05
C GLN C 407 60.83 27.17 53.26
N PHE C 408 60.49 25.96 52.81
CA PHE C 408 59.14 25.40 52.95
C PHE C 408 59.16 24.18 53.85
N VAL C 409 57.98 23.81 54.35
CA VAL C 409 57.79 22.53 55.03
C VAL C 409 56.75 21.74 54.23
N ARG C 410 56.89 20.42 54.26
CA ARG C 410 55.95 19.56 53.54
C ARG C 410 54.62 19.48 54.28
N THR C 411 53.56 19.33 53.51
CA THR C 411 52.21 19.18 54.03
C THR C 411 51.68 17.80 53.65
N GLU C 412 50.74 17.30 54.44
CA GLU C 412 50.14 16.01 54.14
C GLU C 412 48.80 15.87 54.84
N GLN C 413 47.96 15.00 54.28
CA GLN C 413 46.72 14.58 54.90
C GLN C 413 46.93 13.24 55.58
N ASP C 414 46.45 13.11 56.81
CA ASP C 414 46.41 11.83 57.50
C ASP C 414 45.34 10.94 56.87
N GLU C 415 44.32 10.56 57.64
CA GLU C 415 43.16 9.89 57.06
C GLU C 415 41.86 10.39 57.70
N THR C 416 41.86 11.62 58.19
CA THR C 416 40.63 12.33 58.54
C THR C 416 40.46 13.60 57.71
N GLY C 417 41.17 13.70 56.60
CA GLY C 417 41.18 14.91 55.80
C GLY C 417 41.95 16.06 56.38
N LYS C 418 42.41 15.96 57.63
CA LYS C 418 43.15 17.03 58.26
C LYS C 418 44.51 17.20 57.59
N TRP C 419 44.90 18.45 57.36
CA TRP C 419 46.16 18.77 56.70
C TRP C 419 47.20 19.14 57.74
N ASN C 420 48.29 18.38 57.79
CA ASN C 420 49.37 18.58 58.75
C ASN C 420 50.54 19.28 58.08
N GLU C 421 51.44 19.80 58.90
CA GLU C 421 52.73 20.32 58.45
C GLU C 421 53.82 19.54 59.15
N ASP C 422 54.61 18.79 58.38
CA ASP C 422 55.67 17.95 58.93
C ASP C 422 56.92 18.81 59.14
N GLU C 423 57.26 19.05 60.41
CA GLU C 423 58.32 20.00 60.75
C GLU C 423 59.70 19.54 60.23
N ASP C 424 59.94 18.24 60.20
CA ASP C 424 61.26 17.72 59.88
C ASP C 424 61.47 17.52 58.38
N GLN C 425 60.47 17.82 57.56
CA GLN C 425 60.54 17.62 56.12
C GLN C 425 60.51 19.00 55.47
N ILE C 426 61.68 19.48 55.06
CA ILE C 426 61.86 20.87 54.63
C ILE C 426 62.39 20.89 53.20
N VAL C 427 62.20 22.03 52.54
CA VAL C 427 62.73 22.29 51.22
C VAL C 427 63.36 23.68 51.23
N HIS C 428 64.57 23.80 50.70
CA HIS C 428 65.29 25.05 50.59
C HIS C 428 65.37 25.38 49.10
N LEU C 429 64.45 26.21 48.62
CA LEU C 429 64.29 26.48 47.20
C LEU C 429 64.92 27.82 46.87
N LYS C 430 66.00 27.80 46.10
CA LYS C 430 66.62 29.03 45.67
C LYS C 430 65.71 29.81 44.73
N ALA C 431 65.61 31.11 44.95
CA ALA C 431 64.79 31.97 44.10
C ALA C 431 65.23 33.41 44.28
N ASP C 432 64.94 34.23 43.28
CA ASP C 432 65.25 35.66 43.30
C ASP C 432 64.02 36.54 43.44
N VAL C 433 62.83 36.02 43.13
CA VAL C 433 61.59 36.78 43.18
C VAL C 433 60.53 35.88 43.79
N VAL C 434 59.73 36.44 44.70
CA VAL C 434 58.61 35.70 45.31
C VAL C 434 57.34 36.51 45.10
N ILE C 435 56.30 35.86 44.58
CA ILE C 435 55.00 36.49 44.36
C ILE C 435 53.94 35.67 45.09
N SER C 436 53.28 36.29 46.08
CA SER C 436 52.20 35.59 46.76
C SER C 436 50.91 35.86 46.02
N ALA C 437 50.20 34.79 45.69
CA ALA C 437 48.97 34.85 44.91
C ALA C 437 47.91 33.99 45.56
N PHE C 438 47.76 34.18 46.89
CA PHE C 438 46.81 33.40 47.67
C PHE C 438 45.37 33.77 47.35
N GLY C 439 45.12 35.01 46.95
CA GLY C 439 43.77 35.45 46.70
C GLY C 439 43.57 36.86 47.20
N SER C 440 42.31 37.22 47.42
CA SER C 440 41.94 38.59 47.73
C SER C 440 40.88 38.61 48.83
N VAL C 441 40.84 39.72 49.57
CA VAL C 441 39.90 39.93 50.67
C VAL C 441 39.52 41.40 50.72
N LEU C 442 38.52 41.69 51.55
CA LEU C 442 38.19 43.05 51.94
C LEU C 442 38.58 43.21 53.40
N ARG C 443 39.57 44.07 53.68
CA ARG C 443 40.04 44.27 55.04
C ARG C 443 40.11 45.73 55.48
N ASP C 444 39.92 46.69 54.57
CA ASP C 444 40.03 48.11 54.87
C ASP C 444 38.96 48.57 55.86
N PRO C 445 39.34 48.98 57.08
CA PRO C 445 38.33 49.49 58.01
C PRO C 445 37.62 50.75 57.52
N LYS C 446 38.34 51.62 56.82
CA LYS C 446 37.71 52.85 56.33
C LYS C 446 36.68 52.56 55.24
N VAL C 447 36.89 51.51 54.44
CA VAL C 447 35.89 51.10 53.47
C VAL C 447 34.68 50.50 54.18
N LYS C 448 34.92 49.57 55.11
CA LYS C 448 33.81 48.96 55.81
C LYS C 448 32.99 50.00 56.57
N GLU C 449 33.67 50.98 57.18
CA GLU C 449 32.96 52.03 57.89
C GLU C 449 32.03 52.80 56.95
N ALA C 450 32.45 52.98 55.69
CA ALA C 450 31.64 53.75 54.74
C ALA C 450 30.37 53.01 54.35
N LEU C 451 30.29 51.70 54.59
CA LEU C 451 29.11 50.91 54.30
C LEU C 451 28.17 50.78 55.50
N SER C 452 28.43 51.52 56.57
CA SER C 452 27.53 51.53 57.70
C SER C 452 26.15 52.04 57.24
N PRO C 453 25.05 51.42 57.72
CA PRO C 453 25.01 50.35 58.70
C PRO C 453 24.64 48.96 58.15
N ILE C 454 25.04 48.62 56.92
CA ILE C 454 24.60 47.33 56.39
C ILE C 454 25.26 46.18 57.16
N LYS C 455 24.60 45.03 57.14
CA LYS C 455 25.07 43.87 57.87
C LYS C 455 26.14 43.12 57.08
N PHE C 456 27.20 42.73 57.78
CA PHE C 456 28.25 41.90 57.23
C PHE C 456 28.15 40.50 57.84
N ASN C 457 28.53 39.49 57.07
CA ASN C 457 28.35 38.10 57.49
C ASN C 457 29.61 37.52 58.12
N ARG C 458 29.62 36.19 58.23
CA ARG C 458 30.71 35.34 58.71
C ARG C 458 32.07 35.82 58.22
N TRP C 459 32.17 36.04 56.92
CA TRP C 459 33.43 36.32 56.22
C TRP C 459 33.72 37.81 56.14
N ASP C 460 33.04 38.63 56.95
CA ASP C 460 33.17 40.08 56.92
C ASP C 460 32.94 40.64 55.51
N LEU C 461 31.97 40.08 54.82
CA LEU C 461 31.50 40.59 53.55
C LEU C 461 30.04 41.04 53.68
N PRO C 462 29.60 41.97 52.83
CA PRO C 462 28.20 42.42 52.91
C PRO C 462 27.23 41.28 52.64
N GLU C 463 26.21 41.19 53.49
CA GLU C 463 25.14 40.20 53.33
C GLU C 463 24.11 40.70 52.33
N VAL C 464 23.72 39.84 51.40
CA VAL C 464 22.67 40.16 50.46
C VAL C 464 21.68 39.02 50.39
N ASP C 465 20.47 39.36 50.00
CA ASP C 465 19.51 38.38 49.51
C ASP C 465 20.00 37.85 48.18
N PRO C 466 20.28 36.55 48.05
CA PRO C 466 20.86 36.05 46.79
C PRO C 466 19.91 36.14 45.60
N GLU C 467 18.62 36.37 45.82
CA GLU C 467 17.69 36.55 44.72
C GLU C 467 17.60 38.00 44.25
N THR C 468 17.69 38.96 45.16
CA THR C 468 17.49 40.38 44.81
C THR C 468 18.76 41.19 44.83
N MET C 469 19.83 40.66 45.44
CA MET C 469 21.13 41.28 45.61
C MET C 469 21.04 42.44 46.60
N GLN C 470 19.93 42.54 47.33
CA GLN C 470 19.69 43.64 48.25
C GLN C 470 20.42 43.38 49.56
N THR C 471 21.10 44.41 50.08
CA THR C 471 21.72 44.34 51.41
C THR C 471 20.63 44.53 52.48
N SER C 472 21.06 44.62 53.74
CA SER C 472 20.11 44.86 54.82
C SER C 472 19.46 46.25 54.76
N GLU C 473 20.04 47.19 53.99
CA GLU C 473 19.35 48.45 53.72
C GLU C 473 18.65 48.37 52.38
N PRO C 474 17.35 48.66 52.30
CA PRO C 474 16.61 48.37 51.06
C PRO C 474 17.08 49.16 49.84
N TRP C 475 17.71 50.32 50.03
CA TRP C 475 18.17 51.12 48.90
C TRP C 475 19.61 50.81 48.47
N VAL C 476 20.28 49.86 49.13
CA VAL C 476 21.67 49.53 48.86
C VAL C 476 21.75 48.07 48.41
N PHE C 477 22.34 47.85 47.24
CA PHE C 477 22.54 46.52 46.66
C PHE C 477 24.04 46.26 46.50
N ALA C 478 24.39 45.00 46.28
CA ALA C 478 25.79 44.62 46.11
C ALA C 478 25.91 43.41 45.20
N GLY C 479 27.03 43.29 44.51
CA GLY C 479 27.24 42.15 43.63
C GLY C 479 28.68 42.06 43.19
N GLY C 480 29.00 40.93 42.57
CA GLY C 480 30.36 40.68 42.12
C GLY C 480 31.20 40.04 43.20
N ASP C 481 32.53 40.22 43.08
CA ASP C 481 33.44 39.57 44.01
C ASP C 481 33.14 39.94 45.46
N ILE C 482 32.69 41.18 45.72
CA ILE C 482 32.48 41.66 47.08
C ILE C 482 31.47 40.80 47.86
N VAL C 483 30.58 40.10 47.17
CA VAL C 483 29.55 39.31 47.84
C VAL C 483 30.07 37.93 48.21
N GLY C 484 31.15 37.48 47.59
CA GLY C 484 31.83 36.28 48.03
C GLY C 484 31.24 34.99 47.55
N MET C 485 30.31 35.03 46.61
CA MET C 485 29.68 33.82 46.11
C MET C 485 30.39 33.28 44.89
N ALA C 486 30.73 34.16 43.96
CA ALA C 486 31.31 33.79 42.69
C ALA C 486 32.67 34.46 42.53
N ASN C 487 33.47 33.94 41.61
CA ASN C 487 34.76 34.54 41.31
C ASN C 487 35.03 34.42 39.82
N THR C 488 34.02 34.74 39.00
CA THR C 488 34.18 34.86 37.55
C THR C 488 33.58 36.18 37.06
N THR C 489 34.11 36.62 35.91
CA THR C 489 33.57 37.79 35.25
C THR C 489 32.08 37.63 34.95
N VAL C 490 31.69 36.49 34.39
CA VAL C 490 30.29 36.36 33.94
C VAL C 490 29.34 36.29 35.13
N GLU C 491 29.76 35.67 36.23
CA GLU C 491 28.92 35.65 37.41
C GLU C 491 28.83 37.02 38.06
N SER C 492 29.92 37.80 38.01
CA SER C 492 29.86 39.19 38.47
C SER C 492 28.92 40.00 37.58
N VAL C 493 29.00 39.80 36.25
CA VAL C 493 28.07 40.47 35.34
C VAL C 493 26.63 40.09 35.69
N ASN C 494 26.41 38.81 35.98
CA ASN C 494 25.05 38.37 36.27
C ASN C 494 24.54 38.98 37.57
N ASP C 495 25.42 39.13 38.56
CA ASP C 495 25.04 39.78 39.81
C ASP C 495 24.50 41.19 39.56
N GLY C 496 25.18 41.96 38.70
CA GLY C 496 24.72 43.31 38.42
C GLY C 496 23.45 43.32 37.60
N LYS C 497 23.31 42.33 36.71
CA LYS C 497 22.07 42.12 35.97
C LYS C 497 20.91 41.84 36.93
N GLN C 498 21.11 40.89 37.85
CA GLN C 498 20.07 40.55 38.81
C GLN C 498 19.69 41.74 39.66
N ALA C 499 20.70 42.47 40.16
CA ALA C 499 20.45 43.64 40.99
C ALA C 499 19.61 44.68 40.26
N SER C 500 19.88 44.88 38.97
CA SER C 500 19.28 46.01 38.25
C SER C 500 17.76 45.92 38.27
N TRP C 501 17.19 44.72 38.17
CA TRP C 501 15.73 44.62 38.18
C TRP C 501 15.16 45.01 39.53
N TYR C 502 15.83 44.61 40.62
CA TYR C 502 15.30 44.90 41.94
C TYR C 502 15.66 46.30 42.41
N ILE C 503 16.72 46.91 41.88
CA ILE C 503 16.90 48.35 42.04
C ILE C 503 15.74 49.11 41.38
N HIS C 504 15.44 48.75 40.13
CA HIS C 504 14.29 49.30 39.42
C HIS C 504 13.01 49.14 40.24
N LYS C 505 12.76 47.94 40.76
CA LYS C 505 11.58 47.71 41.58
C LYS C 505 11.58 48.63 42.79
N TYR C 506 12.73 48.75 43.47
CA TYR C 506 12.81 49.57 44.67
C TYR C 506 12.55 51.03 44.35
N ILE C 507 13.21 51.57 43.32
CA ILE C 507 13.06 52.98 43.01
C ILE C 507 11.63 53.30 42.61
N GLN C 508 11.04 52.48 41.74
CA GLN C 508 9.67 52.73 41.32
C GLN C 508 8.72 52.76 42.51
N ALA C 509 8.89 51.83 43.45
CA ALA C 509 8.04 51.84 44.64
C ALA C 509 8.21 53.13 45.46
N GLN C 510 9.44 53.66 45.51
CA GLN C 510 9.64 54.92 46.22
C GLN C 510 8.88 56.07 45.57
N TYR C 511 8.66 56.02 44.26
CA TYR C 511 7.90 57.05 43.57
C TYR C 511 6.43 56.67 43.42
N GLY C 512 5.99 55.60 44.09
CA GLY C 512 4.60 55.22 44.08
C GLY C 512 4.19 54.39 42.89
N ALA C 513 5.13 53.75 42.20
CA ALA C 513 4.83 52.98 41.01
C ALA C 513 5.13 51.51 41.24
N SER C 514 4.37 50.66 40.58
CA SER C 514 4.65 49.23 40.59
C SER C 514 5.36 48.82 39.31
N VAL C 515 5.85 47.58 39.28
CA VAL C 515 6.47 47.02 38.09
C VAL C 515 5.91 45.62 37.87
N SER C 516 6.22 45.06 36.70
CA SER C 516 5.68 43.77 36.32
C SER C 516 6.03 42.69 37.33
N ALA C 517 5.12 41.73 37.48
CA ALA C 517 5.42 40.55 38.29
C ALA C 517 6.53 39.73 37.65
N LYS C 518 6.53 39.59 36.31
CA LYS C 518 7.78 38.90 36.03
C LYS C 518 8.83 39.89 35.56
N PRO C 519 10.06 39.69 36.04
CA PRO C 519 11.17 40.54 35.60
C PRO C 519 11.29 40.58 34.08
N GLU C 520 11.57 41.78 33.56
CA GLU C 520 11.59 42.02 32.11
C GLU C 520 12.72 43.01 31.79
N LEU C 521 13.95 42.51 31.70
CA LEU C 521 15.03 43.41 31.32
C LEU C 521 15.07 43.55 29.79
N PRO C 522 15.32 44.75 29.28
CA PRO C 522 15.30 44.95 27.82
C PRO C 522 16.53 44.36 27.16
N LEU C 523 16.38 44.05 25.87
CA LEU C 523 17.46 43.56 25.06
C LEU C 523 18.43 44.69 24.71
N PHE C 524 19.44 44.36 23.92
CA PHE C 524 20.48 45.27 23.48
C PHE C 524 20.12 45.75 22.08
N TYR C 525 20.17 47.07 21.83
CA TYR C 525 19.75 47.65 20.57
C TYR C 525 20.83 48.55 19.97
N THR C 526 20.84 48.64 18.62
CA THR C 526 21.75 49.52 17.88
C THR C 526 20.93 50.16 16.75
N PRO C 527 21.46 51.14 16.02
CA PRO C 527 20.71 51.70 14.88
C PRO C 527 20.34 50.68 13.81
N VAL C 528 21.02 49.53 13.77
CA VAL C 528 20.67 48.50 12.78
C VAL C 528 19.23 48.05 12.97
N ASP C 529 18.77 48.00 14.22
CA ASP C 529 17.44 47.48 14.51
C ASP C 529 16.34 48.38 13.98
N LEU C 530 16.65 49.61 13.61
CA LEU C 530 15.67 50.54 13.08
C LEU C 530 15.50 50.43 11.57
N VAL C 531 16.34 49.63 10.90
CA VAL C 531 16.26 49.50 9.46
C VAL C 531 14.93 48.87 9.06
N ASP C 532 14.28 49.46 8.06
CA ASP C 532 13.00 48.99 7.54
C ASP C 532 13.26 47.89 6.51
N ILE C 533 12.72 46.70 6.75
CA ILE C 533 12.90 45.63 5.78
C ILE C 533 11.57 45.19 5.18
N SER C 534 10.58 46.09 5.15
CA SER C 534 9.34 45.74 4.49
C SER C 534 9.47 45.88 2.97
N VAL C 535 8.54 45.23 2.26
CA VAL C 535 8.54 45.27 0.81
C VAL C 535 7.11 45.16 0.33
N GLU C 536 6.85 45.81 -0.80
CA GLU C 536 5.57 45.76 -1.50
C GLU C 536 5.73 44.96 -2.78
N MET C 537 4.80 44.03 -3.03
CA MET C 537 4.83 43.16 -4.19
C MET C 537 3.40 42.85 -4.60
N ALA C 538 3.07 43.11 -5.87
CA ALA C 538 1.76 42.77 -6.41
C ALA C 538 0.62 43.39 -5.60
N GLY C 539 0.85 44.62 -5.12
CA GLY C 539 -0.11 45.34 -4.32
C GLY C 539 -0.22 44.90 -2.87
N LEU C 540 0.58 43.92 -2.45
CA LEU C 540 0.55 43.42 -1.08
C LEU C 540 1.72 44.00 -0.31
N LYS C 541 1.50 44.29 0.96
CA LYS C 541 2.57 44.77 1.83
C LYS C 541 3.06 43.64 2.74
N PHE C 542 4.36 43.37 2.69
CA PHE C 542 5.00 42.37 3.53
C PHE C 542 5.83 43.11 4.58
N ILE C 543 5.60 42.78 5.85
CA ILE C 543 6.37 43.42 6.92
C ILE C 543 7.84 43.01 6.88
N ASN C 544 8.14 41.85 6.31
CA ASN C 544 9.50 41.47 5.97
C ASN C 544 9.42 40.47 4.83
N PRO C 545 10.50 40.25 4.09
CA PRO C 545 10.40 39.45 2.86
C PRO C 545 10.48 37.95 3.06
N PHE C 546 10.50 37.45 4.29
CA PHE C 546 10.70 36.02 4.56
C PHE C 546 9.38 35.33 4.86
N GLY C 547 9.14 34.20 4.20
CA GLY C 547 7.92 33.44 4.42
C GLY C 547 8.17 31.95 4.37
N LEU C 548 7.18 31.21 4.89
CA LEU C 548 7.22 29.76 4.83
C LEU C 548 6.66 29.28 3.51
N ALA C 549 7.45 28.50 2.78
CA ALA C 549 6.95 27.84 1.58
C ALA C 549 5.81 26.87 1.92
N SER C 550 5.12 26.45 0.88
CA SER C 550 4.08 25.41 0.98
C SER C 550 4.81 24.07 1.13
N ALA C 551 4.88 23.53 2.35
CA ALA C 551 5.72 22.38 2.59
C ALA C 551 5.46 21.83 4.00
N ALA C 552 6.33 20.92 4.45
CA ALA C 552 6.17 20.29 5.76
C ALA C 552 6.05 21.30 6.90
N PRO C 553 6.78 22.42 6.93
CA PRO C 553 6.55 23.41 8.01
C PRO C 553 5.20 24.08 8.00
N THR C 554 4.42 23.98 6.93
CA THR C 554 3.05 24.48 6.96
C THR C 554 2.04 23.32 6.89
N THR C 555 2.42 22.18 7.47
CA THR C 555 1.54 21.01 7.50
C THR C 555 0.21 21.33 8.18
N SER C 556 0.24 22.15 9.23
CA SER C 556 -0.96 22.52 9.99
C SER C 556 -0.98 24.02 10.20
N SER C 557 -2.20 24.59 10.19
CA SER C 557 -2.32 26.02 10.40
C SER C 557 -1.87 26.45 11.80
N SER C 558 -1.94 25.54 12.78
CA SER C 558 -1.42 25.87 14.10
C SER C 558 0.08 26.17 14.05
N MET C 559 0.81 25.54 13.13
CA MET C 559 2.23 25.86 12.94
C MET C 559 2.40 27.22 12.26
N ILE C 560 1.52 27.58 11.32
CA ILE C 560 1.61 28.91 10.75
C ILE C 560 1.40 29.98 11.83
N ARG C 561 0.41 29.77 12.71
CA ARG C 561 0.20 30.69 13.82
C ARG C 561 1.49 30.91 14.61
N ARG C 562 2.15 29.83 15.00
CA ARG C 562 3.37 29.99 15.80
C ARG C 562 4.49 30.64 15.00
N ALA C 563 4.54 30.38 13.68
CA ALA C 563 5.54 31.05 12.86
C ALA C 563 5.27 32.55 12.78
N PHE C 564 4.00 32.96 12.63
CA PHE C 564 3.69 34.39 12.68
C PHE C 564 4.06 34.98 14.03
N GLU C 565 3.82 34.22 15.11
CA GLU C 565 4.19 34.71 16.43
C GLU C 565 5.70 34.85 16.57
N ALA C 566 6.47 33.99 15.89
CA ALA C 566 7.92 34.13 15.90
C ALA C 566 8.41 35.30 15.04
N GLY C 567 7.63 35.71 14.05
CA GLY C 567 7.95 36.90 13.28
C GLY C 567 8.03 36.73 11.77
N TRP C 568 7.65 35.58 11.25
CA TRP C 568 7.67 35.38 9.81
C TRP C 568 6.71 36.35 9.13
N GLY C 569 7.16 36.95 8.01
CA GLY C 569 6.35 37.95 7.33
C GLY C 569 5.14 37.38 6.60
N PHE C 570 5.26 36.17 6.06
CA PHE C 570 4.15 35.56 5.36
C PHE C 570 4.27 34.03 5.42
N ALA C 571 3.23 33.36 4.94
CA ALA C 571 3.26 31.91 4.89
C ALA C 571 2.30 31.41 3.82
N LEU C 572 2.66 30.30 3.22
CA LEU C 572 1.84 29.52 2.31
C LEU C 572 1.14 28.43 3.12
N THR C 573 -0.09 28.10 2.75
CA THR C 573 -0.65 26.85 3.25
C THR C 573 0.02 25.68 2.52
N LYS C 574 0.07 24.52 3.16
CA LYS C 574 0.29 23.33 2.35
C LYS C 574 -0.73 23.31 1.22
N THR C 575 -0.33 22.78 0.07
CA THR C 575 -1.26 22.76 -1.06
C THR C 575 -2.47 21.88 -0.76
N PHE C 576 -3.67 22.40 -1.05
CA PHE C 576 -4.88 21.61 -0.85
C PHE C 576 -5.71 21.57 -2.13
N SER C 577 -6.69 20.67 -2.14
CA SER C 577 -7.47 20.41 -3.32
C SER C 577 -8.94 20.25 -2.93
N LEU C 578 -9.79 20.07 -3.93
CA LEU C 578 -11.17 19.72 -3.67
C LEU C 578 -11.25 18.33 -3.06
N ASP C 579 -12.37 18.05 -2.40
CA ASP C 579 -12.49 16.80 -1.65
C ASP C 579 -12.31 15.59 -2.56
N LYS C 580 -12.84 15.65 -3.79
CA LYS C 580 -12.73 14.50 -4.69
C LYS C 580 -11.27 14.15 -5.00
N ASP C 581 -10.33 15.07 -4.73
CA ASP C 581 -8.93 14.88 -5.07
C ASP C 581 -8.07 14.58 -3.86
N ILE C 582 -8.69 14.34 -2.69
CA ILE C 582 -7.94 14.18 -1.45
C ILE C 582 -6.96 13.01 -1.56
N VAL C 583 -5.79 13.16 -0.96
CA VAL C 583 -4.69 12.21 -1.12
C VAL C 583 -4.39 11.53 0.22
N THR C 584 -3.59 10.47 0.15
CA THR C 584 -3.11 9.76 1.32
C THR C 584 -1.61 9.54 1.18
N ASN C 585 -0.85 10.00 2.17
CA ASN C 585 0.61 9.91 2.15
C ASN C 585 1.08 8.49 2.48
N VAL C 586 2.29 8.18 2.02
CA VAL C 586 2.96 6.94 2.41
C VAL C 586 4.07 7.29 3.39
N SER C 587 4.75 6.28 3.92
CA SER C 587 5.86 6.49 4.83
C SER C 587 6.83 5.32 4.69
N PRO C 588 8.15 5.57 4.83
CA PRO C 588 8.83 6.86 5.00
C PRO C 588 8.69 7.76 3.76
N ARG C 589 8.82 9.08 3.89
CA ARG C 589 8.67 9.92 2.70
C ARG C 589 9.56 11.16 2.65
N ILE C 590 10.24 11.51 3.73
CA ILE C 590 11.23 12.58 3.69
C ILE C 590 12.56 12.04 4.21
N VAL C 591 13.62 12.17 3.41
CA VAL C 591 14.92 11.62 3.78
C VAL C 591 15.98 12.70 3.63
N ARG C 592 17.07 12.52 4.38
CA ARG C 592 18.20 13.43 4.31
C ARG C 592 18.93 13.28 2.98
N GLY C 593 19.55 14.37 2.53
CA GLY C 593 20.32 14.33 1.30
C GLY C 593 21.67 13.67 1.47
N THR C 594 22.14 13.06 0.38
CA THR C 594 23.48 12.49 0.26
C THR C 594 24.43 13.41 -0.50
N THR C 595 23.98 14.64 -0.77
CA THR C 595 24.65 15.62 -1.60
C THR C 595 25.92 16.19 -0.99
N SER C 596 26.21 15.94 0.29
CA SER C 596 27.48 16.41 0.84
C SER C 596 28.14 15.33 1.72
N GLY C 597 27.90 14.07 1.42
CA GLY C 597 28.59 13.00 2.09
C GLY C 597 27.92 12.61 3.39
N PRO C 598 28.57 11.71 4.14
CA PRO C 598 27.98 11.17 5.38
C PRO C 598 28.16 12.11 6.57
N MET C 599 27.58 13.30 6.46
CA MET C 599 27.63 14.33 7.48
C MET C 599 26.21 14.41 8.05
N TYR C 600 26.04 14.06 9.32
CA TYR C 600 24.72 13.93 9.93
C TYR C 600 24.46 15.04 10.93
N GLY C 601 23.18 15.29 11.19
CA GLY C 601 22.80 16.29 12.16
C GLY C 601 22.51 17.62 11.51
N PRO C 602 23.03 18.71 12.08
CA PRO C 602 22.66 20.05 11.60
C PRO C 602 23.10 20.29 10.16
N GLY C 603 22.40 21.19 9.49
CA GLY C 603 22.84 21.68 8.20
C GLY C 603 22.88 20.65 7.09
N GLN C 604 21.87 19.79 7.03
CA GLN C 604 21.73 18.90 5.88
C GLN C 604 21.67 19.73 4.59
N SER C 605 22.43 19.30 3.58
CA SER C 605 22.55 20.09 2.35
C SER C 605 21.37 19.88 1.39
N SER C 606 20.56 18.86 1.62
CA SER C 606 19.33 18.71 0.88
C SER C 606 18.42 17.75 1.64
N PHE C 607 17.18 17.68 1.20
CA PHE C 607 16.24 16.63 1.55
C PHE C 607 15.65 16.12 0.25
N LEU C 608 15.15 14.89 0.29
CA LEU C 608 14.29 14.39 -0.77
C LEU C 608 12.97 13.97 -0.14
N ASN C 609 11.87 14.30 -0.82
CA ASN C 609 10.57 13.91 -0.32
C ASN C 609 9.76 13.27 -1.44
N ILE C 610 8.92 12.30 -1.06
CA ILE C 610 7.89 11.78 -1.95
C ILE C 610 6.54 12.08 -1.31
N GLU C 611 6.43 13.25 -0.69
CA GLU C 611 5.17 13.68 -0.09
C GLU C 611 4.21 14.15 -1.18
N LEU C 612 2.91 14.03 -0.90
CA LEU C 612 1.88 14.56 -1.78
C LEU C 612 1.44 15.94 -1.26
N ILE C 613 0.30 16.43 -1.73
CA ILE C 613 -0.24 17.68 -1.22
C ILE C 613 -0.86 17.40 0.15
N SER C 614 -1.55 18.41 0.72
CA SER C 614 -2.09 18.26 2.07
C SER C 614 -3.10 17.11 2.17
N GLU C 615 -3.00 16.35 3.27
CA GLU C 615 -4.04 15.39 3.60
C GLU C 615 -5.22 16.03 4.30
N LYS C 616 -5.13 17.32 4.64
CA LYS C 616 -6.24 18.01 5.28
C LYS C 616 -7.12 18.65 4.22
N THR C 617 -8.41 18.79 4.54
CA THR C 617 -9.42 19.17 3.57
C THR C 617 -9.39 20.67 3.27
N ALA C 618 -9.98 21.01 2.12
CA ALA C 618 -10.15 22.42 1.78
C ALA C 618 -10.94 23.17 2.83
N ALA C 619 -11.91 22.51 3.47
CA ALA C 619 -12.68 23.18 4.51
C ALA C 619 -11.80 23.55 5.71
N TYR C 620 -10.95 22.61 6.16
CA TYR C 620 -9.98 22.93 7.21
C TYR C 620 -9.12 24.13 6.85
N TRP C 621 -8.62 24.15 5.61
CA TRP C 621 -7.67 25.19 5.23
C TRP C 621 -8.36 26.52 5.03
N CYS C 622 -9.55 26.53 4.44
CA CYS C 622 -10.27 27.79 4.28
C CYS C 622 -10.67 28.36 5.64
N GLN C 623 -11.17 27.52 6.55
CA GLN C 623 -11.46 28.01 7.89
C GLN C 623 -10.19 28.49 8.57
N SER C 624 -9.09 27.74 8.42
CA SER C 624 -7.82 28.15 9.01
C SER C 624 -7.35 29.50 8.47
N VAL C 625 -7.48 29.71 7.15
CA VAL C 625 -7.04 30.98 6.59
C VAL C 625 -7.84 32.13 7.18
N THR C 626 -9.16 31.94 7.36
CA THR C 626 -9.99 32.98 7.97
C THR C 626 -9.52 33.29 9.39
N GLU C 627 -9.24 32.25 10.18
CA GLU C 627 -8.74 32.46 11.55
C GLU C 627 -7.40 33.18 11.55
N LEU C 628 -6.48 32.74 10.70
CA LEU C 628 -5.15 33.34 10.68
C LEU C 628 -5.23 34.79 10.20
N LYS C 629 -6.06 35.07 9.20
CA LYS C 629 -6.16 36.46 8.75
C LYS C 629 -6.83 37.33 9.80
N ALA C 630 -7.74 36.76 10.59
CA ALA C 630 -8.40 37.53 11.63
C ALA C 630 -7.43 37.91 12.73
N ASP C 631 -6.54 36.99 13.11
CA ASP C 631 -5.61 37.24 14.20
C ASP C 631 -4.29 37.86 13.76
N PHE C 632 -3.93 37.76 12.49
CA PHE C 632 -2.66 38.30 11.98
C PHE C 632 -2.91 39.08 10.70
N PRO C 633 -3.61 40.23 10.80
CA PRO C 633 -3.97 40.96 9.58
C PRO C 633 -2.78 41.53 8.82
N ASP C 634 -1.66 41.79 9.49
CA ASP C 634 -0.48 42.32 8.81
C ASP C 634 0.42 41.23 8.23
N ASN C 635 0.20 39.97 8.58
CA ASN C 635 0.98 38.88 8.00
C ASN C 635 0.24 38.37 6.76
N ILE C 636 0.98 38.16 5.68
CA ILE C 636 0.36 37.75 4.43
C ILE C 636 0.15 36.24 4.46
N VAL C 637 -1.05 35.81 4.09
CA VAL C 637 -1.36 34.38 4.00
C VAL C 637 -1.72 34.09 2.55
N ILE C 638 -1.03 33.12 1.96
CA ILE C 638 -1.20 32.74 0.56
C ILE C 638 -1.72 31.31 0.53
N ALA C 639 -2.85 31.10 -0.13
CA ALA C 639 -3.44 29.77 -0.22
C ALA C 639 -2.88 29.04 -1.42
N SER C 640 -2.21 27.91 -1.19
CA SER C 640 -1.70 27.10 -2.29
C SER C 640 -2.75 26.04 -2.64
N ILE C 641 -3.10 25.95 -3.92
CA ILE C 641 -4.18 25.08 -4.35
C ILE C 641 -3.77 24.30 -5.59
N MET C 642 -4.40 23.13 -5.79
CA MET C 642 -4.16 22.29 -6.96
C MET C 642 -5.43 21.60 -7.43
N CYS C 643 -5.67 21.65 -8.74
CA CYS C 643 -6.68 20.84 -9.39
C CYS C 643 -6.04 20.11 -10.56
N SER C 644 -6.79 19.15 -11.09
CA SER C 644 -6.44 18.57 -12.39
C SER C 644 -6.79 19.59 -13.47
N TYR C 645 -6.46 19.25 -14.71
CA TYR C 645 -6.68 20.16 -15.82
C TYR C 645 -8.17 20.29 -16.12
N ASN C 646 -8.89 20.99 -15.24
CA ASN C 646 -10.35 21.07 -15.29
C ASN C 646 -10.75 22.49 -14.94
N LYS C 647 -11.46 23.15 -15.85
CA LYS C 647 -11.78 24.56 -15.65
C LYS C 647 -12.72 24.77 -14.46
N ASN C 648 -13.81 24.00 -14.38
CA ASN C 648 -14.74 24.19 -13.27
C ASN C 648 -14.05 23.97 -11.93
N ASP C 649 -13.17 22.97 -11.85
CA ASP C 649 -12.46 22.71 -10.60
C ASP C 649 -11.61 23.91 -10.20
N TRP C 650 -10.77 24.42 -11.12
CA TRP C 650 -9.89 25.52 -10.77
C TRP C 650 -10.66 26.77 -10.38
N MET C 651 -11.75 27.08 -11.09
CA MET C 651 -12.54 28.24 -10.70
C MET C 651 -13.22 28.03 -9.35
N GLU C 652 -13.72 26.82 -9.09
CA GLU C 652 -14.40 26.56 -7.82
C GLU C 652 -13.43 26.64 -6.64
N LEU C 653 -12.28 25.97 -6.75
CA LEU C 653 -11.35 25.93 -5.64
C LEU C 653 -10.73 27.30 -5.39
N SER C 654 -10.39 28.03 -6.44
CA SER C 654 -9.80 29.34 -6.26
C SER C 654 -10.80 30.31 -5.63
N ARG C 655 -12.08 30.23 -6.03
CA ARG C 655 -13.09 31.08 -5.42
C ARG C 655 -13.26 30.73 -3.94
N LYS C 656 -13.21 29.45 -3.60
CA LYS C 656 -13.32 29.06 -2.20
C LYS C 656 -12.18 29.65 -1.38
N ALA C 657 -10.96 29.61 -1.92
CA ALA C 657 -9.82 30.13 -1.17
C ALA C 657 -9.89 31.65 -1.06
N GLU C 658 -10.29 32.32 -2.13
CA GLU C 658 -10.50 33.76 -2.06
C GLU C 658 -11.53 34.12 -0.99
N ALA C 659 -12.68 33.42 -0.98
CA ALA C 659 -13.75 33.76 -0.04
C ALA C 659 -13.30 33.58 1.41
N SER C 660 -12.36 32.68 1.67
CA SER C 660 -11.83 32.46 3.01
C SER C 660 -10.98 33.63 3.52
N GLY C 661 -10.56 34.54 2.65
CA GLY C 661 -9.80 35.71 3.05
C GLY C 661 -8.31 35.67 2.70
N ALA C 662 -7.87 34.73 1.89
CA ALA C 662 -6.46 34.68 1.51
C ALA C 662 -6.05 35.99 0.85
N ASP C 663 -4.84 36.45 1.16
CA ASP C 663 -4.32 37.64 0.51
C ASP C 663 -4.04 37.38 -0.97
N ALA C 664 -3.72 36.14 -1.30
CA ALA C 664 -3.31 35.76 -2.65
C ALA C 664 -3.43 34.25 -2.77
N LEU C 665 -3.38 33.76 -4.00
CA LEU C 665 -3.31 32.33 -4.25
C LEU C 665 -1.97 31.97 -4.88
N GLU C 666 -1.50 30.75 -4.60
CA GLU C 666 -0.39 30.11 -5.32
C GLU C 666 -0.93 28.88 -6.03
N LEU C 667 -0.69 28.80 -7.33
CA LEU C 667 -1.18 27.68 -8.12
C LEU C 667 -0.07 26.63 -8.21
N ASN C 668 -0.33 25.43 -7.69
CA ASN C 668 0.63 24.34 -7.77
C ASN C 668 0.37 23.58 -9.07
N LEU C 669 1.34 23.63 -9.99
CA LEU C 669 1.18 23.10 -11.34
C LEU C 669 1.79 21.71 -11.50
N SER C 670 1.67 20.85 -10.48
CA SER C 670 2.29 19.53 -10.59
CA SER C 670 2.28 19.53 -10.47
C SER C 670 1.29 18.41 -10.79
N ALA C 671 0.02 18.73 -11.04
CA ALA C 671 -0.94 17.69 -11.34
C ALA C 671 -0.59 17.03 -12.69
N PRO C 672 -0.81 15.74 -12.82
CA PRO C 672 -0.51 15.06 -14.09
C PRO C 672 -1.46 15.47 -15.19
N HIS C 673 -1.04 15.22 -16.42
CA HIS C 673 -1.87 15.40 -17.60
C HIS C 673 -1.36 14.57 -18.76
N LEU C 682 3.34 13.73 -16.62
CA LEU C 682 3.68 14.70 -17.65
C LEU C 682 3.56 16.14 -17.15
N ALA C 683 2.75 16.34 -16.10
CA ALA C 683 2.62 17.59 -15.34
C ALA C 683 2.15 18.79 -16.13
N CYS C 684 1.12 19.49 -15.64
CA CYS C 684 0.68 20.73 -16.29
C CYS C 684 1.79 21.78 -16.30
N GLY C 685 2.54 21.90 -15.21
CA GLY C 685 3.56 22.93 -15.12
C GLY C 685 4.69 22.79 -16.12
N GLN C 686 4.76 21.70 -16.88
CA GLN C 686 5.81 21.52 -17.87
C GLN C 686 5.35 21.89 -19.27
N ASP C 687 4.12 22.37 -19.43
CA ASP C 687 3.54 22.67 -20.73
C ASP C 687 3.01 24.11 -20.74
N PRO C 688 3.59 25.01 -21.54
CA PRO C 688 3.16 26.42 -21.49
C PRO C 688 1.69 26.61 -21.83
N GLU C 689 1.12 25.77 -22.69
CA GLU C 689 -0.29 25.93 -23.03
C GLU C 689 -1.19 25.58 -21.84
N LEU C 690 -0.88 24.50 -21.12
CA LEU C 690 -1.68 24.16 -19.95
C LEU C 690 -1.57 25.24 -18.88
N VAL C 691 -0.36 25.77 -18.65
CA VAL C 691 -0.16 26.79 -17.62
C VAL C 691 -0.93 28.05 -17.96
N ARG C 692 -0.90 28.46 -19.23
CA ARG C 692 -1.62 29.65 -19.66
C ARG C 692 -3.12 29.52 -19.42
N ASN C 693 -3.68 28.36 -19.77
CA ASN C 693 -5.11 28.16 -19.59
C ASN C 693 -5.49 28.14 -18.12
N ILE C 694 -4.72 27.43 -17.29
CA ILE C 694 -5.02 27.37 -15.87
C ILE C 694 -5.00 28.76 -15.26
N CYS C 695 -4.04 29.59 -15.66
CA CYS C 695 -3.99 30.94 -15.11
C CYS C 695 -5.19 31.77 -15.57
N ARG C 696 -5.66 31.55 -16.80
CA ARG C 696 -6.78 32.34 -17.31
C ARG C 696 -8.07 31.94 -16.62
N TRP C 697 -8.25 30.65 -16.35
CA TRP C 697 -9.40 30.20 -15.57
C TRP C 697 -9.41 30.87 -14.20
N VAL C 698 -8.27 30.83 -13.49
CA VAL C 698 -8.22 31.42 -12.16
C VAL C 698 -8.40 32.93 -12.22
N ARG C 699 -7.81 33.59 -13.24
CA ARG C 699 -7.94 35.03 -13.33
C ARG C 699 -9.40 35.45 -13.53
N GLN C 700 -10.19 34.66 -14.26
CA GLN C 700 -11.61 34.95 -14.37
C GLN C 700 -12.34 34.74 -13.07
N ALA C 701 -11.88 33.80 -12.25
CA ALA C 701 -12.63 33.37 -11.07
C ALA C 701 -12.45 34.30 -9.88
N VAL C 702 -11.27 34.90 -9.71
CA VAL C 702 -10.98 35.65 -8.49
C VAL C 702 -10.44 37.04 -8.84
N GLN C 703 -10.55 37.93 -7.86
CA GLN C 703 -10.04 39.29 -7.98
C GLN C 703 -8.72 39.51 -7.24
N ILE C 704 -8.31 38.61 -6.37
CA ILE C 704 -7.09 38.77 -5.59
C ILE C 704 -5.89 38.39 -6.45
N PRO C 705 -4.68 38.80 -6.08
CA PRO C 705 -3.51 38.37 -6.85
C PRO C 705 -3.29 36.88 -6.73
N PHE C 706 -2.71 36.29 -7.77
CA PHE C 706 -2.28 34.90 -7.68
C PHE C 706 -0.96 34.71 -8.40
N PHE C 707 -0.25 33.66 -8.00
CA PHE C 707 1.09 33.36 -8.50
C PHE C 707 1.15 31.90 -8.93
N ALA C 708 1.81 31.64 -10.05
CA ALA C 708 2.00 30.28 -10.54
C ALA C 708 3.32 29.74 -10.00
N LYS C 709 3.29 28.60 -9.32
CA LYS C 709 4.52 27.99 -8.82
C LYS C 709 5.11 27.08 -9.90
N LEU C 710 6.28 27.46 -10.40
CA LEU C 710 6.90 26.79 -11.53
C LEU C 710 7.78 25.63 -11.09
N THR C 711 7.80 24.60 -11.91
CA THR C 711 8.75 23.51 -11.67
C THR C 711 10.08 23.79 -12.37
N PRO C 712 11.22 23.46 -11.77
CA PRO C 712 12.50 23.61 -12.49
C PRO C 712 12.75 22.50 -13.49
N ASN C 713 11.93 21.46 -13.49
CA ASN C 713 12.13 20.27 -14.30
C ASN C 713 11.58 20.47 -15.72
N VAL C 714 12.07 21.53 -16.38
CA VAL C 714 11.63 21.90 -17.72
C VAL C 714 12.82 22.39 -18.53
N THR C 715 12.73 22.21 -19.86
CA THR C 715 13.79 22.69 -20.73
C THR C 715 13.94 24.21 -20.62
N ASP C 716 12.83 24.93 -20.63
CA ASP C 716 12.88 26.39 -20.75
C ASP C 716 11.86 26.99 -19.78
N ILE C 717 12.32 27.35 -18.57
CA ILE C 717 11.39 27.81 -17.55
C ILE C 717 10.86 29.21 -17.87
N VAL C 718 11.58 29.99 -18.67
CA VAL C 718 11.09 31.31 -19.06
C VAL C 718 9.79 31.18 -19.84
N SER C 719 9.69 30.16 -20.70
CA SER C 719 8.46 29.99 -21.49
C SER C 719 7.26 29.68 -20.60
N ILE C 720 7.48 28.98 -19.48
CA ILE C 720 6.39 28.69 -18.56
C ILE C 720 6.01 29.94 -17.76
N ALA C 721 7.02 30.72 -17.34
CA ALA C 721 6.72 31.97 -16.65
C ALA C 721 5.99 32.94 -17.56
N ARG C 722 6.43 33.05 -18.81
CA ARG C 722 5.75 33.92 -19.76
C ARG C 722 4.30 33.48 -19.98
N ALA C 723 4.07 32.16 -20.01
CA ALA C 723 2.71 31.66 -20.21
C ALA C 723 1.82 31.96 -19.02
N ALA C 724 2.37 31.86 -17.81
CA ALA C 724 1.60 32.29 -16.64
C ALA C 724 1.27 33.78 -16.71
N LYS C 725 2.23 34.61 -17.14
CA LYS C 725 1.96 36.03 -17.27
C LYS C 725 0.93 36.30 -18.34
N GLU C 726 1.02 35.61 -19.48
CA GLU C 726 0.04 35.77 -20.54
C GLU C 726 -1.35 35.37 -20.07
N GLY C 727 -1.44 34.39 -19.17
CA GLY C 727 -2.71 33.94 -18.64
C GLY C 727 -3.32 34.83 -17.60
N GLY C 728 -2.60 35.84 -17.14
CA GLY C 728 -3.11 36.74 -16.13
C GLY C 728 -2.52 36.59 -14.74
N ALA C 729 -1.48 35.77 -14.57
CA ALA C 729 -0.88 35.66 -13.24
C ALA C 729 -0.19 36.96 -12.86
N ASP C 730 -0.23 37.27 -11.58
CA ASP C 730 0.41 38.47 -11.06
C ASP C 730 1.87 38.25 -10.70
N GLY C 731 2.36 37.03 -10.85
CA GLY C 731 3.75 36.74 -10.59
C GLY C 731 3.95 35.24 -10.64
N VAL C 732 5.19 34.83 -10.38
CA VAL C 732 5.52 33.42 -10.34
C VAL C 732 6.36 33.13 -9.11
N THR C 733 6.22 31.91 -8.62
CA THR C 733 7.07 31.36 -7.57
C THR C 733 8.07 30.43 -8.25
N ALA C 734 9.36 30.68 -8.03
CA ALA C 734 10.44 29.94 -8.66
C ALA C 734 11.43 29.53 -7.58
N THR C 735 11.54 28.22 -7.29
CA THR C 735 10.93 27.11 -8.02
C THR C 735 10.50 26.00 -7.07
N ASN C 736 9.76 25.03 -7.58
CA ASN C 736 9.46 23.83 -6.81
C ASN C 736 10.71 22.93 -6.74
N THR C 737 10.56 21.72 -6.23
CA THR C 737 11.70 20.81 -6.05
C THR C 737 12.22 20.26 -7.37
N VAL C 738 13.47 19.81 -7.33
CA VAL C 738 14.13 19.18 -8.47
C VAL C 738 13.91 17.67 -8.40
N SER C 739 13.50 17.08 -9.51
CA SER C 739 13.20 15.65 -9.53
C SER C 739 14.50 14.85 -9.41
N GLY C 740 14.48 13.81 -8.58
CA GLY C 740 15.71 13.08 -8.34
C GLY C 740 15.48 11.78 -7.59
N LEU C 741 16.58 11.05 -7.44
CA LEU C 741 16.65 9.81 -6.70
C LEU C 741 17.85 9.96 -5.78
N MET C 742 17.62 9.92 -4.47
CA MET C 742 18.67 10.37 -3.57
C MET C 742 19.80 9.36 -3.42
N GLY C 743 19.52 8.08 -3.59
CA GLY C 743 20.58 7.10 -3.51
C GLY C 743 20.03 5.73 -3.21
N LEU C 744 20.94 4.75 -3.21
CA LEU C 744 20.61 3.36 -2.98
C LEU C 744 21.53 2.81 -1.91
N LYS C 745 21.00 1.87 -1.13
CA LYS C 745 21.88 1.12 -0.25
C LYS C 745 22.71 0.14 -1.07
N ALA C 746 23.75 -0.41 -0.44
CA ALA C 746 24.68 -1.29 -1.15
C ALA C 746 24.02 -2.55 -1.68
N ASP C 747 22.90 -2.97 -1.10
CA ASP C 747 22.15 -4.11 -1.62
C ASP C 747 21.21 -3.72 -2.76
N GLY C 748 21.21 -2.45 -3.17
CA GLY C 748 20.39 -1.97 -4.27
C GLY C 748 19.01 -1.49 -3.89
N THR C 749 18.66 -1.48 -2.59
CA THR C 749 17.36 -0.97 -2.21
C THR C 749 17.38 0.55 -2.04
N PRO C 750 16.28 1.23 -2.33
CA PRO C 750 16.27 2.68 -2.28
C PRO C 750 16.05 3.22 -0.87
N TRP C 751 16.22 4.52 -0.75
CA TRP C 751 15.83 5.26 0.45
C TRP C 751 15.29 6.62 0.00
N PRO C 752 14.00 6.93 0.26
CA PRO C 752 13.06 6.13 1.07
C PRO C 752 12.65 4.80 0.43
N ALA C 753 12.37 3.81 1.25
CA ALA C 753 11.89 2.50 0.81
C ALA C 753 10.56 2.24 1.50
N VAL C 754 9.52 2.02 0.72
CA VAL C 754 8.16 1.90 1.26
C VAL C 754 7.73 0.44 1.17
N GLY C 755 7.37 -0.13 2.31
CA GLY C 755 6.77 -1.45 2.35
C GLY C 755 7.78 -2.58 2.35
N ALA C 756 7.25 -3.80 2.49
CA ALA C 756 8.11 -4.98 2.49
C ALA C 756 8.82 -5.15 1.16
N GLY C 757 8.23 -4.65 0.08
CA GLY C 757 8.86 -4.70 -1.23
C GLY C 757 9.96 -3.67 -1.45
N LYS C 758 10.16 -2.76 -0.49
CA LYS C 758 11.25 -1.80 -0.51
C LYS C 758 11.16 -0.86 -1.72
N ARG C 759 9.94 -0.43 -2.03
CA ARG C 759 9.69 0.30 -3.28
C ARG C 759 9.88 1.80 -3.07
N THR C 760 10.16 2.49 -4.18
CA THR C 760 10.25 3.94 -4.13
C THR C 760 9.76 4.53 -5.45
N THR C 761 9.65 5.85 -5.48
CA THR C 761 9.39 6.58 -6.70
C THR C 761 10.27 7.82 -6.69
N TYR C 762 10.40 8.46 -7.86
CA TYR C 762 11.20 9.66 -7.93
C TYR C 762 10.64 10.71 -6.98
N GLY C 763 11.54 11.41 -6.30
CA GLY C 763 11.11 12.41 -5.33
C GLY C 763 11.56 13.79 -5.73
N GLY C 764 11.32 14.78 -4.88
CA GLY C 764 11.76 16.14 -5.11
C GLY C 764 12.90 16.50 -4.17
N VAL C 765 13.99 17.01 -4.74
CA VAL C 765 15.14 17.47 -3.97
C VAL C 765 14.92 18.93 -3.60
N SER C 766 15.17 19.27 -2.33
CA SER C 766 15.05 20.62 -1.82
C SER C 766 16.34 20.96 -1.09
N GLY C 767 16.50 22.23 -0.71
CA GLY C 767 17.62 22.62 0.15
C GLY C 767 18.75 23.31 -0.61
N THR C 768 19.87 23.49 0.10
CA THR C 768 20.94 24.31 -0.46
C THR C 768 21.54 23.68 -1.72
N ALA C 769 21.41 22.37 -1.87
CA ALA C 769 21.96 21.70 -3.06
C ALA C 769 21.25 22.13 -4.34
N ILE C 770 19.99 22.58 -4.27
CA ILE C 770 19.30 23.05 -5.48
C ILE C 770 19.35 24.55 -5.64
N ARG C 771 20.01 25.26 -4.73
CA ARG C 771 20.07 26.70 -4.84
C ARG C 771 20.63 27.19 -6.19
N PRO C 772 21.69 26.61 -6.76
CA PRO C 772 22.15 27.11 -8.07
C PRO C 772 21.10 26.98 -9.16
N ILE C 773 20.24 25.97 -9.09
CA ILE C 773 19.16 25.81 -10.05
C ILE C 773 18.09 26.87 -9.85
N ALA C 774 17.71 27.14 -8.59
CA ALA C 774 16.71 28.15 -8.32
C ALA C 774 17.23 29.56 -8.62
N LEU C 775 18.51 29.82 -8.30
CA LEU C 775 19.09 31.12 -8.63
C LEU C 775 19.08 31.35 -10.13
N ARG C 776 19.45 30.35 -10.91
CA ARG C 776 19.40 30.47 -12.36
C ARG C 776 17.98 30.77 -12.83
N ALA C 777 17.00 30.04 -12.30
CA ALA C 777 15.63 30.26 -12.75
C ALA C 777 15.15 31.66 -12.42
N VAL C 778 15.43 32.12 -11.20
CA VAL C 778 14.98 33.45 -10.80
C VAL C 778 15.62 34.52 -11.67
N THR C 779 16.94 34.41 -11.93
CA THR C 779 17.61 35.44 -12.73
C THR C 779 17.15 35.40 -14.18
N THR C 780 16.90 34.20 -14.73
CA THR C 780 16.49 34.14 -16.14
C THR C 780 15.10 34.72 -16.33
N ILE C 781 14.19 34.43 -15.40
CA ILE C 781 12.84 35.00 -15.49
C ILE C 781 12.89 36.51 -15.30
N ALA C 782 13.71 36.98 -14.35
CA ALA C 782 13.78 38.40 -14.07
C ALA C 782 14.35 39.19 -15.24
N ARG C 783 15.34 38.62 -15.94
CA ARG C 783 15.89 39.29 -17.12
C ARG C 783 14.90 39.24 -18.29
N ALA C 784 14.17 38.15 -18.44
CA ALA C 784 13.26 38.00 -19.57
C ALA C 784 11.94 38.73 -19.37
N LEU C 785 11.50 38.92 -18.13
CA LEU C 785 10.24 39.58 -17.81
C LEU C 785 10.48 40.67 -16.76
N PRO C 786 11.15 41.75 -17.13
CA PRO C 786 11.55 42.78 -16.15
C PRO C 786 10.35 43.32 -15.38
N GLY C 787 10.48 43.36 -14.05
CA GLY C 787 9.44 43.90 -13.20
C GLY C 787 8.37 42.91 -12.79
N PHE C 788 8.30 41.75 -13.42
CA PHE C 788 7.30 40.74 -13.09
C PHE C 788 7.62 40.15 -11.72
N PRO C 789 6.68 40.16 -10.77
CA PRO C 789 6.99 39.70 -9.40
C PRO C 789 7.41 38.24 -9.36
N ILE C 790 8.46 37.97 -8.59
CA ILE C 790 8.99 36.62 -8.39
C ILE C 790 9.08 36.35 -6.90
N LEU C 791 8.50 35.23 -6.47
CA LEU C 791 8.65 34.71 -5.11
C LEU C 791 9.70 33.61 -5.18
N ALA C 792 10.83 33.81 -4.50
CA ALA C 792 11.96 32.90 -4.62
C ALA C 792 11.86 31.76 -3.62
N THR C 793 12.25 30.56 -4.07
CA THR C 793 12.28 29.38 -3.21
C THR C 793 13.30 28.39 -3.73
N GLY C 794 14.08 27.83 -2.82
CA GLY C 794 15.12 26.88 -3.19
C GLY C 794 16.45 27.15 -2.51
N GLY C 795 16.63 26.60 -1.32
CA GLY C 795 17.95 26.68 -0.68
C GLY C 795 18.22 27.96 0.08
N ILE C 796 17.18 28.75 0.39
CA ILE C 796 17.37 29.96 1.17
C ILE C 796 17.46 29.58 2.63
N ASP C 797 18.58 29.96 3.27
CA ASP C 797 18.81 29.54 4.65
C ASP C 797 19.52 30.61 5.48
N SER C 798 19.47 31.88 5.07
CA SER C 798 20.15 32.97 5.74
C SER C 798 19.74 34.29 5.08
N ALA C 799 19.96 35.38 5.81
CA ALA C 799 19.82 36.71 5.21
C ALA C 799 20.74 36.86 4.00
N GLU C 800 21.98 36.41 4.13
CA GLU C 800 22.95 36.50 3.04
C GLU C 800 22.46 35.80 1.78
N SER C 801 21.97 34.56 1.90
CA SER C 801 21.47 33.88 0.71
C SER C 801 20.15 34.49 0.24
N GLY C 802 19.32 34.97 1.17
CA GLY C 802 18.12 35.67 0.76
C GLY C 802 18.42 36.92 -0.04
N LEU C 803 19.45 37.67 0.38
CA LEU C 803 19.82 38.89 -0.36
C LEU C 803 20.29 38.54 -1.78
N GLN C 804 20.91 37.36 -1.95
CA GLN C 804 21.29 36.91 -3.29
C GLN C 804 20.07 36.77 -4.19
N PHE C 805 18.97 36.22 -3.66
CA PHE C 805 17.76 36.08 -4.48
C PHE C 805 17.11 37.44 -4.74
N LEU C 806 17.09 38.34 -3.76
CA LEU C 806 16.61 39.71 -4.00
C LEU C 806 17.41 40.40 -5.10
N HIS C 807 18.74 40.38 -4.99
CA HIS C 807 19.60 40.95 -6.02
C HIS C 807 19.33 40.33 -7.39
N SER C 808 18.88 39.07 -7.41
CA SER C 808 18.60 38.34 -8.64
C SER C 808 17.23 38.63 -9.23
N GLY C 809 16.40 39.43 -8.56
CA GLY C 809 15.12 39.81 -9.12
C GLY C 809 13.89 39.38 -8.33
N ALA C 810 14.03 38.65 -7.23
CA ALA C 810 12.86 38.25 -6.46
C ALA C 810 12.53 39.34 -5.45
N SER C 811 11.25 39.42 -5.09
CA SER C 811 10.77 40.40 -4.12
C SER C 811 10.62 39.83 -2.73
N VAL C 812 10.27 38.54 -2.61
CA VAL C 812 10.11 37.88 -1.32
C VAL C 812 10.69 36.47 -1.44
N LEU C 813 10.84 35.84 -0.28
CA LEU C 813 11.73 34.71 -0.11
C LEU C 813 11.01 33.62 0.68
N GLN C 814 10.79 32.47 0.04
CA GLN C 814 10.13 31.33 0.69
C GLN C 814 11.17 30.36 1.21
N VAL C 815 10.88 29.76 2.37
CA VAL C 815 11.83 28.89 3.07
C VAL C 815 11.12 27.61 3.48
N CYS C 816 11.75 26.46 3.21
CA CYS C 816 11.33 25.17 3.76
C CYS C 816 12.48 24.44 4.46
N SER C 817 13.48 24.00 3.70
CA SER C 817 14.47 23.08 4.23
C SER C 817 15.23 23.69 5.41
N ALA C 818 15.46 25.01 5.39
CA ALA C 818 16.19 25.62 6.50
C ALA C 818 15.43 25.51 7.80
N VAL C 819 14.10 25.42 7.74
CA VAL C 819 13.32 25.22 8.96
C VAL C 819 13.31 23.75 9.34
N GLN C 820 13.25 22.85 8.36
CA GLN C 820 13.35 21.42 8.65
C GLN C 820 14.66 21.09 9.34
N ASN C 821 15.74 21.80 8.97
CA ASN C 821 17.06 21.67 9.60
C ASN C 821 17.13 22.30 10.98
N GLN C 822 16.12 23.09 11.38
CA GLN C 822 16.21 23.85 12.62
C GLN C 822 14.83 24.01 13.26
N ASP C 823 14.28 25.23 13.21
CA ASP C 823 12.97 25.54 13.80
C ASP C 823 12.57 26.95 13.35
N PHE C 824 11.34 27.36 13.73
CA PHE C 824 10.79 28.63 13.28
C PHE C 824 11.62 29.83 13.73
N THR C 825 12.38 29.73 14.83
CA THR C 825 13.06 30.93 15.33
C THR C 825 14.20 31.41 14.44
N VAL C 826 14.55 30.70 13.36
CA VAL C 826 15.54 31.25 12.44
C VAL C 826 15.10 32.59 11.87
N ILE C 827 13.79 32.89 11.90
CA ILE C 827 13.31 34.16 11.35
C ILE C 827 14.00 35.33 12.03
N GLN C 828 14.28 35.24 13.33
CA GLN C 828 14.94 36.37 13.98
C GLN C 828 16.36 36.53 13.49
N ASP C 829 17.04 35.43 13.14
CA ASP C 829 18.35 35.56 12.50
C ASP C 829 18.25 36.21 11.13
N TYR C 830 17.24 35.82 10.34
CA TYR C 830 17.13 36.35 8.98
C TYR C 830 16.83 37.84 9.00
N CYS C 831 15.99 38.28 9.94
CA CYS C 831 15.60 39.69 9.96
C CYS C 831 16.74 40.58 10.45
N THR C 832 17.40 40.21 11.56
CA THR C 832 18.54 41.02 11.98
C THR C 832 19.66 40.98 10.96
N GLY C 833 19.85 39.84 10.30
CA GLY C 833 20.90 39.76 9.30
C GLY C 833 20.63 40.63 8.08
N LEU C 834 19.37 40.67 7.63
CA LEU C 834 19.06 41.51 6.49
C LEU C 834 19.17 42.99 6.85
N LYS C 835 18.72 43.36 8.06
CA LYS C 835 18.90 44.74 8.51
C LYS C 835 20.37 45.13 8.53
N ALA C 836 21.23 44.23 9.03
CA ALA C 836 22.66 44.53 9.12
C ALA C 836 23.27 44.68 7.73
N LEU C 837 22.95 43.77 6.82
CA LEU C 837 23.48 43.87 5.46
C LEU C 837 23.08 45.17 4.80
N LEU C 838 21.83 45.59 4.98
CA LEU C 838 21.39 46.87 4.39
C LEU C 838 22.07 48.04 5.07
N TYR C 839 22.16 48.02 6.41
CA TYR C 839 22.80 49.11 7.14
C TYR C 839 24.25 49.29 6.70
N LEU C 840 24.98 48.18 6.52
CA LEU C 840 26.40 48.27 6.19
C LEU C 840 26.63 48.91 4.82
N LYS C 841 25.65 48.85 3.93
CA LYS C 841 25.79 49.47 2.62
C LYS C 841 25.89 51.00 2.71
N SER C 842 25.58 51.58 3.85
CA SER C 842 25.64 53.03 4.02
C SER C 842 26.93 53.50 4.68
N ILE C 843 27.84 52.60 5.03
CA ILE C 843 29.02 52.92 5.80
C ILE C 843 30.24 52.86 4.87
N GLU C 844 30.84 54.01 4.56
CA GLU C 844 31.96 53.97 3.60
C GLU C 844 33.18 53.29 4.20
N GLU C 845 33.39 53.40 5.50
CA GLU C 845 34.60 52.84 6.10
C GLU C 845 34.66 51.32 6.00
N LEU C 846 33.56 50.68 5.61
CA LEU C 846 33.47 49.24 5.54
C LEU C 846 33.23 48.73 4.12
N GLN C 847 33.59 49.53 3.09
CA GLN C 847 33.36 49.12 1.71
C GLN C 847 34.15 47.86 1.35
N GLY C 848 35.31 47.65 1.98
CA GLY C 848 36.12 46.48 1.68
C GLY C 848 35.61 45.19 2.26
N TRP C 849 34.56 45.24 3.08
CA TRP C 849 33.96 44.03 3.60
C TRP C 849 33.07 43.39 2.54
N ASP C 850 32.89 42.08 2.64
CA ASP C 850 31.89 41.37 1.85
C ASP C 850 30.73 41.09 2.81
N GLY C 851 29.70 41.94 2.73
CA GLY C 851 28.60 41.83 3.68
C GLY C 851 29.10 42.06 5.11
N GLN C 852 28.84 41.10 5.99
CA GLN C 852 29.31 41.20 7.36
C GLN C 852 30.72 40.64 7.57
N SER C 853 31.38 40.16 6.52
CA SER C 853 32.70 39.56 6.65
C SER C 853 33.80 40.60 6.47
N PRO C 854 34.63 40.84 7.49
CA PRO C 854 35.76 41.75 7.30
C PRO C 854 36.73 41.21 6.25
N GLY C 855 37.46 42.13 5.62
CA GLY C 855 38.52 41.71 4.71
C GLY C 855 39.48 40.77 5.39
N THR C 856 39.91 39.72 4.69
CA THR C 856 40.73 38.67 5.29
C THR C 856 42.15 39.18 5.51
N GLU C 857 42.55 39.29 6.77
CA GLU C 857 43.91 39.64 7.15
C GLU C 857 44.75 38.38 7.23
N SER C 858 46.06 38.52 6.97
CA SER C 858 46.96 37.39 7.09
C SER C 858 46.91 36.81 8.50
N HIS C 859 46.64 35.52 8.60
CA HIS C 859 46.43 34.89 9.90
C HIS C 859 46.89 33.44 9.86
N GLN C 860 47.21 32.93 11.05
CA GLN C 860 47.48 31.52 11.29
C GLN C 860 46.75 31.14 12.56
N LYS C 861 45.85 30.16 12.48
CA LYS C 861 45.00 29.75 13.62
C LYS C 861 44.19 30.93 14.17
N GLY C 862 43.71 31.79 13.27
CA GLY C 862 42.84 32.86 13.73
C GLY C 862 43.52 34.00 14.47
N LYS C 863 44.85 34.03 14.50
CA LYS C 863 45.63 35.12 15.07
C LYS C 863 46.47 35.75 13.97
N PRO C 864 46.63 37.08 13.98
CA PRO C 864 47.32 37.73 12.86
C PRO C 864 48.81 37.45 12.87
N VAL C 865 49.38 37.44 11.68
CA VAL C 865 50.83 37.26 11.51
C VAL C 865 51.53 38.58 11.79
N PRO C 866 52.59 38.60 12.60
CA PRO C 866 53.33 39.85 12.82
C PRO C 866 54.00 40.31 11.53
N ARG C 867 53.74 41.55 11.14
CA ARG C 867 54.35 42.15 9.95
C ARG C 867 55.72 42.63 10.39
N ILE C 868 56.68 41.72 10.32
CA ILE C 868 58.08 42.01 10.60
C ILE C 868 58.85 41.78 9.31
N ALA C 869 59.75 42.71 8.98
CA ALA C 869 60.49 42.61 7.73
C ALA C 869 61.23 41.29 7.63
N GLU C 870 61.80 40.82 8.74
CA GLU C 870 62.63 39.63 8.70
C GLU C 870 61.80 38.35 8.55
N LEU C 871 60.49 38.41 8.79
CA LEU C 871 59.62 37.27 8.54
C LEU C 871 59.05 37.23 7.14
N MET C 872 58.76 38.39 6.55
CA MET C 872 58.09 38.44 5.26
C MET C 872 59.03 37.98 4.16
N GLY C 873 58.59 36.97 3.40
CA GLY C 873 59.29 36.55 2.20
C GLY C 873 60.55 35.75 2.41
N LYS C 874 60.88 35.35 3.63
CA LYS C 874 62.05 34.54 3.89
C LYS C 874 61.79 33.03 3.83
N LYS C 875 60.62 32.63 3.34
CA LYS C 875 60.29 31.21 3.10
C LYS C 875 60.35 30.42 4.42
N LEU C 876 59.60 30.91 5.41
CA LEU C 876 59.57 30.28 6.73
C LEU C 876 58.16 29.77 7.02
N PRO C 877 57.84 28.53 6.65
CA PRO C 877 56.56 27.95 7.06
C PRO C 877 56.53 27.71 8.57
N ASN C 878 55.34 27.42 9.07
CA ASN C 878 55.16 27.30 10.52
C ASN C 878 55.38 25.87 11.02
N PHE C 879 56.49 25.26 10.65
CA PHE C 879 56.80 23.94 11.18
C PHE C 879 58.31 23.76 11.23
N GLY C 880 58.73 22.73 11.96
CA GLY C 880 60.13 22.33 12.02
C GLY C 880 61.11 23.43 12.36
N PRO C 881 62.30 23.40 11.75
CA PRO C 881 63.31 24.42 12.04
C PRO C 881 62.94 25.79 11.51
N TYR C 882 62.03 25.87 10.54
CA TYR C 882 61.54 27.17 10.08
C TYR C 882 60.73 27.85 11.18
N LEU C 883 59.86 27.11 11.84
CA LEU C 883 59.12 27.64 12.98
C LEU C 883 60.06 28.09 14.09
N GLU C 884 61.09 27.29 14.36
CA GLU C 884 62.02 27.64 15.42
C GLU C 884 62.75 28.94 15.05
N GLN C 885 62.98 29.17 13.76
CA GLN C 885 63.57 30.44 13.32
C GLN C 885 62.56 31.58 13.38
N ARG C 886 61.27 31.31 13.11
CA ARG C 886 60.26 32.35 13.26
C ARG C 886 60.17 32.83 14.70
N LYS C 887 60.17 31.89 15.66
CA LYS C 887 60.08 32.27 17.06
C LYS C 887 61.25 33.15 17.47
N LYS C 888 62.46 32.79 17.03
CA LYS C 888 63.66 33.58 17.28
C LYS C 888 63.48 35.01 16.76
N ILE C 889 63.00 35.16 15.53
CA ILE C 889 62.81 36.46 14.92
C ILE C 889 61.80 37.29 15.71
N ILE C 890 60.69 36.67 16.10
CA ILE C 890 59.67 37.37 16.86
C ILE C 890 60.20 37.75 18.24
N ALA C 891 60.93 36.84 18.88
CA ALA C 891 61.48 37.13 20.21
C ALA C 891 62.39 38.35 20.16
N GLU C 892 63.26 38.41 19.15
CA GLU C 892 64.17 39.54 19.04
C GLU C 892 63.43 40.84 18.74
N GLU C 893 62.32 40.77 18.00
CA GLU C 893 61.53 41.96 17.75
C GLU C 893 60.86 42.45 19.03
N LYS C 894 60.33 41.53 19.85
CA LYS C 894 59.71 41.94 21.12
C LYS C 894 60.74 42.58 22.05
N MET C 895 61.98 42.09 22.03
CA MET C 895 63.02 42.72 22.83
C MET C 895 63.32 44.13 22.33
N ARG C 896 63.38 44.30 21.01
CA ARG C 896 63.64 45.61 20.43
C ARG C 896 62.49 46.58 20.74
N LEU C 897 61.25 46.08 20.72
CA LEU C 897 60.09 46.92 21.02
C LEU C 897 60.09 47.42 22.46
N LYS C 898 60.78 46.72 23.36
CA LYS C 898 60.79 47.11 24.76
C LYS C 898 61.44 48.48 24.98
N GLU C 899 62.07 49.05 23.95
CA GLU C 899 62.76 50.32 24.06
C GLU C 899 62.05 51.48 23.37
N GLN C 900 60.89 51.26 22.77
CA GLN C 900 60.23 52.30 21.99
C GLN C 900 58.85 52.61 22.54
N ASN C 901 58.34 53.79 22.20
CA ASN C 901 56.99 54.17 22.55
C ASN C 901 55.98 53.35 21.75
N ALA C 902 54.85 53.05 22.39
CA ALA C 902 53.68 52.53 21.71
C ALA C 902 52.62 53.63 21.67
N ALA C 903 51.92 53.72 20.55
CA ALA C 903 50.89 54.74 20.42
C ALA C 903 49.71 54.44 21.34
N PHE C 904 48.92 55.46 21.60
CA PHE C 904 47.71 55.17 22.34
C PHE C 904 46.51 55.06 21.40
N PRO C 905 45.51 54.27 21.74
CA PRO C 905 44.25 54.33 21.00
C PRO C 905 43.56 55.65 21.29
N PRO C 906 42.60 56.06 20.46
CA PRO C 906 41.82 57.26 20.79
C PRO C 906 41.21 57.12 22.18
N LEU C 907 41.10 58.25 22.89
CA LEU C 907 40.57 58.26 24.25
C LEU C 907 39.32 57.39 24.32
N GLU C 908 38.48 57.51 23.29
CA GLU C 908 37.50 56.49 22.93
C GLU C 908 36.98 56.81 21.53
N ARG C 909 36.64 55.75 20.80
CA ARG C 909 36.47 55.82 19.35
C ARG C 909 35.23 56.64 18.98
N LYS C 910 35.04 56.80 17.68
CA LYS C 910 33.95 57.60 17.13
C LYS C 910 33.20 56.68 16.17
N PRO C 911 31.92 56.39 16.40
CA PRO C 911 31.22 55.41 15.54
C PRO C 911 31.18 55.88 14.09
N PHE C 912 31.19 54.91 13.17
CA PHE C 912 30.94 55.22 11.77
C PHE C 912 29.51 55.69 11.57
N ILE C 913 29.33 56.66 10.69
CA ILE C 913 28.04 57.32 10.48
C ILE C 913 27.56 56.99 9.06
N PRO C 914 26.33 56.52 8.89
CA PRO C 914 25.78 56.34 7.54
C PRO C 914 25.92 57.62 6.71
N LYS C 915 26.31 57.43 5.44
CA LYS C 915 26.51 58.54 4.51
C LYS C 915 25.33 58.79 3.59
N LYS C 916 24.50 57.78 3.37
CA LYS C 916 23.29 57.88 2.57
C LYS C 916 22.18 57.21 3.35
N PRO C 917 20.92 57.36 2.92
CA PRO C 917 19.86 56.58 3.56
C PRO C 917 20.17 55.09 3.44
N ILE C 918 19.76 54.35 4.46
CA ILE C 918 19.85 52.90 4.37
C ILE C 918 19.01 52.45 3.17
N PRO C 919 19.53 51.63 2.27
CA PRO C 919 18.70 51.14 1.17
C PRO C 919 17.49 50.39 1.70
N ALA C 920 16.37 50.53 0.99
CA ALA C 920 15.19 49.71 1.20
C ALA C 920 15.30 48.45 0.32
N ILE C 921 14.45 47.47 0.61
CA ILE C 921 14.42 46.26 -0.22
C ILE C 921 14.20 46.61 -1.69
N LYS C 922 13.29 47.56 -1.96
CA LYS C 922 13.02 47.96 -3.34
C LYS C 922 14.28 48.47 -4.03
N ASP C 923 15.26 48.97 -3.28
CA ASP C 923 16.48 49.50 -3.87
C ASP C 923 17.49 48.42 -4.23
N VAL C 924 17.37 47.20 -3.70
CA VAL C 924 18.33 46.15 -4.03
C VAL C 924 17.79 45.13 -5.03
N ILE C 925 16.48 45.11 -5.29
CA ILE C 925 15.91 44.05 -6.13
C ILE C 925 16.44 44.18 -7.55
N GLY C 926 16.96 43.07 -8.09
CA GLY C 926 17.42 43.04 -9.46
C GLY C 926 18.78 43.67 -9.72
N LYS C 927 19.46 44.17 -8.70
CA LYS C 927 20.71 44.91 -8.93
C LYS C 927 21.84 44.05 -9.47
N ALA C 928 21.76 42.72 -9.33
CA ALA C 928 22.80 41.87 -9.87
C ALA C 928 22.61 41.54 -11.34
N LEU C 929 21.42 41.80 -11.89
CA LEU C 929 21.15 41.40 -13.27
C LEU C 929 22.08 42.10 -14.27
N GLN C 930 22.57 43.29 -13.91
CA GLN C 930 23.48 44.04 -14.78
C GLN C 930 24.77 43.27 -15.08
N TYR C 931 25.17 42.32 -14.22
CA TYR C 931 26.41 41.58 -14.42
C TYR C 931 26.24 40.31 -15.25
N LEU C 932 25.01 39.83 -15.44
CA LEU C 932 24.74 38.62 -16.19
C LEU C 932 24.63 38.92 -17.68
N GLY C 933 25.00 37.92 -18.48
CA GLY C 933 24.75 37.98 -19.90
C GLY C 933 25.17 36.70 -20.57
N THR C 934 25.40 36.80 -21.87
CA THR C 934 25.85 35.64 -22.62
C THR C 934 27.36 35.44 -22.41
N PHE C 935 27.84 34.27 -22.81
CA PHE C 935 29.27 34.01 -22.76
C PHE C 935 30.03 34.98 -23.66
N GLY C 936 29.45 35.33 -24.80
CA GLY C 936 30.11 36.24 -25.73
C GLY C 936 30.29 37.64 -25.17
N GLU C 937 29.57 37.99 -24.11
CA GLU C 937 29.76 39.28 -23.44
C GLU C 937 30.85 39.24 -22.36
N LEU C 938 31.48 38.09 -22.14
CA LEU C 938 32.63 38.00 -21.24
C LEU C 938 33.92 38.32 -21.99
N SER C 939 34.77 39.12 -21.36
CA SER C 939 36.11 39.39 -21.91
C SER C 939 36.99 38.14 -21.85
N ASN C 940 37.56 37.74 -22.99
CA ASN C 940 38.57 36.69 -22.98
C ASN C 940 39.99 37.24 -23.05
N ILE C 941 40.18 38.55 -22.97
CA ILE C 941 41.53 39.11 -22.90
C ILE C 941 41.87 39.66 -21.53
N GLU C 942 40.87 39.93 -20.68
CA GLU C 942 41.16 40.38 -19.30
C GLU C 942 41.19 39.14 -18.41
N GLN C 943 42.36 38.48 -18.40
CA GLN C 943 42.55 37.19 -17.75
C GLN C 943 43.17 37.37 -16.37
N VAL C 944 43.07 36.32 -15.54
CA VAL C 944 43.60 36.32 -14.19
C VAL C 944 44.57 35.15 -14.03
N VAL C 945 45.40 35.24 -12.99
CA VAL C 945 46.24 34.14 -12.57
C VAL C 945 46.12 34.04 -11.06
N ALA C 946 46.39 32.84 -10.53
CA ALA C 946 46.38 32.63 -9.09
C ALA C 946 47.66 33.16 -8.47
N VAL C 947 47.55 33.73 -7.26
CA VAL C 947 48.73 34.05 -6.47
C VAL C 947 48.46 33.65 -5.04
N ILE C 948 49.46 33.06 -4.39
CA ILE C 948 49.32 32.42 -3.09
C ILE C 948 50.00 33.29 -2.04
N ASP C 949 49.28 33.57 -0.96
CA ASP C 949 49.83 34.28 0.20
C ASP C 949 50.53 33.27 1.10
N GLU C 950 51.86 33.25 1.10
CA GLU C 950 52.57 32.21 1.84
C GLU C 950 52.34 32.29 3.33
N GLU C 951 52.02 33.48 3.85
CA GLU C 951 51.87 33.60 5.29
C GLU C 951 50.57 32.97 5.80
N MET C 952 49.64 32.68 4.91
CA MET C 952 48.34 32.11 5.26
C MET C 952 48.30 30.62 4.98
N CYS C 953 49.25 30.11 4.22
CA CYS C 953 49.25 28.74 3.73
C CYS C 953 49.52 27.75 4.85
N ILE C 954 48.84 26.60 4.82
CA ILE C 954 49.08 25.55 5.78
C ILE C 954 49.63 24.30 5.10
N ASN C 955 50.16 24.45 3.88
CA ASN C 955 51.21 23.58 3.33
C ASN C 955 50.67 22.21 2.93
N CYS C 956 49.39 22.17 2.58
CA CYS C 956 48.72 20.90 2.32
C CYS C 956 48.92 20.40 0.90
N GLY C 957 49.28 21.28 -0.04
CA GLY C 957 49.46 20.86 -1.41
C GLY C 957 48.22 20.54 -2.21
N LYS C 958 47.02 20.90 -1.72
CA LYS C 958 45.81 20.61 -2.49
C LYS C 958 45.78 21.42 -3.78
N CYS C 959 46.21 22.67 -3.73
CA CYS C 959 46.32 23.47 -4.94
C CYS C 959 47.21 22.78 -5.97
N TYR C 960 48.36 22.29 -5.52
CA TYR C 960 49.31 21.58 -6.37
C TYR C 960 48.68 20.33 -6.99
N MET C 961 48.02 19.50 -6.17
CA MET C 961 47.41 18.26 -6.65
C MET C 961 46.29 18.55 -7.65
N THR C 962 45.47 19.56 -7.37
CA THR C 962 44.38 19.87 -8.28
C THR C 962 44.91 20.43 -9.60
N CYS C 963 45.90 21.32 -9.56
CA CYS C 963 46.48 21.77 -10.82
C CYS C 963 47.18 20.64 -11.57
N ASN C 964 47.75 19.67 -10.87
CA ASN C 964 48.46 18.59 -11.54
C ASN C 964 47.50 17.64 -12.24
N ASP C 965 46.47 17.20 -11.55
CA ASP C 965 45.60 16.19 -12.12
C ASP C 965 44.29 16.76 -12.64
N SER C 966 44.06 18.09 -12.47
CA SER C 966 42.86 18.71 -13.03
C SER C 966 43.17 20.04 -13.71
N GLY C 967 44.44 20.41 -13.89
CA GLY C 967 44.76 21.71 -14.43
C GLY C 967 45.92 21.73 -15.41
N TYR C 968 46.92 22.56 -15.12
CA TYR C 968 47.92 22.94 -16.11
C TYR C 968 49.34 22.75 -15.59
N GLN C 969 49.50 21.98 -14.51
CA GLN C 969 50.82 21.63 -13.95
C GLN C 969 51.67 22.87 -13.71
N ALA C 970 51.04 23.89 -13.13
CA ALA C 970 51.58 25.25 -13.07
C ALA C 970 52.07 25.65 -11.69
N ILE C 971 51.92 24.80 -10.68
CA ILE C 971 52.33 25.11 -9.32
C ILE C 971 53.58 24.32 -8.97
N GLN C 972 54.61 25.02 -8.50
CA GLN C 972 55.78 24.37 -7.89
C GLN C 972 55.49 24.17 -6.41
N PHE C 973 55.73 22.96 -5.91
CA PHE C 973 55.51 22.67 -4.49
C PHE C 973 56.86 22.30 -3.88
N ASP C 974 57.36 23.15 -3.00
CA ASP C 974 58.74 23.00 -2.54
C ASP C 974 58.87 21.77 -1.64
N PRO C 975 59.85 20.90 -1.90
CA PRO C 975 59.96 19.66 -1.12
C PRO C 975 60.47 19.85 0.30
N GLU C 976 61.07 20.99 0.65
CA GLU C 976 61.54 21.21 2.02
C GLU C 976 60.57 22.03 2.86
N THR C 977 60.00 23.08 2.28
CA THR C 977 59.10 23.98 2.99
C THR C 977 57.62 23.65 2.76
N HIS C 978 57.29 22.82 1.78
CA HIS C 978 55.89 22.58 1.42
C HIS C 978 55.15 23.90 1.17
N LEU C 979 55.85 24.85 0.51
CA LEU C 979 55.21 26.09 0.07
C LEU C 979 54.95 26.03 -1.42
N PRO C 980 53.75 26.33 -1.88
CA PRO C 980 53.49 26.38 -3.32
C PRO C 980 53.81 27.73 -3.93
N THR C 981 54.14 27.71 -5.21
CA THR C 981 54.31 28.94 -5.99
C THR C 981 53.67 28.73 -7.34
N VAL C 982 52.72 29.61 -7.68
CA VAL C 982 52.10 29.59 -9.00
C VAL C 982 53.09 30.17 -10.02
N THR C 983 53.26 29.48 -11.14
CA THR C 983 54.19 29.94 -12.16
C THR C 983 53.44 30.55 -13.33
N ASP C 984 54.19 30.98 -14.35
CA ASP C 984 53.62 31.72 -15.46
C ASP C 984 52.75 30.87 -16.37
N THR C 985 52.78 29.54 -16.23
CA THR C 985 51.92 28.68 -17.04
C THR C 985 50.48 28.63 -16.54
N CYS C 986 50.16 29.28 -15.41
CA CYS C 986 48.79 29.38 -14.92
C CYS C 986 47.88 29.94 -16.02
N THR C 987 46.67 29.35 -16.13
CA THR C 987 45.64 29.85 -17.04
C THR C 987 44.48 30.52 -16.31
N GLY C 988 44.54 30.64 -14.98
CA GLY C 988 43.46 31.30 -14.27
C GLY C 988 42.19 30.47 -14.11
N CYS C 989 42.28 29.16 -14.36
CA CYS C 989 41.08 28.32 -14.31
C CYS C 989 40.34 28.44 -12.99
N THR C 990 41.05 28.64 -11.89
CA THR C 990 40.59 29.02 -10.53
C THR C 990 40.30 27.77 -9.68
N LEU C 991 40.60 26.56 -10.17
CA LEU C 991 40.43 25.35 -9.33
C LEU C 991 41.23 25.39 -8.05
N CYS C 992 42.47 25.87 -8.08
CA CYS C 992 43.29 25.82 -6.87
C CYS C 992 42.67 26.65 -5.74
N LEU C 993 42.26 27.88 -6.06
CA LEU C 993 41.52 28.68 -5.09
C LEU C 993 40.28 27.94 -4.59
N SER C 994 39.57 27.26 -5.50
CA SER C 994 38.32 26.62 -5.12
C SER C 994 38.51 25.43 -4.18
N VAL C 995 39.70 24.82 -4.13
CA VAL C 995 39.92 23.68 -3.24
C VAL C 995 40.75 24.04 -2.01
N CYS C 996 41.29 25.24 -1.93
CA CYS C 996 42.18 25.60 -0.83
C CYS C 996 41.39 25.71 0.47
N PRO C 997 41.89 25.13 1.58
CA PRO C 997 41.11 25.14 2.83
C PRO C 997 41.10 26.48 3.55
N ILE C 998 41.99 27.41 3.19
CA ILE C 998 42.12 28.69 3.88
C ILE C 998 41.43 29.78 3.07
N ILE C 999 40.56 30.54 3.72
CA ILE C 999 39.79 31.55 3.00
C ILE C 999 40.71 32.68 2.57
N ASP C 1000 40.72 32.96 1.26
CA ASP C 1000 41.48 34.06 0.67
C ASP C 1000 42.99 33.89 0.82
N CYS C 1001 43.45 32.67 1.03
CA CYS C 1001 44.89 32.42 0.91
C CYS C 1001 45.33 32.59 -0.54
N ILE C 1002 44.58 32.01 -1.46
CA ILE C 1002 44.81 32.16 -2.89
C ILE C 1002 43.87 33.25 -3.40
N ARG C 1003 44.41 34.16 -4.21
CA ARG C 1003 43.59 35.21 -4.79
C ARG C 1003 43.82 35.23 -6.30
N MET C 1004 42.77 35.57 -7.03
CA MET C 1004 42.86 35.66 -8.48
C MET C 1004 43.22 37.11 -8.80
N VAL C 1005 44.37 37.34 -9.43
CA VAL C 1005 44.78 38.71 -9.73
C VAL C 1005 44.91 38.88 -11.23
N SER C 1006 44.79 40.13 -11.67
CA SER C 1006 44.87 40.44 -13.09
C SER C 1006 46.25 40.03 -13.64
N ARG C 1007 46.23 39.33 -14.77
CA ARG C 1007 47.44 38.77 -15.34
C ARG C 1007 48.29 39.86 -15.97
N THR C 1008 49.58 39.87 -15.65
CA THR C 1008 50.48 40.91 -16.11
C THR C 1008 51.30 40.49 -17.31
N THR C 1009 51.36 39.21 -17.60
CA THR C 1009 52.19 38.69 -18.68
C THR C 1009 51.34 38.33 -19.88
N PRO C 1010 51.96 38.20 -21.05
CA PRO C 1010 51.19 37.82 -22.24
C PRO C 1010 50.55 36.45 -22.05
N TYR C 1011 49.24 36.37 -22.32
CA TYR C 1011 48.49 35.13 -22.23
C TYR C 1011 48.27 34.52 -23.61
N GLU C 1012 48.55 33.25 -23.72
CA GLU C 1012 48.59 32.50 -24.96
C GLU C 1012 47.88 31.17 -24.72
N PRO C 1013 46.71 30.94 -25.31
CA PRO C 1013 46.05 29.64 -25.14
C PRO C 1013 46.91 28.52 -25.71
N LYS C 1014 47.12 27.49 -24.90
CA LYS C 1014 47.98 26.39 -25.31
C LYS C 1014 47.17 25.49 -26.23
N ARG C 1015 47.60 25.39 -27.49
CA ARG C 1015 46.84 24.69 -28.52
C ARG C 1015 47.33 23.27 -28.74
N GLY C 1016 48.39 22.85 -28.04
CA GLY C 1016 48.95 21.51 -28.20
C GLY C 1016 49.69 21.30 -29.51
N LEU C 1017 48.95 21.37 -30.61
CA LEU C 1017 49.50 21.44 -31.96
C LEU C 1017 48.75 22.51 -32.71
N PRO D 3 -14.44 24.45 16.74
CA PRO D 3 -13.15 24.68 17.41
C PRO D 3 -12.23 25.56 16.59
N VAL D 4 -11.23 26.15 17.23
CA VAL D 4 -10.29 26.98 16.50
C VAL D 4 -9.23 26.05 15.92
N LEU D 5 -9.25 25.86 14.60
CA LEU D 5 -8.39 24.87 13.97
C LEU D 5 -6.92 25.27 14.03
N SER D 6 -6.63 26.57 13.95
CA SER D 6 -5.27 27.08 13.85
C SER D 6 -4.63 27.32 15.21
N LYS D 7 -5.18 26.72 16.27
CA LYS D 7 -4.74 26.91 17.64
C LYS D 7 -4.41 25.54 18.20
N ASP D 8 -3.25 25.42 18.86
CA ASP D 8 -2.88 24.17 19.50
C ASP D 8 -3.78 23.93 20.72
N VAL D 9 -4.38 22.74 20.80
CA VAL D 9 -5.12 22.37 22.00
C VAL D 9 -4.14 22.18 23.16
N ALA D 10 -4.68 22.01 24.37
CA ALA D 10 -3.85 22.08 25.57
C ALA D 10 -2.79 20.96 25.60
N ASP D 11 -3.14 19.76 25.12
CA ASP D 11 -2.18 18.67 25.13
C ASP D 11 -0.97 18.97 24.24
N ILE D 12 -1.20 19.64 23.10
CA ILE D 12 -0.12 19.97 22.19
C ILE D 12 0.69 21.13 22.73
N GLU D 13 0.03 22.12 23.34
CA GLU D 13 0.79 23.18 24.00
C GLU D 13 1.73 22.61 25.05
N SER D 14 1.30 21.54 25.73
CA SER D 14 2.16 20.92 26.72
C SER D 14 3.34 20.20 26.08
N ILE D 15 3.13 19.54 24.95
CA ILE D 15 4.23 18.82 24.33
C ILE D 15 5.21 19.81 23.68
N LEU D 16 4.72 21.01 23.33
CA LEU D 16 5.55 22.08 22.78
C LEU D 16 6.27 22.90 23.84
N ALA D 17 6.21 22.52 25.13
CA ALA D 17 6.69 23.41 26.20
C ALA D 17 8.15 23.79 26.04
N LEU D 18 9.00 22.87 25.57
CA LEU D 18 10.43 23.14 25.43
C LEU D 18 10.82 23.57 24.02
N ASN D 19 9.86 23.74 23.12
CA ASN D 19 10.16 24.16 21.76
C ASN D 19 10.74 25.58 21.77
N PRO D 20 11.78 25.85 20.98
CA PRO D 20 12.38 27.19 20.98
C PRO D 20 11.38 28.26 20.57
N ARG D 21 11.45 29.40 21.24
CA ARG D 21 10.66 30.57 20.89
C ARG D 21 11.55 31.80 20.92
N THR D 22 11.14 32.82 20.17
CA THR D 22 11.80 34.11 20.19
C THR D 22 11.55 34.83 21.51
N GLN D 23 12.60 35.34 22.14
CA GLN D 23 12.49 36.12 23.36
C GLN D 23 12.53 37.62 23.07
N SER D 24 11.77 38.38 23.85
CA SER D 24 11.70 39.83 23.71
C SER D 24 12.32 40.56 24.89
N HIS D 25 12.89 39.83 25.84
CA HIS D 25 13.50 40.43 27.01
C HIS D 25 14.71 39.60 27.41
N ALA D 26 15.58 40.21 28.20
CA ALA D 26 16.68 39.47 28.79
C ALA D 26 16.18 38.66 29.98
N ALA D 27 16.83 37.52 30.21
CA ALA D 27 16.39 36.59 31.24
C ALA D 27 16.94 37.00 32.60
N LEU D 28 16.25 36.60 33.66
CA LEU D 28 16.70 36.85 35.02
C LEU D 28 16.83 35.50 35.74
N HIS D 29 18.06 35.15 36.12
CA HIS D 29 18.36 33.98 36.94
C HIS D 29 19.51 34.36 37.86
N SER D 30 19.33 34.15 39.15
CA SER D 30 20.35 34.53 40.11
C SER D 30 21.59 33.65 39.96
N THR D 31 22.73 34.22 40.39
CA THR D 31 23.99 33.50 40.36
C THR D 31 23.93 32.24 41.22
N LEU D 32 23.28 32.32 42.38
CA LEU D 32 23.11 31.15 43.24
C LEU D 32 22.25 30.09 42.57
N ALA D 33 21.11 30.48 42.01
CA ALA D 33 20.29 29.51 41.28
C ALA D 33 21.08 28.88 40.13
N LYS D 34 21.93 29.66 39.45
CA LYS D 34 22.71 29.10 38.37
C LYS D 34 23.77 28.13 38.88
N LYS D 35 24.41 28.44 40.01
CA LYS D 35 25.35 27.48 40.61
C LYS D 35 24.68 26.15 40.88
N LEU D 36 23.44 26.18 41.36
CA LEU D 36 22.72 24.97 41.70
C LEU D 36 22.38 24.18 40.44
N ASP D 37 21.83 24.86 39.43
CA ASP D 37 21.33 24.17 38.26
C ASP D 37 22.44 23.61 37.38
N LYS D 38 23.65 24.16 37.44
CA LYS D 38 24.73 23.71 36.58
C LYS D 38 25.00 22.21 36.74
N LYS D 39 24.89 21.72 37.97
CA LYS D 39 25.21 20.33 38.27
C LYS D 39 24.26 19.37 37.58
N HIS D 40 23.02 19.80 37.30
CA HIS D 40 22.07 18.89 36.68
C HIS D 40 22.48 18.49 35.26
N TRP D 41 23.17 19.36 34.52
CA TRP D 41 23.44 19.12 33.10
C TRP D 41 24.87 18.69 32.82
N LYS D 42 25.71 18.60 33.84
CA LYS D 42 27.16 18.51 33.68
C LYS D 42 27.58 17.24 32.94
N ARG D 43 28.36 17.42 31.87
CA ARG D 43 28.83 16.31 31.04
C ARG D 43 30.26 15.90 31.34
N ASN D 44 31.17 16.86 31.56
CA ASN D 44 32.60 16.61 31.63
C ASN D 44 33.02 16.42 33.08
N PRO D 45 34.29 16.19 33.39
CA PRO D 45 34.68 16.07 34.81
C PRO D 45 34.51 17.39 35.55
N ASP D 46 34.14 17.28 36.81
CA ASP D 46 33.93 18.42 37.68
C ASP D 46 35.25 18.72 38.39
N LYS D 47 35.82 19.90 38.10
CA LYS D 47 37.14 20.22 38.62
C LYS D 47 37.14 20.44 40.13
N ASN D 48 35.96 20.56 40.75
CA ASN D 48 35.86 20.64 42.20
C ASN D 48 35.79 19.28 42.85
N CYS D 49 35.72 18.20 42.07
CA CYS D 49 35.65 16.85 42.60
C CYS D 49 37.07 16.27 42.67
N PHE D 50 37.55 16.00 43.87
CA PHE D 50 38.92 15.58 44.12
C PHE D 50 39.06 14.05 44.13
N HIS D 51 38.01 13.32 43.79
CA HIS D 51 37.97 11.88 43.99
C HIS D 51 37.09 11.27 42.91
N CYS D 52 37.68 10.45 42.03
CA CYS D 52 36.93 9.86 40.94
C CYS D 52 36.30 8.55 41.36
N GLU D 53 35.30 8.12 40.59
CA GLU D 53 34.54 6.91 40.87
C GLU D 53 35.46 5.69 40.96
N LYS D 54 34.95 4.63 41.58
CA LYS D 54 35.68 3.38 41.66
C LYS D 54 35.99 2.84 40.27
N LEU D 55 37.20 2.32 40.10
CA LEU D 55 37.62 1.70 38.86
C LEU D 55 38.01 0.24 39.05
N GLU D 56 37.75 -0.32 40.23
CA GLU D 56 38.19 -1.67 40.55
C GLU D 56 37.60 -2.68 39.55
N ASN D 57 38.48 -3.47 38.95
CA ASN D 57 38.10 -4.47 37.95
C ASN D 57 37.40 -3.85 36.74
N ASN D 58 37.64 -2.58 36.45
CA ASN D 58 37.02 -1.92 35.29
C ASN D 58 38.08 -1.78 34.20
N PHE D 59 38.03 -2.66 33.19
CA PHE D 59 38.97 -2.62 32.09
C PHE D 59 38.35 -2.16 30.78
N ASP D 60 37.26 -1.39 30.87
CA ASP D 60 36.69 -0.78 29.68
C ASP D 60 37.70 0.18 29.04
N ASP D 61 37.60 0.29 27.71
CA ASP D 61 38.41 1.21 26.93
C ASP D 61 38.38 2.63 27.49
N ILE D 62 39.56 3.19 27.75
CA ILE D 62 39.68 4.57 28.22
C ILE D 62 40.33 5.49 27.21
N LYS D 63 40.68 4.99 26.01
CA LYS D 63 41.34 5.85 25.03
C LYS D 63 40.42 6.97 24.58
N HIS D 64 40.95 8.18 24.52
CA HIS D 64 40.22 9.32 23.98
C HIS D 64 40.16 9.31 22.46
N THR D 65 40.90 8.42 21.81
CA THR D 65 40.99 8.44 20.35
C THR D 65 40.07 7.45 19.68
N THR D 66 39.42 6.56 20.43
CA THR D 66 38.56 5.53 19.83
C THR D 66 37.40 6.18 19.07
N LEU D 67 37.13 5.68 17.86
CA LEU D 67 36.10 6.21 16.99
C LEU D 67 35.09 5.14 16.60
N GLY D 68 33.80 5.51 16.56
CA GLY D 68 32.82 4.73 15.84
C GLY D 68 32.69 5.20 14.41
N GLU D 69 31.75 4.59 13.68
CA GLU D 69 31.65 4.89 12.25
C GLU D 69 31.26 6.34 12.00
N ARG D 70 30.24 6.83 12.70
CA ARG D 70 29.83 8.22 12.58
C ARG D 70 31.01 9.18 12.78
N GLY D 71 31.74 9.01 13.89
CA GLY D 71 32.85 9.89 14.16
C GLY D 71 34.03 9.69 13.22
N ALA D 72 34.26 8.45 12.78
CA ALA D 72 35.38 8.21 11.87
C ALA D 72 35.11 8.86 10.52
N LEU D 73 33.88 8.78 10.04
CA LEU D 73 33.52 9.41 8.77
C LEU D 73 33.67 10.93 8.85
N ARG D 74 33.26 11.53 9.97
CA ARG D 74 33.46 12.97 10.13
C ARG D 74 34.93 13.32 10.11
N GLU D 75 35.74 12.58 10.87
CA GLU D 75 37.15 12.94 11.00
C GLU D 75 37.90 12.70 9.70
N ALA D 76 37.51 11.63 8.97
CA ALA D 76 38.16 11.31 7.70
C ALA D 76 37.81 12.34 6.62
N MET D 77 36.57 12.84 6.65
CA MET D 77 36.19 13.92 5.73
C MET D 77 36.95 15.21 6.04
N ARG D 78 37.38 15.40 7.29
CA ARG D 78 38.07 16.63 7.69
C ARG D 78 39.53 16.66 7.22
N CYS D 79 40.15 15.48 7.09
CA CYS D 79 41.54 15.39 6.66
C CYS D 79 41.75 16.04 5.30
N LEU D 80 42.82 16.85 5.17
CA LEU D 80 43.09 17.51 3.89
C LEU D 80 43.61 16.56 2.82
N LYS D 81 44.03 15.35 3.19
CA LYS D 81 44.56 14.36 2.24
C LYS D 81 45.69 14.96 1.39
N CYS D 82 46.73 15.39 2.13
CA CYS D 82 47.78 16.27 1.63
C CYS D 82 48.77 15.56 0.72
N ALA D 83 49.38 16.34 -0.17
CA ALA D 83 50.48 15.85 -0.98
C ALA D 83 51.74 15.72 -0.13
N ASP D 84 52.56 14.70 -0.43
CA ASP D 84 53.85 14.52 0.23
C ASP D 84 53.69 14.65 1.74
N ALA D 85 52.63 14.02 2.28
CA ALA D 85 52.07 14.42 3.57
C ALA D 85 53.09 14.32 4.71
N PRO D 86 53.18 15.34 5.58
CA PRO D 86 54.15 15.32 6.68
C PRO D 86 53.79 14.34 7.79
N CYS D 87 52.54 13.89 7.85
CA CYS D 87 52.18 12.85 8.80
C CYS D 87 52.81 11.52 8.42
N GLN D 88 52.77 11.16 7.13
CA GLN D 88 53.47 9.97 6.67
C GLN D 88 54.97 10.09 6.89
N LYS D 89 55.56 11.26 6.62
CA LYS D 89 56.97 11.47 6.89
C LYS D 89 57.30 11.17 8.34
N SER D 90 56.39 11.50 9.24
CA SER D 90 56.58 11.38 10.67
C SER D 90 56.15 10.02 11.21
N CYS D 91 55.62 9.13 10.36
CA CYS D 91 55.25 7.78 10.77
C CYS D 91 56.44 6.83 10.58
N PRO D 92 56.90 6.12 11.62
CA PRO D 92 58.09 5.26 11.45
C PRO D 92 57.91 4.13 10.45
N THR D 93 56.68 3.66 10.19
CA THR D 93 56.47 2.65 9.15
C THR D 93 56.02 3.26 7.82
N HIS D 94 56.00 4.60 7.71
CA HIS D 94 55.72 5.30 6.45
C HIS D 94 54.34 4.98 5.89
N LEU D 95 53.34 4.85 6.77
CA LEU D 95 51.97 4.60 6.30
C LEU D 95 51.49 5.69 5.36
N ASP D 96 50.85 5.26 4.27
CA ASP D 96 50.22 6.20 3.34
C ASP D 96 48.92 6.68 3.99
N ILE D 97 49.07 7.62 4.93
CA ILE D 97 47.94 8.12 5.71
C ILE D 97 46.91 8.79 4.81
N LYS D 98 47.38 9.58 3.83
CA LYS D 98 46.47 10.24 2.91
C LYS D 98 45.56 9.23 2.20
N SER D 99 46.14 8.12 1.71
CA SER D 99 45.32 7.16 0.98
C SER D 99 44.37 6.40 1.91
N PHE D 100 44.83 6.00 3.09
CA PHE D 100 43.92 5.19 3.90
C PHE D 100 42.80 6.07 4.47
N ILE D 101 43.09 7.34 4.76
CA ILE D 101 42.03 8.20 5.27
C ILE D 101 41.05 8.56 4.15
N THR D 102 41.56 8.73 2.92
CA THR D 102 40.65 8.93 1.79
C THR D 102 39.69 7.75 1.66
N SER D 103 40.22 6.52 1.75
CA SER D 103 39.37 5.34 1.68
C SER D 103 38.30 5.36 2.76
N ILE D 104 38.67 5.71 3.99
CA ILE D 104 37.67 5.80 5.04
C ILE D 104 36.60 6.82 4.68
N SER D 105 37.01 7.99 4.17
CA SER D 105 36.04 9.02 3.83
C SER D 105 35.08 8.56 2.73
N ASN D 106 35.52 7.61 1.92
CA ASN D 106 34.71 7.01 0.87
C ASN D 106 34.01 5.74 1.33
N LYS D 107 34.01 5.47 2.64
CA LYS D 107 33.40 4.30 3.24
C LYS D 107 34.04 2.98 2.79
N ASN D 108 35.27 3.05 2.29
CA ASN D 108 35.99 1.86 1.82
C ASN D 108 36.92 1.40 2.94
N TYR D 109 36.34 0.74 3.94
CA TYR D 109 37.11 0.35 5.11
C TYR D 109 38.10 -0.76 4.76
N TYR D 110 37.72 -1.69 3.88
CA TYR D 110 38.68 -2.69 3.42
C TYR D 110 39.92 -2.04 2.82
N GLY D 111 39.73 -1.14 1.85
CA GLY D 111 40.86 -0.50 1.21
C GLY D 111 41.75 0.24 2.19
N ALA D 112 41.15 0.90 3.19
CA ALA D 112 41.93 1.56 4.22
C ALA D 112 42.77 0.55 5.01
N ALA D 113 42.13 -0.54 5.46
CA ALA D 113 42.86 -1.55 6.23
C ALA D 113 43.97 -2.20 5.41
N LYS D 114 43.69 -2.49 4.14
CA LYS D 114 44.72 -3.04 3.27
C LYS D 114 45.94 -2.13 3.19
N MET D 115 45.71 -0.82 3.04
CA MET D 115 46.83 0.11 2.97
C MET D 115 47.57 0.16 4.30
N ILE D 116 46.84 0.10 5.40
CA ILE D 116 47.45 0.12 6.73
C ILE D 116 48.35 -1.10 6.93
N PHE D 117 47.79 -2.30 6.71
CA PHE D 117 48.54 -3.52 6.98
C PHE D 117 49.63 -3.77 5.94
N SER D 118 49.53 -3.16 4.74
CA SER D 118 50.63 -3.27 3.80
C SER D 118 51.93 -2.75 4.38
N ASP D 119 51.88 -1.62 5.10
CA ASP D 119 53.10 -1.05 5.63
C ASP D 119 53.31 -1.38 7.12
N ASN D 120 52.30 -1.87 7.81
CA ASN D 120 52.41 -2.16 9.25
C ASN D 120 51.55 -3.38 9.59
N PRO D 121 52.17 -4.55 9.74
CA PRO D 121 51.40 -5.77 10.04
C PRO D 121 50.75 -5.77 11.43
N LEU D 122 51.10 -4.84 12.30
CA LEU D 122 50.43 -4.64 13.58
C LEU D 122 49.61 -3.34 13.55
N GLY D 123 48.92 -3.10 12.44
CA GLY D 123 48.28 -1.80 12.22
C GLY D 123 47.19 -1.47 13.23
N LEU D 124 46.46 -2.48 13.71
CA LEU D 124 45.42 -2.21 14.70
C LEU D 124 46.02 -1.93 16.07
N THR D 125 47.00 -2.75 16.49
CA THR D 125 47.72 -2.44 17.72
C THR D 125 48.24 -1.00 17.70
N CYS D 126 48.85 -0.60 16.59
CA CYS D 126 49.48 0.71 16.56
C CYS D 126 48.44 1.83 16.55
N GLY D 127 47.33 1.66 15.83
CA GLY D 127 46.28 2.67 15.90
C GLY D 127 45.86 2.94 17.33
N MET D 128 45.85 1.89 18.15
CA MET D 128 45.48 1.95 19.56
C MET D 128 46.53 2.59 20.45
N VAL D 129 47.83 2.32 20.25
CA VAL D 129 48.83 2.68 21.25
C VAL D 129 49.93 3.61 20.75
N CYS D 130 49.98 3.93 19.46
CA CYS D 130 51.02 4.84 18.99
C CYS D 130 50.96 6.17 19.76
N PRO D 131 52.08 6.66 20.28
CA PRO D 131 52.07 8.00 20.89
C PRO D 131 52.09 9.05 19.76
N THR D 132 50.90 9.29 19.19
CA THR D 132 50.86 9.97 17.90
C THR D 132 51.33 11.41 17.97
N SER D 133 51.19 12.07 19.14
CA SER D 133 51.62 13.46 19.22
C SER D 133 53.13 13.61 19.07
N ASP D 134 53.87 12.52 19.21
CA ASP D 134 55.31 12.52 18.99
C ASP D 134 55.66 11.83 17.68
N LEU D 135 54.66 11.41 16.92
CA LEU D 135 54.87 10.74 15.64
C LEU D 135 54.04 11.44 14.56
N CYS D 136 53.13 10.70 13.92
CA CYS D 136 52.42 11.18 12.74
C CYS D 136 51.63 12.47 13.02
N VAL D 137 50.89 12.50 14.12
CA VAL D 137 50.01 13.64 14.40
C VAL D 137 50.85 14.89 14.69
N GLY D 138 52.05 14.71 15.23
CA GLY D 138 52.92 15.85 15.48
C GLY D 138 53.34 16.57 14.22
N GLY D 139 53.25 15.92 13.06
CA GLY D 139 53.52 16.56 11.79
C GLY D 139 52.30 17.05 11.01
N CYS D 140 51.09 16.86 11.54
CA CYS D 140 49.88 17.11 10.75
C CYS D 140 49.72 18.59 10.38
N ASN D 141 49.46 18.85 9.10
CA ASN D 141 49.28 20.23 8.65
C ASN D 141 48.08 20.90 9.33
N LEU D 142 47.05 20.13 9.68
CA LEU D 142 45.87 20.73 10.30
C LEU D 142 46.13 21.19 11.73
N TYR D 143 47.32 20.91 12.30
CA TYR D 143 47.73 21.59 13.53
C TYR D 143 47.68 23.10 13.35
N ALA D 144 47.86 23.59 12.13
CA ALA D 144 47.82 25.03 11.87
C ALA D 144 46.40 25.60 11.86
N THR D 145 45.38 24.81 12.16
CA THR D 145 44.01 25.31 12.28
C THR D 145 43.52 25.20 13.72
N GLU D 146 42.52 26.03 14.05
CA GLU D 146 41.98 26.07 15.40
C GLU D 146 41.44 24.71 15.84
N GLU D 147 40.75 24.01 14.93
CA GLU D 147 40.18 22.72 15.26
C GLU D 147 41.22 21.61 15.42
N GLY D 148 42.44 21.83 14.93
CA GLY D 148 43.58 20.99 15.29
C GLY D 148 43.82 19.80 14.38
N SER D 149 44.85 19.04 14.75
CA SER D 149 45.33 17.92 13.97
C SER D 149 44.31 16.77 13.90
N ILE D 150 44.47 15.95 12.87
CA ILE D 150 43.61 14.80 12.63
C ILE D 150 43.92 13.70 13.65
N ASN D 151 42.87 13.00 14.09
CA ASN D 151 43.01 11.84 14.98
C ASN D 151 43.37 10.62 14.12
N ILE D 152 44.64 10.57 13.71
CA ILE D 152 45.11 9.54 12.79
C ILE D 152 45.00 8.15 13.43
N GLY D 153 45.41 8.04 14.70
CA GLY D 153 45.41 6.73 15.34
C GLY D 153 44.01 6.16 15.48
N GLY D 154 43.04 7.01 15.84
CA GLY D 154 41.66 6.55 15.93
C GLY D 154 41.09 6.13 14.60
N LEU D 155 41.45 6.82 13.51
CA LEU D 155 41.00 6.40 12.19
C LEU D 155 41.63 5.08 11.78
N GLN D 156 42.93 4.92 12.03
CA GLN D 156 43.61 3.66 11.74
C GLN D 156 42.96 2.52 12.52
N GLN D 157 42.69 2.76 13.80
CA GLN D 157 42.01 1.76 14.62
C GLN D 157 40.63 1.41 14.05
N PHE D 158 39.86 2.41 13.63
CA PHE D 158 38.50 2.12 13.15
C PHE D 158 38.52 1.23 11.93
N ALA D 159 39.30 1.60 10.90
CA ALA D 159 39.34 0.79 9.68
C ALA D 159 39.84 -0.61 9.98
N SER D 160 40.83 -0.73 10.86
CA SER D 160 41.39 -2.04 11.13
C SER D 160 40.40 -2.91 11.92
N GLU D 161 39.61 -2.28 12.80
CA GLU D 161 38.53 -2.99 13.52
C GLU D 161 37.46 -3.50 12.55
N VAL D 162 37.05 -2.69 11.58
CA VAL D 162 36.05 -3.16 10.63
C VAL D 162 36.58 -4.36 9.86
N PHE D 163 37.83 -4.27 9.40
CA PHE D 163 38.42 -5.39 8.69
C PHE D 163 38.51 -6.63 9.58
N LYS D 164 38.91 -6.44 10.84
CA LYS D 164 38.86 -7.55 11.80
C LYS D 164 37.47 -8.18 11.84
N ALA D 165 36.42 -7.35 11.85
CA ALA D 165 35.06 -7.87 11.91
C ALA D 165 34.64 -8.59 10.64
N MET D 166 35.27 -8.31 9.50
CA MET D 166 34.89 -9.03 8.29
C MET D 166 35.41 -10.45 8.28
N ASN D 167 36.40 -10.77 9.13
CA ASN D 167 36.89 -12.14 9.26
C ASN D 167 37.38 -12.68 7.92
N ILE D 168 38.21 -11.89 7.26
CA ILE D 168 38.83 -12.22 5.98
C ILE D 168 40.30 -12.51 6.23
N PRO D 169 40.86 -13.56 5.66
CA PRO D 169 42.25 -13.90 5.96
C PRO D 169 43.23 -13.22 5.01
N GLN D 170 44.46 -13.10 5.48
CA GLN D 170 45.58 -12.78 4.61
C GLN D 170 45.89 -13.96 3.71
N ILE D 171 46.28 -13.69 2.46
CA ILE D 171 46.66 -14.75 1.55
C ILE D 171 48.13 -14.56 1.16
N ARG D 172 48.74 -15.67 0.76
CA ARG D 172 50.06 -15.62 0.16
C ARG D 172 50.07 -14.64 -1.01
N ASN D 173 51.16 -13.88 -1.10
CA ASN D 173 51.40 -12.92 -2.17
C ASN D 173 51.04 -13.53 -3.52
N PRO D 174 50.02 -13.01 -4.21
CA PRO D 174 49.55 -13.64 -5.45
C PRO D 174 50.42 -13.34 -6.67
N CYS D 175 51.42 -12.47 -6.55
CA CYS D 175 52.39 -12.28 -7.61
C CYS D 175 53.42 -13.40 -7.65
N LEU D 176 53.53 -14.20 -6.58
CA LEU D 176 54.55 -15.23 -6.49
C LEU D 176 54.19 -16.43 -7.35
N PRO D 177 55.19 -17.14 -7.86
CA PRO D 177 54.91 -18.43 -8.48
C PRO D 177 54.38 -19.39 -7.43
N SER D 178 53.88 -20.53 -7.90
CA SER D 178 53.44 -21.55 -6.98
C SER D 178 54.60 -22.03 -6.12
N GLN D 179 54.23 -22.57 -4.96
CA GLN D 179 55.17 -22.90 -3.91
C GLN D 179 56.26 -23.85 -4.41
N GLU D 180 55.84 -24.93 -5.09
CA GLU D 180 56.71 -25.91 -5.71
C GLU D 180 57.57 -25.34 -6.85
N LYS D 181 57.29 -24.14 -7.33
CA LYS D 181 58.11 -23.50 -8.36
C LYS D 181 59.04 -22.45 -7.79
N MET D 182 59.07 -22.26 -6.49
CA MET D 182 59.94 -21.26 -5.90
C MET D 182 61.38 -21.75 -5.91
N PRO D 183 62.35 -20.86 -6.13
CA PRO D 183 63.76 -21.24 -5.98
C PRO D 183 64.03 -21.86 -4.62
N GLU D 184 65.06 -22.71 -4.57
CA GLU D 184 65.42 -23.44 -3.37
C GLU D 184 65.77 -22.48 -2.22
N ALA D 185 66.27 -21.29 -2.53
CA ALA D 185 66.64 -20.32 -1.49
C ALA D 185 65.46 -19.99 -0.59
N TYR D 186 64.24 -19.98 -1.12
CA TYR D 186 63.11 -19.61 -0.29
C TYR D 186 62.72 -20.71 0.68
N SER D 187 63.44 -21.84 0.68
CA SER D 187 63.20 -22.91 1.64
C SER D 187 64.18 -22.85 2.80
N ALA D 188 65.05 -21.86 2.83
CA ALA D 188 66.04 -21.74 3.89
C ALA D 188 65.35 -21.60 5.24
N LYS D 189 65.89 -22.29 6.25
CA LYS D 189 65.30 -22.25 7.58
C LYS D 189 65.67 -20.93 8.25
N ILE D 190 64.65 -20.20 8.69
CA ILE D 190 64.83 -18.89 9.30
C ILE D 190 64.31 -18.98 10.73
N ALA D 191 65.09 -18.46 11.67
CA ALA D 191 64.72 -18.44 13.07
C ALA D 191 64.54 -17.00 13.53
N LEU D 192 63.47 -16.75 14.27
CA LEU D 192 63.29 -15.49 14.98
C LEU D 192 63.13 -15.80 16.45
N LEU D 193 63.71 -14.94 17.29
CA LEU D 193 63.74 -15.16 18.73
C LEU D 193 62.85 -14.09 19.36
N GLY D 194 61.78 -14.52 20.04
CA GLY D 194 60.85 -13.64 20.73
C GLY D 194 59.63 -13.30 19.89
N ALA D 195 58.42 -13.45 20.43
CA ALA D 195 57.20 -13.22 19.66
C ALA D 195 56.60 -11.86 19.95
N GLY D 196 57.41 -10.80 19.81
CA GLY D 196 56.93 -9.45 20.01
C GLY D 196 56.73 -8.74 18.68
N PRO D 197 56.36 -7.46 18.73
CA PRO D 197 56.13 -6.71 17.48
C PRO D 197 57.27 -6.79 16.47
N ALA D 198 58.52 -6.75 16.92
CA ALA D 198 59.64 -6.76 15.99
C ALA D 198 59.70 -8.04 15.17
N SER D 199 59.63 -9.19 15.85
CA SER D 199 59.70 -10.48 15.14
C SER D 199 58.44 -10.76 14.35
N ILE D 200 57.27 -10.41 14.88
CA ILE D 200 56.03 -10.60 14.13
C ILE D 200 56.11 -9.83 12.80
N SER D 201 56.59 -8.58 12.86
CA SER D 201 56.76 -7.82 11.63
C SER D 201 57.78 -8.47 10.70
N CYS D 202 58.96 -8.78 11.22
CA CYS D 202 59.99 -9.37 10.38
C CYS D 202 59.51 -10.66 9.71
N ALA D 203 58.92 -11.56 10.51
CA ALA D 203 58.44 -12.83 9.99
C ALA D 203 57.36 -12.61 8.92
N SER D 204 56.46 -11.65 9.15
CA SER D 204 55.38 -11.39 8.19
C SER D 204 55.95 -10.96 6.85
N PHE D 205 56.92 -10.05 6.85
CA PHE D 205 57.46 -9.56 5.57
C PHE D 205 58.30 -10.64 4.90
N LEU D 206 59.04 -11.44 5.66
CA LEU D 206 59.75 -12.56 5.05
C LEU D 206 58.78 -13.54 4.39
N ALA D 207 57.67 -13.83 5.05
CA ALA D 207 56.67 -14.72 4.45
C ALA D 207 56.04 -14.11 3.20
N ARG D 208 55.86 -12.78 3.17
CA ARG D 208 55.38 -12.12 1.96
C ARG D 208 56.33 -12.33 0.79
N LEU D 209 57.64 -12.30 1.05
CA LEU D 209 58.61 -12.50 0.00
C LEU D 209 58.61 -13.94 -0.51
N GLY D 210 58.01 -14.88 0.21
CA GLY D 210 57.89 -16.25 -0.25
C GLY D 210 58.66 -17.27 0.56
N TYR D 211 59.29 -16.87 1.66
CA TYR D 211 60.01 -17.83 2.49
C TYR D 211 59.01 -18.74 3.20
N SER D 212 59.25 -20.04 3.14
CA SER D 212 58.26 -21.03 3.53
C SER D 212 58.64 -21.80 4.79
N ASP D 213 59.79 -21.49 5.42
CA ASP D 213 60.23 -22.21 6.62
C ASP D 213 60.69 -21.19 7.67
N ILE D 214 59.73 -20.49 8.26
CA ILE D 214 59.98 -19.42 9.22
C ILE D 214 59.43 -19.86 10.56
N THR D 215 60.25 -19.78 11.61
CA THR D 215 59.87 -20.21 12.94
C THR D 215 60.24 -19.15 13.97
N ILE D 216 59.25 -18.74 14.77
CA ILE D 216 59.49 -17.86 15.92
C ILE D 216 59.57 -18.73 17.16
N PHE D 217 60.67 -18.58 17.91
CA PHE D 217 60.86 -19.23 19.19
C PHE D 217 60.60 -18.21 20.29
N GLU D 218 59.62 -18.50 21.14
CA GLU D 218 59.19 -17.57 22.18
C GLU D 218 59.37 -18.20 23.55
N LYS D 219 59.99 -17.46 24.47
CA LYS D 219 60.25 -17.99 25.81
C LYS D 219 58.97 -18.34 26.53
N GLN D 220 57.98 -17.45 26.51
CA GLN D 220 56.80 -17.62 27.33
C GLN D 220 55.80 -18.55 26.66
N GLU D 221 54.73 -18.85 27.40
CA GLU D 221 53.61 -19.63 26.86
C GLU D 221 52.55 -18.74 26.22
N TYR D 222 52.77 -17.42 26.17
CA TYR D 222 51.90 -16.49 25.47
C TYR D 222 52.70 -15.77 24.38
N VAL D 223 51.99 -15.10 23.49
CA VAL D 223 52.58 -14.45 22.32
C VAL D 223 52.16 -13.00 22.28
N GLY D 224 52.96 -12.18 21.60
CA GLY D 224 52.68 -10.76 21.44
C GLY D 224 53.64 -9.83 22.16
N GLY D 225 54.55 -10.34 22.98
CA GLY D 225 55.49 -9.44 23.62
C GLY D 225 54.81 -8.53 24.63
N LEU D 226 55.35 -7.32 24.78
CA LEU D 226 54.79 -6.39 25.76
C LEU D 226 53.36 -5.98 25.43
N SER D 227 52.94 -6.09 24.16
CA SER D 227 51.55 -5.81 23.81
C SER D 227 50.59 -6.70 24.58
N THR D 228 51.02 -7.92 24.89
CA THR D 228 50.22 -8.85 25.66
C THR D 228 50.52 -8.79 27.15
N SER D 229 51.81 -8.83 27.52
CA SER D 229 52.17 -9.03 28.91
C SER D 229 52.11 -7.77 29.76
N GLU D 230 52.16 -6.56 29.17
CA GLU D 230 52.21 -5.39 30.06
C GLU D 230 51.28 -4.25 29.67
N ILE D 231 51.09 -3.99 28.38
CA ILE D 231 50.18 -2.89 28.01
C ILE D 231 48.77 -3.23 28.50
N PRO D 232 48.11 -2.35 29.26
CA PRO D 232 46.84 -2.71 29.88
C PRO D 232 45.72 -2.96 28.89
N GLN D 233 44.82 -3.87 29.30
CA GLN D 233 43.66 -4.23 28.50
C GLN D 233 42.77 -3.02 28.23
N PHE D 234 42.76 -2.03 29.13
CA PHE D 234 41.93 -0.85 28.91
C PHE D 234 42.53 0.12 27.89
N ARG D 235 43.74 -0.15 27.39
CA ARG D 235 44.27 0.57 26.21
C ARG D 235 44.41 -0.32 24.99
N LEU D 236 44.80 -1.57 25.16
CA LEU D 236 45.00 -2.50 24.05
C LEU D 236 44.35 -3.85 24.38
N PRO D 237 43.15 -4.11 23.90
CA PRO D 237 42.51 -5.41 24.16
C PRO D 237 43.32 -6.54 23.57
N TYR D 238 43.34 -7.69 24.27
CA TYR D 238 44.14 -8.80 23.78
C TYR D 238 43.61 -9.37 22.47
N ASP D 239 42.29 -9.27 22.23
CA ASP D 239 41.76 -9.80 20.97
C ASP D 239 42.39 -9.12 19.76
N VAL D 240 42.93 -7.91 19.92
CA VAL D 240 43.68 -7.28 18.84
C VAL D 240 44.96 -8.05 18.54
N VAL D 241 45.75 -8.32 19.58
CA VAL D 241 46.99 -9.08 19.40
C VAL D 241 46.71 -10.44 18.76
N ASN D 242 45.70 -11.15 19.28
CA ASN D 242 45.34 -12.46 18.71
C ASN D 242 45.00 -12.35 17.23
N PHE D 243 44.31 -11.29 16.84
CA PHE D 243 43.94 -11.08 15.44
C PHE D 243 45.17 -10.84 14.57
N GLU D 244 46.11 -10.04 15.04
CA GLU D 244 47.29 -9.78 14.22
C GLU D 244 48.19 -11.01 14.13
N ILE D 245 48.27 -11.81 15.18
CA ILE D 245 49.04 -13.06 15.12
C ILE D 245 48.39 -14.03 14.13
N GLU D 246 47.05 -14.10 14.13
CA GLU D 246 46.37 -15.02 13.23
C GLU D 246 46.60 -14.63 11.77
N LEU D 247 46.68 -13.33 11.48
CA LEU D 247 46.97 -12.91 10.11
C LEU D 247 48.37 -13.33 9.69
N MET D 248 49.36 -13.21 10.60
CA MET D 248 50.69 -13.79 10.36
C MET D 248 50.61 -15.28 10.05
N LYS D 249 49.88 -16.03 10.88
CA LYS D 249 49.87 -17.49 10.72
C LYS D 249 49.23 -17.89 9.40
N ASP D 250 48.35 -17.04 8.85
CA ASP D 250 47.84 -17.29 7.50
C ASP D 250 48.96 -17.44 6.48
N LEU D 251 50.10 -16.80 6.71
CA LEU D 251 51.20 -16.88 5.76
C LEU D 251 52.13 -18.05 6.03
N GLY D 252 51.82 -18.93 6.99
CA GLY D 252 52.62 -20.10 7.21
C GLY D 252 53.69 -19.99 8.27
N VAL D 253 53.80 -18.83 8.94
CA VAL D 253 54.80 -18.65 9.98
C VAL D 253 54.45 -19.52 11.17
N LYS D 254 55.46 -20.20 11.72
CA LYS D 254 55.29 -21.11 12.84
C LYS D 254 55.80 -20.43 14.11
N ILE D 255 55.07 -20.61 15.21
CA ILE D 255 55.48 -20.11 16.51
C ILE D 255 55.64 -21.30 17.45
N ILE D 256 56.76 -21.35 18.17
CA ILE D 256 57.04 -22.39 19.16
C ILE D 256 57.25 -21.69 20.48
N CYS D 257 56.34 -21.89 21.43
CA CYS D 257 56.41 -21.26 22.74
C CYS D 257 57.20 -22.14 23.71
N GLY D 258 57.64 -21.53 24.82
CA GLY D 258 58.39 -22.27 25.81
C GLY D 258 59.82 -22.57 25.42
N LYS D 259 60.35 -21.88 24.40
CA LYS D 259 61.70 -22.07 23.92
C LYS D 259 62.46 -20.77 24.07
N SER D 260 63.60 -20.81 24.77
CA SER D 260 64.36 -19.61 25.10
C SER D 260 65.69 -19.58 24.37
N LEU D 261 66.07 -18.38 23.96
CA LEU D 261 67.46 -18.07 23.61
C LEU D 261 68.23 -17.94 24.92
N SER D 262 69.10 -18.91 25.19
CA SER D 262 69.82 -18.91 26.46
C SER D 262 70.88 -19.99 26.37
N GLU D 263 72.00 -19.79 27.07
CA GLU D 263 73.02 -20.84 27.08
C GLU D 263 72.42 -22.13 27.62
N ASN D 264 72.72 -23.23 26.93
CA ASN D 264 72.15 -24.56 27.19
C ASN D 264 70.68 -24.67 26.82
N GLU D 265 70.13 -23.69 26.09
CA GLU D 265 68.92 -23.85 25.31
C GLU D 265 69.25 -23.46 23.88
N ILE D 266 68.52 -22.52 23.30
CA ILE D 266 68.82 -22.07 21.94
C ILE D 266 69.96 -21.07 22.01
N THR D 267 70.99 -21.28 21.20
CA THR D 267 72.07 -20.34 21.03
C THR D 267 72.29 -20.16 19.53
N LEU D 268 73.03 -19.11 19.18
CA LEU D 268 73.36 -18.92 17.77
C LEU D 268 74.13 -20.12 17.25
N ASN D 269 74.99 -20.72 18.08
CA ASN D 269 75.73 -21.91 17.66
C ASN D 269 74.80 -23.09 17.39
N THR D 270 73.85 -23.36 18.31
CA THR D 270 72.95 -24.49 18.07
C THR D 270 72.07 -24.25 16.87
N LEU D 271 71.62 -23.01 16.66
CA LEU D 271 70.87 -22.66 15.45
C LEU D 271 71.70 -22.93 14.21
N LYS D 272 72.96 -22.47 14.20
CA LYS D 272 73.84 -22.74 13.07
C LYS D 272 74.00 -24.24 12.84
N GLU D 273 74.21 -25.00 13.90
CA GLU D 273 74.45 -26.43 13.74
C GLU D 273 73.22 -27.14 13.19
N GLU D 274 72.03 -26.63 13.45
CA GLU D 274 70.80 -27.26 12.97
C GLU D 274 70.39 -26.82 11.58
N GLY D 275 71.18 -26.00 10.91
CA GLY D 275 70.92 -25.65 9.53
C GLY D 275 70.12 -24.38 9.31
N TYR D 276 69.87 -23.61 10.36
CA TYR D 276 69.23 -22.30 10.18
C TYR D 276 70.19 -21.37 9.46
N LYS D 277 69.69 -20.73 8.40
CA LYS D 277 70.51 -19.85 7.56
C LYS D 277 70.51 -18.40 8.02
N ALA D 278 69.51 -17.98 8.79
CA ALA D 278 69.47 -16.61 9.27
C ALA D 278 68.70 -16.56 10.57
N ALA D 279 69.07 -15.62 11.43
CA ALA D 279 68.43 -15.43 12.73
C ALA D 279 68.13 -13.95 12.95
N PHE D 280 66.93 -13.68 13.46
CA PHE D 280 66.52 -12.35 13.88
C PHE D 280 66.30 -12.35 15.39
N ILE D 281 66.95 -11.44 16.08
CA ILE D 281 66.88 -11.34 17.54
C ILE D 281 65.84 -10.29 17.88
N GLY D 282 64.69 -10.72 18.42
CA GLY D 282 63.63 -9.80 18.78
C GLY D 282 63.13 -9.99 20.19
N ILE D 283 64.06 -10.16 21.15
CA ILE D 283 63.69 -10.58 22.50
C ILE D 283 63.41 -9.40 23.43
N GLY D 284 63.51 -8.16 22.95
CA GLY D 284 63.27 -6.99 23.79
C GLY D 284 64.25 -6.86 24.93
N LEU D 285 63.80 -6.20 26.01
CA LEU D 285 64.61 -5.94 27.20
C LEU D 285 63.97 -6.67 28.37
N PRO D 286 64.39 -7.91 28.65
CA PRO D 286 63.60 -8.77 29.54
C PRO D 286 63.72 -8.47 31.04
N GLU D 287 64.64 -7.64 31.48
CA GLU D 287 64.81 -7.48 32.92
C GLU D 287 64.41 -6.09 33.38
N PRO D 288 63.88 -5.96 34.60
CA PRO D 288 63.58 -4.63 35.13
C PRO D 288 64.85 -3.91 35.55
N LYS D 289 64.87 -2.60 35.35
CA LYS D 289 65.92 -1.79 35.94
C LYS D 289 65.68 -1.67 37.43
N THR D 290 66.68 -2.02 38.24
CA THR D 290 66.50 -2.12 39.67
C THR D 290 67.34 -1.09 40.40
N ASP D 291 66.99 -0.89 41.67
CA ASP D 291 67.69 0.00 42.58
C ASP D 291 68.12 -0.80 43.80
N ASP D 292 69.35 -0.59 44.25
CA ASP D 292 69.90 -1.39 45.34
C ASP D 292 69.03 -1.32 46.60
N ILE D 293 68.40 -0.18 46.86
CA ILE D 293 67.63 0.01 48.09
C ILE D 293 66.43 -0.91 48.20
N PHE D 294 66.07 -1.61 47.13
CA PHE D 294 64.92 -2.50 47.13
C PHE D 294 65.28 -3.97 47.23
N GLN D 295 66.56 -4.33 47.11
CA GLN D 295 66.92 -5.74 47.04
C GLN D 295 66.48 -6.46 48.31
N GLY D 296 65.91 -7.64 48.14
CA GLY D 296 65.35 -8.43 49.22
C GLY D 296 63.85 -8.28 49.39
N LEU D 297 63.31 -7.12 49.03
CA LEU D 297 61.88 -6.89 49.21
C LEU D 297 61.07 -7.80 48.31
N THR D 298 59.99 -8.36 48.85
CA THR D 298 59.14 -9.30 48.13
C THR D 298 57.75 -8.71 47.95
N GLN D 299 56.93 -9.41 47.17
CA GLN D 299 55.61 -8.90 46.83
C GLN D 299 54.67 -8.90 48.03
N ASP D 300 54.82 -9.86 48.95
CA ASP D 300 53.94 -9.89 50.11
C ASP D 300 54.27 -8.78 51.10
N GLN D 301 55.52 -8.32 51.13
CA GLN D 301 55.83 -7.08 51.83
C GLN D 301 55.32 -5.85 51.09
N GLY D 302 54.88 -6.01 49.85
CA GLY D 302 54.30 -4.92 49.10
C GLY D 302 55.17 -4.31 48.03
N PHE D 303 56.28 -4.94 47.64
CA PHE D 303 57.14 -4.41 46.60
C PHE D 303 56.97 -5.19 45.31
N TYR D 304 56.85 -4.46 44.20
CA TYR D 304 56.86 -5.03 42.86
C TYR D 304 57.76 -4.20 41.96
N THR D 305 58.36 -4.86 40.98
CA THR D 305 58.79 -4.14 39.79
C THR D 305 57.64 -4.14 38.80
N SER D 306 57.73 -3.24 37.81
CA SER D 306 56.72 -3.25 36.76
C SER D 306 56.64 -4.62 36.09
N LYS D 307 57.77 -5.31 35.99
CA LYS D 307 57.81 -6.62 35.36
C LYS D 307 57.14 -7.69 36.22
N ASP D 308 57.00 -7.44 37.53
CA ASP D 308 56.18 -8.29 38.38
C ASP D 308 54.72 -7.91 38.29
N PHE D 309 54.43 -6.60 38.31
CA PHE D 309 53.07 -6.14 38.52
C PHE D 309 52.26 -6.17 37.22
N LEU D 310 52.81 -5.63 36.14
CA LEU D 310 51.94 -5.50 34.98
C LEU D 310 51.53 -6.85 34.39
N PRO D 311 52.43 -7.84 34.30
CA PRO D 311 51.97 -9.18 33.85
C PRO D 311 50.92 -9.81 34.75
N LEU D 312 50.92 -9.54 36.05
CA LEU D 312 49.89 -10.12 36.91
C LEU D 312 48.53 -9.55 36.56
N VAL D 313 48.46 -8.24 36.34
CA VAL D 313 47.18 -7.63 35.97
C VAL D 313 46.74 -8.08 34.59
N ALA D 314 47.70 -8.26 33.66
CA ALA D 314 47.36 -8.66 32.31
C ALA D 314 46.83 -10.10 32.25
N LYS D 315 47.53 -11.03 32.90
CA LYS D 315 47.02 -12.40 32.95
C LYS D 315 45.63 -12.45 33.57
N SER D 316 45.35 -11.55 34.51
CA SER D 316 44.06 -11.53 35.18
C SER D 316 42.96 -10.86 34.36
N SER D 317 43.32 -10.00 33.40
CA SER D 317 42.33 -9.20 32.71
C SER D 317 42.22 -9.51 31.22
N LYS D 318 43.10 -10.32 30.66
CA LYS D 318 43.10 -10.62 29.23
C LYS D 318 42.71 -12.08 29.04
N ALA D 319 41.42 -12.30 28.79
CA ALA D 319 40.94 -13.64 28.50
C ALA D 319 41.58 -14.17 27.22
N GLY D 320 42.11 -15.39 27.29
CA GLY D 320 42.77 -16.00 26.15
C GLY D 320 44.25 -15.73 26.05
N MET D 321 44.77 -14.83 26.88
CA MET D 321 46.22 -14.60 26.96
C MET D 321 46.95 -15.87 27.36
N CYS D 322 46.55 -16.47 28.47
CA CYS D 322 47.34 -17.44 29.22
C CYS D 322 46.45 -18.64 29.53
N ALA D 323 47.09 -19.79 29.76
CA ALA D 323 46.33 -20.98 30.10
C ALA D 323 45.79 -20.91 31.52
N CYS D 324 46.46 -20.20 32.42
CA CYS D 324 46.06 -20.12 33.82
C CYS D 324 45.29 -18.81 34.06
N HIS D 325 44.09 -18.94 34.60
CA HIS D 325 43.31 -17.80 35.05
C HIS D 325 43.75 -17.38 36.45
N SER D 326 43.54 -16.11 36.78
CA SER D 326 43.90 -15.66 38.11
C SER D 326 43.11 -14.39 38.41
N PRO D 327 42.84 -14.11 39.69
CA PRO D 327 42.22 -12.85 40.05
C PRO D 327 43.25 -11.72 40.06
N LEU D 328 42.75 -10.49 40.15
CA LEU D 328 43.61 -9.32 40.21
C LEU D 328 44.44 -9.33 41.50
N PRO D 329 45.62 -8.71 41.47
CA PRO D 329 46.37 -8.51 42.72
C PRO D 329 45.55 -7.72 43.72
N SER D 330 45.77 -8.02 45.01
CA SER D 330 45.09 -7.31 46.08
C SER D 330 45.94 -6.10 46.45
N ILE D 331 45.68 -5.00 45.77
CA ILE D 331 46.44 -3.77 45.95
C ILE D 331 45.55 -2.84 46.77
N ARG D 332 45.76 -2.83 48.07
CA ARG D 332 44.94 -2.07 49.00
C ARG D 332 45.77 -1.00 49.68
N GLY D 333 45.18 0.19 49.83
CA GLY D 333 45.86 1.27 50.51
C GLY D 333 46.53 2.23 49.55
N ALA D 334 47.62 2.86 50.00
CA ALA D 334 48.30 3.87 49.22
C ALA D 334 49.44 3.23 48.42
N VAL D 335 49.55 3.61 47.15
CA VAL D 335 50.51 3.01 46.22
C VAL D 335 51.47 4.08 45.74
N ILE D 336 52.76 3.76 45.80
CA ILE D 336 53.81 4.61 45.24
C ILE D 336 54.26 3.96 43.94
N VAL D 337 54.23 4.72 42.84
CA VAL D 337 54.80 4.27 41.57
C VAL D 337 56.01 5.14 41.30
N LEU D 338 57.16 4.50 41.06
CA LEU D 338 58.42 5.20 40.85
C LEU D 338 58.74 5.21 39.38
N GLY D 339 58.82 6.40 38.79
CA GLY D 339 59.17 6.52 37.40
C GLY D 339 58.30 7.51 36.67
N ALA D 340 58.64 7.81 35.41
CA ALA D 340 57.96 8.86 34.67
C ALA D 340 57.83 8.52 33.19
N GLY D 341 57.95 7.24 32.81
CA GLY D 341 57.72 6.81 31.45
C GLY D 341 56.39 6.11 31.31
N ASP D 342 56.16 5.56 30.12
CA ASP D 342 54.92 4.82 29.86
C ASP D 342 54.68 3.76 30.92
N THR D 343 55.74 3.07 31.31
CA THR D 343 55.59 1.99 32.28
C THR D 343 55.01 2.50 33.59
N ALA D 344 55.52 3.63 34.10
CA ALA D 344 55.01 4.16 35.37
C ALA D 344 53.54 4.53 35.28
N PHE D 345 53.11 5.15 34.17
CA PHE D 345 51.73 5.59 34.11
C PHE D 345 50.76 4.42 33.94
N ASP D 346 51.15 3.38 33.17
CA ASP D 346 50.33 2.17 33.13
C ASP D 346 50.31 1.45 34.47
N CYS D 347 51.40 1.52 35.25
CA CYS D 347 51.37 0.95 36.59
C CYS D 347 50.39 1.71 37.49
N ALA D 348 50.39 3.04 37.39
CA ALA D 348 49.50 3.86 38.22
C ALA D 348 48.03 3.56 37.95
N THR D 349 47.64 3.57 36.66
CA THR D 349 46.23 3.35 36.35
C THR D 349 45.82 1.90 36.60
N SER D 350 46.75 0.96 36.39
CA SER D 350 46.43 -0.44 36.64
C SER D 350 46.24 -0.71 38.12
N ALA D 351 46.99 -0.02 38.98
CA ALA D 351 46.82 -0.20 40.42
C ALA D 351 45.42 0.20 40.85
N LEU D 352 44.84 1.23 40.21
CA LEU D 352 43.47 1.62 40.53
C LEU D 352 42.49 0.50 40.21
N ARG D 353 42.74 -0.25 39.13
CA ARG D 353 41.86 -1.37 38.80
C ARG D 353 41.94 -2.49 39.82
N CYS D 354 43.02 -2.51 40.61
CA CYS D 354 43.23 -3.53 41.63
C CYS D 354 42.68 -3.13 43.00
N GLY D 355 42.16 -1.90 43.13
CA GLY D 355 41.54 -1.45 44.36
C GLY D 355 42.31 -0.42 45.15
N ALA D 356 43.37 0.16 44.59
CA ALA D 356 44.18 1.13 45.33
C ALA D 356 43.33 2.30 45.79
N ARG D 357 43.53 2.70 47.05
CA ARG D 357 42.84 3.88 47.55
C ARG D 357 43.46 5.16 46.98
N ARG D 358 44.78 5.20 46.86
CA ARG D 358 45.48 6.40 46.42
C ARG D 358 46.76 5.98 45.69
N VAL D 359 47.07 6.67 44.59
CA VAL D 359 48.26 6.37 43.80
C VAL D 359 49.11 7.61 43.69
N PHE D 360 50.38 7.49 44.09
CA PHE D 360 51.35 8.56 43.97
C PHE D 360 52.34 8.19 42.87
N LEU D 361 52.43 9.02 41.84
CA LEU D 361 53.53 8.92 40.90
C LEU D 361 54.65 9.84 41.36
N VAL D 362 55.80 9.25 41.68
CA VAL D 362 56.96 9.97 42.20
C VAL D 362 58.07 9.82 41.19
N PHE D 363 58.56 10.95 40.67
CA PHE D 363 59.68 10.91 39.74
C PHE D 363 60.83 11.74 40.27
N ARG D 364 61.99 11.44 39.72
CA ARG D 364 63.26 11.96 40.21
C ARG D 364 63.56 13.36 39.70
N LYS D 365 62.92 13.78 38.60
CA LYS D 365 63.09 15.14 38.10
C LYS D 365 61.77 15.90 38.17
N GLY D 366 61.57 16.86 37.26
CA GLY D 366 60.39 17.70 37.29
C GLY D 366 59.31 17.27 36.31
N PHE D 367 58.17 17.96 36.40
CA PHE D 367 57.11 17.76 35.41
C PHE D 367 57.60 17.95 33.98
N VAL D 368 58.45 18.95 33.76
CA VAL D 368 58.92 19.24 32.41
C VAL D 368 59.75 18.08 31.85
N ASN D 369 60.20 17.17 32.72
CA ASN D 369 61.08 16.08 32.30
C ASN D 369 60.35 14.75 32.11
N ILE D 370 59.01 14.74 32.20
CA ILE D 370 58.27 13.49 32.05
C ILE D 370 58.47 12.94 30.65
N ARG D 371 58.75 11.64 30.56
CA ARG D 371 59.05 10.99 29.28
C ARG D 371 57.80 10.56 28.51
N ALA D 372 56.76 10.10 29.20
CA ALA D 372 55.54 9.70 28.52
C ALA D 372 54.91 10.88 27.80
N VAL D 373 54.28 10.60 26.66
CA VAL D 373 53.60 11.65 25.90
C VAL D 373 52.44 12.19 26.71
N PRO D 374 52.01 13.43 26.46
CA PRO D 374 50.88 14.00 27.24
C PRO D 374 49.62 13.16 27.21
N GLU D 375 49.33 12.48 26.10
CA GLU D 375 48.14 11.63 26.03
C GLU D 375 48.14 10.59 27.13
N GLU D 376 49.31 9.98 27.38
CA GLU D 376 49.45 8.97 28.41
C GLU D 376 49.35 9.58 29.80
N VAL D 377 50.04 10.71 30.02
CA VAL D 377 49.93 11.43 31.29
C VAL D 377 48.47 11.74 31.60
N GLU D 378 47.74 12.20 30.59
CA GLU D 378 46.38 12.66 30.82
C GLU D 378 45.50 11.56 31.40
N LEU D 379 45.73 10.31 31.01
CA LEU D 379 44.91 9.21 31.52
C LEU D 379 45.05 9.08 33.03
N ALA D 380 46.27 9.17 33.55
CA ALA D 380 46.46 9.08 34.99
C ALA D 380 45.97 10.35 35.70
N LYS D 381 46.15 11.50 35.06
CA LYS D 381 45.68 12.75 35.63
C LYS D 381 44.17 12.75 35.83
N GLU D 382 43.42 12.32 34.81
CA GLU D 382 41.97 12.34 34.94
C GLU D 382 41.46 11.28 35.91
N GLU D 383 42.28 10.29 36.22
CA GLU D 383 41.92 9.29 37.22
C GLU D 383 42.41 9.66 38.62
N LYS D 384 42.90 10.89 38.80
CA LYS D 384 43.19 11.49 40.10
C LYS D 384 44.44 10.92 40.76
N CYS D 385 45.38 10.37 39.98
CA CYS D 385 46.69 10.09 40.55
C CYS D 385 47.39 11.38 40.95
N GLU D 386 48.15 11.31 42.03
CA GLU D 386 48.94 12.44 42.49
C GLU D 386 50.35 12.36 41.94
N PHE D 387 50.95 13.52 41.70
CA PHE D 387 52.26 13.62 41.09
C PHE D 387 53.22 14.32 42.05
N LEU D 388 54.35 13.70 42.32
CA LEU D 388 55.35 14.25 43.23
C LEU D 388 56.68 14.39 42.52
N PRO D 389 57.08 15.60 42.14
CA PRO D 389 58.35 15.80 41.43
C PRO D 389 59.54 15.93 42.36
N PHE D 390 60.73 15.75 41.76
CA PHE D 390 62.00 16.10 42.40
C PHE D 390 62.25 15.28 43.66
N LEU D 391 61.93 13.99 43.62
CA LEU D 391 62.09 13.11 44.77
C LEU D 391 62.80 11.85 44.34
N SER D 392 63.85 11.48 45.08
CA SER D 392 64.62 10.27 44.84
C SER D 392 64.52 9.38 46.07
N PRO D 393 64.24 8.08 45.89
CA PRO D 393 64.09 7.22 47.07
C PRO D 393 65.44 6.92 47.70
N ARG D 394 65.49 6.96 49.03
CA ARG D 394 66.67 6.52 49.77
C ARG D 394 66.49 5.25 50.55
N LYS D 395 65.29 4.97 51.05
CA LYS D 395 65.15 3.79 51.89
C LYS D 395 63.68 3.47 52.09
N VAL D 396 63.42 2.18 52.27
CA VAL D 396 62.08 1.66 52.46
C VAL D 396 61.92 1.35 53.94
N ILE D 397 60.77 1.71 54.50
CA ILE D 397 60.49 1.49 55.91
C ILE D 397 59.59 0.28 56.01
N VAL D 398 60.14 -0.82 56.54
CA VAL D 398 59.46 -2.11 56.64
C VAL D 398 59.27 -2.42 58.13
N LYS D 399 58.02 -2.56 58.55
CA LYS D 399 57.68 -2.90 59.92
C LYS D 399 56.62 -3.98 59.95
N GLY D 400 56.81 -4.99 60.79
CA GLY D 400 55.93 -6.12 60.78
C GLY D 400 55.99 -6.93 59.52
N GLY D 401 57.13 -6.89 58.83
CA GLY D 401 57.28 -7.64 57.59
C GLY D 401 56.57 -7.07 56.40
N ARG D 402 56.29 -5.77 56.39
CA ARG D 402 55.68 -5.17 55.21
C ARG D 402 56.02 -3.68 55.16
N ILE D 403 56.00 -3.14 53.93
CA ILE D 403 56.29 -1.73 53.74
C ILE D 403 55.25 -0.88 54.43
N VAL D 404 55.70 0.19 55.10
CA VAL D 404 54.78 1.18 55.65
C VAL D 404 55.07 2.59 55.16
N ALA D 405 56.25 2.86 54.61
CA ALA D 405 56.60 4.18 54.13
C ALA D 405 57.87 4.06 53.30
N VAL D 406 58.11 5.07 52.47
CA VAL D 406 59.36 5.23 51.75
C VAL D 406 59.91 6.60 52.08
N GLN D 407 61.23 6.67 52.27
CA GLN D 407 61.93 7.93 52.52
C GLN D 407 62.60 8.40 51.24
N PHE D 408 62.30 9.63 50.83
CA PHE D 408 62.90 10.26 49.67
C PHE D 408 63.74 11.44 50.11
N VAL D 409 64.64 11.86 49.22
CA VAL D 409 65.35 13.12 49.37
C VAL D 409 65.08 13.99 48.15
N ARG D 410 65.04 15.30 48.38
CA ARG D 410 64.84 16.24 47.27
C ARG D 410 65.99 16.17 46.28
N THR D 411 65.66 16.35 45.01
CA THR D 411 66.65 16.50 43.96
C THR D 411 66.57 17.92 43.39
N GLU D 412 67.65 18.35 42.75
CA GLU D 412 67.70 19.66 42.11
C GLU D 412 68.81 19.67 41.08
N GLN D 413 68.72 20.62 40.16
CA GLN D 413 69.65 20.75 39.05
C GLN D 413 70.53 21.98 39.29
N ASP D 414 71.84 21.78 39.31
CA ASP D 414 72.76 22.86 39.64
C ASP D 414 72.77 23.92 38.52
N GLU D 415 73.60 24.94 38.71
CA GLU D 415 73.54 26.11 37.84
C GLU D 415 73.90 25.77 36.39
N THR D 416 74.81 24.83 36.18
CA THR D 416 75.10 24.36 34.83
C THR D 416 73.92 23.53 34.34
N GLY D 417 73.70 22.36 34.95
CA GLY D 417 72.57 21.54 34.61
C GLY D 417 72.66 20.09 35.09
N LYS D 418 73.43 19.85 36.16
CA LYS D 418 73.57 18.51 36.69
C LYS D 418 72.70 18.33 37.94
N TRP D 419 72.26 17.10 38.16
CA TRP D 419 71.26 16.79 39.19
C TRP D 419 71.94 16.38 40.48
N ASN D 420 71.79 17.21 41.52
CA ASN D 420 72.30 16.92 42.84
C ASN D 420 71.22 16.20 43.67
N GLU D 421 71.53 15.93 44.92
CA GLU D 421 70.56 15.39 45.86
C GLU D 421 70.77 16.06 47.21
N ASP D 422 69.69 16.62 47.76
CA ASP D 422 69.74 17.39 49.01
C ASP D 422 69.50 16.43 50.15
N GLU D 423 70.59 15.95 50.77
CA GLU D 423 70.49 14.86 51.74
C GLU D 423 69.72 15.25 52.99
N ASP D 424 69.66 16.55 53.32
CA ASP D 424 68.97 17.03 54.51
C ASP D 424 67.52 17.45 54.25
N GLN D 425 67.03 17.27 53.02
CA GLN D 425 65.66 17.63 52.66
C GLN D 425 64.93 16.35 52.27
N ILE D 426 64.13 15.82 53.20
CA ILE D 426 63.57 14.48 53.09
C ILE D 426 62.04 14.52 53.11
N VAL D 427 61.44 13.46 52.56
CA VAL D 427 60.00 13.24 52.59
C VAL D 427 59.73 11.83 53.09
N HIS D 428 58.90 11.72 54.14
CA HIS D 428 58.48 10.44 54.70
C HIS D 428 57.05 10.18 54.20
N LEU D 429 56.93 9.41 53.13
CA LEU D 429 55.66 9.21 52.44
C LEU D 429 55.08 7.84 52.80
N LYS D 430 53.96 7.86 53.51
CA LYS D 430 53.27 6.62 53.88
C LYS D 430 52.86 5.86 52.62
N ALA D 431 53.03 4.54 52.65
CA ALA D 431 52.61 3.71 51.53
C ALA D 431 52.44 2.28 52.00
N ASP D 432 51.57 1.55 51.32
CA ASP D 432 51.41 0.12 51.52
C ASP D 432 52.02 -0.72 50.40
N VAL D 433 52.11 -0.17 49.19
CA VAL D 433 52.62 -0.87 48.01
C VAL D 433 53.59 0.06 47.30
N VAL D 434 54.68 -0.52 46.79
CA VAL D 434 55.65 0.23 46.01
C VAL D 434 55.89 -0.52 44.71
N ILE D 435 55.78 0.18 43.58
CA ILE D 435 56.01 -0.40 42.26
C ILE D 435 57.09 0.43 41.60
N SER D 436 58.26 -0.17 41.41
CA SER D 436 59.32 0.53 40.69
C SER D 436 59.10 0.36 39.21
N ALA D 437 59.17 1.47 38.47
CA ALA D 437 58.91 1.48 37.04
C ALA D 437 59.96 2.33 36.33
N PHE D 438 61.23 1.99 36.55
CA PHE D 438 62.38 2.73 36.06
C PHE D 438 62.70 2.44 34.61
N GLY D 439 62.14 1.40 34.04
CA GLY D 439 62.46 0.94 32.71
C GLY D 439 62.97 -0.49 32.73
N SER D 440 63.60 -0.87 31.62
CA SER D 440 64.01 -2.24 31.40
C SER D 440 65.39 -2.27 30.76
N VAL D 441 66.07 -3.41 30.96
CA VAL D 441 67.43 -3.63 30.47
C VAL D 441 67.56 -5.08 30.03
N LEU D 442 68.70 -5.40 29.43
CA LEU D 442 69.14 -6.76 29.19
C LEU D 442 70.31 -7.06 30.13
N ARG D 443 70.13 -8.05 30.99
CA ARG D 443 71.11 -8.30 32.03
C ARG D 443 71.56 -9.76 32.09
N ASP D 444 70.65 -10.71 31.85
CA ASP D 444 70.90 -12.15 31.96
C ASP D 444 72.18 -12.55 31.23
N PRO D 445 73.24 -12.95 31.93
CA PRO D 445 74.46 -13.39 31.22
C PRO D 445 74.26 -14.66 30.41
N LYS D 446 73.28 -15.50 30.76
CA LYS D 446 73.02 -16.70 29.97
C LYS D 446 72.46 -16.35 28.60
N VAL D 447 71.65 -15.28 28.54
CA VAL D 447 71.15 -14.82 27.25
C VAL D 447 72.28 -14.19 26.45
N LYS D 448 73.07 -13.35 27.10
CA LYS D 448 74.13 -12.64 26.39
C LYS D 448 75.18 -13.61 25.89
N GLU D 449 75.34 -14.74 26.58
CA GLU D 449 76.31 -15.74 26.16
C GLU D 449 75.79 -16.57 25.01
N ALA D 450 74.47 -16.77 24.92
CA ALA D 450 73.88 -17.43 23.76
C ALA D 450 74.03 -16.62 22.48
N LEU D 451 74.24 -15.31 22.59
CA LEU D 451 74.46 -14.44 21.43
C LEU D 451 75.94 -14.36 21.03
N SER D 452 76.81 -15.14 21.66
CA SER D 452 78.20 -15.18 21.22
C SER D 452 78.26 -15.62 19.76
N PRO D 453 79.11 -14.99 18.93
CA PRO D 453 80.05 -13.92 19.29
C PRO D 453 79.73 -12.54 18.72
N ILE D 454 78.46 -12.11 18.71
CA ILE D 454 78.15 -10.81 18.16
C ILE D 454 78.67 -9.71 19.09
N LYS D 455 79.07 -8.59 18.49
CA LYS D 455 79.57 -7.46 19.26
C LYS D 455 78.43 -6.73 19.98
N PHE D 456 78.73 -6.27 21.19
CA PHE D 456 77.85 -5.44 22.00
C PHE D 456 78.46 -4.05 22.15
N ASN D 457 77.63 -3.06 22.48
CA ASN D 457 78.08 -1.67 22.54
C ASN D 457 78.21 -1.20 23.99
N ARG D 458 78.51 0.09 24.15
CA ARG D 458 78.58 0.72 25.46
C ARG D 458 77.36 0.39 26.31
N TRP D 459 76.17 0.52 25.73
CA TRP D 459 74.89 0.27 26.38
C TRP D 459 74.65 -1.19 26.71
N ASP D 460 75.62 -2.05 26.43
CA ASP D 460 75.54 -3.47 26.76
C ASP D 460 74.42 -4.15 25.97
N LEU D 461 74.21 -3.67 24.74
CA LEU D 461 73.19 -4.11 23.82
C LEU D 461 73.84 -4.52 22.50
N PRO D 462 73.22 -5.42 21.75
CA PRO D 462 73.84 -5.85 20.48
C PRO D 462 73.96 -4.71 19.48
N GLU D 463 75.11 -4.64 18.82
CA GLU D 463 75.40 -3.61 17.84
C GLU D 463 74.83 -4.00 16.48
N VAL D 464 74.10 -3.08 15.85
CA VAL D 464 73.61 -3.34 14.50
C VAL D 464 73.99 -2.17 13.59
N ASP D 465 74.10 -2.48 12.31
CA ASP D 465 74.07 -1.45 11.28
C ASP D 465 72.64 -0.87 11.26
N PRO D 466 72.45 0.43 11.49
CA PRO D 466 71.08 0.96 11.61
C PRO D 466 70.30 0.97 10.31
N GLU D 467 70.96 0.84 9.17
CA GLU D 467 70.26 0.75 7.89
C GLU D 467 69.83 -0.67 7.56
N THR D 468 70.63 -1.67 7.94
CA THR D 468 70.33 -3.04 7.56
C THR D 468 69.84 -3.91 8.71
N MET D 469 70.07 -3.51 9.96
CA MET D 469 69.71 -4.26 11.17
C MET D 469 70.61 -5.48 11.34
N GLN D 470 71.71 -5.56 10.60
CA GLN D 470 72.63 -6.69 10.70
C GLN D 470 73.58 -6.50 11.87
N THR D 471 73.80 -7.58 12.63
CA THR D 471 74.78 -7.57 13.71
C THR D 471 76.17 -7.74 13.11
N SER D 472 77.19 -7.88 13.96
CA SER D 472 78.53 -8.16 13.47
C SER D 472 78.63 -9.53 12.79
N GLU D 473 77.70 -10.44 13.08
CA GLU D 473 77.64 -11.71 12.38
C GLU D 473 76.72 -11.53 11.17
N PRO D 474 77.17 -11.84 9.96
CA PRO D 474 76.36 -11.48 8.78
C PRO D 474 75.00 -12.17 8.73
N TRP D 475 74.85 -13.34 9.34
CA TRP D 475 73.59 -14.06 9.29
C TRP D 475 72.66 -13.76 10.46
N VAL D 476 73.03 -12.85 11.35
CA VAL D 476 72.25 -12.54 12.54
C VAL D 476 71.84 -11.07 12.50
N PHE D 477 70.54 -10.82 12.59
CA PHE D 477 69.96 -9.49 12.60
C PHE D 477 69.25 -9.26 13.93
N ALA D 478 69.00 -8.01 14.27
CA ALA D 478 68.28 -7.71 15.50
C ALA D 478 67.44 -6.44 15.32
N GLY D 479 66.41 -6.30 16.15
CA GLY D 479 65.54 -5.14 16.06
C GLY D 479 64.58 -5.07 17.23
N GLY D 480 63.96 -3.91 17.37
CA GLY D 480 63.01 -3.70 18.45
C GLY D 480 63.72 -3.17 19.68
N ASP D 481 63.14 -3.43 20.86
CA ASP D 481 63.67 -2.84 22.07
C ASP D 481 65.11 -3.25 22.35
N ILE D 482 65.50 -4.47 21.94
CA ILE D 482 66.83 -4.99 22.23
C ILE D 482 67.92 -4.11 21.63
N VAL D 483 67.64 -3.46 20.50
CA VAL D 483 68.64 -2.60 19.87
C VAL D 483 68.79 -1.27 20.61
N GLY D 484 67.81 -0.88 21.41
CA GLY D 484 67.89 0.32 22.23
C GLY D 484 67.65 1.61 21.49
N MET D 485 67.27 1.54 20.23
CA MET D 485 66.95 2.72 19.43
C MET D 485 65.45 3.03 19.50
N ALA D 486 64.63 2.02 19.24
CA ALA D 486 63.19 2.16 19.21
C ALA D 486 62.61 2.17 20.62
N ASN D 487 61.57 2.99 20.82
CA ASN D 487 60.91 3.16 22.09
C ASN D 487 59.43 2.82 22.01
N THR D 488 58.95 2.33 20.87
CA THR D 488 57.54 2.25 20.56
C THR D 488 57.26 0.97 19.80
N THR D 489 55.99 0.58 19.83
CA THR D 489 55.52 -0.55 19.03
C THR D 489 55.79 -0.34 17.54
N VAL D 490 55.50 0.86 17.03
CA VAL D 490 55.62 1.07 15.59
C VAL D 490 57.09 1.10 15.16
N GLU D 491 57.97 1.63 15.98
CA GLU D 491 59.40 1.59 15.63
C GLU D 491 59.95 0.17 15.70
N SER D 492 59.44 -0.67 16.61
CA SER D 492 59.87 -2.07 16.64
C SER D 492 59.37 -2.81 15.42
N VAL D 493 58.11 -2.57 15.04
CA VAL D 493 57.58 -3.10 13.78
C VAL D 493 58.45 -2.67 12.61
N ASN D 494 58.86 -1.40 12.58
CA ASN D 494 59.68 -0.93 11.47
C ASN D 494 61.04 -1.61 11.46
N ASP D 495 61.62 -1.85 12.63
CA ASP D 495 62.90 -2.57 12.70
C ASP D 495 62.79 -3.93 12.03
N GLY D 496 61.69 -4.66 12.29
CA GLY D 496 61.52 -5.97 11.68
C GLY D 496 61.32 -5.88 10.18
N LYS D 497 60.62 -4.84 9.75
CA LYS D 497 60.39 -4.60 8.33
C LYS D 497 61.72 -4.29 7.63
N GLN D 498 62.52 -3.40 8.21
CA GLN D 498 63.83 -3.06 7.67
C GLN D 498 64.73 -4.29 7.60
N ALA D 499 64.77 -5.08 8.67
CA ALA D 499 65.60 -6.28 8.70
C ALA D 499 65.17 -7.30 7.64
N SER D 500 63.87 -7.38 7.37
CA SER D 500 63.37 -8.42 6.48
C SER D 500 63.97 -8.31 5.09
N TRP D 501 64.12 -7.09 4.57
CA TRP D 501 64.71 -6.95 3.25
C TRP D 501 66.17 -7.40 3.25
N TYR D 502 66.92 -7.03 4.27
CA TYR D 502 68.34 -7.34 4.27
C TYR D 502 68.64 -8.79 4.66
N ILE D 503 67.73 -9.42 5.41
CA ILE D 503 67.79 -10.87 5.60
C ILE D 503 67.56 -11.58 4.27
N HIS D 504 66.60 -11.08 3.49
CA HIS D 504 66.30 -11.60 2.17
C HIS D 504 67.50 -11.47 1.23
N LYS D 505 68.16 -10.31 1.23
CA LYS D 505 69.32 -10.17 0.36
C LYS D 505 70.44 -11.11 0.81
N TYR D 506 70.66 -11.21 2.12
CA TYR D 506 71.69 -12.12 2.63
C TYR D 506 71.42 -13.56 2.23
N ILE D 507 70.18 -14.03 2.41
CA ILE D 507 69.87 -15.44 2.14
C ILE D 507 70.03 -15.74 0.66
N GLN D 508 69.45 -14.89 -0.21
CA GLN D 508 69.58 -15.12 -1.64
C GLN D 508 71.04 -15.18 -2.07
N ALA D 509 71.88 -14.31 -1.53
CA ALA D 509 73.30 -14.31 -1.90
C ALA D 509 73.96 -15.62 -1.49
N GLN D 510 73.58 -16.16 -0.32
CA GLN D 510 74.12 -17.45 0.11
C GLN D 510 73.78 -18.56 -0.88
N TYR D 511 72.65 -18.43 -1.59
CA TYR D 511 72.25 -19.38 -2.60
C TYR D 511 72.65 -18.94 -4.00
N GLY D 512 73.50 -17.92 -4.12
CA GLY D 512 73.98 -17.50 -5.42
C GLY D 512 73.02 -16.67 -6.25
N ALA D 513 72.05 -16.00 -5.62
CA ALA D 513 71.12 -15.13 -6.33
C ALA D 513 71.30 -13.70 -5.86
N SER D 514 71.00 -12.75 -6.74
CA SER D 514 71.01 -11.34 -6.37
C SER D 514 69.59 -10.86 -6.16
N VAL D 515 69.46 -9.66 -5.58
CA VAL D 515 68.17 -9.01 -5.42
C VAL D 515 68.31 -7.59 -5.95
N SER D 516 67.16 -6.98 -6.25
CA SER D 516 67.17 -5.64 -6.81
C SER D 516 67.82 -4.68 -5.84
N ALA D 517 68.59 -3.73 -6.38
CA ALA D 517 69.20 -2.71 -5.53
C ALA D 517 68.18 -1.73 -4.98
N LYS D 518 66.93 -1.78 -5.44
CA LYS D 518 65.86 -0.99 -4.86
C LYS D 518 64.97 -1.91 -4.03
N PRO D 519 64.94 -1.77 -2.71
CA PRO D 519 64.12 -2.67 -1.88
C PRO D 519 62.65 -2.67 -2.30
N GLU D 520 62.08 -3.88 -2.36
CA GLU D 520 60.74 -4.15 -2.92
C GLU D 520 59.93 -4.98 -1.93
N LEU D 521 59.45 -4.36 -0.82
CA LEU D 521 58.67 -5.31 0.00
C LEU D 521 57.24 -5.41 -0.54
N PRO D 522 56.67 -6.61 -0.55
CA PRO D 522 55.31 -6.77 -1.10
C PRO D 522 54.26 -6.17 -0.19
N LEU D 523 53.11 -5.84 -0.79
CA LEU D 523 51.95 -5.34 -0.07
C LEU D 523 51.22 -6.50 0.62
N PHE D 524 50.15 -6.15 1.32
CA PHE D 524 49.29 -7.08 2.06
C PHE D 524 48.11 -7.44 1.17
N TYR D 525 47.79 -8.75 1.07
CA TYR D 525 46.75 -9.24 0.17
C TYR D 525 45.75 -10.13 0.90
N THR D 526 44.50 -10.13 0.43
CA THR D 526 43.43 -11.01 0.89
C THR D 526 42.73 -11.55 -0.34
N PRO D 527 41.78 -12.49 -0.18
CA PRO D 527 41.01 -12.94 -1.36
C PRO D 527 40.21 -11.83 -2.02
N VAL D 528 39.92 -10.73 -1.32
CA VAL D 528 39.20 -9.62 -1.95
C VAL D 528 39.94 -9.14 -3.19
N ASP D 529 41.27 -9.12 -3.14
CA ASP D 529 42.05 -8.56 -4.24
C ASP D 529 41.99 -9.40 -5.51
N LEU D 530 41.47 -10.61 -5.45
CA LEU D 530 41.33 -11.45 -6.62
C LEU D 530 39.98 -11.29 -7.31
N VAL D 531 39.08 -10.47 -6.77
CA VAL D 531 37.75 -10.32 -7.37
C VAL D 531 37.88 -9.59 -8.70
N ASP D 532 37.13 -10.07 -9.71
CA ASP D 532 37.17 -9.53 -11.07
C ASP D 532 36.18 -8.37 -11.20
N ILE D 533 36.67 -7.18 -11.52
CA ILE D 533 35.79 -6.03 -11.70
C ILE D 533 35.81 -5.52 -13.14
N SER D 534 36.08 -6.41 -14.09
CA SER D 534 35.98 -6.03 -15.50
C SER D 534 34.52 -6.07 -15.96
N VAL D 535 34.24 -5.40 -17.06
CA VAL D 535 32.90 -5.32 -17.61
C VAL D 535 33.00 -5.13 -19.12
N GLU D 536 32.03 -5.70 -19.84
CA GLU D 536 31.93 -5.51 -21.28
C GLU D 536 30.72 -4.63 -21.57
N MET D 537 30.90 -3.68 -22.47
CA MET D 537 29.81 -2.76 -22.84
C MET D 537 29.99 -2.36 -24.30
N ALA D 538 28.90 -2.46 -25.08
CA ALA D 538 28.91 -2.04 -26.48
C ALA D 538 30.08 -2.67 -27.25
N GLY D 539 30.45 -3.88 -26.87
CA GLY D 539 31.55 -4.58 -27.53
C GLY D 539 32.93 -4.22 -27.05
N LEU D 540 33.05 -3.32 -26.07
CA LEU D 540 34.34 -2.91 -25.53
C LEU D 540 34.58 -3.61 -24.21
N LYS D 541 35.82 -4.00 -23.95
CA LYS D 541 36.18 -4.64 -22.69
C LYS D 541 36.86 -3.62 -21.79
N PHE D 542 36.29 -3.39 -20.61
CA PHE D 542 36.83 -2.45 -19.65
C PHE D 542 37.50 -3.23 -18.51
N ILE D 543 38.78 -2.94 -18.24
CA ILE D 543 39.47 -3.69 -17.20
C ILE D 543 38.90 -3.37 -15.82
N ASN D 544 38.37 -2.17 -15.63
CA ASN D 544 37.53 -1.82 -14.50
C ASN D 544 36.57 -0.75 -14.96
N PRO D 545 35.48 -0.51 -14.23
CA PRO D 545 34.41 0.35 -14.76
C PRO D 545 34.60 1.83 -14.54
N PHE D 546 35.76 2.28 -14.02
CA PHE D 546 35.97 3.67 -13.66
C PHE D 546 36.78 4.40 -14.72
N GLY D 547 36.31 5.58 -15.12
CA GLY D 547 37.01 6.33 -16.16
C GLY D 547 36.92 7.82 -15.90
N LEU D 548 37.82 8.56 -16.55
CA LEU D 548 37.79 10.01 -16.48
C LEU D 548 36.77 10.57 -17.46
N ALA D 549 35.89 11.42 -16.95
CA ALA D 549 34.94 12.12 -17.80
C ALA D 549 35.68 13.09 -18.72
N SER D 550 34.98 13.56 -19.75
CA SER D 550 35.51 14.63 -20.60
C SER D 550 35.44 15.93 -19.82
N ALA D 551 36.58 16.43 -19.33
CA ALA D 551 36.56 17.53 -18.39
C ALA D 551 37.96 17.99 -18.03
N ALA D 552 38.09 18.79 -16.97
CA ALA D 552 39.39 19.37 -16.63
C ALA D 552 40.46 18.32 -16.34
N PRO D 553 40.18 17.20 -15.65
CA PRO D 553 41.22 16.16 -15.50
C PRO D 553 41.69 15.56 -16.82
N THR D 554 41.01 15.79 -17.94
CA THR D 554 41.50 15.34 -19.24
C THR D 554 41.88 16.53 -20.12
N THR D 555 42.35 17.61 -19.49
CA THR D 555 42.78 18.80 -20.22
C THR D 555 43.90 18.47 -21.22
N SER D 556 44.81 17.58 -20.84
CA SER D 556 45.95 17.23 -21.67
C SER D 556 46.07 15.71 -21.73
N SER D 557 46.54 15.22 -22.88
CA SER D 557 46.70 13.78 -23.04
C SER D 557 47.77 13.21 -22.12
N SER D 558 48.73 14.05 -21.70
CA SER D 558 49.73 13.63 -20.71
C SER D 558 49.09 13.31 -19.37
N MET D 559 47.99 14.00 -19.00
CA MET D 559 47.33 13.60 -17.76
C MET D 559 46.55 12.31 -17.93
N ILE D 560 45.99 12.05 -19.11
CA ILE D 560 45.36 10.74 -19.35
C ILE D 560 46.38 9.63 -19.20
N ARG D 561 47.58 9.83 -19.75
CA ARG D 561 48.64 8.83 -19.60
C ARG D 561 48.91 8.54 -18.13
N ARG D 562 49.06 9.58 -17.31
CA ARG D 562 49.29 9.37 -15.89
C ARG D 562 48.11 8.71 -15.21
N ALA D 563 46.88 8.98 -15.68
CA ALA D 563 45.72 8.31 -15.08
C ALA D 563 45.71 6.82 -15.41
N PHE D 564 46.07 6.47 -16.65
CA PHE D 564 46.16 5.05 -17.01
C PHE D 564 47.26 4.37 -16.22
N GLU D 565 48.38 5.05 -16.01
CA GLU D 565 49.43 4.47 -15.15
C GLU D 565 48.95 4.31 -13.71
N ALA D 566 48.04 5.17 -13.25
CA ALA D 566 47.50 5.00 -11.90
C ALA D 566 46.50 3.86 -11.80
N GLY D 567 45.91 3.42 -12.91
CA GLY D 567 44.99 2.29 -12.92
C GLY D 567 43.60 2.58 -13.47
N TRP D 568 43.32 3.78 -13.98
CA TRP D 568 41.98 4.07 -14.49
C TRP D 568 41.67 3.18 -15.69
N GLY D 569 40.43 2.67 -15.71
CA GLY D 569 40.03 1.75 -16.77
C GLY D 569 39.87 2.40 -18.13
N PHE D 570 39.40 3.64 -18.17
CA PHE D 570 39.15 4.31 -19.44
C PHE D 570 39.23 5.81 -19.22
N ALA D 571 39.26 6.55 -20.32
CA ALA D 571 39.28 8.00 -20.22
C ALA D 571 38.62 8.59 -21.45
N LEU D 572 37.97 9.74 -21.24
CA LEU D 572 37.48 10.58 -22.33
C LEU D 572 38.52 11.65 -22.63
N THR D 573 38.68 11.98 -23.90
CA THR D 573 39.38 13.22 -24.20
C THR D 573 38.48 14.39 -23.82
N LYS D 574 39.11 15.50 -23.44
CA LYS D 574 38.39 16.77 -23.41
C LYS D 574 37.74 16.97 -24.79
N THR D 575 36.51 17.47 -24.81
CA THR D 575 35.78 17.59 -26.07
C THR D 575 36.58 18.44 -27.05
N PHE D 576 36.76 17.98 -28.29
CA PHE D 576 37.44 18.81 -29.27
C PHE D 576 36.60 18.96 -30.54
N SER D 577 37.09 19.80 -31.45
CA SER D 577 36.29 20.20 -32.60
C SER D 577 37.22 20.48 -33.78
N LEU D 578 36.59 20.75 -34.93
CA LEU D 578 37.32 21.19 -36.11
C LEU D 578 37.99 22.54 -35.86
N ASP D 579 39.03 22.82 -36.64
CA ASP D 579 39.82 24.04 -36.44
C ASP D 579 38.98 25.29 -36.56
N LYS D 580 38.02 25.32 -37.51
CA LYS D 580 37.18 26.49 -37.68
C LYS D 580 36.34 26.81 -36.44
N ASP D 581 36.18 25.84 -35.54
CA ASP D 581 35.35 26.00 -34.34
C ASP D 581 36.16 26.21 -33.07
N ILE D 582 37.46 26.55 -33.20
CA ILE D 582 38.35 26.61 -32.04
C ILE D 582 37.86 27.70 -31.07
N VAL D 583 38.07 27.45 -29.77
CA VAL D 583 37.57 28.33 -28.72
C VAL D 583 38.75 28.92 -27.93
N THR D 584 38.44 29.95 -27.15
CA THR D 584 39.36 30.55 -26.19
C THR D 584 38.61 30.74 -24.88
N ASN D 585 39.16 30.20 -23.79
CA ASN D 585 38.52 30.26 -22.49
C ASN D 585 38.66 31.65 -21.88
N VAL D 586 37.78 31.92 -20.91
CA VAL D 586 37.92 33.07 -20.04
C VAL D 586 38.47 32.60 -18.70
N SER D 587 38.80 33.55 -17.84
CA SER D 587 39.19 33.29 -16.46
C SER D 587 38.71 34.45 -15.59
N PRO D 588 38.32 34.18 -14.34
CA PRO D 588 38.18 32.86 -13.70
C PRO D 588 37.05 32.03 -14.35
N ARG D 589 37.08 30.69 -14.25
CA ARG D 589 36.04 29.90 -14.90
C ARG D 589 35.62 28.64 -14.16
N ILE D 590 36.26 28.28 -13.05
CA ILE D 590 35.80 27.14 -12.26
C ILE D 590 35.80 27.55 -10.79
N VAL D 591 34.65 27.42 -10.15
CA VAL D 591 34.51 27.89 -8.77
C VAL D 591 33.95 26.76 -7.92
N ARG D 592 34.18 26.87 -6.61
CA ARG D 592 33.63 25.90 -5.68
C ARG D 592 32.13 26.11 -5.50
N GLY D 593 31.44 25.04 -5.14
CA GLY D 593 30.03 25.13 -4.86
C GLY D 593 29.76 25.74 -3.49
N THR D 594 28.63 26.44 -3.42
CA THR D 594 28.05 26.92 -2.17
C THR D 594 26.94 25.98 -1.69
N THR D 595 26.85 24.79 -2.28
CA THR D 595 25.75 23.87 -2.07
C THR D 595 25.75 23.21 -0.69
N SER D 596 26.82 23.33 0.09
CA SER D 596 26.83 22.78 1.45
C SER D 596 27.42 23.76 2.46
N GLY D 597 27.33 25.05 2.18
CA GLY D 597 27.69 26.05 3.16
C GLY D 597 29.15 26.41 3.09
N PRO D 598 29.62 27.22 4.05
CA PRO D 598 31.01 27.74 4.03
C PRO D 598 32.02 26.75 4.58
N MET D 599 32.11 25.60 3.93
CA MET D 599 33.07 24.56 4.25
C MET D 599 34.09 24.53 3.14
N TYR D 600 35.34 24.82 3.47
CA TYR D 600 36.41 24.97 2.49
C TYR D 600 37.37 23.79 2.56
N GLY D 601 38.05 23.52 1.44
CA GLY D 601 39.03 22.47 1.41
C GLY D 601 38.49 21.18 0.83
N PRO D 602 38.77 20.06 1.50
CA PRO D 602 38.45 18.76 0.91
C PRO D 602 36.94 18.58 0.76
N GLY D 603 36.56 17.82 -0.26
CA GLY D 603 35.20 17.36 -0.39
C GLY D 603 34.18 18.43 -0.72
N GLN D 604 34.52 19.36 -1.61
CA GLN D 604 33.51 20.29 -2.10
C GLN D 604 32.34 19.51 -2.68
N SER D 605 31.12 19.94 -2.34
CA SER D 605 29.92 19.21 -2.76
C SER D 605 29.52 19.54 -4.19
N SER D 606 30.15 20.54 -4.81
CA SER D 606 29.91 20.81 -6.21
C SER D 606 30.98 21.78 -6.69
N PHE D 607 31.05 21.94 -8.00
CA PHE D 607 31.73 23.05 -8.63
C PHE D 607 30.78 23.63 -9.67
N LEU D 608 31.04 24.86 -10.08
CA LEU D 608 30.40 25.42 -11.27
C LEU D 608 31.49 25.83 -12.24
N ASN D 609 31.29 25.57 -13.52
CA ASN D 609 32.26 25.99 -14.50
C ASN D 609 31.58 26.73 -15.65
N ILE D 610 32.31 27.69 -16.21
CA ILE D 610 31.94 28.33 -17.47
C ILE D 610 33.05 28.06 -18.47
N GLU D 611 33.61 26.85 -18.42
CA GLU D 611 34.62 26.41 -19.37
C GLU D 611 33.98 25.99 -20.69
N LEU D 612 34.72 26.16 -21.78
CA LEU D 612 34.27 25.72 -23.09
C LEU D 612 34.85 24.33 -23.38
N ILE D 613 34.82 23.91 -24.64
CA ILE D 613 35.44 22.66 -25.05
C ILE D 613 36.94 22.88 -25.08
N SER D 614 37.70 21.90 -25.56
CA SER D 614 39.16 21.98 -25.48
C SER D 614 39.69 23.14 -26.29
N GLU D 615 40.70 23.83 -25.76
CA GLU D 615 41.46 24.81 -26.54
C GLU D 615 42.52 24.14 -27.42
N LYS D 616 42.74 22.84 -27.28
CA LYS D 616 43.74 22.14 -28.07
C LYS D 616 43.09 21.60 -29.35
N THR D 617 43.89 21.53 -30.42
CA THR D 617 43.36 21.27 -31.75
C THR D 617 43.03 19.81 -31.95
N ALA D 618 42.17 19.54 -32.94
CA ALA D 618 41.87 18.16 -33.31
C ALA D 618 43.12 17.39 -33.70
N ALA D 619 44.09 18.07 -34.31
CA ALA D 619 45.36 17.42 -34.63
C ALA D 619 46.07 16.95 -33.36
N TYR D 620 46.11 17.80 -32.33
CA TYR D 620 46.69 17.40 -31.06
C TYR D 620 45.98 16.17 -30.50
N TRP D 621 44.64 16.20 -30.49
CA TRP D 621 43.89 15.13 -29.84
C TRP D 621 43.96 13.83 -30.65
N CYS D 622 43.96 13.94 -31.97
CA CYS D 622 44.00 12.73 -32.78
C CYS D 622 45.37 12.05 -32.66
N GLN D 623 46.46 12.84 -32.70
CA GLN D 623 47.77 12.25 -32.48
C GLN D 623 47.88 11.67 -31.07
N SER D 624 47.34 12.38 -30.09
CA SER D 624 47.38 11.91 -28.71
C SER D 624 46.64 10.59 -28.54
N VAL D 625 45.49 10.45 -29.20
CA VAL D 625 44.74 9.21 -29.07
C VAL D 625 45.53 8.05 -29.63
N THR D 626 46.15 8.26 -30.80
CA THR D 626 47.04 7.25 -31.38
C THR D 626 48.14 6.86 -30.40
N GLU D 627 48.80 7.86 -29.79
CA GLU D 627 49.87 7.58 -28.84
C GLU D 627 49.37 6.80 -27.63
N LEU D 628 48.23 7.23 -27.08
CA LEU D 628 47.66 6.58 -25.90
C LEU D 628 47.27 5.14 -26.19
N LYS D 629 46.67 4.91 -27.35
CA LYS D 629 46.24 3.56 -27.68
C LYS D 629 47.42 2.66 -28.02
N ALA D 630 48.51 3.24 -28.53
CA ALA D 630 49.72 2.46 -28.78
C ALA D 630 50.33 1.97 -27.47
N ASP D 631 50.39 2.82 -26.46
CA ASP D 631 51.05 2.49 -25.20
C ASP D 631 50.12 1.85 -24.18
N PHE D 632 48.81 2.01 -24.33
CA PHE D 632 47.84 1.50 -23.35
C PHE D 632 46.71 0.79 -24.10
N PRO D 633 47.01 -0.35 -24.74
CA PRO D 633 46.01 -1.00 -25.59
C PRO D 633 44.84 -1.59 -24.81
N ASP D 634 45.00 -1.87 -23.52
CA ASP D 634 43.93 -2.43 -22.69
C ASP D 634 43.09 -1.37 -22.00
N ASN D 635 43.51 -0.11 -22.03
CA ASN D 635 42.70 0.99 -21.50
C ASN D 635 41.88 1.59 -22.64
N ILE D 636 40.58 1.80 -22.38
CA ILE D 636 39.67 2.30 -23.39
C ILE D 636 39.82 3.82 -23.49
N VAL D 637 39.97 4.33 -24.71
CA VAL D 637 40.06 5.77 -24.96
C VAL D 637 38.88 6.15 -25.83
N ILE D 638 38.07 7.09 -25.36
CA ILE D 638 36.88 7.56 -26.07
C ILE D 638 37.10 9.02 -26.45
N ALA D 639 37.00 9.31 -27.74
CA ALA D 639 37.18 10.68 -28.20
C ALA D 639 35.84 11.41 -28.10
N SER D 640 35.81 12.49 -27.31
CA SER D 640 34.63 13.34 -27.23
C SER D 640 34.76 14.44 -28.27
N ILE D 641 33.72 14.62 -29.08
CA ILE D 641 33.78 15.56 -30.20
C ILE D 641 32.50 16.38 -30.23
N MET D 642 32.61 17.57 -30.81
CA MET D 642 31.50 18.51 -30.95
C MET D 642 31.56 19.22 -32.29
N CYS D 643 30.42 19.25 -32.99
CA CYS D 643 30.28 20.12 -34.15
C CYS D 643 28.99 20.93 -34.00
N SER D 644 28.89 21.98 -34.80
CA SER D 644 27.59 22.63 -35.01
C SER D 644 26.70 21.67 -35.78
N TYR D 645 25.44 22.09 -35.98
CA TYR D 645 24.43 21.21 -36.59
C TYR D 645 24.66 21.18 -38.09
N ASN D 646 25.67 20.40 -38.49
CA ASN D 646 26.14 20.39 -39.88
C ASN D 646 26.57 18.97 -40.20
N LYS D 647 25.94 18.36 -41.22
CA LYS D 647 26.21 16.95 -41.51
C LYS D 647 27.67 16.71 -41.90
N ASN D 648 28.18 17.49 -42.85
CA ASN D 648 29.55 17.30 -43.30
C ASN D 648 30.54 17.43 -42.15
N ASP D 649 30.29 18.38 -41.24
CA ASP D 649 31.18 18.58 -40.09
C ASP D 649 31.20 17.35 -39.20
N TRP D 650 30.01 16.87 -38.77
CA TRP D 650 29.97 15.70 -37.90
C TRP D 650 30.61 14.48 -38.55
N MET D 651 30.40 14.29 -39.86
CA MET D 651 30.98 13.12 -40.50
C MET D 651 32.49 13.23 -40.61
N GLU D 652 33.01 14.44 -40.86
CA GLU D 652 34.45 14.62 -41.01
C GLU D 652 35.18 14.47 -39.68
N LEU D 653 34.67 15.13 -38.64
CA LEU D 653 35.32 15.05 -37.33
C LEU D 653 35.25 13.64 -36.74
N SER D 654 34.10 12.98 -36.86
CA SER D 654 34.01 11.63 -36.32
C SER D 654 34.94 10.67 -37.06
N ARG D 655 35.04 10.81 -38.39
CA ARG D 655 35.96 9.96 -39.14
C ARG D 655 37.42 10.23 -38.78
N LYS D 656 37.75 11.49 -38.51
CA LYS D 656 39.10 11.80 -38.08
C LYS D 656 39.40 11.14 -36.73
N ALA D 657 38.42 11.16 -35.82
CA ALA D 657 38.64 10.56 -34.50
C ALA D 657 38.72 9.04 -34.61
N GLU D 658 37.91 8.43 -35.47
CA GLU D 658 38.00 6.99 -35.66
C GLU D 658 39.36 6.59 -36.22
N ALA D 659 39.84 7.33 -37.23
CA ALA D 659 41.10 6.95 -37.87
C ALA D 659 42.27 7.05 -36.91
N SER D 660 42.16 7.92 -35.90
CA SER D 660 43.22 8.04 -34.89
C SER D 660 43.29 6.82 -33.97
N GLY D 661 42.32 5.92 -34.03
CA GLY D 661 42.34 4.72 -33.22
C GLY D 661 41.52 4.76 -31.94
N ALA D 662 40.65 5.76 -31.76
CA ALA D 662 39.78 5.78 -30.60
C ALA D 662 38.90 4.54 -30.58
N ASP D 663 38.69 3.97 -29.38
CA ASP D 663 37.84 2.79 -29.25
C ASP D 663 36.38 3.12 -29.52
N ALA D 664 35.98 4.34 -29.20
CA ALA D 664 34.61 4.78 -29.37
C ALA D 664 34.61 6.30 -29.40
N LEU D 665 33.46 6.87 -29.75
CA LEU D 665 33.26 8.30 -29.75
C LEU D 665 32.19 8.68 -28.74
N GLU D 666 32.30 9.89 -28.20
CA GLU D 666 31.23 10.46 -27.38
C GLU D 666 30.84 11.80 -28.00
N LEU D 667 29.57 11.94 -28.34
CA LEU D 667 29.08 13.13 -29.01
C LEU D 667 28.63 14.14 -27.96
N ASN D 668 29.28 15.28 -27.92
CA ASN D 668 28.91 16.35 -26.99
C ASN D 668 27.85 17.20 -27.67
N LEU D 669 26.63 17.19 -27.11
CA LEU D 669 25.48 17.78 -27.78
C LEU D 669 25.19 19.21 -27.31
N SER D 670 26.19 19.92 -26.83
CA SER D 670 25.98 21.23 -26.23
C SER D 670 26.03 22.39 -27.23
N ALA D 671 26.32 22.12 -28.50
CA ALA D 671 26.42 23.23 -29.45
C ALA D 671 25.05 23.88 -29.65
N PRO D 672 24.99 25.20 -29.77
CA PRO D 672 23.70 25.85 -30.03
C PRO D 672 23.25 25.62 -31.46
N HIS D 673 21.95 25.47 -31.65
CA HIS D 673 21.44 25.26 -33.00
C HIS D 673 20.98 26.57 -33.62
N GLY D 674 19.84 27.07 -33.15
CA GLY D 674 19.26 28.27 -33.72
C GLY D 674 17.79 28.06 -34.02
N MET D 675 16.94 28.86 -33.36
CA MET D 675 15.50 28.82 -33.56
C MET D 675 14.84 29.99 -32.85
N GLY D 681 14.69 24.45 -26.41
CA GLY D 681 15.83 25.11 -25.78
C GLY D 681 16.80 25.71 -26.79
N LEU D 682 18.07 25.78 -26.41
CA LEU D 682 19.09 26.40 -27.24
C LEU D 682 20.14 25.41 -27.75
N ALA D 683 20.31 24.27 -27.10
CA ALA D 683 21.37 23.34 -27.45
C ALA D 683 20.81 22.18 -28.25
N CYS D 684 21.65 21.60 -29.12
CA CYS D 684 21.23 20.45 -29.90
C CYS D 684 20.72 19.32 -29.01
N GLY D 685 21.42 19.05 -27.91
CA GLY D 685 21.03 17.98 -27.00
C GLY D 685 19.69 18.17 -26.31
N GLN D 686 19.04 19.32 -26.51
CA GLN D 686 17.71 19.56 -25.92
C GLN D 686 16.57 19.25 -26.89
N ASP D 687 16.86 18.81 -28.10
CA ASP D 687 15.85 18.62 -29.13
C ASP D 687 15.97 17.20 -29.69
N PRO D 688 14.96 16.34 -29.51
CA PRO D 688 15.10 14.95 -29.97
C PRO D 688 15.35 14.83 -31.46
N GLU D 689 14.76 15.70 -32.28
CA GLU D 689 14.93 15.57 -33.72
C GLU D 689 16.36 15.88 -34.13
N LEU D 690 16.98 16.89 -33.50
CA LEU D 690 18.37 17.19 -33.80
C LEU D 690 19.28 16.05 -33.36
N VAL D 691 19.07 15.52 -32.16
CA VAL D 691 19.89 14.42 -31.66
C VAL D 691 19.79 13.20 -32.58
N ARG D 692 18.56 12.86 -33.00
CA ARG D 692 18.39 11.72 -33.89
C ARG D 692 19.17 11.90 -35.17
N ASN D 693 19.11 13.10 -35.76
CA ASN D 693 19.82 13.30 -37.03
C ASN D 693 21.33 13.28 -36.83
N ILE D 694 21.82 13.83 -35.73
CA ILE D 694 23.25 13.83 -35.46
C ILE D 694 23.77 12.39 -35.38
N CYS D 695 23.10 11.55 -34.59
CA CYS D 695 23.52 10.16 -34.48
C CYS D 695 23.41 9.41 -35.80
N ARG D 696 22.43 9.76 -36.64
CA ARG D 696 22.34 9.18 -37.99
C ARG D 696 23.56 9.55 -38.81
N TRP D 697 23.98 10.81 -38.76
CA TRP D 697 25.14 11.25 -39.54
C TRP D 697 26.41 10.54 -39.08
N VAL D 698 26.61 10.45 -37.77
CA VAL D 698 27.81 9.80 -37.26
C VAL D 698 27.77 8.30 -37.57
N ARG D 699 26.60 7.67 -37.41
CA ARG D 699 26.50 6.23 -37.65
C ARG D 699 26.86 5.90 -39.10
N GLN D 700 26.46 6.76 -40.02
CA GLN D 700 26.78 6.60 -41.43
C GLN D 700 28.28 6.78 -41.68
N ALA D 701 28.96 7.57 -40.84
CA ALA D 701 30.35 7.96 -41.08
C ALA D 701 31.36 6.95 -40.51
N VAL D 702 31.08 6.34 -39.37
CA VAL D 702 32.07 5.52 -38.68
C VAL D 702 31.50 4.16 -38.32
N GLN D 703 32.39 3.21 -38.13
CA GLN D 703 32.02 1.86 -37.75
C GLN D 703 32.22 1.56 -36.28
N ILE D 704 32.99 2.38 -35.57
CA ILE D 704 33.24 2.11 -34.14
C ILE D 704 32.01 2.54 -33.36
N PRO D 705 31.81 2.05 -32.15
CA PRO D 705 30.65 2.50 -31.36
C PRO D 705 30.75 3.96 -30.98
N PHE D 706 29.59 4.57 -30.77
CA PHE D 706 29.56 5.94 -30.26
C PHE D 706 28.38 6.13 -29.32
N PHE D 707 28.54 7.11 -28.44
CA PHE D 707 27.61 7.38 -27.35
C PHE D 707 27.24 8.86 -27.40
N ALA D 708 25.95 9.17 -27.25
CA ALA D 708 25.51 10.56 -27.16
C ALA D 708 25.53 10.99 -25.70
N LYS D 709 26.18 12.11 -25.40
CA LYS D 709 26.23 12.61 -24.04
C LYS D 709 25.07 13.57 -23.81
N LEU D 710 24.19 13.19 -22.89
CA LEU D 710 22.91 13.87 -22.72
C LEU D 710 23.01 15.01 -21.72
N THR D 711 22.22 16.05 -21.96
CA THR D 711 22.15 17.08 -20.94
C THR D 711 20.97 16.81 -20.02
N PRO D 712 21.10 17.10 -18.72
CA PRO D 712 19.94 16.97 -17.82
C PRO D 712 19.00 18.15 -17.89
N ASN D 713 19.36 19.19 -18.62
CA ASN D 713 18.59 20.43 -18.68
C ASN D 713 17.48 20.30 -19.74
N VAL D 714 16.64 19.28 -19.55
CA VAL D 714 15.55 18.99 -20.48
C VAL D 714 14.34 18.52 -19.68
N THR D 715 13.17 18.75 -20.26
CA THR D 715 11.92 18.28 -19.66
C THR D 715 11.88 16.75 -19.59
N ASP D 716 12.22 16.07 -20.68
CA ASP D 716 12.11 14.61 -20.77
C ASP D 716 13.38 14.04 -21.37
N ILE D 717 14.32 13.61 -20.51
CA ILE D 717 15.58 13.05 -21.00
C ILE D 717 15.37 11.71 -21.70
N VAL D 718 14.32 10.96 -21.34
CA VAL D 718 14.08 9.68 -22.00
C VAL D 718 13.91 9.87 -23.51
N SER D 719 13.28 10.98 -23.92
CA SER D 719 13.00 11.18 -25.34
C SER D 719 14.25 11.56 -26.13
N ILE D 720 15.23 12.21 -25.49
CA ILE D 720 16.52 12.43 -26.15
C ILE D 720 17.27 11.10 -26.27
N ALA D 721 17.30 10.32 -25.19
CA ALA D 721 17.90 8.99 -25.23
C ALA D 721 17.31 8.14 -26.33
N ARG D 722 15.97 8.18 -26.48
CA ARG D 722 15.32 7.38 -27.51
C ARG D 722 15.68 7.87 -28.90
N ALA D 723 15.76 9.19 -29.08
CA ALA D 723 16.16 9.74 -30.37
C ALA D 723 17.57 9.29 -30.75
N ALA D 724 18.50 9.28 -29.79
CA ALA D 724 19.85 8.82 -30.08
C ALA D 724 19.85 7.34 -30.47
N LYS D 725 19.12 6.51 -29.73
CA LYS D 725 19.03 5.09 -30.07
C LYS D 725 18.41 4.89 -31.44
N GLU D 726 17.33 5.62 -31.74
CA GLU D 726 16.74 5.56 -33.07
C GLU D 726 17.72 5.99 -34.16
N GLY D 727 18.56 6.98 -33.87
CA GLY D 727 19.53 7.47 -34.84
C GLY D 727 20.71 6.54 -35.09
N GLY D 728 20.94 5.58 -34.21
CA GLY D 728 22.01 4.61 -34.41
C GLY D 728 23.09 4.63 -33.35
N ALA D 729 22.89 5.38 -32.26
CA ALA D 729 23.88 5.41 -31.19
C ALA D 729 23.96 4.06 -30.49
N ASP D 730 25.16 3.71 -30.04
CA ASP D 730 25.37 2.47 -29.32
C ASP D 730 25.11 2.61 -27.83
N GLY D 731 24.82 3.81 -27.35
CA GLY D 731 24.65 4.05 -25.93
C GLY D 731 24.53 5.53 -25.69
N VAL D 732 24.29 5.88 -24.43
CA VAL D 732 24.22 7.29 -24.04
C VAL D 732 25.06 7.49 -22.79
N THR D 733 25.57 8.71 -22.65
CA THR D 733 26.26 9.15 -21.46
C THR D 733 25.32 10.09 -20.71
N ALA D 734 25.03 9.76 -19.46
CA ALA D 734 24.09 10.50 -18.63
C ALA D 734 24.71 10.77 -17.27
N THR D 735 24.93 12.04 -16.93
CA THR D 735 24.57 13.20 -17.75
C THR D 735 25.69 14.26 -17.73
N ASN D 736 25.53 15.28 -18.57
CA ASN D 736 26.37 16.47 -18.48
C ASN D 736 25.95 17.31 -17.27
N THR D 737 26.48 18.53 -17.16
CA THR D 737 26.28 19.38 -16.01
C THR D 737 24.88 20.00 -16.00
N VAL D 738 24.41 20.36 -14.80
CA VAL D 738 23.13 21.04 -14.59
C VAL D 738 23.37 22.54 -14.69
N SER D 739 22.49 23.24 -15.39
CA SER D 739 22.66 24.67 -15.58
C SER D 739 22.34 25.42 -14.29
N GLY D 740 23.22 26.36 -13.92
CA GLY D 740 23.07 27.03 -12.63
C GLY D 740 23.85 28.32 -12.53
N LEU D 741 23.59 29.02 -11.43
CA LEU D 741 24.36 30.16 -10.95
C LEU D 741 24.71 29.90 -9.51
N MET D 742 25.99 29.95 -9.18
CA MET D 742 26.43 29.39 -7.91
C MET D 742 26.21 30.37 -6.77
N GLY D 743 26.25 31.67 -7.04
CA GLY D 743 25.96 32.64 -6.00
C GLY D 743 26.51 34.01 -6.36
N LEU D 744 26.19 34.96 -5.48
CA LEU D 744 26.59 36.34 -5.60
C LEU D 744 27.23 36.78 -4.29
N LYS D 745 28.15 37.73 -4.38
CA LYS D 745 28.65 38.39 -3.19
C LYS D 745 27.59 39.37 -2.67
N ALA D 746 27.81 39.89 -1.47
CA ALA D 746 26.78 40.71 -0.84
C ALA D 746 26.58 42.05 -1.54
N ASP D 747 27.56 42.51 -2.34
CA ASP D 747 27.39 43.70 -3.16
C ASP D 747 26.74 43.40 -4.50
N GLY D 748 26.34 42.16 -4.74
CA GLY D 748 25.63 41.79 -5.96
C GLY D 748 26.52 41.26 -7.07
N THR D 749 27.85 41.30 -6.92
CA THR D 749 28.66 40.84 -8.03
C THR D 749 28.76 39.31 -8.02
N PRO D 750 28.92 38.68 -9.18
CA PRO D 750 28.88 37.23 -9.25
C PRO D 750 30.23 36.60 -8.95
N TRP D 751 30.21 35.27 -8.82
CA TRP D 751 31.43 34.47 -8.79
C TRP D 751 31.15 33.19 -9.55
N PRO D 752 31.84 32.95 -10.68
CA PRO D 752 32.99 33.74 -11.16
C PRO D 752 32.62 35.10 -11.74
N ALA D 753 33.52 36.06 -11.57
CA ALA D 753 33.39 37.41 -12.13
C ALA D 753 34.51 37.60 -13.14
N VAL D 754 34.17 37.91 -14.39
CA VAL D 754 35.16 38.00 -15.46
C VAL D 754 35.31 39.44 -15.92
N GLY D 755 36.55 39.92 -15.96
CA GLY D 755 36.85 41.21 -16.54
C GLY D 755 36.59 42.36 -15.60
N ALA D 756 36.87 43.57 -16.10
CA ALA D 756 36.65 44.76 -15.29
C ALA D 756 35.16 44.95 -14.99
N GLY D 757 34.28 44.48 -15.88
CA GLY D 757 32.84 44.54 -15.64
C GLY D 757 32.33 43.55 -14.61
N LYS D 758 33.17 42.63 -14.15
CA LYS D 758 32.76 41.62 -13.17
C LYS D 758 31.54 40.85 -13.65
N ARG D 759 31.57 40.44 -14.92
CA ARG D 759 30.43 39.78 -15.55
C ARG D 759 30.48 38.27 -15.38
N THR D 760 29.33 37.63 -15.59
CA THR D 760 29.30 36.18 -15.60
C THR D 760 28.23 35.71 -16.56
N THR D 761 28.12 34.39 -16.68
CA THR D 761 27.05 33.77 -17.45
C THR D 761 26.68 32.48 -16.73
N TYR D 762 25.56 31.89 -17.12
CA TYR D 762 25.16 30.62 -16.53
C TYR D 762 26.26 29.57 -16.75
N GLY D 763 26.53 28.79 -15.70
CA GLY D 763 27.54 27.76 -15.74
C GLY D 763 26.94 26.38 -15.55
N GLY D 764 27.82 25.39 -15.50
CA GLY D 764 27.43 24.02 -15.29
C GLY D 764 27.80 23.57 -13.88
N VAL D 765 26.83 22.96 -13.20
CA VAL D 765 27.07 22.44 -11.85
C VAL D 765 27.46 20.96 -11.96
N SER D 766 28.55 20.59 -11.30
CA SER D 766 29.04 19.21 -11.27
C SER D 766 29.16 18.77 -9.82
N GLY D 767 29.37 17.48 -9.61
CA GLY D 767 29.72 16.98 -8.29
C GLY D 767 28.56 16.30 -7.58
N THR D 768 28.75 16.07 -6.28
CA THR D 768 27.81 15.22 -5.55
C THR D 768 26.45 15.90 -5.42
N ALA D 769 26.40 17.24 -5.47
CA ALA D 769 25.13 17.94 -5.41
C ALA D 769 24.21 17.60 -6.58
N ILE D 770 24.75 17.13 -7.70
CA ILE D 770 23.91 16.76 -8.84
C ILE D 770 23.70 15.27 -8.94
N ARG D 771 24.28 14.48 -8.04
CA ARG D 771 24.02 13.04 -8.08
C ARG D 771 22.54 12.66 -8.11
N PRO D 772 21.63 13.24 -7.32
CA PRO D 772 20.22 12.82 -7.41
C PRO D 772 19.64 13.02 -8.80
N ILE D 773 20.08 14.04 -9.52
CA ILE D 773 19.58 14.30 -10.87
C ILE D 773 20.12 13.26 -11.84
N ALA D 774 21.42 12.96 -11.75
CA ALA D 774 21.99 11.96 -12.65
C ALA D 774 21.44 10.56 -12.35
N LEU D 775 21.24 10.23 -11.09
CA LEU D 775 20.69 8.90 -10.77
C LEU D 775 19.29 8.75 -11.34
N ARG D 776 18.46 9.79 -11.23
CA ARG D 776 17.13 9.73 -11.82
C ARG D 776 17.22 9.55 -13.33
N ALA D 777 18.16 10.26 -13.97
CA ALA D 777 18.29 10.17 -15.42
C ALA D 777 18.74 8.77 -15.83
N VAL D 778 19.76 8.23 -15.17
CA VAL D 778 20.22 6.87 -15.49
C VAL D 778 19.09 5.86 -15.29
N THR D 779 18.42 5.89 -14.13
CA THR D 779 17.38 4.89 -13.87
C THR D 779 16.22 5.02 -14.86
N THR D 780 15.84 6.25 -15.20
CA THR D 780 14.65 6.41 -16.03
C THR D 780 14.94 5.99 -17.47
N ILE D 781 16.18 6.21 -17.93
CA ILE D 781 16.60 5.70 -19.23
C ILE D 781 16.70 4.17 -19.20
N ALA D 782 17.28 3.61 -18.13
CA ALA D 782 17.46 2.17 -18.06
C ALA D 782 16.12 1.44 -18.07
N ARG D 783 15.09 2.05 -17.49
CA ARG D 783 13.78 1.41 -17.47
C ARG D 783 13.06 1.56 -18.81
N ALA D 784 13.24 2.70 -19.47
CA ALA D 784 12.56 2.96 -20.74
C ALA D 784 13.18 2.16 -21.88
N LEU D 785 14.50 2.01 -21.88
CA LEU D 785 15.24 1.35 -22.95
C LEU D 785 16.07 0.22 -22.36
N PRO D 786 15.42 -0.88 -21.96
CA PRO D 786 16.14 -1.95 -21.25
C PRO D 786 17.28 -2.50 -22.09
N GLY D 787 18.46 -2.60 -21.47
CA GLY D 787 19.62 -3.16 -22.12
C GLY D 787 20.48 -2.18 -22.88
N PHE D 788 19.99 -0.98 -23.14
CA PHE D 788 20.74 0.05 -23.86
C PHE D 788 21.91 0.53 -23.00
N PRO D 789 23.15 0.46 -23.49
CA PRO D 789 24.30 0.85 -22.65
C PRO D 789 24.20 2.28 -22.14
N ILE D 790 24.55 2.47 -20.87
CA ILE D 790 24.58 3.79 -20.24
C ILE D 790 25.94 3.96 -19.58
N LEU D 791 26.62 5.06 -19.89
CA LEU D 791 27.79 5.52 -19.16
C LEU D 791 27.32 6.60 -18.20
N ALA D 792 27.55 6.41 -16.90
CA ALA D 792 27.05 7.33 -15.88
C ALA D 792 28.08 8.41 -15.56
N THR D 793 27.61 9.65 -15.38
CA THR D 793 28.47 10.69 -14.81
C THR D 793 27.58 11.59 -13.96
N GLY D 794 28.13 12.06 -12.83
CA GLY D 794 27.40 13.00 -12.00
C GLY D 794 27.52 12.67 -10.53
N GLY D 795 28.58 13.17 -9.88
CA GLY D 795 28.72 12.98 -8.44
C GLY D 795 29.26 11.65 -7.98
N ILE D 796 29.93 10.90 -8.86
CA ILE D 796 30.48 9.61 -8.47
C ILE D 796 31.82 9.86 -7.78
N ASP D 797 31.92 9.45 -6.50
CA ASP D 797 33.13 9.79 -5.76
C ASP D 797 33.63 8.65 -4.86
N SER D 798 33.27 7.41 -5.15
CA SER D 798 33.56 6.27 -4.28
C SER D 798 33.07 5.01 -4.98
N ALA D 799 33.60 3.87 -4.55
CA ALA D 799 33.05 2.61 -5.05
C ALA D 799 31.58 2.48 -4.69
N GLU D 800 31.23 2.90 -3.46
CA GLU D 800 29.86 2.80 -2.99
C GLU D 800 28.90 3.58 -3.88
N SER D 801 29.24 4.84 -4.21
CA SER D 801 28.37 5.61 -5.08
C SER D 801 28.42 5.07 -6.51
N GLY D 802 29.58 4.56 -6.93
CA GLY D 802 29.63 3.92 -8.25
C GLY D 802 28.67 2.74 -8.37
N LEU D 803 28.65 1.89 -7.34
CA LEU D 803 27.76 0.73 -7.35
C LEU D 803 26.29 1.16 -7.41
N GLN D 804 25.94 2.28 -6.78
CA GLN D 804 24.59 2.82 -6.93
C GLN D 804 24.22 3.04 -8.39
N PHE D 805 25.18 3.58 -9.18
CA PHE D 805 24.91 3.82 -10.59
C PHE D 805 24.87 2.51 -11.39
N LEU D 806 25.73 1.54 -11.04
CA LEU D 806 25.66 0.22 -11.69
C LEU D 806 24.34 -0.45 -11.39
N HIS D 807 23.93 -0.43 -10.11
CA HIS D 807 22.61 -0.94 -9.72
C HIS D 807 21.49 -0.23 -10.46
N SER D 808 21.69 1.05 -10.80
CA SER D 808 20.70 1.86 -11.50
C SER D 808 20.67 1.63 -13.01
N GLY D 809 21.61 0.85 -13.55
CA GLY D 809 21.55 0.45 -14.96
C GLY D 809 22.73 0.92 -15.80
N ALA D 810 23.69 1.67 -15.28
CA ALA D 810 24.86 2.02 -16.06
C ALA D 810 25.87 0.86 -16.03
N SER D 811 26.67 0.76 -17.11
CA SER D 811 27.71 -0.26 -17.17
C SER D 811 29.09 0.24 -16.77
N VAL D 812 29.38 1.52 -17.01
CA VAL D 812 30.65 2.13 -16.62
C VAL D 812 30.36 3.50 -16.02
N LEU D 813 31.41 4.09 -15.43
CA LEU D 813 31.28 5.18 -14.46
C LEU D 813 32.32 6.26 -14.75
N GLN D 814 31.88 7.44 -15.19
CA GLN D 814 32.81 8.53 -15.44
C GLN D 814 32.90 9.45 -14.23
N VAL D 815 34.09 10.01 -14.02
CA VAL D 815 34.40 10.81 -12.83
C VAL D 815 35.10 12.08 -13.27
N CYS D 816 34.67 13.23 -12.71
CA CYS D 816 35.42 14.47 -12.86
C CYS D 816 35.64 15.13 -11.51
N SER D 817 34.55 15.54 -10.85
CA SER D 817 34.67 16.41 -9.68
C SER D 817 35.45 15.76 -8.55
N ALA D 818 35.33 14.43 -8.38
CA ALA D 818 36.06 13.79 -7.30
C ALA D 818 37.57 13.82 -7.52
N VAL D 819 38.03 13.91 -8.77
CA VAL D 819 39.46 14.06 -9.03
C VAL D 819 39.87 15.51 -8.78
N GLN D 820 39.04 16.47 -9.21
CA GLN D 820 39.28 17.88 -8.89
C GLN D 820 39.41 18.08 -7.38
N ASN D 821 38.61 17.36 -6.58
CA ASN D 821 38.69 17.42 -5.13
C ASN D 821 39.91 16.72 -4.56
N GLN D 822 40.64 15.97 -5.39
CA GLN D 822 41.74 15.14 -4.90
C GLN D 822 42.82 15.00 -5.96
N ASP D 823 42.99 13.80 -6.51
CA ASP D 823 44.00 13.52 -7.52
C ASP D 823 43.66 12.18 -8.16
N PHE D 824 44.49 11.75 -9.12
CA PHE D 824 44.21 10.52 -9.87
C PHE D 824 44.29 9.25 -9.02
N THR D 825 44.98 9.26 -7.87
CA THR D 825 45.15 8.00 -7.15
C THR D 825 43.87 7.50 -6.50
N VAL D 826 42.79 8.29 -6.51
CA VAL D 826 41.52 7.78 -5.98
C VAL D 826 41.07 6.52 -6.69
N ILE D 827 41.58 6.27 -7.90
CA ILE D 827 41.26 5.03 -8.63
C ILE D 827 41.56 3.80 -7.77
N GLN D 828 42.64 3.82 -6.99
CA GLN D 828 42.96 2.62 -6.20
C GLN D 828 41.95 2.41 -5.09
N ASP D 829 41.47 3.49 -4.48
CA ASP D 829 40.37 3.39 -3.54
C ASP D 829 39.12 2.83 -4.22
N TYR D 830 38.80 3.31 -5.42
CA TYR D 830 37.56 2.87 -6.06
C TYR D 830 37.60 1.40 -6.41
N CYS D 831 38.77 0.90 -6.83
CA CYS D 831 38.87 -0.49 -7.28
C CYS D 831 38.85 -1.46 -6.11
N THR D 832 39.65 -1.22 -5.08
CA THR D 832 39.60 -2.11 -3.92
C THR D 832 38.23 -2.06 -3.27
N GLY D 833 37.60 -0.87 -3.26
CA GLY D 833 36.29 -0.74 -2.65
C GLY D 833 35.21 -1.51 -3.38
N LEU D 834 35.27 -1.50 -4.72
CA LEU D 834 34.30 -2.27 -5.50
C LEU D 834 34.56 -3.77 -5.38
N LYS D 835 35.83 -4.17 -5.29
CA LYS D 835 36.14 -5.57 -5.04
C LYS D 835 35.57 -6.03 -3.70
N ALA D 836 35.70 -5.19 -2.67
CA ALA D 836 35.21 -5.56 -1.35
C ALA D 836 33.69 -5.64 -1.33
N LEU D 837 33.02 -4.67 -1.96
CA LEU D 837 31.55 -4.67 -1.98
C LEU D 837 31.02 -5.93 -2.65
N LEU D 838 31.64 -6.34 -3.75
CA LEU D 838 31.22 -7.56 -4.44
C LEU D 838 31.55 -8.80 -3.62
N TYR D 839 32.77 -8.85 -3.06
CA TYR D 839 33.17 -9.99 -2.24
C TYR D 839 32.20 -10.21 -1.08
N LEU D 840 31.83 -9.13 -0.38
CA LEU D 840 30.98 -9.27 0.79
C LEU D 840 29.60 -9.80 0.45
N LYS D 841 29.16 -9.67 -0.80
CA LYS D 841 27.86 -10.24 -1.17
C LYS D 841 27.85 -11.76 -1.12
N SER D 842 29.02 -12.40 -1.10
CA SER D 842 29.09 -13.86 -1.04
C SER D 842 29.15 -14.39 0.39
N ILE D 843 29.32 -13.53 1.39
CA ILE D 843 29.55 -13.95 2.77
C ILE D 843 28.22 -13.95 3.49
N GLU D 844 27.69 -15.15 3.77
CA GLU D 844 26.41 -15.28 4.45
C GLU D 844 26.40 -14.61 5.82
N GLU D 845 27.50 -14.74 6.56
CA GLU D 845 27.56 -14.27 7.94
C GLU D 845 27.54 -12.75 8.07
N LEU D 846 27.66 -12.01 6.96
CA LEU D 846 27.70 -10.55 7.00
C LEU D 846 26.53 -9.91 6.26
N GLN D 847 25.42 -10.64 6.05
CA GLN D 847 24.29 -10.04 5.34
C GLN D 847 23.56 -8.97 6.12
N GLY D 848 23.78 -8.85 7.42
CA GLY D 848 23.24 -7.70 8.14
C GLY D 848 23.95 -6.38 7.92
N TRP D 849 25.12 -6.40 7.27
CA TRP D 849 25.85 -5.18 6.99
C TRP D 849 25.22 -4.43 5.82
N ASP D 850 25.43 -3.11 5.79
CA ASP D 850 25.13 -2.31 4.60
C ASP D 850 26.44 -2.05 3.87
N GLY D 851 26.74 -2.88 2.88
CA GLY D 851 28.03 -2.76 2.22
C GLY D 851 29.15 -3.06 3.20
N GLN D 852 30.06 -2.13 3.38
CA GLN D 852 31.16 -2.34 4.31
C GLN D 852 30.86 -1.81 5.71
N SER D 853 29.66 -1.30 5.97
CA SER D 853 29.34 -0.75 7.27
C SER D 853 28.75 -1.85 8.16
N PRO D 854 29.37 -2.17 9.30
CA PRO D 854 28.74 -3.11 10.23
C PRO D 854 27.41 -2.56 10.75
N GLY D 855 26.54 -3.47 11.16
CA GLY D 855 25.32 -3.09 11.83
C GLY D 855 25.59 -2.22 13.05
N THR D 856 24.90 -1.07 13.14
CA THR D 856 25.15 -0.12 14.21
C THR D 856 24.56 -0.62 15.52
N GLU D 857 25.41 -0.75 16.53
CA GLU D 857 25.00 -1.17 17.86
C GLU D 857 25.05 -0.01 18.83
N SER D 858 24.44 -0.20 19.99
CA SER D 858 24.33 0.87 20.98
C SER D 858 25.72 1.30 21.46
N HIS D 859 26.08 2.54 21.16
CA HIS D 859 27.36 3.09 21.55
C HIS D 859 27.16 4.52 22.03
N GLN D 860 28.12 4.99 22.83
CA GLN D 860 28.28 6.40 23.15
C GLN D 860 29.76 6.72 22.97
N LYS D 861 30.05 7.72 22.15
CA LYS D 861 31.41 8.03 21.69
C LYS D 861 32.03 6.87 20.91
N GLY D 862 31.22 6.09 20.21
CA GLY D 862 31.78 4.93 19.54
C GLY D 862 32.45 3.94 20.47
N LYS D 863 32.08 3.95 21.75
CA LYS D 863 32.37 2.87 22.69
C LYS D 863 31.06 2.21 23.10
N PRO D 864 30.96 0.89 23.05
CA PRO D 864 29.67 0.23 23.27
C PRO D 864 29.13 0.48 24.68
N VAL D 865 27.83 0.70 24.75
CA VAL D 865 27.14 0.85 26.04
C VAL D 865 27.15 -0.48 26.77
N PRO D 866 27.41 -0.51 28.07
CA PRO D 866 27.36 -1.79 28.80
C PRO D 866 25.94 -2.36 28.80
N ARG D 867 25.84 -3.67 28.58
CA ARG D 867 24.56 -4.37 28.63
C ARG D 867 24.34 -4.79 30.08
N ILE D 868 23.68 -3.92 30.84
CA ILE D 868 23.43 -4.13 32.26
C ILE D 868 21.96 -3.82 32.54
N ALA D 869 21.27 -4.75 33.21
CA ALA D 869 19.83 -4.64 33.37
C ALA D 869 19.44 -3.44 34.22
N GLU D 870 20.23 -3.13 35.24
CA GLU D 870 19.90 -2.00 36.10
C GLU D 870 20.16 -0.65 35.44
N LEU D 871 20.74 -0.63 34.24
CA LEU D 871 20.99 0.61 33.50
C LEU D 871 19.91 0.92 32.46
N MET D 872 19.33 -0.10 31.85
CA MET D 872 18.48 0.08 30.68
C MET D 872 17.01 -0.02 31.05
N GLY D 873 16.19 0.73 30.32
CA GLY D 873 14.82 0.97 30.73
C GLY D 873 14.68 1.88 31.92
N LYS D 874 15.78 2.41 32.45
CA LYS D 874 15.79 3.26 33.62
C LYS D 874 15.84 4.74 33.29
N LYS D 875 15.97 5.08 32.00
CA LYS D 875 15.99 6.46 31.52
C LYS D 875 17.05 7.27 32.26
N LEU D 876 18.29 6.81 32.13
CA LEU D 876 19.44 7.49 32.70
C LEU D 876 20.30 8.05 31.57
N PRO D 877 20.18 9.33 31.25
CA PRO D 877 21.06 9.94 30.25
C PRO D 877 22.47 10.11 30.78
N ASN D 878 23.39 10.46 29.88
CA ASN D 878 24.82 10.51 30.21
C ASN D 878 25.27 11.89 30.66
N PHE D 879 24.59 12.46 31.65
CA PHE D 879 25.00 13.73 32.22
C PHE D 879 24.43 13.84 33.63
N GLY D 880 24.95 14.81 34.39
CA GLY D 880 24.41 15.18 35.68
C GLY D 880 24.30 14.04 36.67
N PRO D 881 23.28 14.09 37.53
CA PRO D 881 23.10 13.00 38.51
C PRO D 881 22.84 11.65 37.86
N TYR D 882 22.28 11.64 36.66
CA TYR D 882 22.02 10.38 35.97
C TYR D 882 23.32 9.69 35.60
N LEU D 883 24.31 10.47 35.18
CA LEU D 883 25.64 9.93 34.88
C LEU D 883 26.26 9.30 36.13
N GLU D 884 26.24 10.04 37.24
CA GLU D 884 26.74 9.51 38.52
C GLU D 884 26.06 8.20 38.88
N GLN D 885 24.74 8.12 38.69
CA GLN D 885 24.03 6.87 38.91
C GLN D 885 24.52 5.78 37.98
N ARG D 886 24.72 6.10 36.70
CA ARG D 886 25.24 5.11 35.76
C ARG D 886 26.60 4.60 36.19
N LYS D 887 27.48 5.51 36.64
CA LYS D 887 28.82 5.11 37.05
C LYS D 887 28.77 4.16 38.24
N LYS D 888 27.82 4.39 39.14
CA LYS D 888 27.70 3.58 40.34
C LYS D 888 27.18 2.19 39.99
N ILE D 889 26.21 2.10 39.07
CA ILE D 889 25.71 0.83 38.59
C ILE D 889 26.81 0.04 37.86
N ILE D 890 27.61 0.73 37.05
CA ILE D 890 28.67 0.07 36.31
C ILE D 890 29.71 -0.49 37.26
N ALA D 891 30.20 0.34 38.19
CA ALA D 891 31.23 -0.09 39.14
C ALA D 891 30.75 -1.22 40.02
N GLU D 892 29.48 -1.17 40.40
CA GLU D 892 28.90 -2.16 41.30
C GLU D 892 28.73 -3.48 40.56
N GLU D 893 28.59 -3.41 39.23
CA GLU D 893 28.56 -4.57 38.33
C GLU D 893 29.96 -5.12 38.06
N LYS D 894 30.96 -4.25 37.92
CA LYS D 894 32.33 -4.72 37.74
C LYS D 894 32.79 -5.52 38.95
N MET D 895 32.38 -5.09 40.15
CA MET D 895 32.65 -5.85 41.37
C MET D 895 31.96 -7.22 41.34
N ARG D 896 30.78 -7.29 40.73
CA ARG D 896 30.09 -8.57 40.60
C ARG D 896 30.79 -9.50 39.63
N LEU D 897 31.35 -8.95 38.54
CA LEU D 897 32.07 -9.76 37.56
C LEU D 897 33.36 -10.32 38.14
N LYS D 898 33.97 -9.60 39.08
CA LYS D 898 35.07 -10.16 39.86
C LYS D 898 34.62 -11.34 40.69
N GLU D 899 33.39 -11.28 41.20
CA GLU D 899 32.85 -12.24 42.16
C GLU D 899 31.90 -13.24 41.51
N GLN D 900 32.19 -13.67 40.29
CA GLN D 900 31.40 -14.72 39.65
C GLN D 900 32.30 -15.43 38.63
N ASN D 901 31.70 -16.33 37.86
CA ASN D 901 32.32 -17.32 36.96
C ASN D 901 33.04 -16.69 35.73
N ALA D 902 33.33 -15.39 35.66
CA ALA D 902 33.84 -14.77 34.43
C ALA D 902 35.20 -15.32 34.02
N ALA D 903 35.19 -16.26 33.05
CA ALA D 903 36.43 -16.80 32.47
C ALA D 903 36.14 -17.72 31.30
N PHE D 904 36.18 -17.18 30.08
CA PHE D 904 36.12 -18.01 28.88
C PHE D 904 36.88 -17.32 27.75
N PRO D 905 38.01 -17.87 27.33
CA PRO D 905 38.75 -17.27 26.22
C PRO D 905 37.89 -17.20 24.98
N PRO D 906 38.12 -16.22 24.13
CA PRO D 906 37.23 -16.04 22.97
C PRO D 906 37.32 -17.19 21.99
N LEU D 907 36.19 -17.45 21.35
CA LEU D 907 36.16 -18.30 20.17
C LEU D 907 37.27 -17.89 19.21
N GLU D 908 38.07 -18.87 18.79
CA GLU D 908 39.16 -18.54 17.87
C GLU D 908 38.60 -18.38 16.45
N ARG D 909 39.06 -17.34 15.77
CA ARG D 909 38.47 -16.97 14.49
C ARG D 909 38.73 -18.05 13.44
N LYS D 910 37.66 -18.47 12.76
CA LYS D 910 37.82 -19.16 11.49
C LYS D 910 37.26 -18.24 10.42
N PRO D 911 38.04 -17.85 9.42
CA PRO D 911 37.54 -16.92 8.40
C PRO D 911 36.27 -17.40 7.71
N PHE D 912 35.38 -16.45 7.42
CA PHE D 912 34.18 -16.75 6.66
C PHE D 912 34.54 -17.20 5.23
N ILE D 913 33.76 -18.16 4.73
CA ILE D 913 33.94 -18.72 3.39
C ILE D 913 32.82 -18.18 2.51
N PRO D 914 33.10 -17.77 1.27
CA PRO D 914 32.01 -17.45 0.34
C PRO D 914 31.12 -18.67 0.15
N LYS D 915 29.81 -18.50 0.41
CA LYS D 915 28.83 -19.56 0.25
C LYS D 915 28.02 -19.42 -1.03
N LYS D 916 28.44 -18.55 -1.94
CA LYS D 916 27.84 -18.42 -3.26
C LYS D 916 28.80 -17.59 -4.13
N PRO D 917 28.66 -17.68 -5.45
CA PRO D 917 29.62 -16.99 -6.32
C PRO D 917 29.67 -15.49 -6.06
N ILE D 918 30.90 -14.96 -6.10
CA ILE D 918 31.14 -13.53 -6.09
C ILE D 918 30.48 -12.95 -7.33
N PRO D 919 29.52 -12.03 -7.20
CA PRO D 919 28.91 -11.43 -8.39
C PRO D 919 29.94 -10.69 -9.24
N ALA D 920 29.79 -10.80 -10.55
CA ALA D 920 30.52 -9.93 -11.47
C ALA D 920 29.71 -8.65 -11.72
N ILE D 921 30.36 -7.66 -12.35
CA ILE D 921 29.68 -6.41 -12.67
C ILE D 921 28.38 -6.69 -13.42
N LYS D 922 28.45 -7.56 -14.42
CA LYS D 922 27.27 -7.85 -15.23
C LYS D 922 26.13 -8.40 -14.38
N ASP D 923 26.42 -8.98 -13.21
CA ASP D 923 25.38 -9.52 -12.35
C ASP D 923 24.65 -8.45 -11.54
N VAL D 924 25.28 -7.30 -11.27
CA VAL D 924 24.65 -6.28 -10.44
C VAL D 924 23.99 -5.18 -11.27
N ILE D 925 24.27 -5.08 -12.56
CA ILE D 925 23.77 -3.96 -13.36
C ILE D 925 22.26 -4.02 -13.44
N GLY D 926 21.62 -2.92 -13.04
CA GLY D 926 20.17 -2.80 -13.17
C GLY D 926 19.38 -3.49 -12.08
N LYS D 927 20.03 -4.04 -11.06
CA LYS D 927 19.28 -4.79 -10.05
C LYS D 927 18.37 -3.91 -9.21
N ALA D 928 18.60 -2.60 -9.16
CA ALA D 928 17.74 -1.73 -8.38
C ALA D 928 16.46 -1.35 -9.11
N LEU D 929 16.39 -1.58 -10.42
CA LEU D 929 15.27 -1.08 -11.20
C LEU D 929 13.94 -1.71 -10.73
N GLN D 930 14.00 -2.94 -10.23
CA GLN D 930 12.78 -3.62 -9.78
C GLN D 930 12.06 -2.86 -8.69
N TYR D 931 12.79 -2.05 -7.90
CA TYR D 931 12.21 -1.34 -6.77
C TYR D 931 11.60 0.00 -7.16
N LEU D 932 11.76 0.43 -8.41
CA LEU D 932 11.31 1.74 -8.85
C LEU D 932 9.98 1.62 -9.57
N GLY D 933 9.18 2.68 -9.49
CA GLY D 933 7.90 2.69 -10.16
C GLY D 933 7.16 3.98 -9.88
N THR D 934 5.87 3.96 -10.21
CA THR D 934 5.03 5.12 -9.96
C THR D 934 4.66 5.22 -8.49
N PHE D 935 4.12 6.37 -8.11
CA PHE D 935 3.66 6.52 -6.73
C PHE D 935 2.56 5.52 -6.42
N GLY D 936 1.70 5.24 -7.41
CA GLY D 936 0.59 4.33 -7.21
C GLY D 936 0.99 2.91 -6.86
N GLU D 937 2.26 2.53 -7.12
CA GLU D 937 2.72 1.21 -6.75
C GLU D 937 3.23 1.14 -5.32
N LEU D 938 3.24 2.26 -4.61
CA LEU D 938 3.66 2.30 -3.21
C LEU D 938 2.48 2.01 -2.30
N SER D 939 2.71 1.18 -1.28
CA SER D 939 1.66 0.80 -0.35
C SER D 939 1.38 1.93 0.64
N ASN D 940 0.09 2.24 0.84
CA ASN D 940 -0.28 3.20 1.87
C ASN D 940 -0.87 2.55 3.13
N ILE D 941 -0.89 1.22 3.19
CA ILE D 941 -1.18 0.54 4.46
C ILE D 941 0.11 0.19 5.22
N GLU D 942 1.22 -0.03 4.52
CA GLU D 942 2.49 -0.42 5.15
C GLU D 942 3.20 0.83 5.64
N GLN D 943 2.65 1.41 6.70
CA GLN D 943 3.17 2.65 7.26
C GLN D 943 4.16 2.37 8.37
N VAL D 944 5.02 3.35 8.66
CA VAL D 944 6.01 3.21 9.70
C VAL D 944 5.87 4.34 10.72
N VAL D 945 6.51 4.14 11.89
CA VAL D 945 6.66 5.16 12.90
C VAL D 945 8.12 5.19 13.31
N ALA D 946 8.54 6.30 13.88
CA ALA D 946 9.91 6.42 14.38
C ALA D 946 10.00 5.86 15.78
N VAL D 947 11.15 5.25 16.11
CA VAL D 947 11.41 4.84 17.48
C VAL D 947 12.86 5.15 17.81
N ILE D 948 13.08 5.68 18.99
CA ILE D 948 14.37 6.23 19.38
C ILE D 948 15.05 5.26 20.33
N ASP D 949 16.32 4.97 20.08
CA ASP D 949 17.13 4.14 20.97
C ASP D 949 17.75 5.08 21.99
N GLU D 950 17.24 5.04 23.22
CA GLU D 950 17.62 6.06 24.21
C GLU D 950 19.07 5.90 24.64
N GLU D 951 19.64 4.70 24.51
CA GLU D 951 21.05 4.54 24.89
C GLU D 951 21.99 5.15 23.86
N MET D 952 21.52 5.42 22.65
CA MET D 952 22.34 6.07 21.62
C MET D 952 22.14 7.57 21.58
N CYS D 953 21.09 8.09 22.24
CA CYS D 953 20.70 9.49 22.10
C CYS D 953 21.68 10.41 22.82
N ILE D 954 21.97 11.56 22.20
CA ILE D 954 22.84 12.54 22.84
C ILE D 954 22.06 13.81 23.19
N ASN D 955 20.73 13.72 23.25
CA ASN D 955 19.88 14.61 24.03
C ASN D 955 19.73 16.00 23.43
N CYS D 956 19.97 16.14 22.13
CA CYS D 956 19.99 17.45 21.49
C CYS D 956 18.60 18.00 21.19
N GLY D 957 17.59 17.15 21.09
CA GLY D 957 16.24 17.62 20.81
C GLY D 957 15.98 18.05 19.37
N LYS D 958 16.87 17.71 18.42
CA LYS D 958 16.62 18.10 17.03
C LYS D 958 15.42 17.36 16.46
N CYS D 959 15.29 16.07 16.78
CA CYS D 959 14.08 15.34 16.41
C CYS D 959 12.83 16.07 16.89
N TYR D 960 12.85 16.54 18.14
CA TYR D 960 11.72 17.26 18.73
C TYR D 960 11.43 18.57 17.98
N MET D 961 12.47 19.38 17.71
CA MET D 961 12.23 20.64 17.01
C MET D 961 11.79 20.44 15.56
N THR D 962 12.28 19.40 14.91
CA THR D 962 11.87 19.15 13.54
C THR D 962 10.44 18.62 13.48
N CYS D 963 10.05 17.77 14.42
CA CYS D 963 8.64 17.35 14.45
C CYS D 963 7.72 18.51 14.83
N ASN D 964 8.20 19.44 15.66
CA ASN D 964 7.34 20.53 16.13
C ASN D 964 7.09 21.57 15.03
N ASP D 965 8.15 22.01 14.35
CA ASP D 965 8.01 23.08 13.38
C ASP D 965 8.04 22.60 11.94
N SER D 966 8.23 21.29 11.72
CA SER D 966 8.14 20.73 10.37
C SER D 966 7.36 19.42 10.34
N GLY D 967 6.66 19.07 11.40
CA GLY D 967 6.06 17.75 11.44
C GLY D 967 4.72 17.74 12.15
N TYR D 968 4.56 16.84 13.13
CA TYR D 968 3.25 16.51 13.65
C TYR D 968 3.19 16.58 15.18
N GLN D 969 4.16 17.27 15.79
CA GLN D 969 4.16 17.52 17.24
C GLN D 969 4.01 16.21 18.01
N ALA D 970 4.72 15.17 17.56
CA ALA D 970 4.51 13.81 18.00
C ALA D 970 5.53 13.33 19.02
N ILE D 971 6.54 14.14 19.34
CA ILE D 971 7.64 13.72 20.21
C ILE D 971 7.54 14.45 21.54
N GLN D 972 7.59 13.69 22.63
CA GLN D 972 7.76 14.26 23.97
C GLN D 972 9.26 14.40 24.25
N PHE D 973 9.66 15.57 24.74
CA PHE D 973 11.05 15.83 25.10
C PHE D 973 11.08 16.10 26.61
N ASP D 974 11.70 15.21 27.37
CA ASP D 974 11.61 15.29 28.83
C ASP D 974 12.42 16.45 29.35
N PRO D 975 11.85 17.32 30.19
CA PRO D 975 12.58 18.51 30.64
C PRO D 975 13.69 18.21 31.63
N GLU D 976 13.72 17.04 32.25
CA GLU D 976 14.76 16.72 33.21
C GLU D 976 15.88 15.90 32.60
N THR D 977 15.54 14.90 31.78
CA THR D 977 16.53 14.00 31.19
C THR D 977 16.91 14.38 29.76
N HIS D 978 16.13 15.25 29.11
CA HIS D 978 16.33 15.57 27.70
C HIS D 978 16.34 14.30 26.85
N LEU D 979 15.45 13.34 27.20
CA LEU D 979 15.26 12.15 26.36
C LEU D 979 13.97 12.26 25.57
N PRO D 980 14.00 12.01 24.26
CA PRO D 980 12.77 12.06 23.47
C PRO D 980 12.05 10.71 23.43
N THR D 981 10.73 10.79 23.32
CA THR D 981 9.88 9.63 23.07
C THR D 981 8.89 9.93 21.97
N VAL D 982 8.80 9.02 20.99
CA VAL D 982 7.84 9.18 19.90
C VAL D 982 6.51 8.62 20.36
N THR D 983 5.42 9.38 20.15
CA THR D 983 4.09 8.98 20.57
C THR D 983 3.30 8.44 19.39
N ASP D 984 2.06 8.03 19.67
CA ASP D 984 1.26 7.40 18.62
C ASP D 984 0.74 8.39 17.58
N THR D 985 0.97 9.69 17.73
CA THR D 985 0.56 10.60 16.65
C THR D 985 1.60 10.66 15.52
N CYS D 986 2.66 9.86 15.57
CA CYS D 986 3.67 9.86 14.53
C CYS D 986 3.06 9.39 13.21
N THR D 987 3.44 10.05 12.12
CA THR D 987 2.98 9.68 10.79
C THR D 987 4.06 9.03 9.94
N GLY D 988 5.24 8.79 10.51
CA GLY D 988 6.31 8.18 9.77
C GLY D 988 6.93 9.04 8.70
N CYS D 989 6.76 10.37 8.78
CA CYS D 989 7.30 11.24 7.73
C CYS D 989 8.82 11.05 7.55
N THR D 990 9.53 10.75 8.66
CA THR D 990 10.95 10.34 8.72
C THR D 990 11.89 11.55 8.79
N LEU D 991 11.36 12.74 9.04
CA LEU D 991 12.23 13.92 9.20
C LEU D 991 13.11 13.81 10.44
N CYS D 992 12.57 13.29 11.55
CA CYS D 992 13.38 13.20 12.77
C CYS D 992 14.61 12.34 12.53
N LEU D 993 14.42 11.16 11.94
CA LEU D 993 15.55 10.32 11.59
C LEU D 993 16.53 11.05 10.66
N SER D 994 16.00 11.88 9.77
CA SER D 994 16.83 12.53 8.77
C SER D 994 17.71 13.64 9.34
N VAL D 995 17.35 14.20 10.50
CA VAL D 995 18.13 15.28 11.11
C VAL D 995 18.94 14.82 12.30
N CYS D 996 18.75 13.59 12.78
CA CYS D 996 19.41 13.14 13.98
C CYS D 996 20.91 13.01 13.74
N PRO D 997 21.75 13.52 14.65
CA PRO D 997 23.21 13.44 14.45
C PRO D 997 23.80 12.05 14.63
N ILE D 998 23.07 11.12 15.26
CA ILE D 998 23.60 9.81 15.60
C ILE D 998 23.04 8.80 14.61
N ILE D 999 23.93 8.17 13.84
CA ILE D 999 23.53 7.18 12.84
C ILE D 999 22.79 6.03 13.50
N ASP D 1000 21.55 5.78 13.04
CA ASP D 1000 20.70 4.67 13.50
C ASP D 1000 20.28 4.79 14.96
N CYS D 1001 20.36 5.98 15.55
CA CYS D 1001 19.70 6.18 16.85
C CYS D 1001 18.18 6.09 16.70
N ILE D 1002 17.65 6.69 15.66
CA ILE D 1002 16.23 6.62 15.31
C ILE D 1002 16.09 5.59 14.21
N ARG D 1003 15.07 4.74 14.30
CA ARG D 1003 14.78 3.77 13.25
C ARG D 1003 13.28 3.80 12.95
N MET D 1004 12.95 3.52 11.69
CA MET D 1004 11.54 3.45 11.30
C MET D 1004 11.12 1.98 11.36
N VAL D 1005 10.00 1.71 12.05
CA VAL D 1005 9.51 0.36 12.24
C VAL D 1005 8.03 0.32 11.85
N SER D 1006 7.56 -0.87 11.50
CA SER D 1006 6.18 -1.03 11.04
C SER D 1006 5.20 -0.51 12.08
N ARG D 1007 4.16 0.15 11.60
N ARG D 1007 4.15 0.17 11.60
CA ARG D 1007 3.08 0.60 12.47
CA ARG D 1007 3.08 0.61 12.47
C ARG D 1007 2.39 -0.61 13.10
C ARG D 1007 2.39 -0.60 13.10
N THR D 1008 2.15 -0.54 14.40
CA THR D 1008 1.45 -1.59 15.13
C THR D 1008 -0.03 -1.29 15.35
N THR D 1009 -0.45 -0.03 15.23
CA THR D 1009 -1.84 0.41 15.20
C THR D 1009 -2.16 0.94 13.81
N PRO D 1010 -3.39 0.91 13.35
CA PRO D 1010 -3.64 1.26 11.95
C PRO D 1010 -3.52 2.75 11.68
N TYR D 1011 -3.02 3.07 10.50
CA TYR D 1011 -2.80 4.45 10.14
C TYR D 1011 -4.14 5.11 9.83
N GLU D 1012 -4.38 6.29 10.41
CA GLU D 1012 -5.61 7.02 10.18
C GLU D 1012 -5.23 8.45 9.84
N PRO D 1013 -5.36 8.87 8.58
CA PRO D 1013 -4.82 10.18 8.17
C PRO D 1013 -5.50 11.34 8.89
N LYS D 1014 -4.68 12.34 9.26
CA LYS D 1014 -5.14 13.57 9.90
C LYS D 1014 -5.77 14.46 8.82
N ARG D 1015 -7.08 14.63 8.84
CA ARG D 1015 -7.73 15.40 7.78
C ARG D 1015 -8.20 16.78 8.21
N GLY D 1016 -8.04 17.14 9.48
CA GLY D 1016 -8.31 18.50 9.94
C GLY D 1016 -9.75 18.74 10.31
N LEU D 1017 -10.62 18.68 9.32
CA LEU D 1017 -12.07 18.70 9.42
C LEU D 1017 -12.61 17.51 8.65
N PRO D 1018 -13.73 16.93 9.08
CA PRO D 1018 -14.29 15.77 8.38
C PRO D 1018 -14.59 16.07 6.93
N LEU D 1019 -14.45 15.04 6.08
CA LEU D 1019 -14.83 15.16 4.67
C LEU D 1019 -16.33 15.29 4.52
#